data_9N4R
#
_entry.id   9N4R
#
_cell.length_a   1.00
_cell.length_b   1.00
_cell.length_c   1.00
_cell.angle_alpha   90.00
_cell.angle_beta   90.00
_cell.angle_gamma   90.00
#
_symmetry.space_group_name_H-M   'P 1'
#
loop_
_entity.id
_entity.type
_entity.pdbx_description
1 polymer 'Glutamate receptor ionotropic, kainate 2'
2 branched alpha-D-mannopyranose-(1-3)-[alpha-D-mannopyranose-(1-6)]beta-D-mannopyranose-(1-4)-2-acetamido-2-deoxy-beta-D-glucopyranose-(1-4)-2-acetamido-2-deoxy-beta-D-glucopyranose
3 branched 2-acetamido-2-deoxy-beta-D-glucopyranose-(1-4)-2-acetamido-2-deoxy-beta-D-glucopyranose
4 branched beta-D-mannopyranose-(1-3)-beta-D-mannopyranose-(1-4)-2-acetamido-2-deoxy-beta-D-glucopyranose-(1-4)-2-acetamido-2-deoxy-beta-D-glucopyranose
5 non-polymer 3-(CARBOXYMETHYL)-4-ISOPROPENYLPROLINE
6 non-polymer '(2S)-3-(hexadecanoyloxy)-2-[(9Z)-octadec-9-enoyloxy]propyl 2-(trimethylammonio)ethyl phosphate'
7 non-polymer 2-acetamido-2-deoxy-beta-D-glucopyranose
8 non-polymer '4-cyclopropyl-7-fluoro-3,4-dihydro-2H-1,2,4-benzothiadiazine 1,1-dioxide'
#
_entity_poly.entity_id   1
_entity_poly.type   'polypeptide(L)'
_entity_poly.pdbx_seq_one_letter_code
;MKIISPVLSNLVFSRSIKVLLCLLWIGYSQGTTHVLRFGGIFEYVESGPMGAEELAFRFAVNTINRNRTLLPNTTLTYDT
QKINLYDSFEASKKACDQLSLGVAAIFGPSHSSSANAVQSICNALGVPHIQTRWKHQVSDNKDSFYVSLYPDFSSLSRAI
LDLVQFFKWKTVTVVYDDSTGLIRLQELIKAPSRYNLRLKIRQLPADTKDAKPLLKEMKRGKEFHVIFDCSHEMAAGILK
QALAMGMMTEYYHYIFTTLDLFALDVEPYRYSGVNMTGFRILNTENTQVSSIIEKWSMERLQAPPKPDSGLLDGFMTTDA
ALMYDAVHVVSVAVQQFPQMTVSSLQCNRHKPWRFGTRFMSLIKEAHWEGLTGRITFNKTNGLRTDFDLDVISLKEEGLE
KIGTWDPASGLNMTESQKGKPANITDSLSNRSLIVTTILEEPYVLFKKSDKPLYGNDRFEGYCIDLLRELSTILGFTYEI
RLVEDGKYGAQDDVNGQWNGMVRELIDHKADLAVAPLAITYVREKVIDFSKPFMTLGISILYRKPNGTNPGVFSFLNPLS
PDIWMYVLLACLGVSCVLFVIARFSPYEWYNPHPCNPDSDVVENNFTLLNSFWFGVGALMQQGSELMPKALSTRIVGGIW
WFFTLIIISSYTANLAAFLTVERMESPIDSADDLAKQTKIEYGAVEDGATMTFFKKSKISTYDKMWAFMSSRRQSVLVKS
NEEGIQRVLTSDYAFLMESTTIEFVTQRNCNLTQIGGLIDSKGYGVGTPMGSPYRDKITIAILQLQEEGKLHMMKEKWWR
GNGCPEEESKEASALGVQNIGGIFIVLAAGLVLSVFVAVGEFLYKSKKNAQLEKRSFCSAMVEELRMSLKCQRRLKHKPQ
APVIVKTEEVINMHTFNDRRLPGKETMA
;
_entity_poly.pdbx_strand_id   A,B,C,D
#
loop_
_chem_comp.id
_chem_comp.type
_chem_comp.name
_chem_comp.formula
2J9 non-polymer '4-cyclopropyl-7-fluoro-3,4-dihydro-2H-1,2,4-benzothiadiazine 1,1-dioxide' 'C10 H11 F N2 O2 S'
BMA D-saccharide, beta linking beta-D-mannopyranose 'C6 H12 O6'
KAI non-polymer 3-(CARBOXYMETHYL)-4-ISOPROPENYLPROLINE 'C10 H15 N O4'
MAN D-saccharide, alpha linking alpha-D-mannopyranose 'C6 H12 O6'
NAG D-saccharide, beta linking 2-acetamido-2-deoxy-beta-D-glucopyranose 'C8 H15 N O6'
POV non-polymer '(2S)-3-(hexadecanoyloxy)-2-[(9Z)-octadec-9-enoyloxy]propyl 2-(trimethylammonio)ethyl phosphate' 'C42 H82 N O8 P'
#
# COMPACT_ATOMS: atom_id res chain seq x y z
N THR A 33 -47.93 85.18 -15.58
CA THR A 33 -48.03 86.25 -14.59
C THR A 33 -47.18 85.91 -13.37
N HIS A 34 -47.85 85.58 -12.26
CA HIS A 34 -47.16 85.21 -11.03
C HIS A 34 -47.78 84.00 -10.35
N VAL A 35 -48.88 83.46 -10.87
CA VAL A 35 -49.60 82.37 -10.22
C VAL A 35 -49.22 81.06 -10.88
N LEU A 36 -48.64 80.16 -10.08
CA LEU A 36 -48.03 78.94 -10.60
C LEU A 36 -48.44 77.70 -9.81
N ARG A 37 -49.74 77.47 -9.66
CA ARG A 37 -50.35 76.30 -9.02
C ARG A 37 -49.76 74.97 -9.49
N PHE A 38 -49.14 74.22 -8.58
CA PHE A 38 -48.43 73.00 -8.94
C PHE A 38 -49.30 71.78 -9.21
N GLY A 39 -49.99 71.29 -8.20
CA GLY A 39 -50.56 69.95 -8.21
C GLY A 39 -50.05 69.18 -7.00
N GLY A 40 -50.98 68.49 -6.35
CA GLY A 40 -50.75 68.07 -4.97
C GLY A 40 -51.17 66.69 -4.50
N ILE A 41 -51.02 65.65 -5.30
CA ILE A 41 -51.43 64.34 -4.81
C ILE A 41 -50.43 63.84 -3.76
N PHE A 42 -50.91 63.60 -2.54
CA PHE A 42 -50.10 63.14 -1.41
C PHE A 42 -50.83 62.07 -0.61
N GLU A 43 -50.31 61.81 0.59
CA GLU A 43 -50.71 60.66 1.39
C GLU A 43 -51.83 61.07 2.35
N TYR A 44 -52.74 60.14 2.65
CA TYR A 44 -53.91 60.44 3.47
C TYR A 44 -53.80 59.68 4.79
N VAL A 45 -53.55 60.39 5.88
CA VAL A 45 -53.82 59.91 7.23
C VAL A 45 -54.69 60.95 7.93
N GLU A 46 -55.55 60.48 8.82
CA GLU A 46 -56.42 61.35 9.59
C GLU A 46 -56.03 61.42 11.06
N SER A 47 -55.24 60.47 11.55
CA SER A 47 -54.85 60.44 12.95
C SER A 47 -53.76 61.45 13.23
N GLY A 48 -52.62 61.31 12.54
CA GLY A 48 -51.50 62.19 12.76
C GLY A 48 -51.51 63.40 11.85
N PRO A 49 -50.37 64.10 11.78
CA PRO A 49 -50.26 65.24 10.87
C PRO A 49 -50.02 64.81 9.42
N MET A 50 -49.72 65.77 8.55
CA MET A 50 -49.37 65.53 7.16
C MET A 50 -48.19 64.57 7.01
N GLY A 51 -48.16 63.81 5.92
CA GLY A 51 -47.06 62.90 5.66
C GLY A 51 -45.75 63.63 5.40
N ALA A 52 -44.67 62.86 5.51
CA ALA A 52 -43.32 63.44 5.45
C ALA A 52 -43.03 64.02 4.07
N GLU A 53 -43.54 63.40 3.02
CA GLU A 53 -43.39 63.97 1.69
C GLU A 53 -44.28 65.19 1.52
N GLU A 54 -45.45 65.18 2.16
CA GLU A 54 -46.32 66.35 2.11
C GLU A 54 -45.77 67.48 2.96
N LEU A 55 -45.20 67.16 4.13
CA LEU A 55 -44.72 68.18 5.06
C LEU A 55 -43.48 68.86 4.51
N ALA A 56 -42.63 68.11 3.81
CA ALA A 56 -41.45 68.71 3.22
C ALA A 56 -41.82 69.53 1.99
N PHE A 57 -42.92 69.18 1.33
CA PHE A 57 -43.34 69.87 0.12
C PHE A 57 -43.80 71.28 0.42
N ARG A 58 -44.68 71.44 1.40
CA ARG A 58 -45.12 72.77 1.80
C ARG A 58 -43.99 73.55 2.45
N PHE A 59 -43.04 72.83 3.07
CA PHE A 59 -41.81 73.44 3.54
C PHE A 59 -40.96 73.94 2.38
N ALA A 60 -41.02 73.23 1.26
CA ALA A 60 -40.20 73.60 0.11
C ALA A 60 -40.80 74.80 -0.62
N VAL A 61 -42.12 74.81 -0.80
CA VAL A 61 -42.77 75.87 -1.55
C VAL A 61 -42.70 77.18 -0.78
N ASN A 62 -42.84 77.11 0.56
CA ASN A 62 -42.73 78.30 1.38
C ASN A 62 -41.30 78.80 1.47
N THR A 63 -40.33 77.91 1.29
CA THR A 63 -38.93 78.30 1.24
C THR A 63 -38.62 79.11 -0.02
N ILE A 64 -39.06 78.62 -1.17
CA ILE A 64 -38.74 79.27 -2.45
C ILE A 64 -39.55 80.56 -2.62
N ASN A 65 -40.66 80.70 -1.89
CA ASN A 65 -41.38 81.97 -1.90
C ASN A 65 -40.70 83.02 -1.04
N ARG A 66 -40.02 82.62 0.04
CA ARG A 66 -39.23 83.54 0.84
C ARG A 66 -37.96 83.94 0.10
N ASN A 67 -37.22 82.94 -0.38
CA ASN A 67 -36.04 83.16 -1.21
C ASN A 67 -36.37 83.94 -2.47
N ARG A 68 -35.56 84.94 -2.76
CA ARG A 68 -35.76 85.83 -3.89
C ARG A 68 -34.79 85.53 -5.03
N THR A 69 -33.66 84.88 -4.73
CA THR A 69 -32.68 84.49 -5.74
C THR A 69 -33.25 83.43 -6.68
N LEU A 70 -33.58 82.26 -6.11
CA LEU A 70 -34.26 81.23 -6.88
C LEU A 70 -35.71 81.63 -7.07
N LEU A 71 -36.27 81.43 -8.28
CA LEU A 71 -37.62 81.79 -8.68
C LEU A 71 -37.82 83.27 -8.44
N PRO A 72 -37.25 84.13 -9.31
CA PRO A 72 -36.90 85.50 -8.92
C PRO A 72 -38.06 86.47 -8.76
N ASN A 73 -39.16 86.23 -9.50
CA ASN A 73 -40.18 87.26 -9.52
C ASN A 73 -41.59 86.70 -9.26
N THR A 74 -41.88 85.50 -9.73
CA THR A 74 -43.25 84.98 -9.59
C THR A 74 -43.49 84.42 -8.19
N THR A 75 -44.62 83.71 -8.04
CA THR A 75 -45.02 83.10 -6.77
C THR A 75 -45.36 81.64 -7.03
N LEU A 76 -45.13 80.78 -6.03
CA LEU A 76 -45.47 79.38 -6.17
C LEU A 76 -46.56 78.99 -5.17
N THR A 77 -47.59 78.32 -5.66
CA THR A 77 -48.69 77.83 -4.82
C THR A 77 -48.91 76.35 -5.11
N TYR A 78 -49.66 75.71 -4.22
CA TYR A 78 -49.88 74.26 -4.26
C TYR A 78 -51.37 73.93 -4.20
N ASP A 79 -51.67 72.67 -4.50
CA ASP A 79 -53.05 72.18 -4.56
C ASP A 79 -53.13 70.79 -3.89
N THR A 80 -52.65 70.67 -2.65
CA THR A 80 -52.51 69.38 -1.99
C THR A 80 -53.83 68.64 -1.80
N GLN A 81 -53.94 67.48 -2.46
CA GLN A 81 -55.00 66.51 -2.22
C GLN A 81 -54.39 65.30 -1.53
N LYS A 82 -55.24 64.34 -1.16
CA LYS A 82 -54.81 63.14 -0.45
C LYS A 82 -55.54 61.92 -0.99
N ILE A 83 -54.81 60.80 -1.09
CA ILE A 83 -55.37 59.57 -1.66
C ILE A 83 -55.11 58.38 -0.74
N ASN A 84 -55.80 57.28 -0.99
CA ASN A 84 -55.73 56.07 -0.19
C ASN A 84 -54.47 55.26 -0.46
N LEU A 85 -53.66 55.67 -1.46
CA LEU A 85 -52.38 55.07 -1.86
C LEU A 85 -52.48 53.67 -2.45
N TYR A 86 -53.67 53.09 -2.51
CA TYR A 86 -53.84 51.72 -2.97
C TYR A 86 -55.09 51.59 -3.83
N ASP A 87 -55.61 52.73 -4.30
CA ASP A 87 -56.79 52.78 -5.14
C ASP A 87 -56.45 53.70 -6.30
N SER A 88 -56.25 53.11 -7.48
CA SER A 88 -55.85 53.90 -8.64
C SER A 88 -57.02 54.70 -9.20
N PHE A 89 -58.24 54.31 -8.85
CA PHE A 89 -59.41 55.09 -9.25
C PHE A 89 -59.44 56.43 -8.54
N GLU A 90 -59.11 56.43 -7.24
CA GLU A 90 -59.03 57.68 -6.49
C GLU A 90 -57.84 58.50 -6.97
N ALA A 91 -56.74 57.83 -7.34
CA ALA A 91 -55.59 58.53 -7.89
C ALA A 91 -55.91 59.14 -9.25
N SER A 92 -56.79 58.50 -10.01
CA SER A 92 -57.22 59.07 -11.28
C SER A 92 -58.23 60.19 -11.07
N LYS A 93 -59.06 60.06 -10.03
CA LYS A 93 -60.12 61.05 -9.80
C LYS A 93 -59.54 62.35 -9.25
N LYS A 94 -58.62 62.25 -8.28
CA LYS A 94 -58.02 63.44 -7.70
C LYS A 94 -57.09 64.14 -8.69
N ALA A 95 -56.58 63.40 -9.67
CA ALA A 95 -55.73 64.01 -10.68
C ALA A 95 -56.53 64.91 -11.61
N CYS A 96 -57.63 64.40 -12.16
CA CYS A 96 -58.42 65.16 -13.13
C CYS A 96 -59.15 66.32 -12.47
N ASP A 97 -59.34 66.25 -11.15
CA ASP A 97 -59.86 67.41 -10.42
C ASP A 97 -58.84 68.54 -10.42
N GLN A 98 -57.56 68.21 -10.29
CA GLN A 98 -56.53 69.24 -10.31
C GLN A 98 -56.29 69.75 -11.73
N LEU A 99 -56.38 68.86 -12.73
CA LEU A 99 -56.26 69.28 -14.11
C LEU A 99 -57.41 70.18 -14.55
N SER A 100 -58.61 69.96 -14.01
CA SER A 100 -59.73 70.86 -14.23
C SER A 100 -59.51 72.18 -13.49
N LEU A 101 -58.83 72.13 -12.34
CA LEU A 101 -58.55 73.33 -11.58
C LEU A 101 -57.45 74.16 -12.21
N GLY A 102 -56.54 73.53 -12.95
CA GLY A 102 -55.45 74.24 -13.57
C GLY A 102 -54.17 74.08 -12.77
N VAL A 103 -53.32 73.15 -13.19
CA VAL A 103 -52.09 72.82 -12.47
C VAL A 103 -50.93 72.75 -13.45
N ALA A 104 -49.70 72.69 -12.93
CA ALA A 104 -48.53 72.82 -13.79
C ALA A 104 -47.57 71.64 -13.58
N ALA A 105 -47.60 71.04 -12.40
CA ALA A 105 -46.64 69.97 -12.09
C ALA A 105 -47.17 69.01 -11.02
N ILE A 106 -47.47 67.79 -11.42
CA ILE A 106 -47.92 66.75 -10.50
C ILE A 106 -46.68 66.18 -9.83
N PHE A 107 -46.75 65.98 -8.51
CA PHE A 107 -45.59 65.61 -7.71
C PHE A 107 -45.68 64.22 -7.08
N GLY A 108 -46.01 63.19 -7.86
CA GLY A 108 -45.61 61.85 -7.49
C GLY A 108 -46.38 61.20 -6.36
N PRO A 109 -47.57 60.64 -6.68
CA PRO A 109 -48.38 59.92 -5.67
C PRO A 109 -47.72 58.80 -4.88
N SER A 110 -46.51 58.38 -5.26
CA SER A 110 -45.60 57.56 -4.46
C SER A 110 -46.12 56.15 -4.21
N HIS A 111 -46.66 55.53 -5.24
CA HIS A 111 -46.99 54.11 -5.18
C HIS A 111 -46.48 53.50 -6.49
N SER A 112 -46.72 52.22 -6.72
CA SER A 112 -46.44 51.61 -8.02
C SER A 112 -47.76 51.48 -8.79
N SER A 113 -48.84 51.17 -8.07
CA SER A 113 -50.13 51.04 -8.71
C SER A 113 -50.72 52.40 -9.07
N SER A 114 -50.66 53.33 -8.13
CA SER A 114 -51.34 54.62 -8.34
C SER A 114 -50.56 55.52 -9.27
N ALA A 115 -49.22 55.40 -9.26
CA ALA A 115 -48.40 56.30 -10.07
C ALA A 115 -48.52 55.96 -11.56
N ASN A 116 -48.80 54.71 -11.87
CA ASN A 116 -48.99 54.31 -13.27
C ASN A 116 -50.28 54.91 -13.83
N ALA A 117 -51.31 55.01 -12.99
CA ALA A 117 -52.59 55.52 -13.45
C ALA A 117 -52.53 57.02 -13.71
N VAL A 118 -51.77 57.74 -12.89
CA VAL A 118 -51.66 59.18 -13.05
C VAL A 118 -50.74 59.49 -14.23
N GLN A 119 -49.79 58.59 -14.51
CA GLN A 119 -48.78 58.81 -15.54
C GLN A 119 -49.40 58.83 -16.93
N SER A 120 -50.35 57.93 -17.18
CA SER A 120 -51.04 57.90 -18.47
C SER A 120 -51.95 59.10 -18.63
N ILE A 121 -52.47 59.63 -17.51
CA ILE A 121 -53.27 60.86 -17.57
C ILE A 121 -52.37 62.05 -17.87
N CYS A 122 -51.22 62.10 -17.22
CA CYS A 122 -50.26 63.18 -17.46
C CYS A 122 -49.64 63.07 -18.84
N ASN A 123 -49.59 61.85 -19.38
CA ASN A 123 -49.15 61.63 -20.76
C ASN A 123 -50.12 62.29 -21.73
N ALA A 124 -51.41 62.02 -21.54
CA ALA A 124 -52.42 62.51 -22.47
C ALA A 124 -52.62 64.01 -22.37
N LEU A 125 -52.65 64.54 -21.14
CA LEU A 125 -52.97 65.96 -20.98
C LEU A 125 -51.74 66.83 -21.20
N GLY A 126 -50.55 66.24 -21.23
CA GLY A 126 -49.36 67.00 -21.53
C GLY A 126 -48.68 67.61 -20.32
N VAL A 127 -49.35 67.51 -19.16
CA VAL A 127 -48.80 68.01 -17.90
C VAL A 127 -47.65 67.10 -17.48
N PRO A 128 -46.53 67.65 -17.00
CA PRO A 128 -45.46 66.79 -16.50
C PRO A 128 -45.83 66.09 -15.20
N HIS A 129 -45.06 65.07 -14.84
CA HIS A 129 -45.36 64.21 -13.69
C HIS A 129 -44.04 63.85 -13.02
N ILE A 130 -43.64 64.65 -12.04
CA ILE A 130 -42.36 64.45 -11.35
C ILE A 130 -42.58 63.37 -10.29
N GLN A 131 -41.73 62.35 -10.29
CA GLN A 131 -41.81 61.28 -9.32
C GLN A 131 -40.63 61.38 -8.36
N THR A 132 -40.80 60.90 -7.13
CA THR A 132 -39.70 60.88 -6.16
C THR A 132 -39.55 59.48 -5.57
N ARG A 133 -40.26 58.51 -6.12
CA ARG A 133 -40.17 57.14 -5.64
C ARG A 133 -39.89 56.25 -6.84
N TRP A 134 -39.09 55.21 -6.60
CA TRP A 134 -38.81 54.19 -7.59
C TRP A 134 -40.11 53.50 -8.01
N LYS A 135 -40.21 53.19 -9.29
CA LYS A 135 -41.40 52.56 -9.85
C LYS A 135 -40.92 51.51 -10.85
N HIS A 136 -41.61 50.37 -10.89
CA HIS A 136 -41.36 49.42 -11.96
C HIS A 136 -41.86 49.97 -13.28
N GLN A 137 -40.94 50.45 -14.11
CA GLN A 137 -41.30 50.92 -15.43
C GLN A 137 -41.32 49.75 -16.40
N VAL A 138 -42.48 49.48 -16.99
CA VAL A 138 -42.65 48.37 -17.93
C VAL A 138 -41.85 48.71 -19.18
N SER A 139 -41.19 47.70 -19.77
CA SER A 139 -40.17 47.85 -20.79
C SER A 139 -40.64 48.55 -22.06
N ASP A 140 -41.94 48.63 -22.30
CA ASP A 140 -42.47 49.32 -23.46
C ASP A 140 -43.69 50.20 -23.16
N ASN A 141 -43.71 50.90 -22.05
CA ASN A 141 -44.67 51.98 -21.86
C ASN A 141 -44.14 53.18 -22.62
N LYS A 142 -44.72 53.46 -23.80
CA LYS A 142 -44.19 54.46 -24.71
C LYS A 142 -44.51 55.88 -24.22
N ASP A 143 -43.82 56.27 -23.15
CA ASP A 143 -44.05 57.55 -22.49
C ASP A 143 -42.70 58.21 -22.21
N SER A 144 -42.60 59.50 -22.54
CA SER A 144 -41.59 60.35 -21.90
C SER A 144 -42.19 61.74 -21.69
N PHE A 145 -42.91 61.89 -20.58
CA PHE A 145 -43.46 63.14 -20.07
C PHE A 145 -43.27 63.17 -18.56
N TYR A 146 -42.32 62.39 -18.07
CA TYR A 146 -42.22 62.15 -16.63
C TYR A 146 -40.74 62.02 -16.31
N VAL A 147 -40.36 62.53 -15.15
CA VAL A 147 -39.07 62.24 -14.56
C VAL A 147 -39.30 61.47 -13.29
N SER A 148 -38.22 60.95 -12.71
CA SER A 148 -38.28 60.24 -11.44
C SER A 148 -36.99 60.54 -10.70
N LEU A 149 -37.06 61.47 -9.77
CA LEU A 149 -35.88 61.92 -9.04
C LEU A 149 -35.53 61.03 -7.87
N TYR A 150 -35.47 59.73 -8.11
CA TYR A 150 -35.04 58.76 -7.12
C TYR A 150 -33.82 58.06 -7.70
N PRO A 151 -32.81 57.73 -6.90
CA PRO A 151 -31.66 57.00 -7.44
C PRO A 151 -32.03 55.60 -7.88
N ASP A 152 -31.83 55.30 -9.17
CA ASP A 152 -32.37 54.08 -9.76
C ASP A 152 -31.69 52.86 -9.19
N PHE A 153 -32.49 51.81 -8.96
CA PHE A 153 -31.95 50.53 -8.54
C PHE A 153 -31.24 49.79 -9.65
N SER A 154 -31.26 50.30 -10.87
CA SER A 154 -30.26 49.90 -11.85
C SER A 154 -28.86 50.22 -11.35
N SER A 155 -28.57 51.51 -11.18
CA SER A 155 -27.23 51.93 -10.80
C SER A 155 -26.93 51.58 -9.35
N LEU A 156 -27.95 51.53 -8.51
CA LEU A 156 -27.75 51.19 -7.11
C LEU A 156 -27.33 49.75 -6.94
N SER A 157 -27.75 48.88 -7.87
CA SER A 157 -27.32 47.49 -7.88
C SER A 157 -25.90 47.32 -8.43
N ARG A 158 -25.43 48.23 -9.29
CA ARG A 158 -23.99 48.27 -9.57
C ARG A 158 -23.21 48.60 -8.32
N ALA A 159 -23.70 49.53 -7.50
CA ALA A 159 -23.02 49.95 -6.30
C ALA A 159 -22.96 48.82 -5.27
N ILE A 160 -23.99 47.99 -5.20
CA ILE A 160 -23.95 46.85 -4.29
C ILE A 160 -23.01 45.79 -4.82
N LEU A 161 -23.06 45.54 -6.14
CA LEU A 161 -22.26 44.46 -6.71
C LEU A 161 -20.78 44.82 -6.73
N ASP A 162 -20.45 46.09 -6.90
CA ASP A 162 -19.06 46.52 -6.75
C ASP A 162 -18.61 46.39 -5.31
N LEU A 163 -19.54 46.58 -4.37
CA LEU A 163 -19.17 46.56 -2.96
C LEU A 163 -18.96 45.14 -2.44
N VAL A 164 -19.82 44.20 -2.84
CA VAL A 164 -19.72 42.84 -2.33
C VAL A 164 -18.54 42.07 -2.88
N GLN A 165 -18.00 42.48 -4.05
CA GLN A 165 -16.77 41.87 -4.53
C GLN A 165 -15.53 42.64 -4.12
N PHE A 166 -15.69 43.86 -3.58
CA PHE A 166 -14.59 44.48 -2.87
C PHE A 166 -14.29 43.74 -1.57
N PHE A 167 -15.34 43.26 -0.90
CA PHE A 167 -15.23 42.50 0.34
C PHE A 167 -15.04 41.02 0.09
N LYS A 168 -15.04 40.59 -1.17
CA LYS A 168 -14.73 39.25 -1.63
C LYS A 168 -15.62 38.17 -1.02
N TRP A 169 -16.91 38.47 -0.90
CA TRP A 169 -17.84 37.52 -0.31
C TRP A 169 -18.17 36.41 -1.30
N LYS A 170 -18.42 35.22 -0.76
CA LYS A 170 -18.72 34.07 -1.59
C LYS A 170 -20.10 33.52 -1.28
N THR A 171 -20.63 33.82 -0.08
CA THR A 171 -21.86 33.22 0.38
C THR A 171 -22.88 34.28 0.78
N VAL A 172 -23.12 35.25 -0.10
CA VAL A 172 -24.13 36.29 0.11
C VAL A 172 -25.52 35.68 0.21
N THR A 173 -26.36 36.30 1.03
CA THR A 173 -27.65 35.71 1.44
C THR A 173 -28.71 36.81 1.37
N VAL A 174 -28.88 37.38 0.18
CA VAL A 174 -29.84 38.44 -0.13
C VAL A 174 -31.24 38.12 0.38
N VAL A 175 -31.79 39.01 1.21
CA VAL A 175 -33.12 38.85 1.78
C VAL A 175 -33.98 40.06 1.49
N TYR A 176 -35.12 39.84 0.83
CA TYR A 176 -36.03 40.93 0.50
C TYR A 176 -37.26 40.87 1.40
N ASP A 177 -38.18 41.81 1.21
CA ASP A 177 -39.38 41.88 2.04
C ASP A 177 -40.66 41.86 1.23
N ASP A 178 -40.58 42.18 -0.05
CA ASP A 178 -41.76 42.13 -0.91
C ASP A 178 -41.32 41.76 -2.33
N SER A 179 -42.27 41.16 -3.06
CA SER A 179 -42.03 40.61 -4.39
C SER A 179 -41.58 41.63 -5.41
N THR A 180 -41.85 42.91 -5.18
CA THR A 180 -41.29 43.97 -5.99
C THR A 180 -39.77 44.05 -5.84
N GLY A 181 -39.25 43.73 -4.67
CA GLY A 181 -37.83 43.87 -4.37
C GLY A 181 -36.87 43.03 -5.20
N LEU A 182 -37.36 41.98 -5.84
CA LEU A 182 -36.53 41.20 -6.74
C LEU A 182 -36.16 42.01 -7.97
N ILE A 183 -37.06 42.84 -8.46
CA ILE A 183 -36.75 43.74 -9.56
C ILE A 183 -35.73 44.79 -9.15
N ARG A 184 -35.85 45.32 -7.92
CA ARG A 184 -34.91 46.28 -7.38
C ARG A 184 -33.50 45.72 -7.25
N LEU A 185 -33.36 44.41 -7.15
CA LEU A 185 -32.06 43.78 -7.05
C LEU A 185 -31.77 42.87 -8.23
N GLN A 186 -32.32 43.15 -9.41
CA GLN A 186 -32.25 42.20 -10.51
C GLN A 186 -30.84 42.06 -11.07
N GLU A 187 -29.99 43.08 -10.90
CA GLU A 187 -28.62 42.95 -11.39
C GLU A 187 -27.81 42.11 -10.43
N LEU A 188 -28.14 42.16 -9.14
CA LEU A 188 -27.45 41.33 -8.17
C LEU A 188 -27.91 39.88 -8.21
N ILE A 189 -29.15 39.63 -8.65
CA ILE A 189 -29.60 38.25 -8.83
C ILE A 189 -28.91 37.60 -10.02
N LYS A 190 -28.65 38.37 -11.08
CA LYS A 190 -27.97 37.83 -12.25
C LYS A 190 -26.47 37.67 -12.06
N ALA A 191 -25.91 38.19 -10.97
CA ALA A 191 -24.47 38.18 -10.69
C ALA A 191 -23.74 36.84 -10.67
N PRO A 192 -24.32 35.68 -10.20
CA PRO A 192 -23.56 34.42 -10.26
C PRO A 192 -23.29 33.88 -11.66
N SER A 193 -23.89 34.50 -12.68
CA SER A 193 -23.63 34.12 -14.06
C SER A 193 -22.22 34.50 -14.50
N ARG A 194 -21.55 35.41 -13.79
CA ARG A 194 -20.24 35.87 -14.23
C ARG A 194 -19.16 35.73 -13.17
N TYR A 195 -19.49 35.91 -11.89
CA TYR A 195 -18.48 35.75 -10.85
C TYR A 195 -18.68 34.46 -10.08
N ASN A 196 -17.92 34.28 -8.99
CA ASN A 196 -18.00 33.07 -8.19
C ASN A 196 -18.87 33.29 -6.94
N LEU A 197 -19.79 34.25 -6.99
CA LEU A 197 -20.71 34.44 -5.87
C LEU A 197 -21.75 33.33 -5.86
N ARG A 198 -22.22 33.00 -4.67
CA ARG A 198 -23.26 32.00 -4.49
C ARG A 198 -24.37 32.65 -3.68
N LEU A 199 -25.43 33.07 -4.37
CA LEU A 199 -26.59 33.66 -3.72
C LEU A 199 -27.39 32.59 -3.01
N LYS A 200 -28.22 33.01 -2.07
CA LYS A 200 -29.28 32.19 -1.52
C LYS A 200 -30.37 33.13 -1.02
N ILE A 201 -31.50 33.18 -1.72
CA ILE A 201 -32.47 34.23 -1.54
C ILE A 201 -33.60 33.78 -0.61
N ARG A 202 -33.83 34.55 0.46
CA ARG A 202 -34.92 34.27 1.39
C ARG A 202 -35.87 35.45 1.49
N GLN A 203 -37.15 35.18 1.69
CA GLN A 203 -38.14 36.23 1.86
C GLN A 203 -38.50 36.38 3.32
N LEU A 204 -38.62 37.64 3.77
CA LEU A 204 -39.21 37.90 5.09
C LEU A 204 -40.66 37.47 5.07
N PRO A 205 -41.14 36.82 6.14
CA PRO A 205 -42.53 36.33 6.15
C PRO A 205 -43.57 37.44 6.06
N ALA A 206 -44.63 37.17 5.31
CA ALA A 206 -45.65 38.16 5.03
C ALA A 206 -46.45 38.44 6.30
N ASP A 207 -47.05 39.63 6.36
CA ASP A 207 -48.07 40.18 7.27
C ASP A 207 -47.68 40.15 8.74
N THR A 208 -46.43 39.79 9.04
CA THR A 208 -45.91 39.84 10.40
C THR A 208 -44.71 40.78 10.45
N LYS A 209 -44.06 40.87 11.60
CA LYS A 209 -42.83 41.64 11.73
C LYS A 209 -41.84 40.84 12.58
N ASP A 210 -41.73 39.55 12.27
CA ASP A 210 -40.93 38.61 13.04
C ASP A 210 -39.91 37.95 12.10
N ALA A 211 -38.64 37.83 12.47
CA ALA A 211 -37.67 37.16 11.61
C ALA A 211 -37.12 35.95 12.34
N LYS A 212 -37.80 35.57 13.40
CA LYS A 212 -37.44 34.42 14.23
C LYS A 212 -37.37 33.08 13.48
N PRO A 213 -38.25 32.77 12.48
CA PRO A 213 -37.95 31.59 11.66
C PRO A 213 -36.77 31.80 10.74
N LEU A 214 -36.65 33.02 10.21
CA LEU A 214 -35.64 33.29 9.18
C LEU A 214 -34.25 33.38 9.78
N LEU A 215 -34.10 34.13 10.86
CA LEU A 215 -32.78 34.31 11.48
C LEU A 215 -32.30 33.02 12.15
N LYS A 216 -33.24 32.14 12.51
CA LYS A 216 -32.85 30.80 12.97
C LYS A 216 -32.29 29.97 11.82
N GLU A 217 -32.83 30.13 10.62
CA GLU A 217 -32.30 29.40 9.47
C GLU A 217 -31.01 30.02 8.96
N MET A 218 -30.74 31.27 9.34
CA MET A 218 -29.41 31.84 9.13
C MET A 218 -28.36 31.10 9.92
N LYS A 219 -28.68 30.74 11.16
CA LYS A 219 -27.69 30.15 12.06
C LYS A 219 -27.38 28.71 11.68
N ARG A 220 -28.39 27.98 11.24
CA ARG A 220 -28.17 26.60 10.83
C ARG A 220 -27.77 26.54 9.36
N GLY A 221 -27.63 27.68 8.72
CA GLY A 221 -27.14 27.74 7.36
C GLY A 221 -25.73 28.28 7.29
N LYS A 222 -25.23 28.76 8.45
CA LYS A 222 -23.92 29.39 8.61
C LYS A 222 -23.79 30.57 7.66
N GLU A 223 -24.77 31.45 7.67
CA GLU A 223 -24.92 32.48 6.66
C GLU A 223 -24.59 33.82 7.29
N PHE A 224 -23.38 34.30 7.05
CA PHE A 224 -22.83 35.42 7.82
C PHE A 224 -22.73 36.70 6.99
N HIS A 225 -23.41 36.75 5.85
CA HIS A 225 -23.40 37.93 4.99
C HIS A 225 -24.79 38.11 4.41
N VAL A 226 -25.53 39.08 4.93
CA VAL A 226 -26.93 39.27 4.53
C VAL A 226 -27.05 40.65 3.88
N ILE A 227 -27.80 40.72 2.79
CA ILE A 227 -27.94 41.92 1.96
C ILE A 227 -29.40 42.36 2.01
N PHE A 228 -29.96 42.48 3.23
CA PHE A 228 -31.34 42.90 3.50
C PHE A 228 -31.90 43.99 2.60
N ASP A 229 -33.00 43.69 1.92
CA ASP A 229 -33.75 44.68 1.14
C ASP A 229 -34.97 45.16 1.92
N CYS A 230 -34.76 45.95 2.95
CA CYS A 230 -35.86 46.44 3.76
C CYS A 230 -35.93 47.96 3.64
N SER A 231 -36.94 48.56 4.23
CA SER A 231 -36.89 49.97 4.60
C SER A 231 -36.14 50.09 5.91
N HIS A 232 -35.72 51.30 6.25
CA HIS A 232 -35.05 51.51 7.52
C HIS A 232 -36.02 51.36 8.68
N GLU A 233 -37.32 51.53 8.42
CA GLU A 233 -38.33 51.15 9.40
C GLU A 233 -38.38 49.64 9.57
N MET A 234 -38.46 48.90 8.46
CA MET A 234 -38.59 47.46 8.51
C MET A 234 -37.32 46.78 9.01
N ALA A 235 -36.15 47.35 8.70
CA ALA A 235 -34.90 46.74 9.15
C ALA A 235 -34.67 46.99 10.63
N ALA A 236 -35.30 48.02 11.18
CA ALA A 236 -35.08 48.40 12.58
C ALA A 236 -35.58 47.33 13.53
N GLY A 237 -36.68 46.68 13.19
CA GLY A 237 -37.14 45.57 14.01
C GLY A 237 -36.27 44.34 13.85
N ILE A 238 -35.59 44.24 12.71
CA ILE A 238 -34.75 43.07 12.45
C ILE A 238 -33.48 43.13 13.27
N LEU A 239 -32.91 44.34 13.42
CA LEU A 239 -31.69 44.52 14.22
C LEU A 239 -31.95 44.27 15.69
N LYS A 240 -33.13 44.66 16.18
CA LYS A 240 -33.50 44.35 17.56
C LYS A 240 -33.70 42.86 17.74
N GLN A 241 -34.22 42.17 16.71
CA GLN A 241 -34.29 40.72 16.77
C GLN A 241 -32.93 40.09 16.50
N ALA A 242 -32.02 40.82 15.84
CA ALA A 242 -30.68 40.31 15.63
C ALA A 242 -29.87 40.35 16.92
N LEU A 243 -30.15 41.31 17.79
CA LEU A 243 -29.54 41.32 19.11
C LEU A 243 -30.15 40.25 20.01
N ALA A 244 -31.44 39.94 19.82
CA ALA A 244 -32.13 38.97 20.65
C ALA A 244 -31.61 37.55 20.43
N MET A 245 -31.26 37.20 19.21
CA MET A 245 -30.50 35.97 18.99
C MET A 245 -29.01 36.26 19.14
N GLY A 246 -28.22 35.20 19.24
CA GLY A 246 -26.78 35.35 19.31
C GLY A 246 -26.18 35.53 17.93
N MET A 247 -26.52 36.62 17.27
CA MET A 247 -26.18 36.80 15.86
C MET A 247 -25.56 38.14 15.54
N MET A 248 -24.93 38.81 16.50
CA MET A 248 -24.32 40.11 16.22
C MET A 248 -22.91 40.16 16.81
N THR A 249 -22.13 39.14 16.47
CA THR A 249 -20.73 39.12 16.90
C THR A 249 -19.89 39.99 15.98
N GLU A 250 -18.57 39.93 16.13
CA GLU A 250 -17.71 40.81 15.35
C GLU A 250 -17.37 40.26 13.97
N TYR A 251 -18.03 39.21 13.51
CA TYR A 251 -17.79 38.69 12.16
C TYR A 251 -19.09 38.50 11.37
N TYR A 252 -20.19 39.07 11.87
CA TYR A 252 -21.37 39.31 11.07
C TYR A 252 -21.18 40.62 10.34
N HIS A 253 -21.62 40.67 9.08
CA HIS A 253 -21.43 41.85 8.24
C HIS A 253 -22.62 41.98 7.30
N TYR A 254 -23.28 43.13 7.41
CA TYR A 254 -24.57 43.38 6.77
C TYR A 254 -24.42 44.54 5.80
N ILE A 255 -24.95 44.38 4.59
CA ILE A 255 -25.09 45.52 3.69
C ILE A 255 -26.57 45.80 3.49
N PHE A 256 -27.00 47.01 3.81
CA PHE A 256 -28.42 47.33 3.71
C PHE A 256 -28.74 48.09 2.43
N THR A 257 -29.97 47.95 1.98
CA THR A 257 -30.42 48.51 0.71
C THR A 257 -30.86 49.96 0.84
N THR A 258 -31.57 50.30 1.92
CA THR A 258 -32.13 51.63 2.12
C THR A 258 -31.06 52.71 2.23
N LEU A 259 -31.46 53.94 1.95
CA LEU A 259 -30.52 55.05 1.86
C LEU A 259 -30.55 55.85 3.16
N ASP A 260 -31.39 55.42 4.09
CA ASP A 260 -31.58 56.10 5.37
C ASP A 260 -31.06 55.24 6.51
N LEU A 261 -29.91 54.63 6.28
CA LEU A 261 -29.35 53.69 7.24
C LEU A 261 -28.77 54.39 8.48
N PHE A 262 -28.38 55.66 8.34
CA PHE A 262 -27.77 56.40 9.45
C PHE A 262 -28.74 56.65 10.59
N ALA A 263 -30.03 56.71 10.28
CA ALA A 263 -31.04 56.92 11.31
C ALA A 263 -31.61 55.58 11.77
N LEU A 264 -30.85 54.81 12.56
CA LEU A 264 -31.27 53.47 12.94
C LEU A 264 -30.90 53.20 14.40
N ASP A 265 -30.53 54.28 15.13
CA ASP A 265 -30.25 54.29 16.57
C ASP A 265 -29.14 53.30 16.90
N VAL A 266 -27.93 53.58 16.44
CA VAL A 266 -26.90 52.54 16.34
C VAL A 266 -26.18 52.33 17.68
N GLU A 267 -26.30 53.28 18.62
CA GLU A 267 -25.58 53.27 19.88
C GLU A 267 -25.78 52.05 20.80
N PRO A 268 -26.94 51.33 20.81
CA PRO A 268 -26.94 50.03 21.50
C PRO A 268 -26.23 48.91 20.76
N TYR A 269 -25.57 49.19 19.64
CA TYR A 269 -25.02 48.10 18.84
C TYR A 269 -23.57 48.40 18.45
N ARG A 270 -23.05 49.53 18.92
CA ARG A 270 -21.76 50.06 18.46
C ARG A 270 -20.59 49.23 18.96
N TYR A 271 -20.78 48.55 20.09
CA TYR A 271 -19.70 47.79 20.71
C TYR A 271 -19.87 46.28 20.55
N SER A 272 -20.78 45.86 19.67
CA SER A 272 -20.94 44.44 19.37
C SER A 272 -19.87 43.97 18.40
N GLY A 273 -19.15 44.91 17.79
CA GLY A 273 -18.13 44.58 16.81
C GLY A 273 -18.67 44.30 15.43
N VAL A 274 -19.98 44.38 15.22
CA VAL A 274 -20.58 44.02 13.95
C VAL A 274 -20.25 45.09 12.90
N ASN A 275 -20.49 44.75 11.63
CA ASN A 275 -20.07 45.55 10.50
C ASN A 275 -21.32 45.88 9.69
N MET A 276 -21.75 47.14 9.69
CA MET A 276 -22.97 47.51 8.97
C MET A 276 -22.64 48.61 7.96
N THR A 277 -22.54 48.22 6.69
CA THR A 277 -22.18 49.12 5.62
C THR A 277 -23.41 49.45 4.79
N GLY A 278 -23.55 50.68 4.34
CA GLY A 278 -24.67 51.05 3.50
C GLY A 278 -24.36 52.32 2.72
N PHE A 279 -25.31 52.67 1.86
CA PHE A 279 -25.17 53.84 1.00
C PHE A 279 -26.00 54.99 1.53
N ARG A 280 -25.55 56.22 1.27
CA ARG A 280 -26.20 57.39 1.83
C ARG A 280 -25.93 58.54 0.87
N ILE A 281 -26.98 58.99 0.18
CA ILE A 281 -26.81 60.00 -0.86
C ILE A 281 -26.72 61.39 -0.24
N LEU A 282 -27.21 61.54 0.99
CA LEU A 282 -27.49 62.85 1.52
C LEU A 282 -26.21 63.54 1.98
N ASN A 283 -26.15 64.87 1.78
CA ASN A 283 -24.93 65.63 2.04
C ASN A 283 -24.91 66.07 3.49
N THR A 284 -24.76 65.09 4.40
CA THR A 284 -24.71 65.44 5.81
C THR A 284 -23.28 65.75 6.24
N GLU A 285 -22.56 66.55 5.45
CA GLU A 285 -21.30 67.15 5.84
C GLU A 285 -21.29 68.60 5.38
N ASN A 286 -22.16 68.90 4.40
CA ASN A 286 -22.25 70.26 3.88
C ASN A 286 -23.02 71.12 4.86
N THR A 287 -22.55 72.36 5.04
CA THR A 287 -23.15 73.26 6.03
C THR A 287 -24.53 73.74 5.59
N GLN A 288 -24.66 74.12 4.33
CA GLN A 288 -25.94 74.63 3.82
C GLN A 288 -26.98 73.51 3.76
N VAL A 289 -26.54 72.28 3.50
CA VAL A 289 -27.47 71.15 3.46
C VAL A 289 -27.92 70.80 4.87
N SER A 290 -26.99 70.83 5.84
CA SER A 290 -27.31 70.47 7.21
C SER A 290 -28.20 71.51 7.87
N SER A 291 -28.16 72.75 7.37
CA SER A 291 -29.07 73.77 7.86
C SER A 291 -30.51 73.45 7.48
N ILE A 292 -30.71 72.92 6.28
CA ILE A 292 -32.06 72.59 5.81
C ILE A 292 -32.62 71.41 6.59
N ILE A 293 -31.74 70.48 6.99
CA ILE A 293 -32.15 69.33 7.80
C ILE A 293 -32.63 69.79 9.17
N GLU A 294 -31.95 70.77 9.74
CA GLU A 294 -32.38 71.33 11.02
C GLU A 294 -33.63 72.17 10.87
N LYS A 295 -33.76 72.87 9.73
CA LYS A 295 -34.97 73.64 9.47
C LYS A 295 -36.15 72.73 9.16
N TRP A 296 -35.91 71.56 8.56
CA TRP A 296 -37.00 70.61 8.38
C TRP A 296 -37.41 69.99 9.70
N SER A 297 -36.46 69.86 10.63
CA SER A 297 -36.71 69.17 11.90
C SER A 297 -37.66 69.96 12.78
N MET A 298 -37.78 71.26 12.53
CA MET A 298 -38.62 72.14 13.35
C MET A 298 -40.10 71.81 13.21
N GLU A 299 -40.53 71.49 11.99
CA GLU A 299 -41.94 71.16 11.76
C GLU A 299 -42.18 69.66 11.88
N ARG A 300 -41.14 68.92 12.24
CA ARG A 300 -41.30 67.49 12.47
C ARG A 300 -41.23 67.22 13.97
N LEU A 301 -40.62 68.13 14.72
CA LEU A 301 -40.62 68.01 16.17
C LEU A 301 -41.95 68.44 16.79
N GLN A 302 -42.94 68.81 15.98
CA GLN A 302 -44.29 69.07 16.47
C GLN A 302 -44.92 67.72 16.81
N ALA A 303 -44.71 67.26 18.04
CA ALA A 303 -45.10 65.98 18.61
C ALA A 303 -44.79 64.77 17.73
N PRO A 304 -43.52 64.37 17.58
CA PRO A 304 -43.24 63.15 16.82
C PRO A 304 -43.48 61.92 17.66
N PRO A 305 -44.23 60.94 17.14
CA PRO A 305 -44.39 59.68 17.89
C PRO A 305 -43.11 58.87 17.88
N LYS A 306 -42.38 58.87 18.99
CA LYS A 306 -41.09 58.22 19.09
C LYS A 306 -41.07 57.17 20.18
N PRO A 307 -41.51 55.94 19.91
CA PRO A 307 -41.31 54.86 20.87
C PRO A 307 -39.91 54.30 20.79
N ASP A 308 -39.67 53.24 21.55
CA ASP A 308 -38.41 52.52 21.39
C ASP A 308 -38.53 51.67 20.14
N SER A 309 -38.24 52.26 18.99
CA SER A 309 -38.46 51.64 17.70
C SER A 309 -37.16 51.39 16.94
N GLY A 310 -36.01 51.57 17.57
CA GLY A 310 -34.74 51.46 16.89
C GLY A 310 -34.50 52.53 15.85
N LEU A 311 -35.06 53.72 16.03
CA LEU A 311 -34.91 54.80 15.08
C LEU A 311 -34.40 56.05 15.79
N LEU A 312 -33.98 57.03 15.02
CA LEU A 312 -33.53 58.32 15.53
C LEU A 312 -34.55 59.39 15.12
N ASP A 313 -34.26 60.64 15.50
CA ASP A 313 -35.20 61.71 15.26
C ASP A 313 -34.41 62.96 14.87
N GLY A 314 -35.09 63.86 14.18
CA GLY A 314 -34.46 65.09 13.72
C GLY A 314 -33.66 64.90 12.46
N PHE A 315 -33.83 63.75 11.81
CA PHE A 315 -33.15 63.43 10.57
C PHE A 315 -34.16 63.38 9.44
N MET A 316 -33.72 63.74 8.24
CA MET A 316 -34.60 63.69 7.08
C MET A 316 -34.52 62.31 6.44
N THR A 317 -35.67 61.69 6.23
CA THR A 317 -35.73 60.51 5.40
C THR A 317 -35.53 60.91 3.94
N THR A 318 -35.04 59.97 3.14
CA THR A 318 -34.74 60.27 1.75
C THR A 318 -36.01 60.38 0.91
N ASP A 319 -37.14 59.94 1.44
CA ASP A 319 -38.41 60.15 0.74
C ASP A 319 -38.78 61.63 0.74
N ALA A 320 -38.56 62.31 1.87
CA ALA A 320 -38.92 63.71 1.96
C ALA A 320 -37.84 64.61 1.37
N ALA A 321 -36.59 64.17 1.41
CA ALA A 321 -35.49 65.02 0.94
C ALA A 321 -35.53 65.17 -0.57
N LEU A 322 -35.97 64.12 -1.28
CA LEU A 322 -36.05 64.20 -2.73
C LEU A 322 -37.24 65.03 -3.17
N MET A 323 -38.31 65.05 -2.37
CA MET A 323 -39.45 65.91 -2.68
C MET A 323 -39.07 67.38 -2.50
N TYR A 324 -38.16 67.66 -1.56
CA TYR A 324 -37.64 69.01 -1.39
C TYR A 324 -36.84 69.44 -2.62
N ASP A 325 -35.99 68.56 -3.12
CA ASP A 325 -35.12 68.93 -4.23
C ASP A 325 -35.89 68.95 -5.54
N ALA A 326 -37.04 68.26 -5.59
CA ALA A 326 -37.78 68.10 -6.84
C ALA A 326 -38.37 69.43 -7.30
N VAL A 327 -38.91 70.21 -6.35
CA VAL A 327 -39.43 71.53 -6.69
C VAL A 327 -38.29 72.45 -7.09
N HIS A 328 -37.13 72.25 -6.45
CA HIS A 328 -35.94 73.01 -6.81
C HIS A 328 -35.45 72.67 -8.21
N VAL A 329 -35.71 71.45 -8.66
CA VAL A 329 -35.47 71.13 -10.07
C VAL A 329 -36.50 71.85 -10.95
N VAL A 330 -37.76 71.84 -10.54
CA VAL A 330 -38.82 72.52 -11.28
C VAL A 330 -38.63 74.03 -11.26
N SER A 331 -38.04 74.56 -10.17
CA SER A 331 -37.87 76.00 -10.03
C SER A 331 -36.86 76.55 -11.03
N VAL A 332 -35.93 75.71 -11.48
CA VAL A 332 -34.95 76.15 -12.47
C VAL A 332 -35.60 76.21 -13.84
N ALA A 333 -36.44 75.24 -14.15
CA ALA A 333 -37.07 75.16 -15.47
C ALA A 333 -38.11 76.25 -15.66
N VAL A 334 -38.79 76.68 -14.60
CA VAL A 334 -39.77 77.74 -14.72
C VAL A 334 -39.08 79.10 -14.72
N GLN A 335 -37.84 79.15 -14.24
CA GLN A 335 -37.07 80.38 -14.16
C GLN A 335 -36.62 80.82 -15.55
N GLN A 336 -36.12 79.88 -16.33
CA GLN A 336 -35.64 80.13 -17.69
C GLN A 336 -36.79 80.34 -18.67
N PHE A 337 -37.94 79.70 -18.44
CA PHE A 337 -39.00 79.62 -19.44
C PHE A 337 -39.83 80.90 -19.38
N PRO A 338 -40.32 81.40 -20.52
CA PRO A 338 -41.21 82.58 -20.53
C PRO A 338 -42.61 82.30 -19.99
N GLN A 339 -43.55 83.22 -20.28
CA GLN A 339 -44.81 83.51 -19.59
C GLN A 339 -45.55 82.34 -18.93
N MET A 340 -45.79 81.26 -19.68
CA MET A 340 -46.26 79.97 -19.18
C MET A 340 -47.60 80.08 -18.45
N THR A 341 -48.66 80.37 -19.20
CA THR A 341 -50.01 80.46 -18.65
C THR A 341 -50.51 79.05 -18.37
N VAL A 342 -50.80 78.78 -17.10
CA VAL A 342 -51.38 77.50 -16.69
C VAL A 342 -52.85 77.47 -17.06
N SER A 343 -53.21 76.57 -17.96
CA SER A 343 -54.60 76.47 -18.42
C SER A 343 -55.37 75.42 -17.65
N SER A 344 -56.67 75.27 -17.95
CA SER A 344 -57.53 74.30 -17.29
C SER A 344 -57.77 73.14 -18.26
N LEU A 345 -57.33 71.96 -17.86
CA LEU A 345 -57.34 70.81 -18.75
C LEU A 345 -58.51 69.89 -18.41
N GLN A 346 -58.99 69.15 -19.41
CA GLN A 346 -60.17 68.29 -19.26
C GLN A 346 -59.80 66.86 -19.63
N CYS A 347 -60.17 65.92 -18.76
CA CYS A 347 -59.93 64.50 -18.99
C CYS A 347 -61.04 63.87 -19.84
N ASN A 348 -62.08 64.64 -20.15
CA ASN A 348 -63.17 64.13 -20.96
C ASN A 348 -62.67 63.98 -22.40
N ARG A 349 -62.23 65.09 -22.99
CA ARG A 349 -61.48 65.03 -24.24
C ARG A 349 -60.00 64.95 -23.91
N HIS A 350 -59.15 65.17 -24.91
CA HIS A 350 -57.74 65.40 -24.63
C HIS A 350 -57.18 66.42 -25.61
N LYS A 351 -56.55 67.47 -25.08
CA LYS A 351 -55.89 68.51 -25.87
C LYS A 351 -54.65 68.89 -25.09
N PRO A 352 -53.46 68.50 -25.58
CA PRO A 352 -52.22 68.73 -24.82
C PRO A 352 -51.90 70.19 -24.62
N TRP A 353 -51.37 70.51 -23.43
CA TRP A 353 -51.04 71.88 -23.07
C TRP A 353 -49.90 72.41 -23.94
N ARG A 354 -50.02 73.67 -24.36
CA ARG A 354 -49.24 74.27 -25.43
C ARG A 354 -47.74 74.29 -25.16
N PHE A 355 -47.36 74.39 -23.89
CA PHE A 355 -45.97 74.52 -23.49
C PHE A 355 -45.39 73.23 -22.94
N GLY A 356 -46.23 72.20 -22.76
CA GLY A 356 -45.84 70.94 -22.14
C GLY A 356 -44.77 70.17 -22.88
N THR A 357 -44.68 70.36 -24.19
CA THR A 357 -43.61 69.72 -24.96
C THR A 357 -42.28 70.39 -24.67
N ARG A 358 -42.24 71.72 -24.75
CA ARG A 358 -41.00 72.45 -24.53
C ARG A 358 -40.60 72.43 -23.05
N PHE A 359 -41.58 72.49 -22.17
CA PHE A 359 -41.28 72.58 -20.73
C PHE A 359 -40.74 71.27 -20.19
N MET A 360 -41.16 70.14 -20.79
CA MET A 360 -40.71 68.84 -20.32
C MET A 360 -39.23 68.63 -20.64
N SER A 361 -38.78 69.16 -21.77
CA SER A 361 -37.37 69.08 -22.12
C SER A 361 -36.53 69.96 -21.19
N LEU A 362 -37.10 71.07 -20.73
CA LEU A 362 -36.38 71.96 -19.83
C LEU A 362 -36.28 71.36 -18.44
N ILE A 363 -37.21 70.46 -18.09
CA ILE A 363 -37.08 69.68 -16.87
C ILE A 363 -35.90 68.73 -17.00
N LYS A 364 -35.82 68.02 -18.12
CA LYS A 364 -34.82 66.97 -18.30
C LYS A 364 -33.41 67.54 -18.49
N GLU A 365 -33.30 68.82 -18.81
CA GLU A 365 -32.01 69.47 -18.97
C GLU A 365 -31.55 70.20 -17.71
N ALA A 366 -32.19 69.94 -16.57
CA ALA A 366 -31.84 70.64 -15.35
C ALA A 366 -30.56 70.08 -14.75
N HIS A 367 -29.80 70.96 -14.11
CA HIS A 367 -28.56 70.58 -13.46
C HIS A 367 -28.52 71.21 -12.08
N TRP A 368 -29.60 71.05 -11.33
CA TRP A 368 -29.65 71.61 -9.98
C TRP A 368 -28.87 70.74 -9.00
N GLU A 369 -28.26 71.36 -8.00
CA GLU A 369 -27.61 70.63 -6.93
C GLU A 369 -28.36 70.90 -5.63
N GLY A 370 -29.06 69.89 -5.11
CA GLY A 370 -29.88 70.02 -3.93
C GLY A 370 -29.27 69.37 -2.71
N LEU A 371 -30.12 68.74 -1.90
CA LEU A 371 -29.70 68.09 -0.67
C LEU A 371 -28.88 66.85 -0.96
N THR A 372 -29.33 66.06 -1.93
CA THR A 372 -28.71 64.78 -2.23
C THR A 372 -27.61 64.93 -3.25
N GLY A 373 -27.22 66.16 -3.55
CA GLY A 373 -26.10 66.40 -4.43
C GLY A 373 -26.52 66.79 -5.83
N ARG A 374 -25.68 66.44 -6.80
CA ARG A 374 -25.89 66.76 -8.20
C ARG A 374 -27.09 66.00 -8.74
N ILE A 375 -27.89 66.68 -9.55
CA ILE A 375 -29.06 66.11 -10.19
C ILE A 375 -28.96 66.43 -11.68
N THR A 376 -28.77 65.39 -12.49
CA THR A 376 -28.71 65.51 -13.94
C THR A 376 -29.21 64.20 -14.52
N PHE A 377 -30.05 64.29 -15.54
CA PHE A 377 -30.89 63.17 -15.94
C PHE A 377 -30.26 62.19 -16.93
N ASN A 378 -31.13 61.35 -17.47
CA ASN A 378 -30.79 60.18 -18.27
C ASN A 378 -31.61 60.26 -19.55
N LYS A 379 -31.45 61.38 -20.26
CA LYS A 379 -32.32 61.97 -21.29
C LYS A 379 -33.10 60.99 -22.16
N THR A 380 -32.45 59.89 -22.56
CA THR A 380 -33.11 58.73 -23.14
C THR A 380 -34.27 58.24 -22.28
N ASN A 381 -34.01 57.95 -21.01
CA ASN A 381 -35.05 57.49 -20.11
C ASN A 381 -35.73 58.65 -19.39
N GLY A 382 -34.94 59.43 -18.67
CA GLY A 382 -35.49 60.47 -17.82
C GLY A 382 -35.28 60.13 -16.36
N LEU A 383 -34.58 59.04 -16.11
CA LEU A 383 -34.33 58.56 -14.76
C LEU A 383 -33.11 59.27 -14.18
N ARG A 384 -32.68 58.81 -13.01
CA ARG A 384 -31.40 59.18 -12.43
C ARG A 384 -30.55 57.93 -12.32
N THR A 385 -29.68 57.73 -13.30
CA THR A 385 -28.61 56.75 -13.21
C THR A 385 -27.25 57.42 -13.11
N ASP A 386 -27.23 58.73 -12.87
CA ASP A 386 -26.01 59.52 -12.76
C ASP A 386 -26.12 60.36 -11.49
N PHE A 387 -25.71 59.79 -10.37
CA PHE A 387 -25.80 60.42 -9.07
C PHE A 387 -24.54 60.10 -8.26
N ASP A 388 -24.55 60.49 -6.99
CA ASP A 388 -23.33 60.45 -6.16
C ASP A 388 -23.70 59.80 -4.83
N LEU A 389 -22.93 58.78 -4.43
CA LEU A 389 -23.19 58.13 -3.14
C LEU A 389 -22.04 58.29 -2.17
N ASP A 390 -22.32 58.02 -0.89
CA ASP A 390 -21.31 57.99 0.15
C ASP A 390 -21.39 56.67 0.88
N VAL A 391 -20.34 55.85 0.79
CA VAL A 391 -20.36 54.52 1.38
C VAL A 391 -20.12 54.66 2.88
N ILE A 392 -21.20 54.63 3.66
CA ILE A 392 -21.06 54.74 5.10
C ILE A 392 -21.02 53.34 5.71
N SER A 393 -20.27 53.18 6.79
CA SER A 393 -20.18 51.88 7.44
C SER A 393 -20.08 52.06 8.94
N LEU A 394 -20.32 50.98 9.67
CA LEU A 394 -20.28 51.01 11.14
C LEU A 394 -18.84 50.92 11.61
N LYS A 395 -18.40 51.95 12.32
CA LYS A 395 -17.17 51.92 13.08
C LYS A 395 -17.49 52.11 14.55
N GLU A 396 -16.46 52.16 15.39
CA GLU A 396 -16.72 52.18 16.82
C GLU A 396 -16.71 53.64 17.31
N GLU A 397 -17.37 54.51 16.56
CA GLU A 397 -17.78 55.82 17.05
C GLU A 397 -19.16 56.12 16.48
N GLY A 398 -19.69 55.17 15.72
CA GLY A 398 -20.89 55.37 14.94
C GLY A 398 -20.71 54.99 13.49
N LEU A 399 -21.32 55.80 12.63
CA LEU A 399 -21.30 55.56 11.19
C LEU A 399 -20.29 56.47 10.51
N GLU A 400 -19.32 55.86 9.84
CA GLU A 400 -18.29 56.62 9.14
C GLU A 400 -18.43 56.45 7.63
N LYS A 401 -18.45 57.58 6.93
CA LYS A 401 -18.31 57.63 5.48
C LYS A 401 -16.90 57.18 5.15
N ILE A 402 -16.79 55.98 4.59
CA ILE A 402 -15.48 55.42 4.29
C ILE A 402 -15.28 55.27 2.79
N GLY A 403 -16.24 55.73 2.00
CA GLY A 403 -16.12 55.58 0.56
C GLY A 403 -17.06 56.41 -0.27
N THR A 404 -16.73 56.57 -1.53
CA THR A 404 -17.50 57.39 -2.47
C THR A 404 -17.73 56.55 -3.72
N TRP A 405 -18.97 56.53 -4.20
CA TRP A 405 -19.32 55.74 -5.37
C TRP A 405 -19.66 56.69 -6.52
N ASP A 406 -19.56 56.20 -7.75
CA ASP A 406 -19.79 56.98 -8.95
C ASP A 406 -20.14 55.96 -10.04
N PRO A 407 -21.21 56.19 -10.82
CA PRO A 407 -21.49 55.31 -11.97
C PRO A 407 -20.36 55.28 -13.00
N ALA A 408 -19.85 56.46 -13.37
CA ALA A 408 -18.75 56.52 -14.34
C ALA A 408 -17.39 56.56 -13.61
N SER A 409 -17.25 55.67 -12.64
CA SER A 409 -16.02 55.37 -11.92
C SER A 409 -16.24 54.10 -11.11
N GLY A 410 -15.31 53.77 -10.22
CA GLY A 410 -15.50 52.63 -9.36
C GLY A 410 -15.80 53.08 -7.95
N LEU A 411 -15.60 52.17 -7.00
CA LEU A 411 -15.69 52.51 -5.59
C LEU A 411 -14.47 53.32 -5.17
N ASN A 412 -14.59 54.64 -5.14
CA ASN A 412 -13.48 55.46 -4.67
C ASN A 412 -13.46 55.56 -3.17
N MET A 413 -13.03 54.51 -2.47
CA MET A 413 -12.86 54.60 -1.03
C MET A 413 -11.61 55.39 -0.69
N THR A 414 -11.80 56.49 0.04
CA THR A 414 -10.66 57.23 0.58
C THR A 414 -9.98 56.48 1.72
N GLU A 415 -10.68 55.52 2.33
CA GLU A 415 -10.02 54.54 3.19
C GLU A 415 -9.53 53.40 2.31
N SER A 416 -8.38 53.59 1.66
CA SER A 416 -7.78 52.55 0.84
C SER A 416 -6.73 51.82 1.64
N GLN A 417 -6.54 52.28 2.88
CA GLN A 417 -5.44 51.91 3.78
C GLN A 417 -4.11 52.12 3.04
N LYS A 418 -3.83 53.38 2.70
CA LYS A 418 -2.52 53.74 2.16
C LYS A 418 -1.56 53.93 3.32
N GLY A 419 -2.10 53.97 4.54
CA GLY A 419 -1.30 53.89 5.75
C GLY A 419 -0.61 52.55 5.87
N LYS A 420 0.71 52.59 5.78
CA LYS A 420 1.65 51.47 5.88
C LYS A 420 1.51 50.70 7.20
N PRO A 421 2.01 49.43 7.29
CA PRO A 421 2.04 48.74 8.60
C PRO A 421 3.07 49.31 9.57
N ALA A 422 3.91 50.21 9.04
CA ALA A 422 4.59 51.31 9.73
C ALA A 422 5.82 50.90 10.52
N ASN A 423 6.07 49.60 10.73
CA ASN A 423 7.31 48.84 10.47
C ASN A 423 7.31 47.54 11.27
N ILE A 424 8.37 46.73 11.14
CA ILE A 424 8.73 45.72 12.14
C ILE A 424 9.53 46.41 13.24
N THR A 425 10.00 47.62 12.92
CA THR A 425 10.45 48.75 13.74
C THR A 425 11.87 48.57 14.29
N ASP A 426 12.35 47.32 14.42
CA ASP A 426 13.74 46.82 14.30
C ASP A 426 14.89 47.74 14.71
N SER A 427 14.66 48.72 15.60
CA SER A 427 15.63 49.79 15.80
C SER A 427 16.73 49.46 16.79
N LEU A 428 16.37 49.26 18.05
CA LEU A 428 17.35 49.04 19.11
C LEU A 428 17.90 47.62 19.00
N SER A 429 17.02 46.68 18.70
CA SER A 429 17.40 45.32 18.39
C SER A 429 16.40 44.79 17.36
N ASN A 430 16.40 43.49 17.15
CA ASN A 430 15.44 42.85 16.26
C ASN A 430 14.14 42.56 17.02
N ARG A 431 13.44 43.65 17.37
CA ARG A 431 12.18 43.74 18.11
C ARG A 431 12.17 42.83 19.34
N SER A 432 13.07 43.14 20.29
CA SER A 432 13.78 42.22 21.20
C SER A 432 13.01 40.98 21.63
N LEU A 433 13.61 39.81 21.40
CA LEU A 433 12.89 38.55 21.33
C LEU A 433 12.28 38.06 22.64
N ILE A 434 11.05 37.55 22.55
CA ILE A 434 10.47 36.81 23.65
C ILE A 434 10.67 35.33 23.39
N VAL A 435 11.00 34.58 24.44
CA VAL A 435 11.28 33.15 24.32
C VAL A 435 10.27 32.39 25.20
N THR A 436 9.67 31.34 24.64
CA THR A 436 8.85 30.45 25.44
C THR A 436 9.74 29.49 26.20
N THR A 437 9.39 29.18 27.45
CA THR A 437 10.32 28.47 28.31
C THR A 437 9.63 27.61 29.37
N ILE A 438 9.85 26.30 29.32
CA ILE A 438 9.36 25.36 30.32
C ILE A 438 10.35 25.36 31.48
N LEU A 439 10.04 24.69 32.59
CA LEU A 439 10.82 24.86 33.80
C LEU A 439 11.36 23.50 34.28
N GLU A 440 12.02 22.77 33.39
CA GLU A 440 12.56 21.44 33.69
C GLU A 440 13.91 21.58 34.39
N GLU A 441 14.44 20.51 35.01
CA GLU A 441 15.77 20.48 35.61
C GLU A 441 16.62 19.46 34.87
N PRO A 442 17.93 19.69 34.61
CA PRO A 442 18.85 20.80 34.86
C PRO A 442 18.85 21.84 33.77
N TYR A 443 17.71 21.92 33.12
CA TYR A 443 17.36 22.93 32.13
C TYR A 443 16.91 24.18 32.89
N VAL A 444 16.07 25.02 32.29
CA VAL A 444 15.73 26.31 32.91
C VAL A 444 15.07 26.14 34.28
N LEU A 445 15.70 26.74 35.29
CA LEU A 445 15.29 26.58 36.69
C LEU A 445 14.86 27.94 37.23
N PHE A 446 14.58 27.97 38.53
CA PHE A 446 14.52 29.22 39.29
C PHE A 446 15.83 29.38 40.05
N LYS A 447 16.42 30.56 39.94
CA LYS A 447 17.60 30.87 40.74
C LYS A 447 17.20 31.15 42.17
N LYS A 448 17.84 30.47 43.12
CA LYS A 448 17.57 30.67 44.54
C LYS A 448 18.20 31.98 44.98
N SER A 449 17.41 33.06 44.88
CA SER A 449 17.85 34.39 45.24
C SER A 449 16.93 34.95 46.31
N ASP A 450 17.52 35.50 47.38
CA ASP A 450 16.72 36.14 48.43
C ASP A 450 16.14 37.45 47.93
N LYS A 451 16.95 38.22 47.22
CA LYS A 451 16.46 39.40 46.53
C LYS A 451 15.65 38.93 45.30
N PRO A 452 14.69 39.75 44.81
CA PRO A 452 13.82 39.30 43.71
C PRO A 452 14.51 39.02 42.38
N LEU A 453 15.33 39.96 41.89
CA LEU A 453 16.05 39.88 40.62
C LEU A 453 15.14 39.60 39.43
N TYR A 454 14.27 40.54 39.07
CA TYR A 454 13.30 40.35 37.99
C TYR A 454 14.01 40.32 36.64
N GLY A 455 13.25 40.03 35.59
CA GLY A 455 13.83 40.01 34.26
C GLY A 455 14.41 38.65 33.91
N ASN A 456 15.60 38.69 33.32
CA ASN A 456 16.26 37.49 32.82
C ASN A 456 17.17 36.88 33.87
N ASP A 457 17.06 37.32 35.12
CA ASP A 457 18.00 36.89 36.15
C ASP A 457 17.32 35.95 37.14
N ARG A 458 16.02 35.72 36.99
CA ARG A 458 15.34 34.70 37.78
C ARG A 458 15.74 33.29 37.41
N PHE A 459 16.33 33.08 36.24
CA PHE A 459 16.46 31.77 35.65
C PHE A 459 17.92 31.37 35.53
N GLU A 460 18.19 30.08 35.70
CA GLU A 460 19.49 29.53 35.37
C GLU A 460 19.33 28.11 34.87
N GLY A 461 20.30 27.61 34.12
CA GLY A 461 20.22 26.24 33.64
C GLY A 461 21.07 26.08 32.40
N TYR A 462 20.95 24.88 31.82
CA TYR A 462 21.60 24.63 30.54
C TYR A 462 21.02 25.51 29.44
N CYS A 463 19.70 25.52 29.30
CA CYS A 463 19.05 26.33 28.29
C CYS A 463 18.87 27.79 28.69
N ILE A 464 19.53 28.24 29.76
CA ILE A 464 19.76 29.66 29.93
C ILE A 464 21.21 29.99 29.58
N ASP A 465 22.13 29.06 29.86
CA ASP A 465 23.48 29.21 29.35
C ASP A 465 23.53 29.13 27.84
N LEU A 466 22.68 28.29 27.24
CA LEU A 466 22.63 28.23 25.78
C LEU A 466 22.08 29.52 25.19
N LEU A 467 21.11 30.13 25.86
CA LEU A 467 20.49 31.32 25.30
C LEU A 467 21.39 32.54 25.48
N ARG A 468 22.27 32.51 26.48
CA ARG A 468 23.27 33.57 26.57
C ARG A 468 24.35 33.39 25.53
N GLU A 469 24.72 32.14 25.22
CA GLU A 469 25.78 31.90 24.25
C GLU A 469 25.29 32.13 22.83
N LEU A 470 24.00 31.93 22.57
CA LEU A 470 23.47 32.31 21.28
C LEU A 470 23.32 33.81 21.17
N SER A 471 23.32 34.51 22.30
CA SER A 471 23.15 35.96 22.28
CA SER A 471 23.15 35.96 22.28
C SER A 471 24.46 36.66 21.93
N THR A 472 25.57 36.18 22.48
CA THR A 472 26.87 36.81 22.19
C THR A 472 27.33 36.54 20.76
N ILE A 473 26.82 35.49 20.13
CA ILE A 473 27.11 35.27 18.71
C ILE A 473 26.24 36.13 17.81
N LEU A 474 24.92 36.10 17.98
CA LEU A 474 24.04 36.89 17.15
C LEU A 474 23.82 38.31 17.65
N GLY A 475 23.23 38.48 18.82
CA GLY A 475 22.84 39.77 19.36
C GLY A 475 21.37 39.95 19.09
N PHE A 476 20.52 39.56 20.03
CA PHE A 476 19.09 39.66 19.82
C PHE A 476 18.33 39.95 21.10
N THR A 477 18.97 40.67 22.04
CA THR A 477 18.82 40.56 23.49
C THR A 477 17.42 40.27 23.99
N TYR A 478 17.28 39.18 24.73
CA TYR A 478 16.03 38.44 24.90
C TYR A 478 15.30 38.87 26.16
N GLU A 479 14.12 38.29 26.35
CA GLU A 479 13.34 38.45 27.56
C GLU A 479 12.57 37.15 27.80
N ILE A 480 12.74 36.57 28.98
CA ILE A 480 12.09 35.30 29.30
C ILE A 480 10.64 35.57 29.66
N ARG A 481 9.71 35.03 28.88
CA ARG A 481 8.32 34.86 29.33
C ARG A 481 8.03 33.36 29.23
N LEU A 482 8.11 32.69 30.38
CA LEU A 482 7.85 31.26 30.46
C LEU A 482 6.42 30.94 30.08
N VAL A 483 6.22 29.71 29.56
CA VAL A 483 4.89 29.32 29.10
C VAL A 483 3.97 29.13 30.31
N GLU A 484 2.73 29.60 30.17
CA GLU A 484 1.85 29.75 31.32
C GLU A 484 1.09 28.48 31.62
N ASP A 485 0.47 27.88 30.61
CA ASP A 485 -0.30 26.65 30.79
C ASP A 485 0.58 25.40 30.69
N GLY A 486 1.65 25.36 31.49
CA GLY A 486 2.90 24.64 31.24
C GLY A 486 2.83 23.28 30.58
N LYS A 487 3.43 23.20 29.39
CA LYS A 487 3.08 22.17 28.42
C LYS A 487 4.06 22.28 27.26
N TYR A 488 4.17 21.25 26.42
CA TYR A 488 5.09 21.32 25.30
C TYR A 488 4.35 21.39 23.98
N GLY A 489 3.57 20.37 23.67
CA GLY A 489 2.82 20.36 22.44
C GLY A 489 2.17 19.02 22.19
N ALA A 490 0.88 19.06 21.85
CA ALA A 490 0.10 17.88 21.54
C ALA A 490 -1.19 18.27 20.84
N GLN A 491 -1.57 17.51 19.83
CA GLN A 491 -2.90 17.65 19.23
C GLN A 491 -3.89 16.93 20.12
N ASP A 492 -5.02 17.58 20.40
CA ASP A 492 -5.98 17.07 21.36
C ASP A 492 -6.92 16.03 20.77
N ASP A 493 -6.66 15.63 19.52
CA ASP A 493 -7.15 14.43 18.83
C ASP A 493 -8.63 14.55 18.44
N VAL A 494 -9.30 15.60 18.91
CA VAL A 494 -10.67 15.89 18.50
C VAL A 494 -10.72 17.28 17.88
N ASN A 495 -9.93 18.20 18.41
CA ASN A 495 -9.89 19.58 17.92
C ASN A 495 -8.76 19.72 16.90
N GLY A 496 -7.58 19.24 17.26
CA GLY A 496 -6.40 19.45 16.45
C GLY A 496 -5.55 20.63 16.85
N GLN A 497 -5.86 21.28 17.97
CA GLN A 497 -5.13 22.45 18.41
C GLN A 497 -3.93 22.04 19.25
N TRP A 498 -2.86 22.82 19.17
CA TRP A 498 -1.66 22.56 19.93
C TRP A 498 -1.72 23.25 21.28
N ASN A 499 -0.81 22.90 22.18
CA ASN A 499 -0.85 23.37 23.55
C ASN A 499 0.56 23.76 24.00
N GLY A 500 0.68 24.91 24.64
CA GLY A 500 1.94 25.26 25.28
C GLY A 500 2.91 25.91 24.31
N MET A 501 4.15 25.41 24.29
CA MET A 501 5.19 26.12 23.56
C MET A 501 5.12 25.85 22.06
N VAL A 502 4.50 24.76 21.64
CA VAL A 502 4.22 24.61 20.22
C VAL A 502 3.12 25.58 19.83
N ARG A 503 2.16 25.81 20.73
CA ARG A 503 1.03 26.67 20.45
C ARG A 503 1.43 28.14 20.39
N GLU A 504 2.29 28.59 21.31
CA GLU A 504 2.62 30.01 21.37
C GLU A 504 3.60 30.41 20.26
N LEU A 505 4.13 29.43 19.53
CA LEU A 505 4.94 29.77 18.36
C LEU A 505 4.09 29.85 17.11
N ILE A 506 2.95 29.16 17.09
CA ILE A 506 2.03 29.20 15.96
C ILE A 506 1.44 30.59 15.82
N ASP A 507 0.78 31.08 16.86
CA ASP A 507 0.23 32.42 16.79
C ASP A 507 1.20 33.48 17.31
N HIS A 508 2.46 33.36 16.86
CA HIS A 508 3.56 34.33 16.92
C HIS A 508 3.64 35.19 18.18
N LYS A 509 3.37 34.59 19.34
CA LYS A 509 3.38 35.32 20.59
C LYS A 509 4.80 35.48 21.11
N ALA A 510 5.64 34.47 20.90
CA ALA A 510 7.06 34.56 21.16
C ALA A 510 7.83 33.98 19.98
N ASP A 511 9.15 34.17 19.99
CA ASP A 511 9.94 33.85 18.81
C ASP A 511 10.77 32.58 18.94
N LEU A 512 11.16 32.18 20.15
CA LEU A 512 12.00 30.99 20.27
C LEU A 512 11.39 30.00 21.23
N ALA A 513 12.03 28.84 21.37
CA ALA A 513 11.52 27.79 22.24
C ALA A 513 12.66 27.14 23.00
N VAL A 514 13.53 27.93 23.61
CA VAL A 514 14.77 27.40 24.18
C VAL A 514 14.41 26.63 25.44
N ALA A 515 14.28 25.31 25.28
CA ALA A 515 13.67 24.40 26.23
C ALA A 515 13.83 22.98 25.69
N PRO A 516 13.64 21.92 26.50
CA PRO A 516 13.75 20.55 25.96
C PRO A 516 12.65 20.15 24.99
N LEU A 517 12.52 20.84 23.87
CA LEU A 517 11.39 20.60 22.97
C LEU A 517 11.89 19.64 21.90
N ALA A 518 11.65 18.36 22.13
CA ALA A 518 12.17 17.27 21.30
C ALA A 518 11.71 17.34 19.86
N ILE A 519 12.50 16.79 18.94
CA ILE A 519 12.17 16.82 17.52
C ILE A 519 11.23 15.65 17.27
N THR A 520 9.96 15.97 17.13
CA THR A 520 8.92 14.98 16.89
C THR A 520 8.39 15.21 15.49
N TYR A 521 7.98 14.12 14.84
CA TYR A 521 7.47 14.15 13.47
C TYR A 521 6.23 15.02 13.33
N VAL A 522 5.42 15.14 14.38
CA VAL A 522 4.21 15.94 14.30
C VAL A 522 4.49 17.38 14.72
N ARG A 523 5.61 17.61 15.41
CA ARG A 523 5.98 18.97 15.77
C ARG A 523 6.72 19.68 14.65
N GLU A 524 7.28 18.92 13.71
CA GLU A 524 8.10 19.52 12.66
C GLU A 524 7.24 20.05 11.53
N LYS A 525 6.09 19.43 11.29
CA LYS A 525 5.16 19.87 10.25
C LYS A 525 4.58 21.24 10.56
N VAL A 526 4.49 21.57 11.83
CA VAL A 526 3.84 22.80 12.27
C VAL A 526 4.84 23.92 12.46
N ILE A 527 5.85 23.73 13.30
CA ILE A 527 6.83 24.78 13.55
C ILE A 527 8.20 24.34 13.01
N ASP A 528 9.13 25.29 13.00
CA ASP A 528 10.46 25.07 12.45
C ASP A 528 11.45 24.89 13.59
N PHE A 529 11.97 23.67 13.73
CA PHE A 529 13.05 23.36 14.63
C PHE A 529 14.39 23.71 14.00
N SER A 530 15.36 24.08 14.83
CA SER A 530 16.74 24.20 14.40
C SER A 530 17.38 22.82 14.41
N LYS A 531 18.65 22.74 14.04
CA LYS A 531 19.39 21.50 14.15
C LYS A 531 19.70 21.26 15.61
N PRO A 532 19.79 19.98 16.08
CA PRO A 532 19.77 19.69 17.52
C PRO A 532 20.87 20.30 18.34
N PHE A 533 20.69 20.39 19.66
CA PHE A 533 21.80 20.73 20.52
C PHE A 533 22.04 19.69 21.59
N MET A 534 21.18 18.70 21.74
CA MET A 534 21.52 17.50 22.50
C MET A 534 21.05 16.31 21.68
N THR A 535 21.20 15.13 22.25
CA THR A 535 20.72 13.91 21.63
C THR A 535 20.02 13.04 22.68
N LEU A 536 18.72 12.89 22.51
CA LEU A 536 17.86 12.16 23.43
C LEU A 536 17.84 10.67 23.16
N GLY A 537 16.86 10.03 23.77
CA GLY A 537 16.52 8.64 23.58
C GLY A 537 15.53 8.27 24.66
N ILE A 538 14.55 7.49 24.33
CA ILE A 538 13.62 7.02 25.34
C ILE A 538 14.22 5.82 26.05
N SER A 539 14.29 5.87 27.36
CA SER A 539 14.87 4.76 28.12
C SER A 539 14.22 4.71 29.49
N ILE A 540 14.48 3.62 30.20
CA ILE A 540 13.68 3.20 31.34
C ILE A 540 14.41 3.53 32.64
N LEU A 541 13.73 4.24 33.53
CA LEU A 541 14.25 4.59 34.85
C LEU A 541 13.63 3.66 35.89
N TYR A 542 14.39 2.68 36.35
CA TYR A 542 13.92 1.76 37.37
C TYR A 542 14.90 1.81 38.54
N ARG A 543 14.52 1.23 39.69
CA ARG A 543 15.38 1.26 40.87
C ARG A 543 16.55 0.31 40.72
N LYS A 544 17.68 0.74 41.27
CA LYS A 544 18.83 -0.14 41.41
C LYS A 544 18.49 -1.18 42.48
N PRO A 545 18.82 -2.47 42.27
CA PRO A 545 18.48 -3.49 43.27
C PRO A 545 19.21 -3.32 44.60
N ASN A 546 18.76 -4.04 45.62
CA ASN A 546 19.28 -3.95 46.98
C ASN A 546 20.76 -4.30 47.07
N GLY A 547 21.44 -3.75 48.08
CA GLY A 547 22.73 -4.26 48.45
C GLY A 547 22.60 -5.62 49.12
N THR A 548 23.16 -6.64 48.47
CA THR A 548 23.00 -8.02 48.90
C THR A 548 23.67 -8.31 50.24
N ASN A 549 24.73 -7.56 50.58
CA ASN A 549 25.46 -7.55 51.85
C ASN A 549 25.84 -8.95 52.32
N PRO A 550 26.86 -9.57 51.73
CA PRO A 550 27.36 -10.83 52.31
C PRO A 550 28.02 -10.56 53.66
N GLY A 551 27.51 -11.22 54.70
CA GLY A 551 27.93 -10.96 56.06
C GLY A 551 29.36 -11.38 56.35
N VAL A 552 29.86 -11.06 57.54
CA VAL A 552 31.20 -11.48 57.91
C VAL A 552 31.19 -12.98 58.19
N PHE A 553 30.06 -13.52 58.63
CA PHE A 553 29.95 -14.96 58.81
C PHE A 553 29.32 -15.60 57.58
N SER A 554 29.89 -15.34 56.40
CA SER A 554 29.30 -15.85 55.16
C SER A 554 29.76 -17.27 54.86
N PHE A 555 30.81 -17.72 55.54
CA PHE A 555 31.34 -19.05 55.30
C PHE A 555 30.54 -20.11 56.05
N LEU A 556 29.63 -19.70 56.93
CA LEU A 556 28.80 -20.66 57.66
C LEU A 556 27.66 -21.14 56.77
N ASN A 557 27.42 -20.42 55.69
CA ASN A 557 26.29 -20.65 54.78
C ASN A 557 26.23 -22.00 54.05
N PRO A 558 27.34 -22.56 53.43
CA PRO A 558 27.14 -23.74 52.55
C PRO A 558 26.66 -25.03 53.20
N LEU A 559 26.49 -25.04 54.51
CA LEU A 559 25.74 -26.08 55.20
C LEU A 559 24.68 -25.38 56.05
N SER A 560 23.46 -25.90 56.00
CA SER A 560 22.31 -25.31 56.69
C SER A 560 22.51 -25.43 58.19
N PRO A 561 21.87 -24.56 58.99
CA PRO A 561 22.18 -24.53 60.44
C PRO A 561 21.69 -25.73 61.22
N ASP A 562 21.02 -26.70 60.59
CA ASP A 562 20.79 -27.97 61.27
C ASP A 562 21.98 -28.90 61.09
N ILE A 563 22.62 -28.88 59.91
CA ILE A 563 23.74 -29.77 59.65
C ILE A 563 24.95 -29.39 60.48
N TRP A 564 25.13 -28.10 60.79
CA TRP A 564 26.19 -27.71 61.72
C TRP A 564 25.87 -28.18 63.13
N MET A 565 24.60 -28.51 63.41
CA MET A 565 24.27 -29.08 64.70
C MET A 565 24.19 -30.61 64.64
N TYR A 566 24.29 -31.19 63.43
CA TYR A 566 24.44 -32.63 63.38
C TYR A 566 25.91 -33.04 63.29
N VAL A 567 26.78 -32.14 62.82
CA VAL A 567 28.20 -32.43 62.85
C VAL A 567 28.72 -32.40 64.28
N LEU A 568 28.30 -31.39 65.05
CA LEU A 568 28.75 -31.26 66.43
C LEU A 568 28.14 -32.34 67.32
N LEU A 569 26.97 -32.87 66.94
CA LEU A 569 26.42 -33.98 67.71
C LEU A 569 26.95 -35.31 67.22
N ALA A 570 27.63 -35.32 66.09
CA ALA A 570 28.36 -36.51 65.69
C ALA A 570 29.79 -36.46 66.19
N CYS A 571 30.35 -35.26 66.33
CA CYS A 571 31.72 -35.11 66.80
C CYS A 571 31.80 -35.34 68.30
N LEU A 572 30.70 -35.10 69.01
CA LEU A 572 30.61 -35.52 70.40
C LEU A 572 29.96 -36.89 70.53
N GLY A 573 29.42 -37.41 69.43
CA GLY A 573 28.82 -38.72 69.48
C GLY A 573 29.83 -39.82 69.21
N VAL A 574 30.56 -39.70 68.10
CA VAL A 574 31.55 -40.69 67.71
C VAL A 574 32.73 -40.69 68.69
N SER A 575 33.06 -39.52 69.23
CA SER A 575 34.22 -39.43 70.12
C SER A 575 33.91 -39.99 71.51
N CYS A 576 32.64 -40.23 71.82
CA CYS A 576 32.32 -40.96 73.04
C CYS A 576 32.14 -42.44 72.77
N VAL A 577 31.71 -42.80 71.55
CA VAL A 577 31.63 -44.21 71.19
C VAL A 577 33.02 -44.80 71.02
N LEU A 578 33.97 -43.99 70.55
CA LEU A 578 35.35 -44.43 70.46
C LEU A 578 35.96 -44.63 71.84
N PHE A 579 35.55 -43.83 72.82
CA PHE A 579 36.09 -43.94 74.17
C PHE A 579 35.59 -45.18 74.88
N VAL A 580 34.32 -45.53 74.66
CA VAL A 580 33.74 -46.69 75.33
C VAL A 580 34.32 -47.99 74.76
N ILE A 581 34.44 -48.06 73.44
CA ILE A 581 34.97 -49.26 72.77
C ILE A 581 36.45 -49.46 73.08
N ALA A 582 37.22 -48.37 73.22
CA ALA A 582 38.66 -48.51 73.40
C ALA A 582 39.01 -49.04 74.78
N ARG A 583 38.19 -48.74 75.79
CA ARG A 583 38.45 -49.32 77.11
C ARG A 583 37.70 -50.64 77.30
N PHE A 584 36.83 -51.00 76.37
CA PHE A 584 36.15 -52.28 76.40
C PHE A 584 36.89 -53.33 75.57
N SER A 585 37.66 -52.92 74.59
CA SER A 585 38.43 -53.83 73.77
C SER A 585 39.69 -54.26 74.50
N PRO A 586 40.04 -55.55 74.43
CA PRO A 586 41.25 -56.01 75.12
C PRO A 586 42.50 -55.89 74.28
N TYR A 587 42.35 -55.78 72.96
CA TYR A 587 43.49 -55.60 72.08
C TYR A 587 44.07 -54.19 72.12
N GLU A 588 43.30 -53.21 72.61
CA GLU A 588 43.83 -51.86 72.72
C GLU A 588 44.81 -51.76 73.88
N TRP A 589 44.56 -52.50 74.96
CA TRP A 589 45.45 -52.55 76.11
C TRP A 589 46.76 -53.23 75.74
N TYR A 590 47.86 -52.49 75.78
CA TYR A 590 49.18 -53.02 75.46
C TYR A 590 50.12 -52.79 76.63
N ASN A 591 51.32 -53.34 76.53
CA ASN A 591 52.33 -53.16 77.56
C ASN A 591 53.20 -51.98 77.14
N PRO A 592 53.21 -50.86 77.89
CA PRO A 592 53.95 -49.66 77.44
C PRO A 592 55.43 -49.70 77.80
N HIS A 593 56.04 -50.86 77.62
CA HIS A 593 57.46 -51.07 77.86
C HIS A 593 57.98 -52.11 76.88
N PRO A 594 58.34 -51.72 75.65
CA PRO A 594 58.88 -52.69 74.70
C PRO A 594 60.24 -53.20 75.12
N CYS A 595 61.14 -52.27 75.43
CA CYS A 595 62.50 -52.62 75.81
C CYS A 595 62.63 -53.03 77.27
N ASN A 596 61.56 -52.91 78.06
CA ASN A 596 61.59 -53.25 79.48
C ASN A 596 60.64 -54.43 79.70
N PRO A 597 61.18 -55.60 80.01
CA PRO A 597 60.32 -56.77 80.29
C PRO A 597 59.76 -56.83 81.70
N ASP A 598 59.71 -55.67 82.38
CA ASP A 598 59.50 -55.48 83.82
C ASP A 598 58.34 -56.28 84.41
N SER A 599 57.11 -55.97 84.01
CA SER A 599 55.93 -56.64 84.56
C SER A 599 54.75 -56.50 83.60
N ASP A 600 53.56 -56.85 84.09
CA ASP A 600 52.35 -56.84 83.28
C ASP A 600 51.61 -55.51 83.46
N VAL A 601 52.32 -54.43 83.15
CA VAL A 601 51.74 -53.08 83.13
C VAL A 601 50.96 -52.92 81.84
N VAL A 602 49.71 -52.46 81.95
CA VAL A 602 48.90 -52.16 80.78
C VAL A 602 48.53 -50.68 80.80
N GLU A 603 48.44 -50.11 79.60
CA GLU A 603 48.10 -48.69 79.46
C GLU A 603 47.22 -48.50 78.24
N ASN A 604 46.16 -47.72 78.41
CA ASN A 604 45.26 -47.33 77.34
C ASN A 604 45.49 -45.85 77.05
N ASN A 605 45.72 -45.52 75.79
CA ASN A 605 45.94 -44.14 75.38
C ASN A 605 44.66 -43.33 75.30
N PHE A 606 43.51 -44.00 75.26
CA PHE A 606 42.23 -43.34 75.03
C PHE A 606 41.60 -42.94 76.36
N THR A 607 42.04 -41.79 76.88
CA THR A 607 41.22 -41.10 77.85
C THR A 607 40.13 -40.32 77.10
N LEU A 608 39.21 -39.71 77.86
CA LEU A 608 38.10 -39.01 77.23
C LEU A 608 38.57 -37.77 76.50
N LEU A 609 39.64 -37.14 76.99
CA LEU A 609 40.14 -35.94 76.36
C LEU A 609 40.99 -36.27 75.14
N ASN A 610 41.54 -37.49 75.07
CA ASN A 610 42.19 -37.92 73.84
C ASN A 610 41.17 -38.43 72.83
N SER A 611 39.99 -38.85 73.31
CA SER A 611 38.99 -39.39 72.39
C SER A 611 38.27 -38.28 71.66
N PHE A 612 38.05 -37.14 72.33
CA PHE A 612 37.53 -35.96 71.64
C PHE A 612 38.54 -35.43 70.63
N TRP A 613 39.82 -35.53 70.95
CA TRP A 613 40.86 -34.95 70.11
C TRP A 613 41.07 -35.76 68.84
N PHE A 614 40.63 -37.01 68.82
CA PHE A 614 40.64 -37.75 67.57
C PHE A 614 39.46 -37.34 66.70
N GLY A 615 38.32 -37.08 67.32
CA GLY A 615 37.14 -36.70 66.55
C GLY A 615 37.19 -35.27 66.08
N VAL A 616 37.91 -34.43 66.82
CA VAL A 616 38.10 -33.04 66.39
C VAL A 616 39.29 -32.92 65.46
N GLY A 617 40.33 -33.73 65.69
CA GLY A 617 41.51 -33.66 64.83
C GLY A 617 41.28 -34.20 63.45
N ALA A 618 40.42 -35.21 63.33
CA ALA A 618 40.12 -35.79 62.03
C ALA A 618 38.99 -35.07 61.32
N LEU A 619 38.25 -34.23 62.03
CA LEU A 619 37.20 -33.45 61.40
C LEU A 619 37.78 -32.29 60.60
N MET A 620 38.93 -31.80 61.00
CA MET A 620 39.52 -30.64 60.35
C MET A 620 40.83 -30.98 59.63
N GLN A 621 40.96 -32.20 59.14
CA GLN A 621 41.94 -32.71 58.20
C GLN A 621 43.36 -32.77 58.78
N GLN A 622 43.57 -32.45 60.05
CA GLN A 622 44.93 -32.31 60.56
C GLN A 622 45.47 -33.56 61.22
N GLY A 623 44.62 -34.45 61.68
CA GLY A 623 45.12 -35.67 62.29
C GLY A 623 45.60 -35.50 63.73
N SER A 624 45.59 -36.58 64.50
CA SER A 624 45.89 -36.47 65.92
C SER A 624 47.14 -37.25 66.29
N GLU A 625 47.51 -37.18 67.58
CA GLU A 625 48.72 -37.80 68.06
C GLU A 625 48.48 -39.29 68.20
N LEU A 626 47.27 -39.72 68.58
CA LEU A 626 47.01 -41.13 68.81
C LEU A 626 46.31 -41.77 67.63
N MET A 627 46.51 -43.06 67.45
CA MET A 627 45.93 -43.77 66.32
C MET A 627 45.40 -45.09 66.84
N PRO A 628 44.20 -45.54 66.42
CA PRO A 628 43.63 -46.77 66.98
C PRO A 628 44.44 -48.01 66.64
N LYS A 629 44.46 -48.98 67.56
CA LYS A 629 45.24 -50.19 67.32
C LYS A 629 44.40 -51.45 67.25
N ALA A 630 43.33 -51.58 68.03
CA ALA A 630 42.43 -52.72 67.96
C ALA A 630 41.50 -52.55 66.78
N LEU A 631 41.05 -53.67 66.21
CA LEU A 631 40.16 -53.63 65.05
C LEU A 631 38.79 -53.04 65.39
N SER A 632 38.39 -53.10 66.66
CA SER A 632 37.10 -52.55 67.06
C SER A 632 37.15 -51.02 67.10
N THR A 633 38.34 -50.45 67.20
CA THR A 633 38.46 -49.00 67.21
C THR A 633 39.01 -48.47 65.90
N ARG A 634 39.47 -49.34 65.00
CA ARG A 634 39.86 -48.88 63.68
C ARG A 634 38.65 -48.73 62.78
N ILE A 635 37.49 -49.23 63.21
CA ILE A 635 36.29 -49.12 62.40
C ILE A 635 35.51 -47.87 62.79
N VAL A 636 35.60 -47.47 64.06
CA VAL A 636 35.13 -46.14 64.45
C VAL A 636 36.01 -45.08 63.82
N GLY A 637 37.32 -45.27 63.89
CA GLY A 637 38.25 -44.33 63.31
C GLY A 637 38.26 -44.37 61.80
N GLY A 638 37.92 -45.52 61.23
CA GLY A 638 37.93 -45.62 59.78
C GLY A 638 36.69 -45.05 59.14
N ILE A 639 35.59 -44.94 59.90
CA ILE A 639 34.35 -44.46 59.32
C ILE A 639 34.13 -43.00 59.71
N TRP A 640 34.88 -42.51 60.71
CA TRP A 640 34.86 -41.09 60.99
C TRP A 640 35.74 -40.33 59.99
N TRP A 641 36.72 -41.02 59.43
CA TRP A 641 37.50 -40.42 58.35
C TRP A 641 36.69 -40.30 57.08
N PHE A 642 35.83 -41.29 56.79
CA PHE A 642 35.02 -41.21 55.59
C PHE A 642 33.86 -40.25 55.77
N PHE A 643 33.39 -40.09 57.02
CA PHE A 643 32.42 -39.04 57.31
C PHE A 643 33.01 -37.66 57.02
N THR A 644 34.17 -37.37 57.60
CA THR A 644 34.73 -36.03 57.49
C THR A 644 35.49 -35.84 56.19
N LEU A 645 35.54 -36.86 55.34
CA LEU A 645 36.06 -36.65 54.00
C LEU A 645 34.96 -36.05 53.13
N ILE A 646 33.72 -36.47 53.36
CA ILE A 646 32.64 -36.06 52.48
C ILE A 646 32.02 -34.75 52.97
N ILE A 647 32.04 -34.52 54.29
CA ILE A 647 31.57 -33.24 54.83
C ILE A 647 32.47 -32.10 54.39
N ILE A 648 33.79 -32.31 54.41
CA ILE A 648 34.71 -31.28 53.94
C ILE A 648 34.62 -31.13 52.43
N SER A 649 34.41 -32.23 51.71
CA SER A 649 34.30 -32.14 50.25
C SER A 649 32.97 -31.53 49.82
N SER A 650 31.94 -31.63 50.67
CA SER A 650 30.66 -31.02 50.32
C SER A 650 30.65 -29.55 50.69
N TYR A 651 31.37 -29.20 51.76
CA TYR A 651 31.53 -27.79 52.14
C TYR A 651 32.31 -27.00 51.09
N THR A 652 33.51 -27.45 50.74
CA THR A 652 34.35 -26.69 49.84
C THR A 652 33.91 -26.75 48.38
N ALA A 653 32.97 -27.61 48.03
CA ALA A 653 32.43 -27.61 46.69
C ALA A 653 31.17 -26.76 46.57
N ASN A 654 30.46 -26.54 47.67
CA ASN A 654 29.35 -25.60 47.66
C ASN A 654 29.77 -24.20 48.07
N LEU A 655 30.93 -24.06 48.73
CA LEU A 655 31.43 -22.72 49.02
C LEU A 655 31.92 -22.04 47.75
N ALA A 656 32.25 -22.81 46.72
CA ALA A 656 32.56 -22.24 45.41
C ALA A 656 31.33 -21.60 44.79
N ALA A 657 30.15 -22.14 45.10
CA ALA A 657 28.92 -21.64 44.49
C ALA A 657 28.44 -20.35 45.14
N PHE A 658 28.69 -20.20 46.45
CA PHE A 658 28.22 -18.99 47.11
C PHE A 658 29.12 -17.79 46.86
N LEU A 659 30.37 -18.02 46.45
CA LEU A 659 31.28 -16.91 46.23
C LEU A 659 31.22 -16.36 44.81
N THR A 660 30.55 -17.08 43.89
CA THR A 660 30.52 -16.69 42.49
C THR A 660 29.10 -16.67 41.92
N VAL A 661 28.15 -16.02 42.58
CA VAL A 661 26.79 -16.08 42.04
C VAL A 661 26.49 -14.92 41.08
N GLU A 662 26.24 -13.70 41.58
CA GLU A 662 26.04 -12.42 40.89
C GLU A 662 25.66 -11.37 41.93
N ARG A 663 25.67 -10.08 41.57
CA ARG A 663 25.32 -9.03 42.54
C ARG A 663 23.85 -9.09 42.93
N MET A 664 22.98 -8.62 42.02
CA MET A 664 21.52 -8.79 41.93
C MET A 664 21.16 -8.29 40.54
N GLU A 665 20.52 -9.13 39.73
CA GLU A 665 20.14 -8.75 38.38
C GLU A 665 18.68 -8.30 38.42
N SER A 666 18.37 -7.25 37.67
CA SER A 666 17.02 -6.74 37.54
C SER A 666 16.20 -7.75 36.75
N PRO A 667 14.89 -7.86 37.00
CA PRO A 667 14.08 -8.80 36.20
C PRO A 667 13.87 -8.35 34.76
N ILE A 668 14.19 -7.11 34.45
CA ILE A 668 14.15 -6.60 33.08
C ILE A 668 15.54 -6.10 32.71
N ASP A 669 15.85 -6.22 31.43
CA ASP A 669 17.14 -5.78 30.92
C ASP A 669 16.91 -5.11 29.56
N SER A 670 15.65 -5.04 29.15
CA SER A 670 15.31 -4.49 27.84
C SER A 670 13.87 -4.00 27.84
N ALA A 671 13.34 -3.70 26.66
CA ALA A 671 11.93 -3.31 26.57
C ALA A 671 11.04 -4.53 26.39
N ASP A 672 11.51 -5.54 25.67
CA ASP A 672 10.69 -6.74 25.48
C ASP A 672 10.69 -7.61 26.73
N ASP A 673 11.67 -7.42 27.61
CA ASP A 673 11.63 -8.07 28.92
C ASP A 673 10.53 -7.48 29.78
N LEU A 674 10.26 -6.18 29.61
CA LEU A 674 9.17 -5.55 30.34
C LEU A 674 7.88 -5.60 29.53
N ALA A 675 7.94 -6.05 28.28
CA ALA A 675 6.74 -6.33 27.50
C ALA A 675 6.10 -7.65 27.88
N LYS A 676 6.92 -8.63 28.27
CA LYS A 676 6.39 -9.92 28.71
C LYS A 676 5.99 -9.87 30.18
N GLN A 677 6.89 -9.38 31.03
CA GLN A 677 6.66 -9.33 32.46
C GLN A 677 5.67 -8.22 32.82
N THR A 678 4.40 -8.58 32.98
CA THR A 678 3.36 -7.64 33.35
C THR A 678 3.21 -7.47 34.85
N LYS A 679 4.24 -7.82 35.62
CA LYS A 679 4.25 -7.57 37.06
C LYS A 679 4.73 -6.15 37.38
N ILE A 680 5.75 -5.67 36.69
CA ILE A 680 6.23 -4.31 36.85
C ILE A 680 5.50 -3.45 35.82
N GLU A 681 4.87 -2.37 36.27
CA GLU A 681 3.99 -1.60 35.41
C GLU A 681 4.78 -0.50 34.70
N TYR A 682 4.33 -0.18 33.48
CA TYR A 682 4.86 0.84 32.59
C TYR A 682 4.72 2.25 33.13
N GLY A 683 5.25 3.23 32.41
CA GLY A 683 5.01 4.63 32.70
C GLY A 683 5.46 5.53 31.56
N ALA A 684 4.94 6.75 31.55
CA ALA A 684 5.34 7.81 30.62
C ALA A 684 4.81 9.12 31.16
N VAL A 685 4.84 10.18 30.36
CA VAL A 685 4.23 11.45 30.76
C VAL A 685 3.05 11.68 29.81
N GLU A 686 1.93 12.17 30.36
CA GLU A 686 0.75 12.50 29.58
C GLU A 686 1.07 13.63 28.61
N ASP A 687 0.82 13.37 27.31
CA ASP A 687 1.10 14.27 26.20
C ASP A 687 2.56 14.71 26.14
N GLY A 688 3.46 13.74 26.06
CA GLY A 688 4.85 14.02 25.74
C GLY A 688 5.16 13.38 24.42
N ALA A 689 6.45 13.33 24.07
CA ALA A 689 6.83 12.61 22.86
C ALA A 689 7.18 11.17 23.15
N THR A 690 7.05 10.73 24.40
CA THR A 690 7.28 9.32 24.72
C THR A 690 6.05 8.48 24.42
N MET A 691 4.89 8.88 24.95
CA MET A 691 3.65 8.17 24.66
C MET A 691 3.24 8.34 23.20
N THR A 692 3.64 9.44 22.57
CA THR A 692 3.33 9.66 21.17
C THR A 692 4.15 8.73 20.28
N PHE A 693 5.30 8.26 20.79
CA PHE A 693 6.08 7.27 20.07
C PHE A 693 5.38 5.91 20.05
N PHE A 694 4.78 5.53 21.18
CA PHE A 694 4.13 4.22 21.25
C PHE A 694 2.75 4.26 20.59
N LYS A 695 2.14 5.43 20.55
CA LYS A 695 0.81 5.56 19.97
C LYS A 695 0.86 5.40 18.45
N LYS A 696 2.01 5.69 17.84
CA LYS A 696 2.14 5.56 16.40
C LYS A 696 2.98 4.36 16.00
N SER A 697 3.49 3.58 16.95
CA SER A 697 4.34 2.45 16.60
C SER A 697 3.53 1.20 16.29
N LYS A 698 4.08 0.31 15.48
CA LYS A 698 3.41 -0.94 15.15
C LYS A 698 4.41 -2.09 15.07
N ILE A 699 5.52 -1.97 15.81
CA ILE A 699 6.67 -2.86 15.66
C ILE A 699 6.43 -4.17 16.40
N SER A 700 5.31 -4.24 17.12
CA SER A 700 4.72 -5.39 17.83
C SER A 700 5.48 -5.77 19.09
N THR A 701 6.59 -5.09 19.37
CA THR A 701 7.12 -5.06 20.73
C THR A 701 6.62 -3.81 21.43
N TYR A 702 6.59 -2.69 20.71
CA TYR A 702 6.17 -1.43 21.31
C TYR A 702 4.66 -1.28 21.19
N ASP A 703 4.03 -2.11 20.36
CA ASP A 703 2.57 -2.12 20.25
C ASP A 703 1.96 -2.71 21.52
N LYS A 704 2.58 -3.77 22.05
CA LYS A 704 2.15 -4.32 23.34
C LYS A 704 2.44 -3.35 24.47
N MET A 705 3.47 -2.51 24.32
CA MET A 705 3.83 -1.57 25.37
C MET A 705 2.84 -0.41 25.43
N TRP A 706 2.07 -0.21 24.36
CA TRP A 706 0.98 0.75 24.42
C TRP A 706 -0.35 0.04 24.67
N ALA A 707 -0.39 -1.27 24.44
CA ALA A 707 -1.59 -2.04 24.74
C ALA A 707 -1.83 -2.14 26.25
N PHE A 708 -0.76 -2.09 27.04
CA PHE A 708 -0.93 -1.97 28.48
C PHE A 708 -1.35 -0.56 28.85
N MET A 709 -0.74 0.44 28.21
CA MET A 709 -0.92 1.82 28.63
C MET A 709 -2.29 2.34 28.23
N SER A 710 -2.86 1.83 27.13
CA SER A 710 -4.19 2.27 26.71
C SER A 710 -5.27 1.73 27.64
N SER A 711 -4.99 0.62 28.31
CA SER A 711 -5.90 0.06 29.28
C SER A 711 -5.94 0.89 30.56
N ARG A 712 -4.76 1.15 31.13
CA ARG A 712 -4.63 1.79 32.43
C ARG A 712 -4.22 3.26 32.33
N ARG A 713 -4.80 4.01 31.38
CA ARG A 713 -4.35 5.35 31.05
C ARG A 713 -4.88 6.38 32.05
N GLN A 714 -4.74 6.10 33.35
CA GLN A 714 -4.96 7.14 34.35
C GLN A 714 -3.93 7.00 35.46
N SER A 715 -3.40 5.78 35.63
CA SER A 715 -2.56 5.45 36.77
C SER A 715 -1.09 5.28 36.41
N VAL A 716 -0.80 4.65 35.27
CA VAL A 716 0.59 4.45 34.90
C VAL A 716 1.18 5.73 34.32
N LEU A 717 0.33 6.62 33.83
CA LEU A 717 0.85 7.81 33.17
C LEU A 717 0.82 9.02 34.10
N VAL A 718 1.98 9.42 34.61
CA VAL A 718 2.10 10.60 35.45
C VAL A 718 2.11 11.83 34.55
N LYS A 719 2.03 13.02 35.14
CA LYS A 719 2.25 14.21 34.31
C LYS A 719 3.30 15.15 34.89
N SER A 720 4.56 14.71 34.76
CA SER A 720 5.81 15.41 35.04
C SER A 720 6.97 14.47 34.76
N ASN A 721 8.20 14.96 34.76
CA ASN A 721 9.31 14.04 34.99
C ASN A 721 9.54 13.83 36.48
N GLU A 722 8.98 14.69 37.33
CA GLU A 722 9.17 14.56 38.77
C GLU A 722 8.35 13.40 39.34
N GLU A 723 7.09 13.28 38.90
CA GLU A 723 6.26 12.19 39.40
C GLU A 723 6.65 10.87 38.76
N GLY A 724 7.43 10.91 37.68
CA GLY A 724 8.05 9.70 37.19
C GLY A 724 9.19 9.23 38.08
N ILE A 725 9.85 10.17 38.74
CA ILE A 725 10.94 9.81 39.65
C ILE A 725 10.39 9.24 40.94
N GLN A 726 9.38 9.91 41.51
CA GLN A 726 8.90 9.56 42.84
C GLN A 726 8.18 8.22 42.86
N ARG A 727 7.42 7.93 41.81
CA ARG A 727 6.67 6.67 41.81
C ARG A 727 7.56 5.49 41.45
N VAL A 728 8.75 5.74 40.91
CA VAL A 728 9.72 4.64 40.84
C VAL A 728 10.31 4.40 42.22
N LEU A 729 10.70 5.46 42.92
CA LEU A 729 11.30 5.37 44.25
C LEU A 729 10.39 4.74 45.29
N THR A 730 9.07 4.88 45.15
CA THR A 730 8.13 4.34 46.12
C THR A 730 7.45 3.07 45.63
N SER A 731 6.82 3.10 44.46
CA SER A 731 6.05 1.97 43.97
C SER A 731 6.93 1.04 43.15
N ASP A 732 6.33 0.07 42.49
CA ASP A 732 7.01 -0.88 41.60
C ASP A 732 6.67 -0.45 40.17
N TYR A 733 7.55 0.36 39.59
CA TYR A 733 7.21 1.22 38.47
C TYR A 733 8.47 1.45 37.63
N ALA A 734 8.30 1.42 36.31
CA ALA A 734 9.40 1.31 35.36
C ALA A 734 9.33 2.44 34.35
N PHE A 735 9.29 3.67 34.87
CA PHE A 735 9.03 4.91 34.13
C PHE A 735 9.97 5.11 32.94
N LEU A 736 9.42 5.60 31.83
CA LEU A 736 10.18 5.79 30.59
C LEU A 736 10.46 7.27 30.38
N MET A 737 11.70 7.66 30.65
CA MET A 737 12.14 9.04 30.64
C MET A 737 13.07 9.25 29.44
N GLU A 738 13.25 10.52 29.05
CA GLU A 738 14.21 10.86 28.01
C GLU A 738 15.62 10.74 28.56
N SER A 739 16.55 10.24 27.74
CA SER A 739 17.84 9.77 28.24
C SER A 739 18.74 10.88 28.75
N THR A 740 18.43 12.14 28.46
CA THR A 740 19.28 13.22 28.95
C THR A 740 18.83 13.68 30.32
N THR A 741 17.71 13.13 30.80
CA THR A 741 17.29 13.43 32.17
C THR A 741 17.61 12.26 33.09
N ILE A 742 17.63 11.04 32.53
CA ILE A 742 18.09 9.87 33.28
C ILE A 742 19.55 10.02 33.69
N GLU A 743 20.37 10.65 32.83
CA GLU A 743 21.76 10.89 33.17
C GLU A 743 21.90 11.96 34.24
N PHE A 744 20.85 12.76 34.44
CA PHE A 744 20.88 13.72 35.53
C PHE A 744 20.32 13.11 36.81
N VAL A 745 19.34 12.22 36.68
CA VAL A 745 18.72 11.61 37.86
C VAL A 745 19.61 10.53 38.44
N THR A 746 20.16 9.65 37.60
CA THR A 746 20.96 8.55 38.10
C THR A 746 22.37 8.95 38.51
N GLN A 747 22.68 10.25 38.52
CA GLN A 747 23.95 10.72 39.05
C GLN A 747 23.78 11.62 40.26
N ARG A 748 22.55 11.93 40.64
CA ARG A 748 22.25 12.57 41.91
C ARG A 748 21.39 11.71 42.81
N ASN A 749 20.94 10.56 42.32
CA ASN A 749 20.14 9.64 43.13
C ASN A 749 20.64 8.23 42.77
N CYS A 750 21.63 7.75 43.52
CA CYS A 750 22.40 6.58 43.11
C CYS A 750 21.69 5.26 43.39
N ASN A 751 20.44 5.34 43.87
CA ASN A 751 19.60 4.16 44.04
C ASN A 751 18.72 3.87 42.83
N LEU A 752 18.88 4.62 41.75
CA LEU A 752 18.15 4.44 40.51
C LEU A 752 19.12 4.06 39.39
N THR A 753 18.56 3.58 38.27
CA THR A 753 19.40 3.15 37.18
C THR A 753 18.72 3.29 35.82
N GLN A 754 19.45 2.97 34.76
CA GLN A 754 18.92 3.01 33.40
C GLN A 754 18.96 1.58 32.87
N ILE A 755 17.79 1.01 32.58
CA ILE A 755 17.70 -0.42 32.33
C ILE A 755 18.22 -0.80 30.96
N GLY A 756 17.55 -0.34 29.91
CA GLY A 756 17.83 -0.78 28.57
C GLY A 756 18.71 0.19 27.82
N GLY A 757 18.85 -0.07 26.53
CA GLY A 757 19.49 0.85 25.62
C GLY A 757 18.51 1.93 25.23
N LEU A 758 18.93 2.83 24.35
CA LEU A 758 18.02 3.85 23.86
C LEU A 758 17.02 3.22 22.90
N ILE A 759 15.73 3.43 23.17
CA ILE A 759 14.68 2.88 22.32
C ILE A 759 14.71 3.55 20.95
N ASP A 760 14.68 4.88 20.91
CA ASP A 760 14.82 5.62 19.68
C ASP A 760 15.95 6.63 19.82
N SER A 761 16.09 7.47 18.80
CA SER A 761 16.99 8.61 18.85
C SER A 761 16.23 9.84 18.42
N LYS A 762 16.38 10.91 19.19
CA LYS A 762 15.75 12.19 18.89
C LYS A 762 16.73 13.27 19.28
N GLY A 763 16.25 14.49 19.42
CA GLY A 763 17.13 15.56 19.81
C GLY A 763 16.35 16.81 20.10
N TYR A 764 17.00 17.78 20.73
CA TYR A 764 16.35 19.04 21.05
C TYR A 764 16.38 20.03 19.90
N GLY A 765 16.12 21.28 20.19
CA GLY A 765 16.21 22.29 19.17
C GLY A 765 15.52 23.55 19.59
N VAL A 766 16.13 24.70 19.29
CA VAL A 766 15.51 25.98 19.55
C VAL A 766 14.41 26.15 18.52
N GLY A 767 13.17 25.90 18.92
CA GLY A 767 12.06 25.93 18.00
C GLY A 767 11.66 27.32 17.60
N THR A 768 11.44 27.53 16.31
CA THR A 768 11.07 28.81 15.74
C THR A 768 9.73 28.62 15.03
N PRO A 769 8.96 29.73 14.84
CA PRO A 769 7.70 29.61 14.07
C PRO A 769 7.89 29.20 12.63
N MET A 770 6.79 28.84 11.96
CA MET A 770 6.86 28.30 10.61
C MET A 770 7.29 29.37 9.63
N GLY A 771 8.45 29.19 9.03
CA GLY A 771 9.00 30.17 8.10
C GLY A 771 9.74 31.31 8.75
N SER A 772 10.19 31.15 9.99
CA SER A 772 10.94 32.18 10.69
C SER A 772 12.34 32.28 10.09
N PRO A 773 12.96 33.46 10.08
CA PRO A 773 14.32 33.56 9.54
C PRO A 773 15.37 32.97 10.48
N TYR A 774 15.04 32.86 11.77
CA TYR A 774 16.01 32.36 12.74
C TYR A 774 16.10 30.85 12.80
N ARG A 775 15.59 30.13 11.81
CA ARG A 775 15.90 28.70 11.72
C ARG A 775 17.34 28.54 11.24
N ASP A 776 17.84 29.51 10.47
CA ASP A 776 19.17 29.38 9.90
C ASP A 776 20.22 30.08 10.73
N LYS A 777 19.90 31.23 11.32
CA LYS A 777 20.92 31.97 12.06
C LYS A 777 21.22 31.34 13.42
N ILE A 778 20.40 30.39 13.86
CA ILE A 778 20.68 29.73 15.13
C ILE A 778 21.45 28.44 14.91
N THR A 779 21.14 27.71 13.83
CA THR A 779 21.90 26.50 13.56
C THR A 779 23.31 26.80 13.07
N ILE A 780 23.56 28.03 12.61
CA ILE A 780 24.95 28.45 12.44
C ILE A 780 25.59 28.63 13.81
N ALA A 781 24.84 29.09 14.79
CA ALA A 781 25.43 29.35 16.10
C ALA A 781 25.25 28.17 17.04
N ILE A 782 24.66 27.07 16.58
CA ILE A 782 24.75 25.82 17.33
C ILE A 782 25.92 24.99 16.83
N LEU A 783 26.10 24.92 15.51
CA LEU A 783 27.23 24.20 14.94
C LEU A 783 28.55 24.89 15.26
N GLN A 784 28.52 26.21 15.42
CA GLN A 784 29.71 26.90 15.88
C GLN A 784 30.02 26.57 17.34
N LEU A 785 29.00 26.56 18.21
CA LEU A 785 29.24 26.25 19.61
C LEU A 785 29.52 24.78 19.86
N GLN A 786 29.31 23.92 18.87
CA GLN A 786 29.56 22.51 19.08
C GLN A 786 31.00 22.17 18.71
N GLU A 787 31.60 22.87 17.75
CA GLU A 787 32.97 22.58 17.37
C GLU A 787 33.95 23.31 18.28
N GLU A 788 33.49 24.37 18.92
CA GLU A 788 34.29 25.05 19.92
C GLU A 788 34.23 24.38 21.26
N GLY A 789 33.51 23.26 21.39
CA GLY A 789 33.39 22.56 22.63
C GLY A 789 32.48 23.20 23.65
N LYS A 790 31.76 24.26 23.29
CA LYS A 790 30.91 24.96 24.25
C LYS A 790 29.70 24.11 24.64
N LEU A 791 29.16 23.34 23.70
CA LEU A 791 27.97 22.53 24.03
C LEU A 791 28.35 21.27 24.79
N HIS A 792 29.63 21.05 25.05
CA HIS A 792 30.01 19.96 25.94
C HIS A 792 30.50 20.50 27.28
N MET A 793 31.00 21.72 27.31
CA MET A 793 31.35 22.34 28.59
C MET A 793 30.11 22.67 29.39
N MET A 794 29.01 23.00 28.70
CA MET A 794 27.78 23.34 29.41
C MET A 794 27.06 22.09 29.89
N LYS A 795 27.08 21.02 29.09
CA LYS A 795 26.49 19.75 29.53
C LYS A 795 27.25 19.19 30.72
N GLU A 796 28.57 19.37 30.73
CA GLU A 796 29.38 18.85 31.82
C GLU A 796 29.20 19.69 33.08
N LYS A 797 28.93 20.99 32.91
CA LYS A 797 28.79 21.89 34.04
C LYS A 797 27.47 21.66 34.76
N TRP A 798 26.46 21.13 34.07
CA TRP A 798 25.16 20.94 34.68
C TRP A 798 24.81 19.49 34.98
N TRP A 799 25.22 18.54 34.15
CA TRP A 799 25.02 17.12 34.39
C TRP A 799 26.16 16.47 35.15
N ARG A 800 26.89 17.22 35.99
CA ARG A 800 28.04 16.65 36.68
C ARG A 800 27.58 15.78 37.84
N GLY A 801 26.41 16.09 38.40
CA GLY A 801 25.88 15.38 39.55
C GLY A 801 26.75 15.46 40.78
N ASN A 802 26.74 14.39 41.58
CA ASN A 802 27.61 14.25 42.73
C ASN A 802 28.36 12.92 42.71
N GLY A 803 28.14 12.12 41.67
CA GLY A 803 28.83 10.85 41.53
C GLY A 803 28.15 9.71 42.25
N CYS A 804 28.21 8.52 41.65
CA CYS A 804 27.74 7.30 42.28
C CYS A 804 28.95 6.41 42.52
N PRO A 805 28.98 5.64 43.64
CA PRO A 805 30.23 5.01 44.08
C PRO A 805 30.87 4.01 43.13
N GLU A 806 30.19 2.90 42.82
CA GLU A 806 30.79 1.84 42.02
C GLU A 806 29.72 1.15 41.19
N GLU A 807 30.15 0.54 40.09
CA GLU A 807 29.50 -0.60 39.47
C GLU A 807 30.50 -1.75 39.43
N GLU A 808 30.53 -2.55 40.51
CA GLU A 808 31.75 -2.96 41.22
C GLU A 808 32.91 -3.40 40.35
N SER A 809 32.86 -4.60 39.79
CA SER A 809 33.47 -4.90 38.51
C SER A 809 32.64 -5.95 37.80
N LYS A 810 31.98 -6.78 38.62
CA LYS A 810 31.50 -8.12 38.25
C LYS A 810 32.53 -8.92 37.44
N GLU A 811 33.80 -8.82 37.85
CA GLU A 811 34.91 -9.52 37.20
C GLU A 811 35.93 -9.96 38.25
N ALA A 812 35.73 -11.20 38.75
CA ALA A 812 36.63 -11.89 39.66
C ALA A 812 36.85 -11.12 40.96
N SER A 813 35.82 -11.03 41.80
CA SER A 813 35.97 -10.38 43.09
C SER A 813 36.83 -11.22 44.04
N ALA A 814 37.78 -10.56 44.69
CA ALA A 814 38.69 -11.22 45.63
C ALA A 814 38.12 -11.16 47.04
N LEU A 815 38.43 -12.16 47.86
CA LEU A 815 37.88 -12.23 49.19
C LEU A 815 38.63 -11.29 50.13
N GLY A 816 37.86 -10.60 50.96
CA GLY A 816 38.48 -9.68 51.90
C GLY A 816 37.88 -9.87 53.27
N VAL A 817 37.95 -8.80 54.08
CA VAL A 817 37.47 -8.85 55.45
C VAL A 817 35.97 -8.64 55.53
N GLN A 818 35.32 -8.50 54.37
CA GLN A 818 33.86 -8.43 54.35
C GLN A 818 33.27 -9.77 53.94
N ASN A 819 34.07 -10.63 53.31
CA ASN A 819 33.59 -11.95 52.92
C ASN A 819 33.94 -13.03 53.93
N ILE A 820 35.23 -13.26 54.19
CA ILE A 820 35.60 -14.28 55.16
C ILE A 820 35.58 -13.67 56.56
N GLY A 821 36.39 -12.65 56.83
CA GLY A 821 36.06 -11.61 57.78
C GLY A 821 35.93 -11.99 59.25
N GLY A 822 34.98 -12.88 59.52
CA GLY A 822 34.69 -13.24 60.89
C GLY A 822 35.30 -14.55 61.31
N ILE A 823 36.19 -15.10 60.47
CA ILE A 823 37.02 -16.21 60.92
C ILE A 823 38.11 -15.68 61.84
N PHE A 824 38.39 -14.39 61.78
CA PHE A 824 39.31 -13.76 62.72
C PHE A 824 38.61 -13.48 64.04
N ILE A 825 37.26 -13.46 64.01
CA ILE A 825 36.51 -13.26 65.25
C ILE A 825 36.50 -14.55 66.07
N VAL A 826 36.23 -15.68 65.43
CA VAL A 826 36.18 -16.94 66.17
C VAL A 826 37.60 -17.41 66.50
N LEU A 827 38.60 -16.90 65.79
CA LEU A 827 39.98 -17.13 66.20
C LEU A 827 40.31 -16.32 67.45
N ALA A 828 39.87 -15.07 67.49
CA ALA A 828 40.15 -14.24 68.65
C ALA A 828 39.29 -14.66 69.84
N ALA A 829 38.07 -15.12 69.57
CA ALA A 829 37.20 -15.56 70.67
C ALA A 829 37.63 -16.92 71.20
N GLY A 830 38.33 -17.69 70.37
CA GLY A 830 38.81 -18.99 70.84
C GLY A 830 40.00 -18.87 71.76
N LEU A 831 40.85 -17.87 71.53
CA LEU A 831 42.05 -17.71 72.34
C LEU A 831 41.73 -17.07 73.68
N VAL A 832 40.65 -16.30 73.76
CA VAL A 832 40.20 -15.75 75.04
C VAL A 832 39.59 -16.86 75.88
N LEU A 833 38.94 -17.82 75.23
CA LEU A 833 38.46 -19.01 75.93
C LEU A 833 39.61 -19.83 76.50
N SER A 834 40.73 -19.89 75.80
CA SER A 834 41.83 -20.75 76.22
C SER A 834 42.56 -20.19 77.43
N VAL A 835 42.73 -18.86 77.48
CA VAL A 835 43.47 -18.26 78.59
C VAL A 835 42.63 -18.29 79.86
N PHE A 836 41.31 -18.45 79.73
CA PHE A 836 40.49 -18.66 80.91
C PHE A 836 40.66 -20.09 81.43
N VAL A 837 40.88 -21.04 80.53
CA VAL A 837 41.11 -22.42 80.95
C VAL A 837 42.54 -22.58 81.48
N ALA A 838 43.48 -21.80 80.93
CA ALA A 838 44.86 -21.87 81.41
C ALA A 838 44.99 -21.31 82.82
N VAL A 839 44.17 -20.32 83.18
CA VAL A 839 44.07 -19.90 84.56
C VAL A 839 43.32 -20.94 85.39
N GLY A 840 42.33 -21.59 84.77
CA GLY A 840 41.58 -22.62 85.46
C GLY A 840 42.41 -23.86 85.75
N GLU A 841 43.38 -24.16 84.89
CA GLU A 841 44.29 -25.26 85.19
C GLU A 841 45.38 -24.83 86.15
N PHE A 842 45.67 -23.52 86.18
CA PHE A 842 46.71 -23.02 87.08
C PHE A 842 46.21 -23.00 88.52
N LEU A 843 44.90 -22.88 88.71
CA LEU A 843 44.34 -22.85 90.05
C LEU A 843 43.95 -24.26 90.51
N TYR A 844 43.62 -25.14 89.57
CA TYR A 844 43.23 -26.50 89.94
C TYR A 844 44.45 -27.32 90.35
N LYS A 845 45.61 -27.03 89.78
CA LYS A 845 46.82 -27.70 90.22
C LYS A 845 47.28 -27.15 91.57
N SER A 846 47.08 -25.85 91.79
CA SER A 846 47.44 -25.27 93.07
C SER A 846 46.48 -25.72 94.18
N LYS A 847 45.29 -26.19 93.81
CA LYS A 847 44.42 -26.83 94.80
C LYS A 847 44.98 -28.20 95.17
N LYS A 848 45.56 -28.92 94.20
CA LYS A 848 46.21 -30.18 94.51
C LYS A 848 47.55 -29.95 95.19
N ASN A 849 48.18 -28.80 94.93
CA ASN A 849 49.37 -28.42 95.68
C ASN A 849 48.99 -28.01 97.11
N ALA A 850 47.77 -27.51 97.28
CA ALA A 850 47.28 -27.17 98.62
C ALA A 850 46.95 -28.43 99.42
N GLN A 851 46.66 -29.53 98.73
CA GLN A 851 46.31 -30.76 99.41
C GLN A 851 47.55 -31.45 99.98
N LEU A 852 48.69 -31.27 99.32
CA LEU A 852 49.92 -31.93 99.76
C LEU A 852 50.49 -31.17 100.95
N GLU A 853 50.77 -29.87 100.77
CA GLU A 853 51.15 -29.00 101.88
C GLU A 853 50.12 -27.87 101.93
N LYS A 854 49.71 -27.50 103.13
CA LYS A 854 48.64 -26.50 103.25
C LYS A 854 49.24 -25.10 103.25
N ARG A 855 49.40 -24.54 102.05
CA ARG A 855 49.78 -23.14 101.92
C ARG A 855 48.70 -22.38 101.17
N SER A 856 48.37 -22.86 99.97
CA SER A 856 47.17 -22.57 99.17
C SER A 856 47.11 -21.16 98.58
N PHE A 857 48.00 -20.27 99.02
CA PHE A 857 48.03 -18.90 98.49
C PHE A 857 49.37 -18.60 97.86
N CYS A 858 50.46 -18.89 98.58
CA CYS A 858 51.79 -18.73 98.02
C CYS A 858 52.29 -20.02 97.39
N SER A 859 51.51 -21.10 97.53
CA SER A 859 51.85 -22.33 96.80
C SER A 859 51.60 -22.16 95.32
N ALA A 860 50.61 -21.35 94.94
CA ALA A 860 50.45 -20.95 93.55
C ALA A 860 51.58 -20.02 93.12
N MET A 861 52.13 -19.26 94.08
CA MET A 861 53.24 -18.37 93.77
C MET A 861 54.52 -19.15 93.53
N VAL A 862 54.73 -20.23 94.29
CA VAL A 862 55.84 -21.14 94.03
C VAL A 862 55.63 -21.83 92.67
N GLU A 863 54.38 -22.14 92.36
CA GLU A 863 54.02 -22.62 91.02
C GLU A 863 54.23 -21.52 89.98
N GLU A 864 54.16 -20.25 90.38
CA GLU A 864 54.31 -19.15 89.44
C GLU A 864 55.77 -18.82 89.18
N LEU A 865 56.63 -19.03 90.19
CA LEU A 865 58.06 -18.79 90.02
C LEU A 865 58.69 -19.74 89.00
N ARG A 866 58.59 -21.05 89.24
CA ARG A 866 59.32 -22.03 88.43
C ARG A 866 58.77 -22.15 87.00
N MET A 867 57.63 -21.54 86.70
CA MET A 867 57.16 -21.43 85.33
C MET A 867 57.60 -20.13 84.66
N SER A 868 57.97 -19.11 85.44
CA SER A 868 58.34 -17.78 84.93
C SER A 868 59.83 -17.63 84.68
N LEU A 869 60.59 -18.72 84.55
CA LEU A 869 61.98 -18.66 84.11
C LEU A 869 62.13 -18.97 82.63
N LYS A 870 61.22 -18.46 81.79
CA LYS A 870 60.76 -18.99 80.48
C LYS A 870 61.80 -19.74 79.67
N CYS A 871 63.01 -19.20 79.57
CA CYS A 871 64.10 -19.93 78.93
C CYS A 871 64.75 -20.91 79.89
N GLN A 872 63.99 -21.89 80.37
CA GLN A 872 64.51 -22.81 81.37
C GLN A 872 64.63 -24.23 80.84
N ARG A 873 63.49 -24.82 80.45
CA ARG A 873 63.37 -26.24 80.05
C ARG A 873 64.06 -27.18 81.05
N ARG A 874 63.56 -27.21 82.29
CA ARG A 874 64.18 -27.92 83.41
C ARG A 874 64.41 -29.41 83.20
N THR B 33 -84.93 36.95 -17.04
CA THR B 33 -84.36 38.27 -17.32
C THR B 33 -84.09 38.48 -18.82
N HIS B 34 -83.08 39.26 -19.16
CA HIS B 34 -82.95 39.81 -20.50
C HIS B 34 -81.48 39.89 -20.88
N VAL B 35 -81.20 40.77 -21.85
CA VAL B 35 -79.99 40.90 -22.68
C VAL B 35 -78.67 40.69 -21.94
N LEU B 36 -78.51 41.34 -20.78
CA LEU B 36 -77.40 41.12 -19.84
C LEU B 36 -76.05 41.39 -20.50
N ARG B 37 -75.79 42.65 -20.83
CA ARG B 37 -74.63 43.03 -21.65
C ARG B 37 -73.30 42.84 -20.94
N PHE B 38 -72.39 42.12 -21.58
CA PHE B 38 -71.03 41.97 -21.07
C PHE B 38 -70.15 43.07 -21.67
N GLY B 39 -68.93 43.22 -21.14
CA GLY B 39 -68.03 44.24 -21.60
C GLY B 39 -66.68 43.66 -21.93
N GLY B 40 -66.18 44.03 -23.11
CA GLY B 40 -64.90 43.54 -23.57
C GLY B 40 -63.97 44.71 -23.84
N ILE B 41 -62.72 44.53 -23.42
CA ILE B 41 -61.67 45.52 -23.60
C ILE B 41 -60.47 44.84 -24.21
N PHE B 42 -60.23 45.06 -25.50
CA PHE B 42 -59.20 44.29 -26.19
C PHE B 42 -58.18 45.19 -26.87
N GLU B 43 -57.23 44.55 -27.57
CA GLU B 43 -56.07 45.23 -28.13
C GLU B 43 -56.39 46.01 -29.40
N TYR B 44 -55.35 46.57 -30.01
CA TYR B 44 -55.44 47.53 -31.11
C TYR B 44 -54.62 47.10 -32.32
N VAL B 45 -54.95 45.95 -32.91
CA VAL B 45 -54.25 45.28 -34.01
C VAL B 45 -53.90 46.21 -35.17
N GLU B 46 -54.76 47.20 -35.43
CA GLU B 46 -54.52 48.29 -36.39
C GLU B 46 -54.32 47.78 -37.81
N SER B 47 -55.44 47.42 -38.45
CA SER B 47 -55.58 46.88 -39.80
C SER B 47 -54.98 45.48 -39.90
N GLY B 48 -55.46 44.60 -39.04
CA GLY B 48 -55.31 43.18 -39.20
C GLY B 48 -56.63 42.54 -38.80
N PRO B 49 -56.65 41.22 -38.63
CA PRO B 49 -57.83 40.58 -38.05
C PRO B 49 -57.95 40.92 -36.57
N MET B 50 -59.12 40.67 -36.01
CA MET B 50 -59.36 40.92 -34.59
C MET B 50 -58.53 39.94 -33.75
N GLY B 51 -58.23 40.33 -32.51
CA GLY B 51 -57.33 39.56 -31.67
C GLY B 51 -57.86 38.18 -31.31
N ALA B 52 -56.93 37.33 -30.89
CA ALA B 52 -57.25 35.94 -30.58
C ALA B 52 -58.15 35.85 -29.35
N GLU B 53 -57.97 36.77 -28.40
CA GLU B 53 -58.87 36.81 -27.25
C GLU B 53 -60.22 37.39 -27.63
N GLU B 54 -60.23 38.35 -28.57
CA GLU B 54 -61.48 38.98 -28.97
C GLU B 54 -62.33 38.02 -29.80
N LEU B 55 -61.70 37.19 -30.63
CA LEU B 55 -62.42 36.09 -31.27
C LEU B 55 -62.91 35.09 -30.23
N ALA B 56 -62.09 34.81 -29.22
CA ALA B 56 -62.45 33.83 -28.20
C ALA B 56 -63.63 34.31 -27.36
N PHE B 57 -63.68 35.61 -27.08
CA PHE B 57 -64.81 36.17 -26.36
C PHE B 57 -66.05 36.18 -27.22
N ARG B 58 -65.90 36.46 -28.51
CA ARG B 58 -67.07 36.51 -29.38
C ARG B 58 -67.46 35.13 -29.87
N PHE B 59 -66.60 34.13 -29.70
CA PHE B 59 -66.99 32.75 -30.01
C PHE B 59 -67.81 32.17 -28.86
N ALA B 60 -67.47 32.54 -27.63
CA ALA B 60 -68.14 31.94 -26.47
C ALA B 60 -69.53 32.51 -26.29
N VAL B 61 -69.70 33.82 -26.55
CA VAL B 61 -71.01 34.45 -26.43
C VAL B 61 -71.95 33.91 -27.49
N ASN B 62 -71.45 33.75 -28.72
CA ASN B 62 -72.28 33.25 -29.81
C ASN B 62 -72.62 31.78 -29.63
N THR B 63 -71.78 31.04 -28.91
CA THR B 63 -72.05 29.64 -28.65
C THR B 63 -73.16 29.47 -27.63
N ILE B 64 -73.08 30.22 -26.53
CA ILE B 64 -74.04 30.08 -25.45
C ILE B 64 -75.39 30.69 -25.85
N ASN B 65 -75.38 31.67 -26.76
CA ASN B 65 -76.63 32.18 -27.31
C ASN B 65 -77.36 31.12 -28.13
N ARG B 66 -76.64 30.40 -28.99
CA ARG B 66 -77.28 29.39 -29.83
C ARG B 66 -77.44 28.04 -29.11
N ASN B 67 -76.75 27.84 -27.99
CA ASN B 67 -77.02 26.64 -27.22
C ASN B 67 -78.02 26.98 -26.13
N ARG B 68 -79.27 26.56 -26.30
CA ARG B 68 -80.35 26.93 -25.40
C ARG B 68 -80.36 26.07 -24.14
N THR B 69 -79.48 25.07 -24.06
CA THR B 69 -79.35 24.29 -22.84
C THR B 69 -78.76 25.11 -21.69
N LEU B 70 -77.60 25.72 -21.92
CA LEU B 70 -77.05 26.66 -20.95
C LEU B 70 -77.65 28.05 -21.19
N LEU B 71 -78.17 28.63 -20.10
CA LEU B 71 -78.87 29.92 -20.04
C LEU B 71 -80.04 29.97 -21.03
N PRO B 72 -81.15 29.27 -20.76
CA PRO B 72 -82.18 29.09 -21.80
C PRO B 72 -82.94 30.35 -22.21
N ASN B 73 -83.65 30.99 -21.30
CA ASN B 73 -84.42 32.19 -21.64
C ASN B 73 -83.67 33.44 -21.19
N THR B 74 -82.42 33.53 -21.64
CA THR B 74 -81.64 34.77 -21.68
C THR B 74 -80.97 34.83 -23.05
N THR B 75 -80.41 35.99 -23.40
CA THR B 75 -79.67 36.11 -24.65
C THR B 75 -78.54 37.12 -24.50
N LEU B 76 -77.31 36.64 -24.35
CA LEU B 76 -76.16 37.48 -24.02
C LEU B 76 -75.73 38.36 -25.19
N THR B 77 -75.21 39.54 -24.87
CA THR B 77 -74.72 40.49 -25.86
C THR B 77 -73.41 41.10 -25.39
N TYR B 78 -72.44 41.14 -26.29
CA TYR B 78 -71.09 41.61 -25.99
C TYR B 78 -70.94 43.07 -26.35
N ASP B 79 -69.92 43.70 -25.78
CA ASP B 79 -69.54 45.08 -26.10
C ASP B 79 -68.02 45.16 -26.00
N THR B 80 -67.35 45.15 -27.14
CA THR B 80 -65.90 45.11 -27.21
C THR B 80 -65.34 46.43 -27.69
N GLN B 81 -64.32 46.92 -26.98
CA GLN B 81 -63.69 48.19 -27.31
C GLN B 81 -62.18 48.03 -27.34
N LYS B 82 -61.51 48.98 -27.98
CA LYS B 82 -60.12 48.84 -28.39
C LYS B 82 -59.23 49.82 -27.63
N ILE B 83 -58.11 49.30 -27.13
CA ILE B 83 -57.11 50.12 -26.43
C ILE B 83 -55.69 49.74 -26.84
N ASN B 84 -54.74 50.62 -26.50
CA ASN B 84 -53.36 50.52 -26.98
C ASN B 84 -52.55 49.51 -26.19
N LEU B 85 -53.13 48.94 -25.11
CA LEU B 85 -52.52 48.03 -24.14
C LEU B 85 -51.41 48.66 -23.30
N TYR B 86 -51.11 49.94 -23.50
CA TYR B 86 -50.03 50.60 -22.79
C TYR B 86 -50.43 51.98 -22.28
N ASP B 87 -51.64 52.43 -22.61
CA ASP B 87 -52.14 53.72 -22.17
C ASP B 87 -53.31 53.42 -21.25
N SER B 88 -53.06 53.53 -19.94
CA SER B 88 -54.11 53.24 -18.96
C SER B 88 -55.18 54.32 -18.96
N PHE B 89 -54.84 55.51 -19.44
CA PHE B 89 -55.83 56.57 -19.61
C PHE B 89 -56.86 56.18 -20.66
N GLU B 90 -56.43 55.50 -21.72
CA GLU B 90 -57.38 54.94 -22.67
C GLU B 90 -58.14 53.79 -22.03
N ALA B 91 -57.46 53.00 -21.20
CA ALA B 91 -58.12 51.87 -20.55
C ALA B 91 -59.12 52.34 -19.50
N SER B 92 -58.85 53.51 -18.91
CA SER B 92 -59.76 54.03 -17.88
C SER B 92 -61.00 54.66 -18.51
N LYS B 93 -60.82 55.33 -19.65
CA LYS B 93 -61.96 55.95 -20.33
C LYS B 93 -62.88 54.88 -20.92
N LYS B 94 -62.30 53.90 -21.61
CA LYS B 94 -63.11 52.85 -22.22
C LYS B 94 -63.73 51.94 -21.17
N ALA B 95 -63.17 51.92 -19.96
CA ALA B 95 -63.89 51.33 -18.84
C ALA B 95 -65.11 52.17 -18.48
N CYS B 96 -64.90 53.47 -18.24
CA CYS B 96 -66.01 54.34 -17.84
C CYS B 96 -66.96 54.60 -19.01
N ASP B 97 -66.51 54.37 -20.24
CA ASP B 97 -67.45 54.38 -21.35
C ASP B 97 -68.35 53.16 -21.30
N GLN B 98 -67.77 51.98 -21.06
CA GLN B 98 -68.58 50.76 -20.98
C GLN B 98 -69.43 50.74 -19.72
N LEU B 99 -68.94 51.33 -18.63
CA LEU B 99 -69.76 51.47 -17.45
C LEU B 99 -70.89 52.46 -17.64
N SER B 100 -70.73 53.43 -18.55
CA SER B 100 -71.76 54.44 -18.79
C SER B 100 -73.01 53.87 -19.42
N LEU B 101 -72.88 53.13 -20.53
CA LEU B 101 -74.08 52.52 -21.11
C LEU B 101 -74.42 51.22 -20.41
N GLY B 102 -73.55 50.75 -19.52
CA GLY B 102 -73.88 49.61 -18.70
C GLY B 102 -73.31 48.31 -19.19
N VAL B 103 -72.54 47.65 -18.33
CA VAL B 103 -72.06 46.30 -18.57
C VAL B 103 -72.38 45.45 -17.35
N ALA B 104 -72.20 44.14 -17.47
CA ALA B 104 -72.43 43.25 -16.34
C ALA B 104 -71.12 42.64 -15.86
N ALA B 105 -70.07 42.77 -16.68
CA ALA B 105 -68.75 42.26 -16.37
C ALA B 105 -67.70 42.91 -17.27
N ILE B 106 -66.44 42.91 -16.82
CA ILE B 106 -65.32 43.39 -17.62
C ILE B 106 -64.32 42.26 -17.75
N PHE B 107 -64.08 41.83 -18.99
CA PHE B 107 -63.25 40.65 -19.23
C PHE B 107 -61.81 41.03 -19.57
N GLY B 108 -61.23 41.89 -18.73
CA GLY B 108 -59.80 42.09 -18.68
C GLY B 108 -59.23 42.94 -19.79
N PRO B 109 -58.30 43.82 -19.46
CA PRO B 109 -57.53 44.51 -20.50
C PRO B 109 -56.30 43.73 -20.92
N SER B 110 -56.05 42.61 -20.23
CA SER B 110 -55.04 41.60 -20.56
C SER B 110 -53.62 42.13 -20.60
N HIS B 111 -53.33 43.18 -19.85
CA HIS B 111 -51.97 43.70 -19.75
C HIS B 111 -51.73 44.40 -18.42
N SER B 112 -50.56 44.15 -17.82
CA SER B 112 -50.24 44.46 -16.43
C SER B 112 -50.40 45.93 -16.03
N SER B 113 -50.03 46.87 -16.90
CA SER B 113 -50.20 48.28 -16.58
C SER B 113 -51.65 48.70 -16.67
N SER B 114 -52.35 48.22 -17.70
CA SER B 114 -53.71 48.68 -17.93
C SER B 114 -54.71 47.91 -17.06
N ALA B 115 -54.37 46.68 -16.67
CA ALA B 115 -55.31 45.88 -15.90
C ALA B 115 -55.47 46.40 -14.48
N ASN B 116 -54.39 46.96 -13.92
CA ASN B 116 -54.45 47.48 -12.56
C ASN B 116 -55.33 48.71 -12.46
N ALA B 117 -55.34 49.54 -13.51
CA ALA B 117 -56.19 50.72 -13.52
C ALA B 117 -57.66 50.34 -13.63
N VAL B 118 -57.95 49.35 -14.48
CA VAL B 118 -59.34 48.96 -14.68
C VAL B 118 -59.82 48.10 -13.52
N GLN B 119 -58.88 47.47 -12.79
CA GLN B 119 -59.24 46.79 -11.55
C GLN B 119 -59.73 47.77 -10.50
N SER B 120 -59.06 48.91 -10.37
CA SER B 120 -59.43 49.90 -9.36
C SER B 120 -60.76 50.57 -9.70
N ILE B 121 -61.10 50.66 -10.99
CA ILE B 121 -62.38 51.24 -11.36
C ILE B 121 -63.51 50.27 -11.08
N CYS B 122 -63.30 48.99 -11.42
CA CYS B 122 -64.37 48.00 -11.25
C CYS B 122 -64.62 47.69 -9.77
N ASN B 123 -63.59 47.81 -8.94
CA ASN B 123 -63.82 47.66 -7.51
C ASN B 123 -64.58 48.84 -6.93
N ALA B 124 -64.24 50.06 -7.32
CA ALA B 124 -64.93 51.25 -6.84
C ALA B 124 -66.33 51.42 -7.43
N LEU B 125 -66.67 50.66 -8.47
CA LEU B 125 -68.01 50.71 -9.03
C LEU B 125 -68.77 49.40 -8.84
N GLY B 126 -68.19 48.43 -8.14
CA GLY B 126 -68.95 47.25 -7.79
C GLY B 126 -68.89 46.10 -8.78
N VAL B 127 -68.74 46.43 -10.06
CA VAL B 127 -68.81 45.47 -11.17
C VAL B 127 -67.62 44.52 -11.10
N PRO B 128 -67.82 43.22 -11.27
CA PRO B 128 -66.68 42.28 -11.29
C PRO B 128 -65.77 42.53 -12.47
N HIS B 129 -64.57 41.98 -12.37
CA HIS B 129 -63.51 42.21 -13.35
C HIS B 129 -62.78 40.90 -13.57
N ILE B 130 -63.23 40.13 -14.55
CA ILE B 130 -62.71 38.79 -14.81
C ILE B 130 -61.43 38.95 -15.61
N GLN B 131 -60.33 38.46 -15.08
CA GLN B 131 -59.05 38.57 -15.76
C GLN B 131 -58.66 37.24 -16.39
N THR B 132 -57.88 37.33 -17.48
CA THR B 132 -57.36 36.15 -18.14
C THR B 132 -55.84 36.17 -18.25
N ARG B 133 -55.23 37.29 -17.91
CA ARG B 133 -53.78 37.45 -18.03
C ARG B 133 -53.22 37.64 -16.63
N TRP B 134 -52.06 37.05 -16.39
CA TRP B 134 -51.35 37.20 -15.12
C TRP B 134 -50.91 38.65 -15.01
N LYS B 135 -51.25 39.29 -13.89
CA LYS B 135 -50.75 40.62 -13.58
C LYS B 135 -49.95 40.54 -12.28
N HIS B 136 -49.25 41.61 -11.97
CA HIS B 136 -48.60 41.70 -10.67
C HIS B 136 -49.62 42.02 -9.59
N GLN B 137 -49.75 41.13 -8.61
CA GLN B 137 -50.53 41.49 -7.42
C GLN B 137 -49.64 42.22 -6.43
N VAL B 138 -49.97 43.48 -6.14
CA VAL B 138 -49.31 44.20 -5.07
C VAL B 138 -49.87 43.62 -3.77
N SER B 139 -48.99 43.42 -2.78
CA SER B 139 -49.34 42.73 -1.54
C SER B 139 -50.43 43.43 -0.74
N ASP B 140 -50.42 44.75 -0.69
CA ASP B 140 -51.48 45.48 -0.01
C ASP B 140 -52.52 45.93 -1.03
N ASN B 141 -53.16 44.97 -1.70
CA ASN B 141 -54.11 45.31 -2.73
C ASN B 141 -55.46 45.77 -2.17
N LYS B 142 -55.96 45.06 -1.16
CA LYS B 142 -57.26 45.29 -0.52
C LYS B 142 -58.41 45.33 -1.51
N ASP B 143 -58.45 44.38 -2.43
CA ASP B 143 -59.44 44.35 -3.49
C ASP B 143 -60.11 42.99 -3.56
N SER B 144 -61.37 42.96 -3.98
CA SER B 144 -62.15 41.73 -3.97
C SER B 144 -62.97 41.49 -5.23
N PHE B 145 -63.12 42.49 -6.08
CA PHE B 145 -63.98 42.36 -7.26
C PHE B 145 -63.13 42.04 -8.47
N TYR B 146 -62.45 40.89 -8.43
CA TYR B 146 -61.67 40.39 -9.55
C TYR B 146 -61.45 38.89 -9.41
N VAL B 147 -61.56 38.15 -10.51
CA VAL B 147 -61.09 36.79 -10.58
C VAL B 147 -60.17 36.68 -11.80
N SER B 148 -59.17 35.82 -11.69
CA SER B 148 -58.22 35.62 -12.77
C SER B 148 -58.14 34.13 -13.10
N LEU B 149 -58.60 33.77 -14.29
CA LEU B 149 -58.64 32.38 -14.71
C LEU B 149 -57.29 31.89 -15.22
N TYR B 150 -56.29 32.76 -15.24
CA TYR B 150 -54.95 32.33 -15.60
C TYR B 150 -54.39 31.59 -14.39
N PRO B 151 -53.75 30.44 -14.56
CA PRO B 151 -53.22 29.72 -13.41
C PRO B 151 -52.07 30.46 -12.78
N ASP B 152 -52.16 30.74 -11.48
CA ASP B 152 -51.18 31.60 -10.84
C ASP B 152 -49.85 30.89 -10.67
N PHE B 153 -48.77 31.64 -10.87
CA PHE B 153 -47.42 31.08 -10.88
C PHE B 153 -46.96 30.55 -9.53
N SER B 154 -47.58 30.99 -8.42
CA SER B 154 -47.22 30.43 -7.12
C SER B 154 -47.65 28.97 -7.01
N SER B 155 -48.68 28.59 -7.77
CA SER B 155 -48.96 27.18 -7.96
C SER B 155 -48.04 26.58 -9.02
N LEU B 156 -47.70 27.37 -10.05
CA LEU B 156 -46.85 26.86 -11.11
C LEU B 156 -45.40 26.71 -10.68
N SER B 157 -44.85 27.67 -9.93
CA SER B 157 -43.43 27.60 -9.60
C SER B 157 -43.14 26.51 -8.59
N ARG B 158 -44.16 26.02 -7.89
CA ARG B 158 -43.99 24.78 -7.15
C ARG B 158 -43.90 23.59 -8.10
N ALA B 159 -44.65 23.64 -9.21
CA ALA B 159 -44.73 22.48 -10.09
C ALA B 159 -43.47 22.33 -10.94
N ILE B 160 -42.87 23.45 -11.37
CA ILE B 160 -41.52 23.40 -11.93
C ILE B 160 -40.52 22.88 -10.91
N LEU B 161 -40.68 23.28 -9.64
CA LEU B 161 -39.75 22.87 -8.62
C LEU B 161 -39.90 21.39 -8.28
N ASP B 162 -41.05 20.79 -8.59
CA ASP B 162 -41.20 19.37 -8.35
C ASP B 162 -40.65 18.55 -9.51
N LEU B 163 -40.54 19.15 -10.70
CA LEU B 163 -39.89 18.44 -11.79
C LEU B 163 -38.38 18.48 -11.68
N VAL B 164 -37.81 19.57 -11.17
CA VAL B 164 -36.36 19.65 -11.08
C VAL B 164 -35.81 18.79 -9.95
N GLN B 165 -36.67 18.26 -9.09
CA GLN B 165 -36.28 17.28 -8.10
C GLN B 165 -36.66 15.87 -8.50
N PHE B 166 -37.69 15.73 -9.35
CA PHE B 166 -37.97 14.43 -9.94
C PHE B 166 -36.88 14.03 -10.92
N PHE B 167 -36.32 14.99 -11.63
CA PHE B 167 -35.22 14.74 -12.54
C PHE B 167 -33.87 14.75 -11.86
N LYS B 168 -33.86 15.02 -10.55
CA LYS B 168 -32.67 14.95 -9.68
C LYS B 168 -31.57 15.89 -10.14
N TRP B 169 -31.89 17.16 -10.35
CA TRP B 169 -30.88 18.07 -10.84
C TRP B 169 -30.21 18.78 -9.68
N LYS B 170 -29.08 19.42 -9.98
CA LYS B 170 -28.35 20.19 -8.99
C LYS B 170 -27.95 21.55 -9.56
N THR B 171 -27.86 21.64 -10.89
CA THR B 171 -27.46 22.88 -11.55
C THR B 171 -28.45 23.27 -12.64
N VAL B 172 -29.27 24.28 -12.38
CA VAL B 172 -30.23 24.75 -13.37
C VAL B 172 -29.93 26.20 -13.70
N THR B 173 -30.41 26.65 -14.85
CA THR B 173 -30.01 27.92 -15.42
C THR B 173 -31.23 28.67 -15.93
N VAL B 174 -32.17 28.95 -15.01
CA VAL B 174 -33.40 29.70 -15.26
C VAL B 174 -33.18 30.96 -16.09
N VAL B 175 -33.89 31.06 -17.20
CA VAL B 175 -33.79 32.22 -18.09
C VAL B 175 -35.16 32.85 -18.27
N TYR B 176 -35.27 34.13 -17.94
CA TYR B 176 -36.50 34.88 -18.08
C TYR B 176 -36.34 35.87 -19.23
N ASP B 177 -37.38 36.67 -19.47
CA ASP B 177 -37.37 37.58 -20.61
C ASP B 177 -37.42 39.06 -20.26
N ASP B 178 -38.28 39.47 -19.33
CA ASP B 178 -38.32 40.86 -18.89
C ASP B 178 -38.36 40.87 -17.37
N SER B 179 -38.18 42.06 -16.79
CA SER B 179 -37.98 42.26 -15.35
C SER B 179 -39.11 41.72 -14.49
N THR B 180 -40.31 41.59 -15.05
CA THR B 180 -41.44 41.00 -14.35
C THR B 180 -41.24 39.50 -14.12
N GLY B 181 -40.32 38.87 -14.86
CA GLY B 181 -40.19 37.43 -14.81
C GLY B 181 -39.62 36.91 -13.50
N LEU B 182 -38.97 37.77 -12.73
CA LEU B 182 -38.44 37.34 -11.45
C LEU B 182 -39.58 37.13 -10.45
N ILE B 183 -40.61 37.97 -10.53
CA ILE B 183 -41.80 37.79 -9.71
C ILE B 183 -42.50 36.49 -10.02
N ARG B 184 -42.53 36.10 -11.31
CA ARG B 184 -43.26 34.91 -11.72
C ARG B 184 -42.56 33.64 -11.24
N LEU B 185 -41.29 33.75 -10.86
CA LEU B 185 -40.57 32.57 -10.41
C LEU B 185 -39.96 32.77 -9.03
N GLN B 186 -40.64 33.54 -8.17
CA GLN B 186 -40.08 33.80 -6.84
C GLN B 186 -40.13 32.57 -5.95
N GLU B 187 -41.01 31.62 -6.25
CA GLU B 187 -41.01 30.37 -5.50
C GLU B 187 -39.97 29.41 -6.06
N LEU B 188 -39.27 29.82 -7.12
CA LEU B 188 -38.17 29.02 -7.64
C LEU B 188 -36.83 29.66 -7.31
N ILE B 189 -36.81 30.97 -7.11
CA ILE B 189 -35.56 31.63 -6.72
C ILE B 189 -35.28 31.39 -5.24
N LYS B 190 -36.31 31.28 -4.40
CA LYS B 190 -36.14 31.01 -2.98
C LYS B 190 -35.79 29.56 -2.69
N ALA B 191 -35.93 28.69 -3.67
CA ALA B 191 -35.76 27.24 -3.55
C ALA B 191 -34.42 26.72 -3.05
N PRO B 192 -33.21 27.28 -3.41
CA PRO B 192 -31.97 26.67 -2.91
C PRO B 192 -31.72 26.81 -1.41
N SER B 193 -32.56 27.55 -0.70
CA SER B 193 -32.47 27.69 0.75
C SER B 193 -32.92 26.43 1.47
N ARG B 194 -33.56 25.51 0.74
CA ARG B 194 -34.03 24.26 1.31
C ARG B 194 -33.38 23.07 0.61
N TYR B 195 -32.78 23.29 -0.55
CA TYR B 195 -32.33 22.17 -1.36
C TYR B 195 -30.95 22.36 -1.94
N ASN B 196 -30.57 21.48 -2.87
CA ASN B 196 -29.24 21.51 -3.47
C ASN B 196 -29.20 22.12 -4.86
N LEU B 197 -30.18 22.93 -5.26
CA LEU B 197 -30.11 23.56 -6.56
C LEU B 197 -29.10 24.70 -6.52
N ARG B 198 -28.41 24.93 -7.63
CA ARG B 198 -27.50 26.07 -7.73
C ARG B 198 -27.92 26.85 -8.97
N LEU B 199 -28.86 27.78 -8.77
CA LEU B 199 -29.41 28.61 -9.81
C LEU B 199 -28.33 29.50 -10.44
N LYS B 200 -28.52 29.81 -11.73
CA LYS B 200 -27.64 30.67 -12.51
C LYS B 200 -28.49 31.61 -13.36
N ILE B 201 -29.40 32.34 -12.72
CA ILE B 201 -30.42 33.18 -13.35
C ILE B 201 -29.84 34.12 -14.40
N ARG B 202 -30.33 34.01 -15.64
CA ARG B 202 -29.86 34.85 -16.74
C ARG B 202 -31.05 35.53 -17.39
N GLN B 203 -30.78 36.65 -18.05
CA GLN B 203 -31.81 37.39 -18.77
C GLN B 203 -31.47 37.44 -20.25
N LEU B 204 -32.48 37.21 -21.08
CA LEU B 204 -32.42 37.36 -22.52
C LEU B 204 -32.08 38.81 -22.89
N PRO B 205 -31.51 39.04 -24.07
CA PRO B 205 -31.39 40.42 -24.54
C PRO B 205 -32.74 41.06 -24.76
N ALA B 206 -32.77 42.39 -24.70
CA ALA B 206 -33.94 43.23 -24.42
C ALA B 206 -35.21 42.89 -25.18
N ASP B 207 -35.19 43.00 -26.51
CA ASP B 207 -36.37 42.65 -27.30
C ASP B 207 -36.00 41.82 -28.53
N THR B 208 -34.76 41.98 -28.99
CA THR B 208 -34.28 41.26 -30.17
C THR B 208 -34.14 39.78 -29.85
N LYS B 209 -34.43 38.92 -30.82
CA LYS B 209 -34.35 37.49 -30.59
C LYS B 209 -32.97 36.96 -30.99
N ASP B 210 -31.98 37.85 -31.07
CA ASP B 210 -30.60 37.43 -31.24
C ASP B 210 -30.00 37.09 -29.87
N ALA B 211 -30.39 35.94 -29.33
CA ALA B 211 -29.84 35.47 -28.07
C ALA B 211 -28.60 34.62 -28.25
N LYS B 212 -27.96 34.72 -29.41
CA LYS B 212 -26.68 34.04 -29.61
C LYS B 212 -25.56 34.51 -28.68
N PRO B 213 -25.38 35.80 -28.33
CA PRO B 213 -24.37 36.10 -27.29
C PRO B 213 -24.72 35.55 -25.91
N LEU B 214 -26.00 35.28 -25.64
CA LEU B 214 -26.34 34.57 -24.42
C LEU B 214 -25.94 33.11 -24.51
N LEU B 215 -26.30 32.45 -25.61
CA LEU B 215 -26.10 31.01 -25.72
C LEU B 215 -24.62 30.66 -25.86
N LYS B 216 -23.79 31.60 -26.32
CA LYS B 216 -22.35 31.39 -26.28
C LYS B 216 -21.84 31.35 -24.84
N GLU B 217 -22.47 32.14 -23.97
CA GLU B 217 -22.07 32.14 -22.57
C GLU B 217 -22.57 30.89 -21.88
N MET B 218 -23.66 30.31 -22.38
CA MET B 218 -24.28 29.18 -21.69
C MET B 218 -23.59 27.88 -22.05
N LYS B 219 -22.93 27.83 -23.21
CA LYS B 219 -22.16 26.64 -23.57
C LYS B 219 -20.92 26.51 -22.69
N ARG B 220 -20.29 27.63 -22.38
CA ARG B 220 -19.00 27.60 -21.71
C ARG B 220 -19.17 27.37 -20.21
N GLY B 221 -20.41 27.42 -19.73
CA GLY B 221 -20.67 27.09 -18.34
C GLY B 221 -21.20 25.68 -18.16
N LYS B 222 -21.31 24.93 -19.26
CA LYS B 222 -21.82 23.54 -19.29
C LYS B 222 -23.24 23.46 -18.72
N GLU B 223 -24.04 24.48 -19.03
CA GLU B 223 -25.36 24.67 -18.42
C GLU B 223 -26.37 23.82 -19.19
N PHE B 224 -26.84 22.77 -18.54
CA PHE B 224 -27.48 21.66 -19.25
C PHE B 224 -28.97 21.53 -18.90
N HIS B 225 -29.47 22.41 -18.04
CA HIS B 225 -30.81 22.16 -17.54
C HIS B 225 -31.68 23.41 -17.53
N VAL B 226 -31.75 24.10 -18.66
CA VAL B 226 -32.33 25.43 -18.76
C VAL B 226 -33.84 25.38 -18.55
N ILE B 227 -34.38 26.38 -17.84
CA ILE B 227 -35.78 26.42 -17.42
C ILE B 227 -36.42 27.69 -17.95
N PHE B 228 -36.29 27.93 -19.27
CA PHE B 228 -36.83 29.13 -19.95
C PHE B 228 -38.22 29.60 -19.52
N ASP B 229 -38.41 30.92 -19.50
CA ASP B 229 -39.66 31.53 -19.07
C ASP B 229 -40.06 32.57 -20.11
N CYS B 230 -40.08 32.15 -21.37
CA CYS B 230 -40.50 33.00 -22.47
C CYS B 230 -42.02 32.98 -22.60
N SER B 231 -42.50 33.53 -23.70
CA SER B 231 -43.81 33.17 -24.19
C SER B 231 -43.66 32.14 -25.30
N HIS B 232 -44.79 31.70 -25.87
CA HIS B 232 -44.70 30.72 -26.95
C HIS B 232 -44.20 31.37 -28.24
N GLU B 233 -44.27 32.69 -28.35
CA GLU B 233 -43.59 33.38 -29.43
C GLU B 233 -42.09 33.28 -29.28
N MET B 234 -41.55 33.72 -28.13
CA MET B 234 -40.11 33.72 -27.96
C MET B 234 -39.55 32.32 -27.72
N ALA B 235 -40.41 31.35 -27.42
CA ALA B 235 -39.92 29.97 -27.33
C ALA B 235 -39.50 29.47 -28.70
N ALA B 236 -40.23 29.86 -29.74
CA ALA B 236 -39.81 29.54 -31.09
C ALA B 236 -38.62 30.40 -31.50
N GLY B 237 -38.51 31.59 -30.92
CA GLY B 237 -37.42 32.48 -31.27
C GLY B 237 -36.08 32.00 -30.75
N ILE B 238 -36.09 31.35 -29.58
CA ILE B 238 -34.83 30.88 -29.01
C ILE B 238 -34.36 29.61 -29.69
N LEU B 239 -35.25 28.67 -29.95
CA LEU B 239 -34.81 27.35 -30.40
C LEU B 239 -34.35 27.34 -31.85
N LYS B 240 -34.65 28.38 -32.62
CA LYS B 240 -33.98 28.50 -33.91
C LYS B 240 -32.56 29.01 -33.73
N GLN B 241 -32.33 29.86 -32.73
CA GLN B 241 -30.94 30.14 -32.35
C GLN B 241 -30.33 29.00 -31.55
N ALA B 242 -31.13 28.29 -30.77
CA ALA B 242 -30.56 27.21 -29.97
C ALA B 242 -30.28 25.96 -30.78
N LEU B 243 -30.76 25.87 -32.01
CA LEU B 243 -30.37 24.78 -32.90
C LEU B 243 -29.20 25.20 -33.77
N ALA B 244 -29.16 26.47 -34.16
CA ALA B 244 -28.04 27.00 -34.92
C ALA B 244 -26.79 26.98 -34.05
N MET B 245 -26.94 27.33 -32.78
CA MET B 245 -25.89 27.02 -31.82
C MET B 245 -25.92 25.52 -31.60
N GLY B 246 -24.77 24.89 -31.43
CA GLY B 246 -24.76 23.45 -31.29
C GLY B 246 -25.18 22.98 -29.91
N MET B 247 -26.46 23.14 -29.58
CA MET B 247 -26.95 22.83 -28.25
C MET B 247 -28.18 21.94 -28.20
N MET B 248 -28.65 21.41 -29.33
CA MET B 248 -29.81 20.54 -29.29
C MET B 248 -29.36 19.07 -29.39
N THR B 249 -28.85 18.56 -28.28
CA THR B 249 -28.34 17.20 -28.24
C THR B 249 -29.13 16.38 -27.24
N GLU B 250 -28.65 15.19 -26.91
CA GLU B 250 -29.18 14.45 -25.77
C GLU B 250 -28.55 14.85 -24.45
N TYR B 251 -27.76 15.92 -24.43
CA TYR B 251 -27.12 16.40 -23.21
C TYR B 251 -27.84 17.60 -22.61
N TYR B 252 -28.98 17.99 -23.15
CA TYR B 252 -29.65 19.22 -22.74
C TYR B 252 -31.10 18.94 -22.43
N HIS B 253 -31.58 19.49 -21.33
CA HIS B 253 -33.00 19.41 -21.00
C HIS B 253 -33.54 20.83 -21.10
N TYR B 254 -34.77 20.99 -21.54
CA TYR B 254 -35.37 22.33 -21.59
C TYR B 254 -36.77 22.26 -21.00
N ILE B 255 -36.94 22.91 -19.85
CA ILE B 255 -38.28 23.05 -19.28
C ILE B 255 -38.81 24.43 -19.62
N PHE B 256 -40.02 24.49 -20.15
CA PHE B 256 -40.60 25.79 -20.44
C PHE B 256 -41.68 26.13 -19.44
N THR B 257 -41.93 27.42 -19.29
CA THR B 257 -42.91 27.92 -18.35
C THR B 257 -44.01 28.62 -19.15
N THR B 258 -44.28 28.09 -20.34
CA THR B 258 -45.40 28.52 -21.15
C THR B 258 -46.45 27.43 -21.00
N LEU B 259 -47.66 27.71 -21.46
CA LEU B 259 -48.67 26.67 -21.46
C LEU B 259 -49.05 26.35 -22.90
N ASP B 260 -48.20 26.72 -23.83
CA ASP B 260 -48.46 26.57 -25.25
C ASP B 260 -47.29 25.94 -25.96
N LEU B 261 -46.73 24.86 -25.41
CA LEU B 261 -45.75 24.09 -26.17
C LEU B 261 -46.45 23.19 -27.18
N PHE B 262 -47.73 22.90 -26.95
CA PHE B 262 -48.45 21.99 -27.83
C PHE B 262 -48.69 22.65 -29.16
N ALA B 263 -48.85 23.97 -29.16
CA ALA B 263 -48.93 24.72 -30.40
C ALA B 263 -47.57 25.26 -30.79
N LEU B 264 -46.56 24.39 -30.84
CA LEU B 264 -45.21 24.77 -31.25
C LEU B 264 -44.69 23.72 -32.20
N ASP B 265 -44.09 24.17 -33.31
CA ASP B 265 -43.57 23.26 -34.32
C ASP B 265 -42.34 22.57 -33.77
N VAL B 266 -42.33 21.24 -33.81
CA VAL B 266 -41.28 20.48 -33.15
C VAL B 266 -40.71 19.49 -34.16
N GLU B 267 -41.13 19.62 -35.42
CA GLU B 267 -40.62 18.81 -36.52
C GLU B 267 -39.11 18.97 -36.75
N PRO B 268 -38.47 20.15 -36.63
CA PRO B 268 -37.00 20.16 -36.70
C PRO B 268 -36.31 19.74 -35.42
N TYR B 269 -37.02 19.25 -34.42
CA TYR B 269 -36.44 19.00 -33.13
C TYR B 269 -36.69 17.59 -32.64
N ARG B 270 -37.61 16.84 -33.26
CA ARG B 270 -38.13 15.62 -32.67
C ARG B 270 -37.10 14.51 -32.66
N TYR B 271 -36.20 14.50 -33.64
CA TYR B 271 -35.23 13.43 -33.76
C TYR B 271 -33.93 13.73 -33.05
N SER B 272 -33.81 14.91 -32.44
CA SER B 272 -32.52 15.36 -31.92
C SER B 272 -32.14 14.61 -30.65
N GLY B 273 -33.11 14.01 -29.99
CA GLY B 273 -32.89 13.45 -28.68
C GLY B 273 -32.91 14.47 -27.57
N VAL B 274 -33.41 15.68 -27.83
CA VAL B 274 -33.51 16.67 -26.77
C VAL B 274 -34.65 16.31 -25.83
N ASN B 275 -34.71 17.03 -24.73
CA ASN B 275 -35.77 16.85 -23.76
C ASN B 275 -36.46 18.17 -23.47
N MET B 276 -37.65 18.32 -24.04
CA MET B 276 -38.48 19.51 -23.89
C MET B 276 -39.69 19.09 -23.07
N THR B 277 -39.62 19.39 -21.78
CA THR B 277 -40.73 19.03 -20.89
C THR B 277 -41.47 20.29 -20.47
N GLY B 278 -42.79 20.29 -20.59
CA GLY B 278 -43.55 21.48 -20.28
C GLY B 278 -44.95 21.10 -19.86
N PHE B 279 -45.74 22.13 -19.58
CA PHE B 279 -47.09 21.93 -19.06
C PHE B 279 -48.09 22.44 -20.07
N ARG B 280 -49.13 21.64 -20.29
CA ARG B 280 -50.29 22.12 -21.04
C ARG B 280 -51.50 21.95 -20.14
N ILE B 281 -52.42 22.91 -20.21
CA ILE B 281 -53.63 22.83 -19.41
C ILE B 281 -54.84 22.57 -20.27
N LEU B 282 -54.74 22.89 -21.57
CA LEU B 282 -55.84 22.69 -22.50
C LEU B 282 -56.02 21.20 -22.78
N ASN B 283 -57.06 20.61 -22.18
CA ASN B 283 -57.21 19.15 -22.18
C ASN B 283 -57.68 18.63 -23.53
N THR B 284 -56.77 18.50 -24.49
CA THR B 284 -57.10 18.08 -25.85
C THR B 284 -57.42 16.59 -25.96
N GLU B 285 -57.42 15.83 -24.86
CA GLU B 285 -57.75 14.42 -24.92
C GLU B 285 -59.25 14.19 -24.98
N ASN B 286 -60.02 15.00 -24.28
CA ASN B 286 -61.47 14.85 -24.24
C ASN B 286 -62.06 15.20 -25.61
N THR B 287 -63.12 14.48 -25.97
CA THR B 287 -63.72 14.65 -27.28
C THR B 287 -64.45 15.99 -27.39
N GLN B 288 -65.24 16.32 -26.37
CA GLN B 288 -66.02 17.57 -26.39
C GLN B 288 -65.12 18.78 -26.30
N VAL B 289 -63.97 18.64 -25.63
CA VAL B 289 -63.03 19.75 -25.54
C VAL B 289 -62.27 19.91 -26.85
N SER B 290 -61.89 18.78 -27.47
CA SER B 290 -61.13 18.86 -28.71
C SER B 290 -61.99 19.32 -29.87
N SER B 291 -63.27 18.92 -29.88
CA SER B 291 -64.15 19.22 -31.02
C SER B 291 -64.44 20.71 -31.15
N ILE B 292 -64.26 21.46 -30.06
CA ILE B 292 -64.35 22.92 -30.14
C ILE B 292 -63.20 23.47 -30.96
N ILE B 293 -62.03 22.83 -30.87
CA ILE B 293 -60.80 23.39 -31.41
C ILE B 293 -60.79 23.31 -32.94
N GLU B 294 -61.35 22.23 -33.50
CA GLU B 294 -61.51 22.22 -34.96
C GLU B 294 -62.59 23.20 -35.38
N LYS B 295 -63.61 23.38 -34.55
CA LYS B 295 -64.60 24.43 -34.82
C LYS B 295 -63.99 25.81 -34.61
N TRP B 296 -63.01 25.92 -33.71
CA TRP B 296 -62.26 27.16 -33.55
C TRP B 296 -61.47 27.51 -34.80
N SER B 297 -60.71 26.55 -35.34
CA SER B 297 -59.97 26.79 -36.57
C SER B 297 -60.90 26.90 -37.77
N MET B 298 -62.12 26.34 -37.66
CA MET B 298 -63.12 26.57 -38.68
C MET B 298 -63.62 28.01 -38.62
N GLU B 299 -63.81 28.55 -37.42
CA GLU B 299 -64.25 29.94 -37.29
C GLU B 299 -63.08 30.90 -37.45
N ARG B 300 -61.86 30.43 -37.13
CA ARG B 300 -60.68 31.23 -37.45
C ARG B 300 -60.49 31.32 -38.96
N LEU B 301 -60.25 30.17 -39.59
CA LEU B 301 -60.25 29.89 -41.03
C LEU B 301 -59.20 30.63 -41.84
N GLN B 302 -58.48 31.57 -41.23
CA GLN B 302 -57.41 32.27 -41.92
C GLN B 302 -56.07 32.10 -41.23
N ALA B 303 -56.01 32.33 -39.90
CA ALA B 303 -54.88 32.10 -39.01
C ALA B 303 -53.57 32.68 -39.54
N PRO B 304 -53.36 34.00 -39.39
CA PRO B 304 -52.44 34.79 -40.26
C PRO B 304 -51.05 34.21 -40.35
N PRO B 305 -50.67 33.71 -41.53
CA PRO B 305 -49.55 32.75 -41.61
C PRO B 305 -48.17 33.38 -41.44
N LYS B 306 -47.29 32.64 -40.79
CA LYS B 306 -45.91 33.04 -40.59
C LYS B 306 -45.10 31.76 -40.51
N PRO B 307 -44.73 31.16 -41.65
CA PRO B 307 -44.10 29.84 -41.63
C PRO B 307 -42.65 29.86 -41.18
N ASP B 308 -42.04 31.05 -41.17
CA ASP B 308 -40.68 31.21 -40.69
C ASP B 308 -40.58 31.54 -39.21
N SER B 309 -41.69 31.51 -38.48
CA SER B 309 -41.68 31.73 -37.04
C SER B 309 -41.28 30.47 -36.28
N GLY B 310 -41.72 29.30 -36.76
CA GLY B 310 -41.50 28.08 -36.03
C GLY B 310 -42.72 27.73 -35.21
N LEU B 311 -43.87 28.26 -35.62
CA LEU B 311 -45.14 27.97 -34.98
C LEU B 311 -46.01 27.12 -35.89
N LEU B 312 -46.88 26.33 -35.25
CA LEU B 312 -47.85 25.49 -35.95
C LEU B 312 -49.06 26.32 -36.35
N ASP B 313 -50.14 25.64 -36.72
CA ASP B 313 -51.45 26.30 -36.79
C ASP B 313 -51.83 26.73 -35.37
N GLY B 314 -52.63 27.81 -35.26
CA GLY B 314 -52.95 28.50 -34.02
C GLY B 314 -53.32 27.67 -32.81
N PHE B 315 -54.20 26.68 -33.01
CA PHE B 315 -54.52 25.62 -32.06
C PHE B 315 -55.02 26.12 -30.71
N MET B 316 -55.69 27.28 -30.71
CA MET B 316 -56.33 27.86 -29.53
C MET B 316 -55.31 28.09 -28.41
N THR B 317 -54.47 29.11 -28.58
CA THR B 317 -53.54 29.54 -27.55
C THR B 317 -54.26 29.83 -26.23
N THR B 318 -53.49 29.69 -25.14
CA THR B 318 -54.09 29.61 -23.80
C THR B 318 -54.69 30.95 -23.39
N ASP B 319 -54.18 32.05 -23.95
CA ASP B 319 -54.82 33.35 -23.75
C ASP B 319 -56.21 33.39 -24.36
N ALA B 320 -56.43 32.65 -25.45
CA ALA B 320 -57.77 32.54 -25.99
C ALA B 320 -58.54 31.39 -25.37
N ALA B 321 -57.84 30.36 -24.88
CA ALA B 321 -58.52 29.20 -24.32
C ALA B 321 -59.16 29.54 -22.98
N LEU B 322 -58.58 30.48 -22.25
CA LEU B 322 -59.16 30.86 -20.96
C LEU B 322 -60.33 31.82 -21.14
N MET B 323 -60.30 32.62 -22.22
CA MET B 323 -61.38 33.53 -22.50
C MET B 323 -62.66 32.78 -22.87
N TYR B 324 -62.50 31.64 -23.55
CA TYR B 324 -63.65 30.77 -23.79
C TYR B 324 -64.13 30.13 -22.50
N ASP B 325 -63.22 29.94 -21.54
CA ASP B 325 -63.65 29.48 -20.23
C ASP B 325 -64.09 30.62 -19.35
N ALA B 326 -63.74 31.85 -19.72
CA ALA B 326 -64.11 33.00 -18.90
C ALA B 326 -65.60 33.26 -18.96
N VAL B 327 -66.20 33.07 -20.14
CA VAL B 327 -67.62 33.36 -20.30
C VAL B 327 -68.45 32.27 -19.64
N HIS B 328 -67.97 31.02 -19.67
CA HIS B 328 -68.73 29.91 -19.14
C HIS B 328 -68.81 29.93 -17.62
N VAL B 329 -67.80 30.49 -16.96
CA VAL B 329 -67.87 30.62 -15.51
C VAL B 329 -68.85 31.71 -15.12
N VAL B 330 -68.86 32.82 -15.87
CA VAL B 330 -69.83 33.88 -15.64
C VAL B 330 -71.23 33.40 -16.01
N SER B 331 -71.34 32.48 -16.97
CA SER B 331 -72.64 31.98 -17.40
C SER B 331 -73.27 31.10 -16.33
N VAL B 332 -72.45 30.49 -15.47
CA VAL B 332 -73.01 29.74 -14.35
C VAL B 332 -73.58 30.69 -13.31
N ALA B 333 -72.87 31.79 -13.05
CA ALA B 333 -73.26 32.70 -11.97
C ALA B 333 -74.48 33.52 -12.33
N VAL B 334 -74.78 33.69 -13.62
CA VAL B 334 -76.03 34.35 -14.00
C VAL B 334 -77.16 33.33 -14.12
N GLN B 335 -76.81 32.03 -14.21
CA GLN B 335 -77.84 31.00 -14.29
C GLN B 335 -78.50 30.81 -12.94
N GLN B 336 -77.72 30.95 -11.85
CA GLN B 336 -78.25 30.81 -10.51
C GLN B 336 -78.71 32.14 -9.95
N PHE B 337 -78.82 33.17 -10.80
CA PHE B 337 -79.19 34.48 -10.31
C PHE B 337 -79.92 35.26 -11.40
N PRO B 338 -81.23 35.05 -11.60
CA PRO B 338 -81.95 35.80 -12.62
C PRO B 338 -82.49 37.13 -12.13
N GLN B 339 -81.64 37.93 -11.47
CA GLN B 339 -82.08 39.19 -10.90
C GLN B 339 -81.27 40.37 -11.45
N MET B 340 -80.35 40.10 -12.36
CA MET B 340 -79.49 41.15 -12.89
C MET B 340 -80.20 41.99 -13.93
N THR B 341 -80.40 43.26 -13.62
CA THR B 341 -80.81 44.27 -14.59
C THR B 341 -79.67 45.28 -14.63
N VAL B 342 -78.97 45.34 -15.76
CA VAL B 342 -77.79 46.18 -15.90
C VAL B 342 -78.21 47.64 -15.96
N SER B 343 -77.71 48.44 -15.03
CA SER B 343 -78.06 49.85 -14.94
C SER B 343 -76.87 50.71 -15.36
N SER B 344 -77.16 51.99 -15.61
CA SER B 344 -76.15 52.94 -16.10
C SER B 344 -75.45 53.59 -14.91
N LEU B 345 -74.24 53.11 -14.65
CA LEU B 345 -73.43 53.66 -13.58
C LEU B 345 -72.52 54.75 -14.13
N GLN B 346 -72.24 55.76 -13.31
CA GLN B 346 -71.41 56.87 -13.76
C GLN B 346 -69.95 56.62 -13.39
N CYS B 347 -69.06 57.51 -13.83
CA CYS B 347 -67.64 57.35 -13.55
C CYS B 347 -67.18 58.37 -12.52
N ASN B 348 -67.61 59.62 -12.67
CA ASN B 348 -67.27 60.67 -11.72
C ASN B 348 -68.29 60.76 -10.58
N ARG B 349 -69.35 59.95 -10.64
CA ARG B 349 -70.43 59.96 -9.65
C ARG B 349 -70.58 58.53 -9.14
N HIS B 350 -69.45 57.96 -8.71
CA HIS B 350 -69.35 56.54 -8.40
C HIS B 350 -70.29 56.13 -7.28
N LYS B 351 -70.96 55.02 -7.50
CA LYS B 351 -71.96 54.46 -6.61
C LYS B 351 -71.98 52.97 -6.89
N PRO B 352 -71.86 52.12 -5.85
CA PRO B 352 -71.77 50.67 -6.07
C PRO B 352 -73.00 50.06 -6.70
N TRP B 353 -72.79 49.08 -7.57
CA TRP B 353 -73.89 48.43 -8.28
C TRP B 353 -74.70 47.60 -7.30
N ARG B 354 -75.98 47.39 -7.62
CA ARG B 354 -76.97 46.90 -6.67
C ARG B 354 -76.66 45.51 -6.13
N PHE B 355 -76.45 44.55 -7.03
CA PHE B 355 -76.10 43.20 -6.63
C PHE B 355 -74.64 42.90 -6.85
N GLY B 356 -73.75 43.87 -6.59
CA GLY B 356 -72.33 43.65 -6.83
C GLY B 356 -71.73 42.63 -5.90
N THR B 357 -72.01 42.75 -4.60
CA THR B 357 -71.44 41.83 -3.62
C THR B 357 -72.09 40.46 -3.72
N ARG B 358 -73.37 40.43 -4.07
CA ARG B 358 -74.10 39.16 -4.16
C ARG B 358 -73.63 38.35 -5.36
N PHE B 359 -73.50 39.00 -6.52
CA PHE B 359 -73.14 38.29 -7.74
C PHE B 359 -71.67 37.90 -7.76
N MET B 360 -70.81 38.67 -7.06
CA MET B 360 -69.40 38.37 -7.03
C MET B 360 -69.10 37.05 -6.32
N SER B 361 -69.85 36.75 -5.26
CA SER B 361 -69.69 35.48 -4.56
C SER B 361 -70.18 34.33 -5.42
N LEU B 362 -71.13 34.60 -6.32
CA LEU B 362 -71.57 33.57 -7.26
C LEU B 362 -70.48 33.28 -8.28
N ILE B 363 -69.63 34.28 -8.58
CA ILE B 363 -68.47 34.01 -9.41
C ILE B 363 -67.39 33.31 -8.63
N LYS B 364 -67.10 33.79 -7.41
CA LYS B 364 -65.91 33.35 -6.71
C LYS B 364 -66.04 31.94 -6.14
N GLU B 365 -67.21 31.54 -5.69
CA GLU B 365 -67.45 30.13 -5.37
C GLU B 365 -68.14 29.38 -6.49
N ALA B 366 -67.87 29.70 -7.75
CA ALA B 366 -68.43 28.91 -8.84
C ALA B 366 -67.58 27.67 -9.10
N HIS B 367 -68.05 26.86 -10.04
CA HIS B 367 -67.39 25.63 -10.42
C HIS B 367 -67.87 25.23 -11.80
N TRP B 368 -66.92 24.97 -12.72
CA TRP B 368 -67.26 24.65 -14.09
C TRP B 368 -66.17 23.81 -14.72
N GLU B 369 -66.58 22.69 -15.31
CA GLU B 369 -65.71 21.81 -16.07
C GLU B 369 -65.58 22.36 -17.49
N GLY B 370 -64.56 23.17 -17.72
CA GLY B 370 -64.40 23.81 -19.00
C GLY B 370 -63.31 23.13 -19.82
N LEU B 371 -62.62 23.94 -20.62
CA LEU B 371 -61.54 23.44 -21.46
C LEU B 371 -60.36 23.02 -20.62
N THR B 372 -60.02 23.84 -19.64
CA THR B 372 -58.77 23.73 -18.90
C THR B 372 -58.93 22.98 -17.60
N GLY B 373 -59.77 21.95 -17.57
CA GLY B 373 -59.99 21.21 -16.34
C GLY B 373 -61.10 21.82 -15.52
N ARG B 374 -61.15 21.48 -14.24
CA ARG B 374 -62.10 22.08 -13.32
C ARG B 374 -61.66 23.52 -13.08
N ILE B 375 -62.63 24.39 -12.81
CA ILE B 375 -62.35 25.80 -12.58
C ILE B 375 -62.86 26.13 -11.19
N THR B 376 -61.94 26.43 -10.28
CA THR B 376 -62.29 26.94 -8.96
C THR B 376 -61.47 28.20 -8.73
N PHE B 377 -61.76 28.91 -7.66
CA PHE B 377 -61.06 30.13 -7.33
C PHE B 377 -60.63 30.07 -5.87
N ASN B 378 -59.73 30.94 -5.47
CA ASN B 378 -59.25 30.88 -4.10
C ASN B 378 -60.13 31.85 -3.32
N LYS B 379 -60.87 31.33 -2.33
CA LYS B 379 -61.88 32.11 -1.61
C LYS B 379 -61.31 33.32 -0.90
N THR B 380 -60.04 33.28 -0.51
CA THR B 380 -59.30 34.47 -0.12
C THR B 380 -59.02 35.39 -1.31
N ASN B 381 -58.69 34.83 -2.47
CA ASN B 381 -58.06 35.57 -3.55
C ASN B 381 -58.95 35.72 -4.77
N GLY B 382 -59.40 34.61 -5.34
CA GLY B 382 -60.01 34.60 -6.65
C GLY B 382 -59.01 34.16 -7.69
N LEU B 383 -57.90 33.60 -7.23
CA LEU B 383 -56.80 33.20 -8.09
C LEU B 383 -56.83 31.69 -8.18
N ARG B 384 -56.71 31.12 -9.37
CA ARG B 384 -56.75 29.68 -9.50
C ARG B 384 -55.51 29.04 -8.90
N THR B 385 -55.67 28.42 -7.73
CA THR B 385 -54.55 27.76 -7.06
C THR B 385 -54.76 26.28 -6.89
N ASP B 386 -55.81 25.71 -7.47
CA ASP B 386 -55.99 24.26 -7.55
C ASP B 386 -56.61 23.94 -8.90
N PHE B 387 -55.87 23.19 -9.72
CA PHE B 387 -56.22 22.92 -11.10
C PHE B 387 -55.49 21.68 -11.57
N ASP B 388 -55.50 21.45 -12.88
CA ASP B 388 -54.98 20.21 -13.45
C ASP B 388 -53.96 20.56 -14.53
N LEU B 389 -52.82 19.90 -14.51
CA LEU B 389 -51.81 20.10 -15.52
C LEU B 389 -51.36 18.77 -16.10
N ASP B 390 -51.18 18.77 -17.42
CA ASP B 390 -50.48 17.69 -18.09
C ASP B 390 -49.00 18.04 -18.15
N VAL B 391 -48.16 17.02 -18.08
CA VAL B 391 -46.73 17.22 -17.87
C VAL B 391 -46.06 16.71 -19.14
N ILE B 392 -46.64 17.07 -20.29
CA ILE B 392 -46.20 16.60 -21.61
C ILE B 392 -44.71 16.84 -21.85
N SER B 393 -44.09 15.90 -22.54
CA SER B 393 -42.66 15.95 -22.83
C SER B 393 -42.45 15.59 -24.28
N LEU B 394 -41.21 15.71 -24.73
CA LEU B 394 -40.87 15.50 -26.12
C LEU B 394 -40.27 14.12 -26.30
N LYS B 395 -40.94 13.29 -27.10
CA LYS B 395 -40.43 11.99 -27.49
C LYS B 395 -40.23 11.98 -28.99
N GLU B 396 -39.84 10.82 -29.52
CA GLU B 396 -39.52 10.73 -30.94
C GLU B 396 -40.81 10.45 -31.71
N GLU B 397 -41.86 10.07 -31.00
CA GLU B 397 -43.18 9.92 -31.59
C GLU B 397 -43.98 11.21 -31.58
N GLY B 398 -43.39 12.30 -31.12
CA GLY B 398 -44.09 13.57 -31.02
C GLY B 398 -43.98 14.11 -29.62
N LEU B 399 -44.98 14.88 -29.22
CA LEU B 399 -44.97 15.60 -27.96
C LEU B 399 -46.11 15.04 -27.11
N GLU B 400 -45.79 14.09 -26.22
CA GLU B 400 -46.79 13.28 -25.55
C GLU B 400 -46.66 13.39 -24.03
N LYS B 401 -47.75 13.03 -23.34
CA LYS B 401 -47.86 13.08 -21.89
C LYS B 401 -46.94 12.06 -21.21
N ILE B 402 -46.32 12.43 -20.10
CA ILE B 402 -45.58 11.47 -19.29
C ILE B 402 -46.04 11.53 -17.84
N GLY B 403 -47.00 12.40 -17.53
CA GLY B 403 -47.47 12.49 -16.16
C GLY B 403 -48.52 13.58 -16.00
N THR B 404 -48.94 13.75 -14.75
CA THR B 404 -50.02 14.67 -14.40
C THR B 404 -49.77 15.31 -13.04
N TRP B 405 -49.76 16.65 -12.98
CA TRP B 405 -49.52 17.34 -11.73
C TRP B 405 -50.83 17.78 -11.11
N ASP B 406 -50.87 17.87 -9.79
CA ASP B 406 -52.04 18.18 -8.99
C ASP B 406 -51.51 18.88 -7.75
N PRO B 407 -51.98 20.12 -7.44
CA PRO B 407 -51.48 20.85 -6.27
C PRO B 407 -51.69 20.11 -4.94
N ALA B 408 -52.78 19.36 -4.85
CA ALA B 408 -52.98 18.48 -3.71
C ALA B 408 -52.02 17.30 -3.76
N SER B 409 -52.07 16.54 -4.85
CA SER B 409 -51.32 15.29 -4.92
C SER B 409 -49.84 15.51 -5.21
N GLY B 410 -49.51 16.08 -6.35
CA GLY B 410 -48.14 16.17 -6.79
C GLY B 410 -47.97 15.54 -8.16
N LEU B 411 -46.74 15.16 -8.46
CA LEU B 411 -46.48 14.44 -9.70
C LEU B 411 -46.98 13.01 -9.62
N ASN B 412 -48.03 12.68 -10.37
CA ASN B 412 -48.37 11.29 -10.63
C ASN B 412 -47.83 10.85 -11.98
N MET B 413 -46.54 10.52 -12.03
CA MET B 413 -45.89 10.18 -13.28
C MET B 413 -46.40 8.86 -13.84
N THR B 414 -46.41 8.76 -15.16
CA THR B 414 -46.70 7.50 -15.86
C THR B 414 -45.42 6.82 -16.29
N GLU B 415 -44.42 6.81 -15.39
CA GLU B 415 -42.99 6.54 -15.59
C GLU B 415 -42.63 5.40 -16.54
N SER B 416 -43.54 4.42 -16.68
CA SER B 416 -43.52 3.42 -17.74
C SER B 416 -43.24 3.99 -19.12
N GLN B 417 -42.17 3.50 -19.75
CA GLN B 417 -41.67 4.04 -21.01
C GLN B 417 -41.41 2.84 -21.92
N LYS B 418 -42.45 2.02 -22.11
CA LYS B 418 -42.37 0.67 -22.67
C LYS B 418 -41.96 0.56 -24.14
N GLY B 419 -41.54 1.67 -24.76
CA GLY B 419 -40.86 1.60 -26.05
C GLY B 419 -39.60 0.76 -25.95
N LYS B 420 -38.84 0.95 -24.87
CA LYS B 420 -37.79 0.01 -24.46
C LYS B 420 -38.06 -0.34 -23.00
N PRO B 421 -38.74 -1.47 -22.74
CA PRO B 421 -39.12 -1.79 -21.35
C PRO B 421 -37.97 -2.19 -20.44
N ALA B 422 -37.07 -3.05 -20.91
CA ALA B 422 -35.93 -3.44 -20.09
C ALA B 422 -34.88 -2.33 -20.09
N ASN B 423 -34.56 -1.83 -18.90
CA ASN B 423 -33.73 -0.64 -18.82
C ASN B 423 -32.36 -0.84 -18.17
N ILE B 424 -32.30 -1.31 -16.91
CA ILE B 424 -31.03 -1.39 -16.18
C ILE B 424 -30.96 -2.68 -15.36
N THR B 425 -29.77 -2.94 -14.82
CA THR B 425 -29.52 -4.09 -13.96
C THR B 425 -28.66 -3.58 -12.81
N ASP B 426 -28.60 -4.29 -11.67
CA ASP B 426 -27.77 -3.83 -10.56
C ASP B 426 -26.65 -4.84 -10.28
N SER B 427 -25.90 -4.63 -9.19
CA SER B 427 -24.76 -5.47 -8.89
C SER B 427 -24.89 -6.12 -7.53
N LEU B 428 -24.71 -7.44 -7.46
CA LEU B 428 -24.60 -8.16 -6.20
C LEU B 428 -23.30 -7.74 -5.54
N SER B 429 -23.30 -7.67 -4.21
CA SER B 429 -22.25 -6.93 -3.52
C SER B 429 -21.83 -7.58 -2.21
N ASN B 430 -21.20 -6.77 -1.36
CA ASN B 430 -20.40 -7.12 -0.19
C ASN B 430 -20.95 -8.24 0.70
N ARG B 431 -22.20 -8.09 1.17
CA ARG B 431 -23.01 -9.09 1.90
C ARG B 431 -22.50 -9.31 3.34
N SER B 432 -21.34 -8.72 3.65
CA SER B 432 -20.67 -8.60 4.95
C SER B 432 -20.14 -9.90 5.55
N LEU B 433 -20.49 -11.05 4.95
CA LEU B 433 -19.94 -12.38 5.29
C LEU B 433 -19.97 -12.70 6.78
N ILE B 434 -21.16 -12.95 7.32
CA ILE B 434 -21.39 -13.25 8.74
C ILE B 434 -20.52 -14.44 9.12
N VAL B 435 -19.61 -14.22 10.07
CA VAL B 435 -18.66 -15.27 10.49
C VAL B 435 -19.15 -15.75 11.85
N THR B 436 -19.48 -17.04 11.92
CA THR B 436 -19.81 -17.64 13.20
C THR B 436 -18.56 -17.86 14.02
N THR B 437 -18.42 -17.15 15.14
CA THR B 437 -17.14 -17.08 15.81
C THR B 437 -17.29 -16.98 17.33
N ILE B 438 -16.95 -18.06 18.04
CA ILE B 438 -17.05 -18.07 19.50
C ILE B 438 -15.78 -17.43 20.06
N LEU B 439 -15.82 -17.09 21.34
CA LEU B 439 -14.66 -16.53 22.02
C LEU B 439 -13.88 -17.66 22.70
N GLU B 440 -12.59 -17.72 22.38
CA GLU B 440 -11.63 -18.59 23.05
C GLU B 440 -10.33 -17.82 23.18
N GLU B 441 -9.68 -17.88 24.32
CA GLU B 441 -8.40 -17.23 24.45
C GLU B 441 -7.32 -18.15 23.89
N PRO B 442 -6.28 -17.65 23.19
CA PRO B 442 -5.94 -16.31 22.70
C PRO B 442 -6.46 -16.01 21.33
N TYR B 443 -7.61 -16.56 20.97
CA TYR B 443 -8.10 -16.41 19.62
C TYR B 443 -9.04 -15.22 19.46
N VAL B 444 -10.20 -15.23 20.14
CA VAL B 444 -11.25 -14.25 19.92
C VAL B 444 -11.56 -13.61 21.29
N LEU B 445 -10.54 -13.40 22.10
CA LEU B 445 -10.75 -12.89 23.47
C LEU B 445 -11.16 -11.43 23.42
N PHE B 446 -11.96 -10.99 24.39
CA PHE B 446 -12.46 -9.61 24.45
C PHE B 446 -11.38 -8.61 24.78
N LYS B 447 -11.69 -7.34 24.52
CA LYS B 447 -10.79 -6.21 24.76
C LYS B 447 -11.06 -5.61 26.12
N LYS B 448 -10.05 -5.01 26.76
CA LYS B 448 -10.20 -4.34 28.04
C LYS B 448 -10.28 -2.83 27.79
N SER B 449 -11.02 -2.44 26.75
CA SER B 449 -11.20 -1.02 26.44
C SER B 449 -12.26 -0.42 27.35
N ASP B 450 -11.98 0.79 27.83
CA ASP B 450 -12.79 1.44 28.87
C ASP B 450 -13.88 2.33 28.28
N LYS B 451 -14.69 1.75 27.38
CA LYS B 451 -15.83 2.40 26.73
C LYS B 451 -16.67 1.31 26.07
N PRO B 452 -17.91 1.59 25.68
CA PRO B 452 -18.63 0.63 24.82
C PRO B 452 -18.11 0.65 23.38
N LEU B 453 -18.03 -0.52 22.75
CA LEU B 453 -17.55 -0.64 21.39
C LEU B 453 -18.64 -1.26 20.52
N TYR B 454 -18.52 -1.05 19.20
CA TYR B 454 -19.60 -1.32 18.26
C TYR B 454 -19.22 -2.50 17.37
N GLY B 455 -19.69 -3.69 17.74
CA GLY B 455 -19.57 -4.86 16.87
C GLY B 455 -18.16 -5.35 16.63
N ASN B 456 -17.64 -5.08 15.45
CA ASN B 456 -16.34 -5.58 15.03
C ASN B 456 -15.21 -4.72 15.55
N ASP B 457 -15.18 -4.44 16.86
CA ASP B 457 -14.23 -3.46 17.36
C ASP B 457 -13.55 -3.97 18.62
N ARG B 458 -14.26 -4.80 19.40
CA ARG B 458 -13.78 -5.26 20.69
C ARG B 458 -13.15 -6.63 20.64
N PHE B 459 -13.01 -7.22 19.46
CA PHE B 459 -12.41 -8.54 19.33
C PHE B 459 -10.94 -8.44 18.97
N GLU B 460 -10.09 -9.09 19.76
CA GLU B 460 -8.67 -9.14 19.47
C GLU B 460 -8.20 -10.60 19.47
N GLY B 461 -6.89 -10.81 19.38
CA GLY B 461 -6.35 -12.15 19.41
C GLY B 461 -5.80 -12.59 18.06
N TYR B 462 -5.45 -13.87 17.99
CA TYR B 462 -4.94 -14.44 16.76
C TYR B 462 -6.03 -14.54 15.71
N CYS B 463 -7.19 -15.06 16.08
CA CYS B 463 -8.18 -15.47 15.10
C CYS B 463 -8.88 -14.26 14.48
N ILE B 464 -8.84 -13.12 15.17
CA ILE B 464 -9.40 -11.91 14.59
C ILE B 464 -8.37 -11.20 13.73
N ASP B 465 -7.08 -11.26 14.12
CA ASP B 465 -6.04 -10.69 13.28
C ASP B 465 -5.87 -11.48 11.99
N LEU B 466 -6.22 -12.77 12.00
CA LEU B 466 -6.31 -13.51 10.75
C LEU B 466 -7.47 -13.00 9.90
N LEU B 467 -8.63 -12.77 10.53
CA LEU B 467 -9.82 -12.37 9.79
C LEU B 467 -9.69 -10.95 9.28
N ARG B 468 -8.92 -10.12 10.00
CA ARG B 468 -8.58 -8.79 9.49
C ARG B 468 -7.70 -8.88 8.24
N GLU B 469 -6.70 -9.76 8.26
CA GLU B 469 -5.80 -9.88 7.13
C GLU B 469 -6.44 -10.60 5.96
N LEU B 470 -7.50 -11.38 6.20
CA LEU B 470 -8.25 -11.94 5.07
C LEU B 470 -9.13 -10.88 4.43
N SER B 471 -9.51 -9.84 5.18
CA SER B 471 -10.33 -8.78 4.61
CA SER B 471 -10.33 -8.78 4.61
C SER B 471 -9.50 -7.83 3.77
N THR B 472 -8.27 -7.55 4.21
CA THR B 472 -7.38 -6.67 3.47
C THR B 472 -6.96 -7.28 2.14
N ILE B 473 -6.78 -8.59 2.09
CA ILE B 473 -6.21 -9.25 0.92
C ILE B 473 -7.27 -9.78 -0.05
N LEU B 474 -8.39 -10.31 0.45
CA LEU B 474 -9.46 -10.73 -0.44
C LEU B 474 -10.42 -9.59 -0.74
N GLY B 475 -10.95 -8.96 0.30
CA GLY B 475 -11.84 -7.84 0.11
C GLY B 475 -13.28 -8.12 0.50
N PHE B 476 -13.62 -7.71 1.74
CA PHE B 476 -14.96 -7.78 2.31
C PHE B 476 -14.95 -7.00 3.62
N THR B 477 -16.09 -6.93 4.30
CA THR B 477 -16.20 -6.24 5.59
C THR B 477 -16.87 -7.22 6.56
N TYR B 478 -16.05 -7.88 7.37
CA TYR B 478 -16.46 -8.99 8.23
C TYR B 478 -17.45 -8.57 9.31
N GLU B 479 -18.20 -9.55 9.84
CA GLU B 479 -19.21 -9.35 10.86
C GLU B 479 -19.25 -10.57 11.78
N ILE B 480 -18.66 -10.44 12.97
CA ILE B 480 -18.68 -11.50 13.98
C ILE B 480 -20.06 -11.69 14.57
N ARG B 481 -20.60 -12.90 14.43
CA ARG B 481 -21.76 -13.33 15.17
C ARG B 481 -21.35 -14.53 16.03
N LEU B 482 -21.29 -14.35 17.34
CA LEU B 482 -21.03 -15.48 18.24
C LEU B 482 -22.17 -16.48 18.18
N VAL B 483 -21.84 -17.77 18.14
CA VAL B 483 -22.86 -18.82 18.08
C VAL B 483 -23.61 -18.85 19.41
N GLU B 484 -24.93 -18.98 19.33
CA GLU B 484 -25.77 -18.83 20.51
C GLU B 484 -25.78 -20.11 21.35
N ASP B 485 -25.41 -21.24 20.74
CA ASP B 485 -25.44 -22.49 21.48
C ASP B 485 -24.08 -22.73 22.15
N GLY B 486 -23.06 -22.05 21.65
CA GLY B 486 -21.75 -22.10 22.28
C GLY B 486 -20.96 -23.36 22.03
N LYS B 487 -21.35 -24.14 21.03
CA LYS B 487 -20.65 -25.37 20.69
C LYS B 487 -19.99 -25.23 19.32
N TYR B 488 -19.38 -26.32 18.86
CA TYR B 488 -18.73 -26.35 17.57
C TYR B 488 -19.42 -27.28 16.58
N GLY B 489 -19.54 -28.54 16.93
CA GLY B 489 -20.24 -29.48 16.09
C GLY B 489 -20.29 -30.82 16.77
N ALA B 490 -21.49 -31.38 16.88
CA ALA B 490 -21.67 -32.64 17.55
C ALA B 490 -22.90 -33.34 17.00
N GLN B 491 -22.70 -34.30 16.12
CA GLN B 491 -23.82 -35.05 15.56
C GLN B 491 -24.36 -35.98 16.64
N ASP B 492 -25.63 -35.78 16.99
CA ASP B 492 -26.22 -36.54 18.09
C ASP B 492 -26.37 -38.00 17.71
N ASP B 493 -26.33 -38.86 18.72
CA ASP B 493 -26.39 -40.31 18.53
C ASP B 493 -27.82 -40.83 18.63
N VAL B 494 -28.79 -39.93 18.46
CA VAL B 494 -30.20 -40.29 18.49
C VAL B 494 -30.85 -39.92 17.18
N ASN B 495 -30.83 -38.63 16.84
CA ASN B 495 -31.48 -38.12 15.64
C ASN B 495 -30.49 -37.69 14.56
N GLY B 496 -29.21 -37.52 14.90
CA GLY B 496 -28.21 -37.10 13.95
C GLY B 496 -28.39 -35.67 13.49
N GLN B 497 -28.63 -34.76 14.43
CA GLN B 497 -28.79 -33.34 14.13
C GLN B 497 -27.60 -32.60 14.71
N TRP B 498 -26.95 -31.78 13.89
CA TRP B 498 -25.73 -31.09 14.27
C TRP B 498 -25.99 -29.97 15.27
N ASN B 499 -24.92 -29.45 15.86
CA ASN B 499 -25.00 -28.39 16.84
C ASN B 499 -24.04 -27.29 16.44
N GLY B 500 -23.90 -26.30 17.32
CA GLY B 500 -22.85 -25.29 17.28
C GLY B 500 -22.58 -24.56 15.98
N MET B 501 -21.31 -24.53 15.57
CA MET B 501 -20.94 -23.83 14.34
C MET B 501 -21.33 -24.61 13.11
N VAL B 502 -21.36 -25.94 13.19
CA VAL B 502 -21.58 -26.74 12.00
C VAL B 502 -23.03 -26.61 11.52
N ARG B 503 -23.98 -26.53 12.46
CA ARG B 503 -25.36 -26.30 12.05
C ARG B 503 -25.57 -24.85 11.60
N GLU B 504 -24.76 -23.92 12.10
CA GLU B 504 -24.73 -22.57 11.52
C GLU B 504 -24.21 -22.61 10.09
N LEU B 505 -23.31 -23.55 9.78
CA LEU B 505 -22.68 -23.58 8.46
C LEU B 505 -23.31 -24.58 7.51
N ILE B 506 -24.08 -25.55 7.99
CA ILE B 506 -24.85 -26.38 7.08
C ILE B 506 -26.07 -25.64 6.55
N ASP B 507 -26.84 -25.02 7.44
CA ASP B 507 -28.10 -24.40 7.06
C ASP B 507 -27.92 -22.95 6.61
N HIS B 508 -26.69 -22.59 6.24
CA HIS B 508 -26.33 -21.35 5.56
C HIS B 508 -26.70 -20.10 6.33
N LYS B 509 -26.75 -20.18 7.65
CA LYS B 509 -27.03 -19.00 8.46
C LYS B 509 -25.78 -18.15 8.63
N ALA B 510 -24.65 -18.61 8.11
CA ALA B 510 -23.43 -17.84 8.06
C ALA B 510 -22.65 -18.23 6.82
N ASP B 511 -21.53 -17.56 6.60
CA ASP B 511 -20.74 -17.78 5.40
C ASP B 511 -19.40 -18.42 5.75
N LEU B 512 -18.81 -18.01 6.87
CA LEU B 512 -17.54 -18.60 7.28
C LEU B 512 -17.62 -19.10 8.71
N ALA B 513 -16.53 -19.74 9.16
CA ALA B 513 -16.47 -20.30 10.51
C ALA B 513 -15.10 -20.03 11.13
N VAL B 514 -14.63 -18.80 11.04
CA VAL B 514 -13.24 -18.49 11.38
C VAL B 514 -13.09 -18.59 12.90
N ALA B 515 -12.52 -19.70 13.34
CA ALA B 515 -12.53 -20.11 14.74
C ALA B 515 -11.56 -21.27 14.90
N PRO B 516 -11.21 -21.63 16.15
CA PRO B 516 -10.52 -22.91 16.36
C PRO B 516 -11.41 -24.11 16.09
N LEU B 517 -11.64 -24.41 14.82
CA LEU B 517 -12.50 -25.51 14.43
C LEU B 517 -11.66 -26.60 13.77
N ALA B 518 -11.32 -27.61 14.54
CA ALA B 518 -10.32 -28.61 14.16
C ALA B 518 -10.91 -29.53 13.11
N ILE B 519 -10.11 -29.87 12.10
CA ILE B 519 -10.57 -30.66 10.97
C ILE B 519 -10.76 -32.12 11.38
N THR B 520 -12.00 -32.57 11.37
CA THR B 520 -12.35 -33.91 11.78
C THR B 520 -12.97 -34.59 10.58
N TYR B 521 -12.94 -35.93 10.57
CA TYR B 521 -13.52 -36.71 9.47
C TYR B 521 -15.01 -36.45 9.30
N VAL B 522 -15.75 -36.30 10.39
CA VAL B 522 -17.20 -36.16 10.29
C VAL B 522 -17.60 -34.72 10.05
N ARG B 523 -16.72 -33.76 10.37
CA ARG B 523 -17.01 -32.37 10.04
C ARG B 523 -16.75 -32.08 8.58
N GLU B 524 -15.82 -32.80 7.97
CA GLU B 524 -15.50 -32.59 6.57
C GLU B 524 -16.58 -33.15 5.66
N LYS B 525 -17.38 -34.09 6.16
CA LYS B 525 -18.42 -34.68 5.33
C LYS B 525 -19.70 -33.86 5.31
N VAL B 526 -19.77 -32.77 6.08
CA VAL B 526 -20.96 -31.92 6.07
C VAL B 526 -20.62 -30.48 5.71
N ILE B 527 -19.53 -29.94 6.22
CA ILE B 527 -19.06 -28.65 5.74
C ILE B 527 -17.71 -28.88 5.09
N ASP B 528 -17.18 -27.87 4.41
CA ASP B 528 -15.89 -28.01 3.76
C ASP B 528 -14.95 -26.96 4.32
N PHE B 529 -13.80 -27.41 4.80
CA PHE B 529 -12.82 -26.56 5.45
C PHE B 529 -11.85 -25.98 4.43
N SER B 530 -11.14 -24.95 4.86
CA SER B 530 -10.00 -24.45 4.09
C SER B 530 -8.78 -25.27 4.46
N LYS B 531 -7.61 -24.84 4.04
CA LYS B 531 -6.42 -25.59 4.38
C LYS B 531 -5.81 -24.98 5.62
N PRO B 532 -5.22 -25.79 6.54
CA PRO B 532 -4.98 -25.36 7.92
C PRO B 532 -4.10 -24.13 8.11
N PHE B 533 -4.57 -23.20 8.94
CA PHE B 533 -3.76 -22.05 9.30
C PHE B 533 -2.98 -22.29 10.59
N MET B 534 -3.08 -23.47 11.19
CA MET B 534 -2.38 -23.80 12.42
C MET B 534 -2.43 -25.31 12.61
N THR B 535 -1.32 -25.89 13.06
CA THR B 535 -1.18 -27.32 13.26
C THR B 535 -1.23 -27.65 14.73
N LEU B 536 -1.78 -28.82 15.05
CA LEU B 536 -1.82 -29.32 16.41
C LEU B 536 -1.93 -30.83 16.51
N GLY B 537 -2.28 -31.30 17.70
CA GLY B 537 -2.62 -32.68 17.95
C GLY B 537 -3.11 -32.78 19.37
N ILE B 538 -3.81 -33.84 19.73
CA ILE B 538 -4.26 -34.02 21.10
C ILE B 538 -3.07 -34.29 22.00
N SER B 539 -3.00 -33.61 23.14
CA SER B 539 -1.86 -33.81 24.03
C SER B 539 -2.29 -33.60 25.48
N ILE B 540 -1.56 -34.20 26.42
CA ILE B 540 -2.02 -34.26 27.81
C ILE B 540 -1.46 -33.10 28.62
N LEU B 541 -2.33 -32.35 29.27
CA LEU B 541 -1.94 -31.29 30.19
C LEU B 541 -1.98 -31.84 31.61
N TYR B 542 -0.98 -31.50 32.41
CA TYR B 542 -0.87 -32.01 33.77
C TYR B 542 -0.01 -31.06 34.57
N ARG B 543 -0.23 -31.04 35.89
CA ARG B 543 0.52 -30.20 36.80
C ARG B 543 2.00 -30.55 36.79
N LYS B 544 2.84 -29.52 36.68
CA LYS B 544 4.28 -29.68 36.82
C LYS B 544 4.59 -30.16 38.24
N PRO B 545 5.35 -31.23 38.42
CA PRO B 545 5.56 -31.80 39.75
C PRO B 545 6.44 -30.91 40.61
N ASN B 546 6.03 -30.71 41.85
CA ASN B 546 6.70 -29.83 42.80
C ASN B 546 7.50 -30.67 43.80
N GLY B 547 8.57 -30.11 44.32
CA GLY B 547 9.46 -30.85 45.20
C GLY B 547 10.49 -31.61 44.39
N THR B 548 11.47 -32.18 45.08
CA THR B 548 12.58 -32.85 44.42
C THR B 548 12.70 -34.30 44.90
N ASN B 549 13.61 -35.03 44.27
CA ASN B 549 13.90 -36.43 44.60
C ASN B 549 14.40 -36.54 46.04
N PRO B 550 14.26 -37.74 46.67
CA PRO B 550 14.78 -37.92 48.05
C PRO B 550 16.27 -37.65 48.18
N GLY B 551 17.09 -38.44 47.47
CA GLY B 551 18.52 -38.22 47.35
C GLY B 551 19.29 -38.02 48.64
N VAL B 552 19.15 -38.93 49.60
CA VAL B 552 19.95 -38.84 50.82
C VAL B 552 21.39 -39.22 50.54
N PHE B 553 21.62 -39.92 49.44
CA PHE B 553 22.95 -40.08 48.86
C PHE B 553 23.16 -38.95 47.87
N SER B 554 23.97 -39.19 46.83
CA SER B 554 24.43 -38.27 45.79
C SER B 554 25.55 -37.41 46.33
N PHE B 555 26.17 -37.88 47.41
CA PHE B 555 27.57 -37.61 47.65
C PHE B 555 28.35 -38.74 47.00
N LEU B 556 27.62 -39.72 46.47
CA LEU B 556 28.18 -41.00 46.08
C LEU B 556 28.11 -41.18 44.58
N ASN B 557 27.42 -40.29 43.87
CA ASN B 557 27.33 -40.21 42.41
C ASN B 557 28.53 -39.69 41.60
N PRO B 558 29.38 -38.69 42.07
CA PRO B 558 30.42 -38.16 41.17
C PRO B 558 31.50 -39.13 40.70
N LEU B 559 31.49 -40.37 41.18
CA LEU B 559 32.19 -41.46 40.55
C LEU B 559 31.17 -42.53 40.21
N SER B 560 31.35 -43.17 39.06
CA SER B 560 30.41 -44.19 38.59
C SER B 560 30.50 -45.43 39.48
N PRO B 561 29.43 -46.24 39.54
CA PRO B 561 29.44 -47.38 40.47
C PRO B 561 30.39 -48.51 40.13
N ASP B 562 31.17 -48.41 39.05
CA ASP B 562 32.29 -49.33 38.87
C ASP B 562 33.58 -48.73 39.44
N ILE B 563 33.67 -47.40 39.47
CA ILE B 563 34.81 -46.75 40.11
C ILE B 563 34.78 -46.96 41.61
N TRP B 564 33.60 -46.90 42.23
CA TRP B 564 33.50 -47.16 43.66
C TRP B 564 33.76 -48.62 43.99
N MET B 565 33.71 -49.49 42.98
CA MET B 565 34.09 -50.88 43.20
C MET B 565 35.56 -51.08 42.88
N TYR B 566 36.09 -50.32 41.92
CA TYR B 566 37.49 -50.53 41.54
C TYR B 566 38.45 -49.88 42.54
N VAL B 567 38.00 -48.86 43.28
CA VAL B 567 38.86 -48.30 44.32
C VAL B 567 38.73 -49.10 45.60
N LEU B 568 37.67 -49.91 45.70
CA LEU B 568 37.50 -50.74 46.88
C LEU B 568 38.20 -52.09 46.68
N LEU B 569 38.36 -52.51 45.43
CA LEU B 569 39.22 -53.64 45.15
C LEU B 569 40.69 -53.24 45.11
N ALA B 570 40.97 -51.95 44.89
CA ALA B 570 42.36 -51.50 44.88
C ALA B 570 42.89 -51.42 46.31
N CYS B 571 42.05 -51.11 47.28
CA CYS B 571 42.47 -51.15 48.68
C CYS B 571 42.74 -52.58 49.12
N LEU B 572 41.93 -53.53 48.64
CA LEU B 572 42.17 -54.93 48.94
C LEU B 572 43.32 -55.48 48.10
N GLY B 573 43.65 -54.79 47.01
CA GLY B 573 44.73 -55.25 46.17
C GLY B 573 46.08 -54.72 46.60
N VAL B 574 46.14 -53.44 46.96
CA VAL B 574 47.41 -52.83 47.36
C VAL B 574 47.80 -53.26 48.78
N SER B 575 46.83 -53.39 49.69
CA SER B 575 47.15 -53.85 51.04
C SER B 575 47.53 -55.32 51.05
N CYS B 576 47.10 -56.07 50.03
CA CYS B 576 47.63 -57.42 49.85
C CYS B 576 49.08 -57.38 49.40
N VAL B 577 49.38 -56.55 48.38
CA VAL B 577 50.72 -56.58 47.81
C VAL B 577 51.68 -55.77 48.67
N LEU B 578 51.17 -54.94 49.58
CA LEU B 578 52.06 -54.33 50.56
C LEU B 578 52.42 -55.32 51.64
N PHE B 579 51.46 -56.18 52.03
CA PHE B 579 51.71 -57.21 53.03
C PHE B 579 52.67 -58.27 52.50
N VAL B 580 52.59 -58.57 51.20
CA VAL B 580 53.47 -59.58 50.61
C VAL B 580 54.91 -59.07 50.56
N ILE B 581 55.09 -57.84 50.06
CA ILE B 581 56.45 -57.31 49.85
C ILE B 581 57.14 -57.04 51.19
N ALA B 582 56.37 -56.60 52.19
CA ALA B 582 56.96 -56.25 53.48
C ALA B 582 57.48 -57.47 54.23
N ARG B 583 57.01 -58.67 53.89
CA ARG B 583 57.52 -59.85 54.57
C ARG B 583 58.87 -60.31 54.03
N PHE B 584 59.05 -60.37 52.71
CA PHE B 584 60.32 -60.88 52.19
C PHE B 584 61.26 -59.78 51.74
N SER B 585 60.96 -58.51 52.03
CA SER B 585 61.95 -57.47 51.88
C SER B 585 62.81 -57.49 53.14
N PRO B 586 64.10 -57.78 53.04
CA PRO B 586 64.92 -57.97 54.25
C PRO B 586 65.33 -56.68 54.92
N TYR B 587 64.94 -55.53 54.36
CA TYR B 587 65.24 -54.24 54.97
C TYR B 587 64.09 -53.68 55.79
N GLU B 588 62.91 -54.30 55.75
CA GLU B 588 61.79 -53.88 56.58
C GLU B 588 61.86 -54.51 57.97
N TRP B 589 62.44 -55.69 58.08
CA TRP B 589 62.56 -56.39 59.36
C TRP B 589 63.54 -55.66 60.27
N TYR B 590 63.02 -54.75 61.09
CA TYR B 590 63.84 -53.83 61.86
C TYR B 590 64.09 -54.38 63.26
N ASN B 591 64.64 -53.52 64.08
CA ASN B 591 65.03 -53.90 65.43
C ASN B 591 64.02 -53.34 66.43
N PRO B 592 63.37 -54.18 67.23
CA PRO B 592 62.64 -53.67 68.40
C PRO B 592 63.57 -53.34 69.56
N HIS B 593 63.00 -53.10 70.75
CA HIS B 593 63.73 -52.81 71.99
C HIS B 593 64.65 -51.60 71.84
N PRO B 594 64.15 -50.37 71.96
CA PRO B 594 65.05 -49.19 71.87
C PRO B 594 66.13 -49.08 72.95
N CYS B 595 66.18 -49.99 73.92
CA CYS B 595 67.32 -50.06 74.84
C CYS B 595 67.96 -51.46 74.84
N ASN B 596 68.21 -52.01 73.66
CA ASN B 596 68.53 -53.42 73.44
C ASN B 596 69.98 -53.74 73.78
N PRO B 597 70.30 -54.97 74.23
CA PRO B 597 71.64 -55.53 74.01
C PRO B 597 71.85 -56.10 72.60
N ASP B 598 71.42 -55.32 71.60
CA ASP B 598 71.75 -55.09 70.20
C ASP B 598 71.36 -56.15 69.17
N SER B 599 71.01 -57.39 69.55
CA SER B 599 69.72 -58.11 69.29
C SER B 599 70.00 -59.62 69.39
N ASP B 600 68.96 -60.45 69.49
CA ASP B 600 68.69 -61.40 68.42
C ASP B 600 67.18 -61.52 68.30
N VAL B 601 66.52 -60.48 67.75
CA VAL B 601 65.07 -60.40 67.57
C VAL B 601 64.82 -59.46 66.40
N VAL B 602 64.08 -59.94 65.40
CA VAL B 602 63.58 -59.07 64.33
C VAL B 602 62.07 -59.13 64.32
N GLU B 603 61.44 -57.95 64.36
CA GLU B 603 59.98 -57.88 64.39
C GLU B 603 59.43 -56.91 63.34
N ASN B 604 58.60 -57.44 62.45
CA ASN B 604 57.96 -56.64 61.41
C ASN B 604 56.71 -55.98 61.97
N ASN B 605 56.46 -54.74 61.55
CA ASN B 605 55.25 -54.03 61.94
C ASN B 605 54.17 -54.02 60.86
N PHE B 606 54.36 -54.73 59.76
CA PHE B 606 53.32 -54.94 58.75
C PHE B 606 52.68 -56.30 58.99
N THR B 607 51.58 -56.30 59.75
CA THR B 607 50.69 -57.43 59.77
C THR B 607 49.67 -57.26 58.64
N LEU B 608 48.68 -58.15 58.59
CA LEU B 608 47.62 -57.96 57.61
C LEU B 608 46.61 -56.94 58.13
N LEU B 609 46.55 -56.77 59.44
CA LEU B 609 45.71 -55.74 60.03
C LEU B 609 46.31 -54.36 59.80
N ASN B 610 47.64 -54.27 59.81
CA ASN B 610 48.30 -52.98 59.65
C ASN B 610 48.53 -52.64 58.18
N SER B 611 48.57 -53.64 57.31
CA SER B 611 48.70 -53.34 55.89
C SER B 611 47.39 -52.82 55.32
N PHE B 612 46.26 -53.28 55.85
CA PHE B 612 44.98 -52.77 55.38
C PHE B 612 44.61 -51.47 56.06
N TRP B 613 45.22 -51.18 57.21
CA TRP B 613 45.05 -49.87 57.82
C TRP B 613 45.87 -48.82 57.10
N PHE B 614 46.91 -49.23 56.39
CA PHE B 614 47.64 -48.28 55.57
C PHE B 614 46.87 -47.95 54.30
N GLY B 615 46.16 -48.92 53.75
CA GLY B 615 45.37 -48.69 52.56
C GLY B 615 44.14 -47.85 52.83
N VAL B 616 43.56 -47.99 54.02
CA VAL B 616 42.40 -47.19 54.39
C VAL B 616 42.83 -45.85 54.97
N GLY B 617 43.95 -45.82 55.68
CA GLY B 617 44.51 -44.59 56.19
C GLY B 617 44.92 -43.64 55.10
N ALA B 618 45.68 -44.13 54.11
CA ALA B 618 46.13 -43.26 53.04
C ALA B 618 45.08 -43.03 51.96
N LEU B 619 43.83 -43.43 52.21
CA LEU B 619 42.76 -43.18 51.25
C LEU B 619 41.94 -41.97 51.65
N MET B 620 41.76 -41.75 52.96
CA MET B 620 41.02 -40.60 53.45
C MET B 620 41.90 -39.43 53.83
N GLN B 621 43.16 -39.44 53.40
CA GLN B 621 44.15 -38.35 53.52
C GLN B 621 44.62 -38.12 54.96
N GLN B 622 44.01 -38.78 55.95
CA GLN B 622 44.57 -38.77 57.29
C GLN B 622 45.54 -39.93 57.42
N GLY B 623 46.84 -39.61 57.47
CA GLY B 623 47.87 -40.62 57.44
C GLY B 623 47.87 -41.51 58.67
N SER B 624 48.44 -42.69 58.52
CA SER B 624 48.38 -43.73 59.54
C SER B 624 49.57 -43.59 60.49
N GLU B 625 49.65 -44.44 61.50
CA GLU B 625 50.71 -44.35 62.49
C GLU B 625 52.02 -44.91 61.98
N LEU B 626 51.99 -45.68 60.90
CA LEU B 626 53.19 -46.32 60.38
C LEU B 626 53.47 -45.88 58.95
N MET B 627 54.72 -45.53 58.68
CA MET B 627 55.17 -45.27 57.32
C MET B 627 56.20 -46.33 56.96
N PRO B 628 56.23 -46.81 55.72
CA PRO B 628 57.12 -47.91 55.38
C PRO B 628 58.58 -47.51 55.38
N LYS B 629 59.46 -48.43 55.78
CA LYS B 629 60.88 -48.34 55.48
C LYS B 629 61.06 -49.20 54.23
N ALA B 630 62.32 -49.52 53.87
CA ALA B 630 62.61 -50.56 52.89
C ALA B 630 62.05 -50.31 51.50
N LEU B 631 62.79 -49.51 50.70
CA LEU B 631 62.37 -48.82 49.46
C LEU B 631 61.34 -49.58 48.60
N SER B 632 61.42 -50.91 48.55
CA SER B 632 60.42 -51.72 47.85
C SER B 632 59.02 -51.54 48.43
N THR B 633 58.92 -51.26 49.74
CA THR B 633 57.61 -50.99 50.32
C THR B 633 57.30 -49.50 50.34
N ARG B 634 58.25 -48.65 49.93
CA ARG B 634 57.95 -47.22 49.83
C ARG B 634 57.40 -46.88 48.45
N ILE B 635 57.75 -47.66 47.43
CA ILE B 635 57.19 -47.43 46.11
C ILE B 635 55.73 -47.84 46.07
N VAL B 636 55.36 -48.86 46.85
CA VAL B 636 53.94 -49.23 47.00
C VAL B 636 53.19 -48.11 47.71
N GLY B 637 53.76 -47.56 48.77
CA GLY B 637 53.17 -46.43 49.45
C GLY B 637 53.27 -45.17 48.63
N GLY B 638 54.27 -45.09 47.75
CA GLY B 638 54.44 -43.88 46.98
C GLY B 638 53.55 -43.82 45.76
N ILE B 639 53.04 -44.98 45.32
CA ILE B 639 52.19 -45.00 44.14
C ILE B 639 50.73 -45.20 44.55
N TRP B 640 50.51 -45.61 45.80
CA TRP B 640 49.16 -45.58 46.33
C TRP B 640 48.76 -44.17 46.73
N TRP B 641 49.74 -43.35 47.12
CA TRP B 641 49.45 -41.96 47.44
C TRP B 641 49.08 -41.17 46.20
N PHE B 642 49.69 -41.48 45.06
CA PHE B 642 49.32 -40.78 43.84
C PHE B 642 47.99 -41.26 43.31
N PHE B 643 47.63 -42.51 43.64
CA PHE B 643 46.29 -42.98 43.31
C PHE B 643 45.23 -42.22 44.08
N THR B 644 45.36 -42.16 45.42
CA THR B 644 44.33 -41.54 46.25
C THR B 644 44.33 -40.04 46.12
N LEU B 645 45.38 -39.46 45.56
CA LEU B 645 45.37 -38.03 45.26
C LEU B 645 44.47 -37.75 44.07
N ILE B 646 44.53 -38.60 43.05
CA ILE B 646 43.81 -38.34 41.82
C ILE B 646 42.34 -38.75 41.95
N ILE B 647 42.07 -39.78 42.77
CA ILE B 647 40.68 -40.21 42.99
C ILE B 647 39.91 -39.13 43.76
N ILE B 648 40.55 -38.52 44.76
CA ILE B 648 39.86 -37.50 45.53
C ILE B 648 39.79 -36.18 44.78
N SER B 649 40.86 -35.83 44.05
CA SER B 649 40.83 -34.57 43.30
C SER B 649 39.91 -34.67 42.09
N SER B 650 39.54 -35.89 41.68
CA SER B 650 38.51 -36.03 40.66
C SER B 650 37.13 -36.08 41.30
N TYR B 651 37.06 -36.59 42.53
CA TYR B 651 35.80 -36.61 43.27
C TYR B 651 35.36 -35.20 43.64
N THR B 652 36.22 -34.46 44.35
CA THR B 652 35.81 -33.16 44.87
C THR B 652 35.76 -32.08 43.82
N ALA B 653 36.21 -32.35 42.60
CA ALA B 653 36.06 -31.40 41.50
C ALA B 653 34.84 -31.70 40.64
N ASN B 654 34.31 -32.91 40.73
CA ASN B 654 33.07 -33.26 40.07
C ASN B 654 31.86 -33.06 40.97
N LEU B 655 32.06 -32.94 42.28
CA LEU B 655 30.97 -32.91 43.24
C LEU B 655 30.16 -31.61 43.18
N ALA B 656 30.67 -30.60 42.47
CA ALA B 656 29.96 -29.31 42.40
C ALA B 656 28.65 -29.44 41.62
N ALA B 657 28.62 -30.35 40.64
CA ALA B 657 27.43 -30.49 39.81
C ALA B 657 26.41 -31.43 40.45
N PHE B 658 26.88 -32.51 41.07
CA PHE B 658 26.02 -33.55 41.63
C PHE B 658 25.46 -33.20 42.99
N LEU B 659 25.58 -31.96 43.44
CA LEU B 659 25.21 -31.60 44.80
C LEU B 659 23.94 -30.77 44.82
N THR B 660 23.15 -30.89 43.76
CA THR B 660 21.88 -30.19 43.60
C THR B 660 20.79 -31.22 43.42
N VAL B 661 19.75 -31.16 44.25
CA VAL B 661 18.58 -31.98 44.01
C VAL B 661 17.84 -31.47 42.77
N GLU B 662 17.12 -32.37 42.13
CA GLU B 662 16.39 -32.09 40.91
C GLU B 662 14.99 -32.66 41.02
N ARG B 663 14.08 -32.08 40.25
CA ARG B 663 12.65 -32.30 40.37
C ARG B 663 12.30 -33.72 39.97
N MET B 664 11.11 -34.18 40.37
CA MET B 664 10.72 -35.52 39.96
C MET B 664 10.31 -35.51 38.49
N GLU B 665 10.33 -36.70 37.90
CA GLU B 665 9.59 -36.98 36.68
C GLU B 665 8.14 -37.18 37.10
N SER B 666 7.22 -36.88 36.20
CA SER B 666 5.80 -37.06 36.50
C SER B 666 5.48 -38.55 36.52
N PRO B 667 4.46 -38.98 37.28
CA PRO B 667 4.06 -40.40 37.28
C PRO B 667 3.63 -40.90 35.92
N ILE B 668 3.00 -40.01 35.14
CA ILE B 668 2.70 -40.32 33.75
C ILE B 668 3.72 -39.62 32.85
N ASP B 669 3.99 -40.21 31.68
CA ASP B 669 4.89 -39.54 30.76
C ASP B 669 4.41 -39.67 29.32
N SER B 670 3.28 -40.34 29.10
CA SER B 670 2.65 -40.46 27.79
C SER B 670 1.18 -40.78 27.96
N ALA B 671 0.52 -41.18 26.88
CA ALA B 671 -0.83 -41.73 27.03
C ALA B 671 -0.77 -43.22 27.33
N ASP B 672 0.42 -43.81 27.30
CA ASP B 672 0.57 -45.20 27.69
C ASP B 672 0.61 -45.32 29.21
N ASP B 673 1.36 -44.44 29.86
CA ASP B 673 1.49 -44.48 31.31
C ASP B 673 0.19 -44.03 31.99
N LEU B 674 -0.58 -43.19 31.30
CA LEU B 674 -1.80 -42.64 31.85
C LEU B 674 -3.02 -43.52 31.58
N ALA B 675 -2.88 -44.51 30.71
CA ALA B 675 -3.97 -45.46 30.46
C ALA B 675 -3.94 -46.61 31.46
N LYS B 676 -2.77 -46.87 32.04
CA LYS B 676 -2.57 -48.02 32.90
C LYS B 676 -2.85 -47.71 34.36
N GLN B 677 -3.23 -46.48 34.66
CA GLN B 677 -3.40 -46.01 36.03
C GLN B 677 -4.86 -45.68 36.30
N THR B 678 -5.17 -45.51 37.58
CA THR B 678 -6.55 -45.26 38.02
C THR B 678 -6.52 -44.12 39.02
N LYS B 679 -5.33 -43.83 39.55
CA LYS B 679 -5.12 -42.75 40.51
C LYS B 679 -5.35 -41.37 39.88
N ILE B 680 -4.72 -41.10 38.74
CA ILE B 680 -4.94 -39.86 38.01
C ILE B 680 -6.18 -40.05 37.14
N GLU B 681 -7.26 -39.33 37.49
CA GLU B 681 -8.41 -39.28 36.60
C GLU B 681 -8.09 -38.42 35.39
N TYR B 682 -8.79 -38.65 34.30
CA TYR B 682 -8.50 -37.97 33.04
C TYR B 682 -9.72 -37.91 32.14
N GLY B 683 -9.83 -36.81 31.41
CA GLY B 683 -10.95 -36.58 30.53
C GLY B 683 -10.72 -35.42 29.59
N ALA B 684 -11.67 -35.16 28.71
CA ALA B 684 -11.54 -34.09 27.73
C ALA B 684 -12.83 -33.28 27.70
N VAL B 685 -12.86 -32.25 26.85
CA VAL B 685 -14.06 -31.45 26.69
C VAL B 685 -15.11 -32.28 25.98
N GLU B 686 -16.31 -32.34 26.56
CA GLU B 686 -17.40 -33.14 26.01
C GLU B 686 -17.91 -32.50 24.73
N ASP B 687 -18.09 -33.33 23.70
CA ASP B 687 -18.51 -33.04 22.32
C ASP B 687 -17.51 -32.18 21.56
N GLY B 688 -16.22 -32.33 21.81
CA GLY B 688 -15.23 -31.68 20.98
C GLY B 688 -14.70 -32.60 19.91
N ALA B 689 -13.56 -32.22 19.35
CA ALA B 689 -12.87 -33.13 18.43
C ALA B 689 -11.93 -34.05 19.18
N THR B 690 -11.82 -33.88 20.50
CA THR B 690 -10.91 -34.69 21.30
C THR B 690 -11.64 -35.86 21.94
N MET B 691 -12.86 -35.60 22.43
CA MET B 691 -13.70 -36.70 22.90
C MET B 691 -14.09 -37.60 21.75
N THR B 692 -14.37 -37.01 20.58
CA THR B 692 -14.85 -37.78 19.44
C THR B 692 -13.72 -38.62 18.84
N PHE B 693 -12.47 -38.19 19.03
CA PHE B 693 -11.32 -38.99 18.63
C PHE B 693 -11.24 -40.29 19.42
N PHE B 694 -11.50 -40.25 20.73
CA PHE B 694 -11.48 -41.48 21.50
C PHE B 694 -12.77 -42.27 21.38
N LYS B 695 -13.87 -41.61 21.02
CA LYS B 695 -15.13 -42.30 20.83
C LYS B 695 -15.10 -43.20 19.61
N LYS B 696 -14.39 -42.78 18.56
CA LYS B 696 -14.33 -43.51 17.31
C LYS B 696 -13.04 -44.30 17.12
N SER B 697 -12.12 -44.25 18.08
CA SER B 697 -10.87 -44.95 17.92
C SER B 697 -11.05 -46.45 18.18
N LYS B 698 -10.09 -47.24 17.72
CA LYS B 698 -10.15 -48.68 17.84
C LYS B 698 -8.81 -49.25 18.26
N ILE B 699 -7.77 -48.42 18.24
CA ILE B 699 -6.42 -48.84 18.63
C ILE B 699 -6.42 -49.07 20.14
N SER B 700 -5.52 -49.95 20.60
CA SER B 700 -5.55 -50.55 21.94
C SER B 700 -5.49 -49.55 23.10
N THR B 701 -4.52 -48.62 23.04
CA THR B 701 -4.32 -47.69 24.15
C THR B 701 -5.45 -46.67 24.21
N TYR B 702 -5.96 -46.26 23.06
CA TYR B 702 -6.87 -45.11 23.04
C TYR B 702 -8.31 -45.59 23.14
N ASP B 703 -8.51 -46.90 23.21
CA ASP B 703 -9.83 -47.46 23.52
C ASP B 703 -9.95 -47.72 25.01
N LYS B 704 -8.83 -48.03 25.67
CA LYS B 704 -8.78 -48.09 27.12
C LYS B 704 -9.08 -46.74 27.74
N MET B 705 -8.64 -45.67 27.09
CA MET B 705 -8.85 -44.33 27.61
C MET B 705 -10.24 -43.81 27.28
N TRP B 706 -11.06 -44.59 26.57
CA TRP B 706 -12.46 -44.22 26.42
C TRP B 706 -13.37 -45.17 27.19
N ALA B 707 -12.89 -46.37 27.50
CA ALA B 707 -13.58 -47.22 28.46
C ALA B 707 -13.59 -46.58 29.85
N PHE B 708 -12.55 -45.79 30.14
CA PHE B 708 -12.50 -45.07 31.40
C PHE B 708 -13.46 -43.87 31.39
N MET B 709 -13.44 -43.09 30.31
CA MET B 709 -14.20 -41.85 30.26
C MET B 709 -15.70 -42.11 30.13
N SER B 710 -16.09 -43.24 29.51
CA SER B 710 -17.51 -43.49 29.32
C SER B 710 -18.14 -44.05 30.59
N SER B 711 -17.32 -44.63 31.47
CA SER B 711 -17.83 -45.08 32.77
C SER B 711 -18.05 -43.91 33.70
N ARG B 712 -17.31 -42.83 33.51
CA ARG B 712 -17.37 -41.67 34.40
C ARG B 712 -17.64 -40.37 33.65
N ARG B 713 -18.58 -40.35 32.71
CA ARG B 713 -18.73 -39.19 31.83
C ARG B 713 -19.40 -37.99 32.49
N GLN B 714 -19.65 -38.04 33.78
CA GLN B 714 -20.20 -36.89 34.48
C GLN B 714 -19.09 -36.23 35.30
N SER B 715 -18.07 -37.01 35.64
CA SER B 715 -17.05 -36.56 36.57
C SER B 715 -15.73 -36.18 35.92
N VAL B 716 -15.36 -36.79 34.79
CA VAL B 716 -14.04 -36.54 34.24
C VAL B 716 -14.15 -35.71 32.96
N LEU B 717 -15.32 -35.65 32.35
CA LEU B 717 -15.49 -34.90 31.11
C LEU B 717 -16.02 -33.51 31.44
N VAL B 718 -15.13 -32.53 31.50
CA VAL B 718 -15.49 -31.14 31.73
C VAL B 718 -16.14 -30.59 30.46
N LYS B 719 -16.76 -29.40 30.55
CA LYS B 719 -17.51 -28.89 29.42
C LYS B 719 -16.91 -27.61 28.83
N SER B 720 -15.69 -27.27 29.23
CA SER B 720 -14.92 -26.20 28.61
C SER B 720 -13.44 -26.38 28.94
N ASN B 721 -12.55 -25.68 28.23
CA ASN B 721 -11.15 -25.76 28.59
C ASN B 721 -10.86 -25.08 29.92
N GLU B 722 -11.63 -24.06 30.28
CA GLU B 722 -11.35 -23.37 31.54
C GLU B 722 -11.81 -24.20 32.74
N GLU B 723 -12.82 -25.04 32.56
CA GLU B 723 -13.17 -25.98 33.62
C GLU B 723 -12.16 -27.13 33.66
N GLY B 724 -11.41 -27.32 32.58
CA GLY B 724 -10.38 -28.34 32.59
C GLY B 724 -9.10 -27.86 33.26
N ILE B 725 -8.71 -26.62 32.97
CA ILE B 725 -7.45 -26.09 33.49
C ILE B 725 -7.54 -25.84 34.99
N GLN B 726 -8.75 -25.52 35.47
CA GLN B 726 -8.90 -25.33 36.91
C GLN B 726 -8.92 -26.67 37.63
N ARG B 727 -9.29 -27.75 36.94
CA ARG B 727 -9.41 -29.03 37.63
C ARG B 727 -8.07 -29.77 37.61
N VAL B 728 -7.20 -29.45 36.65
CA VAL B 728 -5.80 -29.84 36.74
C VAL B 728 -5.15 -29.20 37.96
N LEU B 729 -5.43 -27.92 38.18
CA LEU B 729 -4.97 -27.18 39.35
C LEU B 729 -5.60 -27.70 40.65
N THR B 730 -6.92 -27.59 40.76
CA THR B 730 -7.57 -27.81 42.05
C THR B 730 -7.86 -29.28 42.34
N SER B 731 -7.26 -30.22 41.62
CA SER B 731 -7.47 -31.64 41.89
C SER B 731 -6.26 -32.41 41.40
N ASP B 732 -6.39 -33.72 41.29
CA ASP B 732 -5.39 -34.58 40.67
C ASP B 732 -6.01 -35.13 39.39
N TYR B 733 -5.51 -34.65 38.25
CA TYR B 733 -6.27 -34.74 37.01
C TYR B 733 -5.32 -34.44 35.86
N ALA B 734 -5.52 -35.13 34.74
CA ALA B 734 -4.72 -34.93 33.54
C ALA B 734 -5.66 -34.68 32.38
N PHE B 735 -5.62 -33.48 31.82
CA PHE B 735 -6.62 -33.05 30.87
C PHE B 735 -6.02 -33.03 29.47
N LEU B 736 -6.78 -33.54 28.50
CA LEU B 736 -6.26 -33.87 27.17
C LEU B 736 -6.70 -32.79 26.19
N MET B 737 -5.85 -31.80 25.97
CA MET B 737 -6.25 -30.66 25.19
C MET B 737 -5.82 -30.83 23.74
N GLU B 738 -5.90 -29.74 22.98
CA GLU B 738 -5.25 -29.64 21.69
C GLU B 738 -3.83 -29.18 21.96
N SER B 739 -2.95 -29.25 20.97
CA SER B 739 -1.55 -28.95 21.25
C SER B 739 -1.29 -27.46 21.34
N THR B 740 -2.14 -26.65 20.70
CA THR B 740 -1.84 -25.22 20.60
C THR B 740 -2.28 -24.47 21.85
N THR B 741 -3.32 -24.94 22.52
CA THR B 741 -3.77 -24.24 23.71
C THR B 741 -2.82 -24.51 24.86
N ILE B 742 -2.19 -25.69 24.87
CA ILE B 742 -1.21 -26.03 25.90
C ILE B 742 0.05 -25.18 25.73
N GLU B 743 0.36 -24.78 24.49
CA GLU B 743 1.52 -23.93 24.25
C GLU B 743 1.28 -22.51 24.75
N PHE B 744 0.03 -22.14 25.05
CA PHE B 744 -0.25 -20.85 25.65
C PHE B 744 -0.32 -20.93 27.16
N VAL B 745 -1.09 -21.89 27.67
CA VAL B 745 -1.37 -22.04 29.09
C VAL B 745 -0.09 -22.31 29.87
N THR B 746 0.77 -23.19 29.34
CA THR B 746 2.01 -23.52 30.03
C THR B 746 3.06 -22.43 29.95
N GLN B 747 2.82 -21.39 29.15
CA GLN B 747 3.68 -20.22 29.22
C GLN B 747 3.27 -19.34 30.38
N ARG B 748 2.05 -18.78 30.31
CA ARG B 748 1.62 -17.77 31.27
C ARG B 748 1.42 -18.36 32.67
N ASN B 749 1.00 -19.61 32.74
CA ASN B 749 0.96 -20.32 34.02
C ASN B 749 2.21 -21.18 34.10
N CYS B 750 2.71 -21.38 35.32
CA CYS B 750 4.08 -21.86 35.48
C CYS B 750 4.07 -23.12 36.34
N ASN B 751 2.89 -23.64 36.64
CA ASN B 751 2.73 -24.92 37.33
C ASN B 751 2.20 -26.01 36.42
N LEU B 752 2.02 -25.72 35.13
CA LEU B 752 1.43 -26.67 34.20
C LEU B 752 2.42 -26.95 33.08
N THR B 753 2.43 -28.20 32.61
CA THR B 753 3.37 -28.66 31.60
C THR B 753 2.67 -29.64 30.67
N GLN B 754 3.29 -29.89 29.53
CA GLN B 754 2.75 -30.78 28.51
C GLN B 754 3.34 -32.18 28.68
N ILE B 755 2.62 -33.01 29.42
CA ILE B 755 3.07 -34.36 29.67
C ILE B 755 2.79 -35.23 28.45
N GLY B 756 3.84 -35.53 27.69
CA GLY B 756 3.69 -36.46 26.58
C GLY B 756 3.96 -35.75 25.27
N GLY B 757 3.80 -36.50 24.20
CA GLY B 757 3.92 -35.96 22.86
C GLY B 757 2.55 -35.88 22.24
N LEU B 758 2.47 -35.48 20.98
CA LEU B 758 1.19 -35.34 20.31
C LEU B 758 0.60 -36.72 20.00
N ILE B 759 -0.65 -36.92 20.38
CA ILE B 759 -1.33 -38.18 20.11
C ILE B 759 -1.68 -38.33 18.63
N ASP B 760 -2.43 -37.39 18.06
CA ASP B 760 -2.63 -37.40 16.63
C ASP B 760 -2.03 -36.11 16.06
N SER B 761 -2.32 -35.85 14.80
CA SER B 761 -1.98 -34.59 14.18
C SER B 761 -3.14 -34.16 13.29
N LYS B 762 -3.67 -32.97 13.56
CA LYS B 762 -4.78 -32.40 12.83
C LYS B 762 -4.70 -30.91 13.02
N GLY B 763 -5.47 -30.17 12.23
CA GLY B 763 -5.26 -28.74 12.12
C GLY B 763 -6.57 -27.99 12.11
N TYR B 764 -6.44 -26.67 12.22
CA TYR B 764 -7.56 -25.76 12.19
C TYR B 764 -8.03 -25.48 10.76
N GLY B 765 -8.91 -24.51 10.59
CA GLY B 765 -9.37 -24.20 9.26
C GLY B 765 -10.65 -23.38 9.23
N VAL B 766 -10.69 -22.41 8.33
CA VAL B 766 -11.89 -21.62 8.10
C VAL B 766 -12.96 -22.49 7.46
N GLY B 767 -14.04 -22.73 8.19
CA GLY B 767 -15.08 -23.59 7.70
C GLY B 767 -16.03 -22.86 6.78
N THR B 768 -16.33 -23.50 5.66
CA THR B 768 -17.22 -22.96 4.65
C THR B 768 -18.36 -23.95 4.45
N PRO B 769 -19.55 -23.52 3.99
CA PRO B 769 -20.62 -24.48 3.69
C PRO B 769 -20.26 -25.37 2.53
N MET B 770 -20.90 -26.53 2.41
CA MET B 770 -20.50 -27.51 1.42
C MET B 770 -20.91 -27.07 0.03
N GLY B 771 -19.99 -26.40 -0.68
CA GLY B 771 -20.26 -25.89 -2.00
C GLY B 771 -19.90 -24.43 -2.16
N SER B 772 -19.53 -23.77 -1.06
CA SER B 772 -19.22 -22.35 -1.08
C SER B 772 -17.90 -22.08 -1.77
N PRO B 773 -17.84 -21.06 -2.64
CA PRO B 773 -16.57 -20.73 -3.31
C PRO B 773 -15.57 -19.99 -2.45
N TYR B 774 -15.93 -19.62 -1.22
CA TYR B 774 -14.97 -18.99 -0.32
C TYR B 774 -14.00 -20.00 0.29
N ARG B 775 -14.24 -21.30 0.07
CA ARG B 775 -13.27 -22.35 0.35
C ARG B 775 -11.97 -22.09 -0.36
N ASP B 776 -12.03 -21.94 -1.69
CA ASP B 776 -10.81 -21.87 -2.49
C ASP B 776 -10.18 -20.50 -2.45
N LYS B 777 -10.95 -19.46 -2.13
CA LYS B 777 -10.37 -18.13 -2.11
C LYS B 777 -9.64 -17.85 -0.80
N ILE B 778 -9.93 -18.64 0.24
CA ILE B 778 -9.18 -18.50 1.48
C ILE B 778 -8.06 -19.53 1.53
N THR B 779 -8.23 -20.66 0.83
CA THR B 779 -7.19 -21.65 0.61
C THR B 779 -5.89 -21.04 0.08
N ILE B 780 -6.00 -20.23 -0.98
CA ILE B 780 -4.84 -19.49 -1.49
C ILE B 780 -4.45 -18.37 -0.52
N ALA B 781 -5.44 -17.78 0.15
CA ALA B 781 -5.16 -16.63 1.01
C ALA B 781 -4.41 -17.01 2.28
N ILE B 782 -4.71 -18.19 2.84
CA ILE B 782 -3.97 -18.67 4.01
C ILE B 782 -2.53 -19.01 3.64
N LEU B 783 -2.33 -19.53 2.43
CA LEU B 783 -0.98 -19.78 1.93
C LEU B 783 -0.23 -18.48 1.68
N GLN B 784 -0.96 -17.38 1.45
CA GLN B 784 -0.34 -16.11 1.13
C GLN B 784 0.29 -15.48 2.36
N LEU B 785 -0.36 -15.60 3.52
CA LEU B 785 0.19 -15.04 4.75
C LEU B 785 1.31 -15.89 5.29
N GLN B 786 1.41 -17.15 4.85
CA GLN B 786 2.35 -18.07 5.46
C GLN B 786 3.75 -17.87 4.91
N GLU B 787 3.87 -17.79 3.57
CA GLU B 787 5.19 -17.62 2.97
C GLU B 787 5.73 -16.21 3.16
N GLU B 788 4.85 -15.25 3.44
CA GLU B 788 5.28 -13.93 3.85
C GLU B 788 5.71 -13.91 5.32
N GLY B 789 5.25 -14.88 6.11
CA GLY B 789 5.56 -14.95 7.51
C GLY B 789 4.59 -14.22 8.42
N LYS B 790 3.35 -14.02 8.00
CA LYS B 790 2.38 -13.34 8.85
C LYS B 790 1.70 -14.30 9.81
N LEU B 791 1.50 -15.56 9.39
CA LEU B 791 0.90 -16.54 10.29
C LEU B 791 1.86 -16.90 11.42
N HIS B 792 3.16 -16.80 11.17
CA HIS B 792 4.14 -16.99 12.24
C HIS B 792 4.22 -15.74 13.10
N MET B 793 3.95 -14.57 12.52
CA MET B 793 4.09 -13.32 13.25
C MET B 793 2.93 -13.12 14.20
N MET B 794 1.72 -13.52 13.79
CA MET B 794 0.56 -13.36 14.65
C MET B 794 0.57 -14.38 15.79
N LYS B 795 1.05 -15.59 15.51
CA LYS B 795 1.13 -16.63 16.53
C LYS B 795 2.19 -16.29 17.56
N GLU B 796 3.27 -15.65 17.11
CA GLU B 796 4.34 -15.20 18.00
C GLU B 796 3.82 -14.15 18.97
N LYS B 797 2.89 -13.32 18.51
CA LYS B 797 2.43 -12.16 19.28
C LYS B 797 1.51 -12.59 20.42
N TRP B 798 0.82 -13.73 20.27
CA TRP B 798 -0.15 -14.12 21.28
C TRP B 798 0.27 -15.30 22.14
N TRP B 799 0.84 -16.36 21.56
CA TRP B 799 1.31 -17.49 22.35
C TRP B 799 2.62 -17.23 23.09
N ARG B 800 3.27 -16.10 22.90
CA ARG B 800 4.41 -15.78 23.73
C ARG B 800 4.03 -14.77 24.81
N GLY B 801 4.41 -15.09 26.04
CA GLY B 801 4.17 -14.22 27.17
C GLY B 801 5.29 -14.38 28.17
N ASN B 802 4.92 -14.27 29.46
CA ASN B 802 5.86 -14.50 30.54
C ASN B 802 6.28 -15.97 30.49
N GLY B 803 7.53 -16.23 30.13
CA GLY B 803 7.94 -17.54 29.69
C GLY B 803 8.07 -18.67 30.71
N CYS B 804 7.77 -18.40 32.00
CA CYS B 804 8.12 -19.25 33.15
C CYS B 804 9.61 -19.61 33.08
N PRO B 805 10.52 -18.66 33.33
CA PRO B 805 11.94 -18.90 33.02
C PRO B 805 12.71 -19.49 34.18
N GLU B 806 12.00 -19.96 35.21
CA GLU B 806 12.58 -20.26 36.51
C GLU B 806 13.41 -21.54 36.58
N GLU B 807 13.74 -22.12 35.42
CA GLU B 807 14.49 -23.38 35.34
C GLU B 807 15.91 -23.26 35.88
N GLU B 808 16.60 -22.15 35.58
CA GLU B 808 18.00 -21.98 35.98
C GLU B 808 18.12 -21.90 37.50
N SER B 809 17.64 -20.79 38.08
CA SER B 809 17.41 -20.55 39.51
C SER B 809 18.51 -21.03 40.46
N LYS B 810 19.78 -20.74 40.17
CA LYS B 810 20.86 -21.27 40.99
C LYS B 810 20.82 -20.65 42.38
N GLU B 811 21.28 -19.39 42.54
CA GLU B 811 20.92 -18.38 43.54
C GLU B 811 20.84 -18.79 45.02
N ALA B 812 21.21 -20.03 45.35
CA ALA B 812 20.64 -20.67 46.54
C ALA B 812 21.37 -21.96 46.92
N SER B 813 20.64 -22.80 47.67
CA SER B 813 20.97 -24.18 48.03
C SER B 813 22.16 -24.32 48.96
N ALA B 814 22.03 -23.79 50.17
CA ALA B 814 22.78 -24.25 51.32
C ALA B 814 22.44 -25.72 51.52
N LEU B 815 23.45 -26.54 51.79
CA LEU B 815 23.23 -27.98 51.92
C LEU B 815 22.50 -28.31 53.20
N GLY B 816 21.61 -29.30 53.14
CA GLY B 816 20.85 -29.65 54.33
C GLY B 816 20.92 -31.13 54.56
N VAL B 817 19.86 -31.65 55.21
CA VAL B 817 19.78 -33.06 55.53
C VAL B 817 19.06 -33.74 54.36
N GLN B 818 18.67 -32.95 53.37
CA GLN B 818 18.23 -33.48 52.08
C GLN B 818 19.40 -33.82 51.17
N ASN B 819 20.33 -32.88 50.99
CA ASN B 819 21.45 -33.07 50.08
C ASN B 819 22.49 -34.04 50.64
N ILE B 820 23.10 -33.67 51.76
CA ILE B 820 24.18 -34.46 52.33
C ILE B 820 23.59 -35.69 52.98
N GLY B 821 22.86 -35.51 54.08
CA GLY B 821 21.77 -36.36 54.52
C GLY B 821 21.97 -37.83 54.81
N GLY B 822 23.04 -38.42 54.32
CA GLY B 822 23.10 -39.86 54.30
C GLY B 822 24.43 -40.38 54.77
N ILE B 823 25.34 -39.47 55.12
CA ILE B 823 26.57 -39.91 55.75
C ILE B 823 26.27 -40.29 57.18
N PHE B 824 25.32 -39.57 57.79
CA PHE B 824 24.88 -39.85 59.15
C PHE B 824 24.21 -41.22 59.25
N ILE B 825 23.70 -41.73 58.12
CA ILE B 825 23.28 -43.13 58.08
C ILE B 825 24.51 -44.05 58.04
N VAL B 826 25.47 -43.76 57.16
CA VAL B 826 26.61 -44.66 57.05
C VAL B 826 27.64 -44.36 58.13
N LEU B 827 27.45 -43.29 58.90
CA LEU B 827 28.18 -43.15 60.15
C LEU B 827 27.55 -44.01 61.23
N ALA B 828 26.22 -43.93 61.37
CA ALA B 828 25.56 -44.67 62.44
C ALA B 828 25.49 -46.16 62.12
N ALA B 829 25.69 -46.54 60.87
CA ALA B 829 25.79 -47.95 60.53
C ALA B 829 27.22 -48.45 60.68
N GLY B 830 28.16 -47.54 60.86
CA GLY B 830 29.55 -47.95 61.05
C GLY B 830 29.89 -48.11 62.51
N LEU B 831 29.27 -47.30 63.37
CA LEU B 831 29.51 -47.42 64.80
C LEU B 831 28.81 -48.63 65.40
N VAL B 832 27.60 -48.95 64.93
CA VAL B 832 26.89 -50.13 65.43
C VAL B 832 27.60 -51.40 64.99
N LEU B 833 28.18 -51.38 63.79
CA LEU B 833 29.12 -52.42 63.37
C LEU B 833 30.31 -52.53 64.30
N SER B 834 30.80 -51.42 64.83
CA SER B 834 32.01 -51.45 65.64
C SER B 834 31.72 -51.92 67.07
N VAL B 835 30.49 -51.74 67.54
CA VAL B 835 30.14 -52.25 68.85
C VAL B 835 30.07 -53.77 68.82
N PHE B 836 29.64 -54.33 67.69
CA PHE B 836 29.55 -55.78 67.55
C PHE B 836 30.93 -56.43 67.50
N VAL B 837 31.89 -55.78 66.86
CA VAL B 837 33.24 -56.35 66.84
C VAL B 837 34.01 -55.98 68.10
N ALA B 838 33.45 -55.13 68.96
CA ALA B 838 34.00 -54.97 70.30
C ALA B 838 33.55 -56.11 71.20
N VAL B 839 32.38 -56.68 70.90
CA VAL B 839 31.95 -57.90 71.57
C VAL B 839 32.78 -59.08 71.10
N GLY B 840 33.09 -59.10 69.80
CA GLY B 840 33.92 -60.13 69.20
C GLY B 840 35.34 -60.19 69.73
N GLU B 841 35.91 -59.03 70.06
CA GLU B 841 37.22 -59.01 70.69
C GLU B 841 37.13 -59.35 72.16
N PHE B 842 36.00 -59.02 72.79
CA PHE B 842 35.78 -59.33 74.19
C PHE B 842 35.66 -60.84 74.43
N LEU B 843 35.11 -61.54 73.43
CA LEU B 843 34.90 -62.98 73.60
C LEU B 843 36.12 -63.77 73.15
N TYR B 844 36.73 -63.38 72.02
CA TYR B 844 37.82 -64.16 71.45
C TYR B 844 39.09 -64.07 72.31
N LYS B 845 39.28 -62.95 73.00
CA LYS B 845 40.36 -62.88 73.96
C LYS B 845 40.02 -63.64 75.23
N SER B 846 38.76 -63.63 75.65
CA SER B 846 38.35 -64.40 76.81
C SER B 846 38.36 -65.89 76.51
N LYS B 847 38.03 -66.29 75.28
CA LYS B 847 38.23 -67.68 74.88
C LYS B 847 39.70 -68.02 74.67
N LYS B 848 40.55 -67.02 74.44
CA LYS B 848 41.98 -67.25 74.47
C LYS B 848 42.48 -67.36 75.91
N ASN B 849 41.87 -66.60 76.82
CA ASN B 849 42.13 -66.79 78.24
C ASN B 849 41.48 -68.05 78.77
N ALA B 850 40.48 -68.59 78.05
CA ALA B 850 39.88 -69.87 78.40
C ALA B 850 40.71 -71.05 77.95
N GLN B 851 41.80 -70.82 77.21
CA GLN B 851 42.77 -71.87 76.94
C GLN B 851 43.73 -72.09 78.09
N LEU B 852 43.60 -71.31 79.16
CA LEU B 852 44.48 -71.43 80.32
C LEU B 852 43.69 -71.84 81.56
N GLU B 853 42.43 -71.43 81.64
CA GLU B 853 41.56 -71.63 82.80
C GLU B 853 40.13 -71.86 82.33
N LYS B 854 39.17 -71.62 83.22
CA LYS B 854 37.77 -72.03 83.13
C LYS B 854 37.02 -71.55 81.89
N ARG B 855 35.82 -72.10 81.66
CA ARG B 855 35.23 -72.27 80.33
C ARG B 855 34.88 -70.97 79.58
N SER B 856 33.96 -70.15 80.07
CA SER B 856 33.66 -68.91 79.37
C SER B 856 33.35 -67.77 80.32
N PHE B 857 32.89 -68.10 81.53
CA PHE B 857 32.22 -67.10 82.37
C PHE B 857 33.19 -66.43 83.33
N CYS B 858 34.16 -67.20 83.85
CA CYS B 858 35.09 -66.66 84.83
C CYS B 858 36.09 -65.73 84.16
N SER B 859 36.51 -66.05 82.94
CA SER B 859 37.44 -65.18 82.24
C SER B 859 36.75 -63.91 81.73
N ALA B 860 35.44 -63.98 81.50
CA ALA B 860 34.71 -62.82 80.99
C ALA B 860 34.42 -61.81 82.09
N MET B 861 34.06 -62.31 83.28
CA MET B 861 33.61 -61.40 84.35
C MET B 861 34.78 -60.66 84.97
N VAL B 862 35.99 -61.21 84.89
CA VAL B 862 37.18 -60.50 85.37
C VAL B 862 37.51 -59.36 84.42
N GLU B 863 37.42 -59.62 83.11
CA GLU B 863 37.58 -58.56 82.14
C GLU B 863 36.42 -57.57 82.18
N GLU B 864 35.24 -58.03 82.61
CA GLU B 864 34.09 -57.14 82.74
C GLU B 864 34.27 -56.20 83.94
N LEU B 865 34.83 -56.71 85.05
CA LEU B 865 34.93 -55.90 86.25
C LEU B 865 36.05 -54.87 86.16
N ARG B 866 37.13 -55.18 85.44
CA ARG B 866 38.21 -54.20 85.27
C ARG B 866 37.78 -53.06 84.36
N MET B 867 36.86 -53.32 83.44
CA MET B 867 36.30 -52.26 82.60
C MET B 867 35.39 -51.34 83.41
N SER B 868 34.80 -51.85 84.49
CA SER B 868 33.91 -51.02 85.29
C SER B 868 34.68 -49.99 86.12
N LEU B 869 35.93 -50.32 86.51
CA LEU B 869 36.71 -49.41 87.32
C LEU B 869 37.25 -48.24 86.51
N LYS B 870 37.41 -48.43 85.19
CA LYS B 870 37.80 -47.40 84.18
C LYS B 870 39.25 -46.93 84.33
N CYS B 871 39.93 -47.37 85.39
CA CYS B 871 41.30 -46.94 85.69
C CYS B 871 42.12 -48.09 86.26
N GLN B 872 41.89 -49.32 85.77
CA GLN B 872 42.43 -50.54 86.36
C GLN B 872 43.96 -50.59 86.43
N ARG B 873 44.62 -50.67 85.27
CA ARG B 873 46.07 -50.52 85.11
C ARG B 873 46.89 -51.49 85.95
N ARG B 874 46.84 -52.78 85.63
CA ARG B 874 47.61 -53.81 86.34
C ARG B 874 49.12 -53.58 86.30
N THR C 33 -39.15 -21.50 -88.26
CA THR C 33 -38.85 -22.71 -89.00
C THR C 33 -37.97 -23.63 -88.16
N HIS C 34 -36.70 -23.75 -88.55
CA HIS C 34 -35.76 -24.58 -87.81
C HIS C 34 -34.40 -23.91 -87.63
N VAL C 35 -34.19 -22.72 -88.19
CA VAL C 35 -32.90 -22.05 -88.15
C VAL C 35 -32.90 -21.01 -87.04
N LEU C 36 -32.00 -21.20 -86.07
CA LEU C 36 -32.00 -20.41 -84.84
C LEU C 36 -30.63 -19.89 -84.46
N ARG C 37 -29.97 -19.18 -85.39
CA ARG C 37 -28.68 -18.53 -85.22
C ARG C 37 -28.59 -17.69 -83.94
N PHE C 38 -27.68 -18.05 -83.03
CA PHE C 38 -27.58 -17.42 -81.72
C PHE C 38 -26.93 -16.05 -81.69
N GLY C 39 -25.65 -15.99 -82.00
CA GLY C 39 -24.80 -14.85 -81.67
C GLY C 39 -23.62 -15.32 -80.86
N GLY C 40 -22.44 -14.82 -81.21
CA GLY C 40 -21.21 -15.48 -80.83
C GLY C 40 -20.01 -14.68 -80.38
N ILE C 41 -20.18 -13.61 -79.62
CA ILE C 41 -19.00 -12.86 -79.18
C ILE C 41 -18.24 -13.65 -78.12
N PHE C 42 -16.97 -13.98 -78.41
CA PHE C 42 -16.11 -14.76 -77.53
C PHE C 42 -14.69 -14.21 -77.53
N GLU C 43 -13.77 -15.00 -76.98
CA GLU C 43 -12.43 -14.55 -76.67
C GLU C 43 -11.49 -14.82 -77.85
N TYR C 44 -10.49 -13.95 -78.04
CA TYR C 44 -9.59 -14.06 -79.19
C TYR C 44 -8.19 -14.40 -78.70
N VAL C 45 -7.76 -15.63 -78.97
CA VAL C 45 -6.34 -16.00 -78.95
C VAL C 45 -6.01 -16.63 -80.29
N GLU C 46 -4.77 -16.43 -80.75
CA GLU C 46 -4.30 -17.02 -81.99
C GLU C 46 -3.28 -18.13 -81.77
N SER C 47 -2.68 -18.20 -80.58
CA SER C 47 -1.66 -19.20 -80.30
C SER C 47 -2.30 -20.55 -80.03
N GLY C 48 -3.14 -20.62 -79.01
CA GLY C 48 -3.77 -21.86 -78.62
C GLY C 48 -5.10 -22.09 -79.31
N PRO C 49 -5.87 -23.05 -78.82
CA PRO C 49 -7.21 -23.29 -79.35
C PRO C 49 -8.23 -22.28 -78.85
N MET C 50 -9.51 -22.53 -79.14
CA MET C 50 -10.62 -21.72 -78.67
C MET C 50 -10.65 -21.61 -77.15
N GLY C 51 -11.17 -20.49 -76.64
CA GLY C 51 -11.28 -20.30 -75.20
C GLY C 51 -12.27 -21.26 -74.57
N ALA C 52 -12.16 -21.36 -73.24
CA ALA C 52 -12.94 -22.36 -72.50
C ALA C 52 -14.42 -22.07 -72.55
N GLU C 53 -14.80 -20.78 -72.55
CA GLU C 53 -16.21 -20.44 -72.72
C GLU C 53 -16.65 -20.68 -74.16
N GLU C 54 -15.76 -20.47 -75.12
CA GLU C 54 -16.09 -20.77 -76.52
C GLU C 54 -16.15 -22.27 -76.76
N LEU C 55 -15.23 -23.02 -76.16
CA LEU C 55 -15.15 -24.45 -76.41
C LEU C 55 -16.33 -25.19 -75.79
N ALA C 56 -16.79 -24.72 -74.63
CA ALA C 56 -17.96 -25.32 -74.01
C ALA C 56 -19.23 -24.94 -74.75
N PHE C 57 -19.22 -23.77 -75.40
CA PHE C 57 -20.41 -23.29 -76.11
C PHE C 57 -20.72 -24.14 -77.33
N ARG C 58 -19.72 -24.39 -78.17
CA ARG C 58 -19.92 -25.26 -79.33
C ARG C 58 -20.15 -26.70 -78.88
N PHE C 59 -19.60 -27.07 -77.73
CA PHE C 59 -19.92 -28.35 -77.12
C PHE C 59 -21.37 -28.40 -76.68
N ALA C 60 -21.92 -27.25 -76.25
CA ALA C 60 -23.29 -27.22 -75.78
C ALA C 60 -24.28 -27.24 -76.94
N VAL C 61 -23.99 -26.49 -78.00
CA VAL C 61 -24.91 -26.41 -79.13
C VAL C 61 -24.96 -27.74 -79.87
N ASN C 62 -23.81 -28.41 -79.99
CA ASN C 62 -23.77 -29.72 -80.64
C ASN C 62 -24.42 -30.79 -79.78
N THR C 63 -24.43 -30.59 -78.46
CA THR C 63 -25.12 -31.51 -77.58
C THR C 63 -26.64 -31.43 -77.75
N ILE C 64 -27.18 -30.22 -77.77
CA ILE C 64 -28.62 -30.03 -77.85
C ILE C 64 -29.14 -30.35 -79.25
N ASN C 65 -28.27 -30.33 -80.26
CA ASN C 65 -28.67 -30.78 -81.59
C ASN C 65 -28.72 -32.29 -81.69
N ARG C 66 -27.87 -33.01 -80.95
CA ARG C 66 -27.94 -34.47 -80.88
C ARG C 66 -29.15 -34.91 -80.07
N ASN C 67 -29.29 -34.35 -78.87
CA ASN C 67 -30.44 -34.58 -78.00
C ASN C 67 -31.74 -34.16 -78.69
N ARG C 68 -32.73 -35.04 -78.61
CA ARG C 68 -34.02 -34.84 -79.26
C ARG C 68 -35.11 -34.44 -78.26
N THR C 69 -34.90 -34.77 -76.98
CA THR C 69 -35.85 -34.40 -75.93
C THR C 69 -35.88 -32.90 -75.72
N LEU C 70 -34.76 -32.31 -75.32
CA LEU C 70 -34.63 -30.87 -75.22
C LEU C 70 -34.51 -30.30 -76.63
N LEU C 71 -35.20 -29.18 -76.91
CA LEU C 71 -35.26 -28.49 -78.20
C LEU C 71 -35.74 -29.50 -79.25
N PRO C 72 -37.05 -29.81 -79.26
CA PRO C 72 -37.53 -31.08 -79.80
C PRO C 72 -37.50 -31.22 -81.32
N ASN C 73 -37.63 -30.10 -82.03
CA ASN C 73 -37.82 -30.23 -83.47
C ASN C 73 -36.88 -29.33 -84.27
N THR C 74 -36.56 -28.14 -83.79
CA THR C 74 -35.75 -27.23 -84.58
C THR C 74 -34.27 -27.58 -84.51
N THR C 75 -33.43 -26.66 -84.99
CA THR C 75 -31.97 -26.82 -85.01
C THR C 75 -31.35 -25.57 -84.41
N LEU C 76 -30.20 -25.73 -83.76
CA LEU C 76 -29.49 -24.58 -83.21
C LEU C 76 -28.15 -24.39 -83.89
N THR C 77 -27.86 -23.16 -84.31
CA THR C 77 -26.59 -22.80 -84.92
C THR C 77 -26.02 -21.58 -84.23
N TYR C 78 -24.74 -21.32 -84.49
CA TYR C 78 -23.98 -20.28 -83.81
C TYR C 78 -23.28 -19.37 -84.82
N ASP C 79 -22.80 -18.23 -84.31
CA ASP C 79 -22.16 -17.20 -85.11
C ASP C 79 -20.91 -16.67 -84.40
N THR C 80 -20.01 -17.57 -83.99
CA THR C 80 -18.88 -17.21 -83.13
C THR C 80 -17.93 -16.20 -83.77
N GLN C 81 -17.84 -15.01 -83.15
CA GLN C 81 -16.83 -14.01 -83.43
C GLN C 81 -15.87 -13.95 -82.26
N LYS C 82 -14.83 -13.13 -82.39
CA LYS C 82 -13.79 -13.01 -81.37
C LYS C 82 -13.39 -11.55 -81.21
N ILE C 83 -13.15 -11.13 -79.97
CA ILE C 83 -12.81 -9.74 -79.67
C ILE C 83 -11.58 -9.67 -78.80
N ASN C 84 -11.00 -8.46 -78.69
CA ASN C 84 -9.79 -8.19 -77.94
C ASN C 84 -10.01 -8.15 -76.44
N LEU C 85 -11.28 -8.21 -75.99
CA LEU C 85 -11.73 -8.23 -74.59
C LEU C 85 -11.46 -6.94 -73.82
N TYR C 86 -10.84 -5.95 -74.44
CA TYR C 86 -10.47 -4.72 -73.75
C TYR C 86 -10.70 -3.51 -74.65
N ASP C 87 -11.47 -3.70 -75.72
CA ASP C 87 -11.79 -2.65 -76.68
C ASP C 87 -13.30 -2.72 -76.90
N SER C 88 -14.02 -1.75 -76.35
CA SER C 88 -15.47 -1.77 -76.45
C SER C 88 -15.94 -1.37 -77.84
N PHE C 89 -15.07 -0.71 -78.61
CA PHE C 89 -15.39 -0.39 -80.00
C PHE C 89 -15.48 -1.66 -80.84
N GLU C 90 -14.54 -2.59 -80.62
CA GLU C 90 -14.58 -3.87 -81.32
C GLU C 90 -15.76 -4.70 -80.83
N ALA C 91 -16.08 -4.59 -79.54
CA ALA C 91 -17.24 -5.28 -79.00
C ALA C 91 -18.54 -4.71 -79.57
N SER C 92 -18.54 -3.42 -79.88
CA SER C 92 -19.72 -2.82 -80.51
C SER C 92 -19.77 -3.16 -82.00
N LYS C 93 -18.60 -3.28 -82.62
CA LYS C 93 -18.56 -3.53 -84.06
C LYS C 93 -18.95 -4.97 -84.38
N LYS C 94 -18.42 -5.92 -83.62
CA LYS C 94 -18.74 -7.32 -83.86
C LYS C 94 -20.19 -7.65 -83.49
N ALA C 95 -20.77 -6.84 -82.59
CA ALA C 95 -22.17 -7.05 -82.24
C ALA C 95 -23.09 -6.68 -83.38
N CYS C 96 -22.93 -5.48 -83.94
CA CYS C 96 -23.83 -5.01 -85.00
C CYS C 96 -23.63 -5.78 -86.29
N ASP C 97 -22.47 -6.43 -86.46
CA ASP C 97 -22.30 -7.34 -87.58
C ASP C 97 -23.19 -8.56 -87.43
N GLN C 98 -23.33 -9.06 -86.20
CA GLN C 98 -24.21 -10.20 -85.99
C GLN C 98 -25.67 -9.81 -86.05
N LEU C 99 -26.00 -8.61 -85.56
CA LEU C 99 -27.37 -8.13 -85.65
C LEU C 99 -27.79 -7.86 -87.09
N SER C 100 -26.86 -7.44 -87.95
CA SER C 100 -27.12 -7.35 -89.38
C SER C 100 -27.25 -8.73 -90.00
N LEU C 101 -26.52 -9.71 -89.46
CA LEU C 101 -26.59 -11.07 -89.99
C LEU C 101 -27.87 -11.77 -89.56
N GLY C 102 -28.44 -11.38 -88.43
CA GLY C 102 -29.65 -12.00 -87.94
C GLY C 102 -29.35 -13.01 -86.84
N VAL C 103 -29.50 -12.58 -85.59
CA VAL C 103 -29.16 -13.40 -84.43
C VAL C 103 -30.30 -13.36 -83.42
N ALA C 104 -30.24 -14.22 -82.41
CA ALA C 104 -31.37 -14.38 -81.51
C ALA C 104 -30.94 -14.23 -80.06
N ALA C 105 -29.67 -14.53 -79.76
CA ALA C 105 -29.21 -14.50 -78.37
C ALA C 105 -27.72 -14.26 -78.28
N ILE C 106 -27.32 -13.09 -77.78
CA ILE C 106 -25.92 -12.76 -77.56
C ILE C 106 -25.50 -13.41 -76.25
N PHE C 107 -24.32 -14.03 -76.24
CA PHE C 107 -23.86 -14.83 -75.11
C PHE C 107 -22.65 -14.27 -74.39
N GLY C 108 -22.66 -12.99 -74.02
CA GLY C 108 -21.82 -12.56 -72.92
C GLY C 108 -20.34 -12.42 -73.21
N PRO C 109 -19.92 -11.30 -73.82
CA PRO C 109 -18.49 -11.04 -74.09
C PRO C 109 -17.52 -11.12 -72.93
N SER C 110 -18.01 -11.22 -71.69
CA SER C 110 -17.26 -11.63 -70.49
C SER C 110 -16.20 -10.62 -70.09
N HIS C 111 -16.53 -9.33 -70.12
CA HIS C 111 -15.67 -8.31 -69.55
C HIS C 111 -16.59 -7.41 -68.73
N SER C 112 -16.06 -6.33 -68.16
CA SER C 112 -16.90 -5.31 -67.54
C SER C 112 -17.02 -4.12 -68.49
N SER C 113 -15.94 -3.82 -69.20
CA SER C 113 -15.98 -2.71 -70.15
C SER C 113 -16.75 -3.09 -71.40
N SER C 114 -16.46 -4.27 -71.95
CA SER C 114 -17.04 -4.63 -73.24
C SER C 114 -18.50 -5.03 -73.10
N ALA C 115 -18.87 -5.61 -71.97
CA ALA C 115 -20.23 -6.11 -71.80
C ALA C 115 -21.23 -4.97 -71.64
N ASN C 116 -20.76 -3.84 -71.11
CA ASN C 116 -21.63 -2.67 -70.99
C ASN C 116 -21.96 -2.08 -72.35
N ALA C 117 -21.00 -2.13 -73.28
CA ALA C 117 -21.22 -1.55 -74.60
C ALA C 117 -22.18 -2.39 -75.42
N VAL C 118 -22.12 -3.71 -75.26
CA VAL C 118 -23.02 -4.58 -76.02
C VAL C 118 -24.40 -4.53 -75.41
N GLN C 119 -24.49 -4.26 -74.11
CA GLN C 119 -25.76 -4.29 -73.39
C GLN C 119 -26.68 -3.17 -73.85
N SER C 120 -26.14 -1.98 -74.07
CA SER C 120 -26.92 -0.86 -74.56
C SER C 120 -27.36 -1.09 -76.00
N ILE C 121 -26.56 -1.82 -76.77
CA ILE C 121 -26.95 -2.18 -78.14
C ILE C 121 -28.07 -3.20 -78.11
N CYS C 122 -27.95 -4.20 -77.22
CA CYS C 122 -28.98 -5.21 -77.08
C CYS C 122 -30.25 -4.62 -76.46
N ASN C 123 -30.10 -3.55 -75.68
CA ASN C 123 -31.24 -2.81 -75.15
C ASN C 123 -32.03 -2.18 -76.29
N ALA C 124 -31.33 -1.50 -77.18
CA ALA C 124 -31.98 -0.74 -78.24
C ALA C 124 -32.59 -1.67 -79.29
N LEU C 125 -31.86 -2.72 -79.68
CA LEU C 125 -32.32 -3.55 -80.77
C LEU C 125 -33.33 -4.59 -80.30
N GLY C 126 -33.44 -4.79 -78.99
CA GLY C 126 -34.46 -5.67 -78.46
C GLY C 126 -34.00 -7.12 -78.32
N VAL C 127 -32.81 -7.42 -78.84
CA VAL C 127 -32.22 -8.75 -78.74
C VAL C 127 -31.81 -8.99 -77.29
N PRO C 128 -32.06 -10.17 -76.73
CA PRO C 128 -31.57 -10.45 -75.38
C PRO C 128 -30.06 -10.58 -75.31
N HIS C 129 -29.52 -10.53 -74.10
CA HIS C 129 -28.07 -10.51 -73.89
C HIS C 129 -27.77 -11.33 -72.63
N ILE C 130 -27.51 -12.62 -72.81
CA ILE C 130 -27.27 -13.54 -71.69
C ILE C 130 -25.82 -13.36 -71.27
N GLN C 131 -25.59 -13.13 -69.99
CA GLN C 131 -24.23 -12.99 -69.46
C GLN C 131 -23.91 -14.21 -68.59
N THR C 132 -22.62 -14.54 -68.49
CA THR C 132 -22.19 -15.63 -67.63
C THR C 132 -21.08 -15.19 -66.70
N ARG C 133 -20.80 -13.88 -66.68
CA ARG C 133 -19.76 -13.34 -65.83
C ARG C 133 -20.38 -12.21 -65.03
N TRP C 134 -19.93 -12.07 -63.78
CA TRP C 134 -20.33 -10.98 -62.92
C TRP C 134 -19.89 -9.66 -63.54
N LYS C 135 -20.73 -8.64 -63.39
CA LYS C 135 -20.48 -7.32 -63.95
C LYS C 135 -20.92 -6.30 -62.92
N HIS C 136 -20.17 -5.21 -62.80
CA HIS C 136 -20.63 -4.09 -62.00
C HIS C 136 -21.81 -3.41 -62.67
N GLN C 137 -23.01 -3.68 -62.18
CA GLN C 137 -24.20 -3.03 -62.71
C GLN C 137 -24.39 -1.69 -61.98
N VAL C 138 -24.35 -0.60 -62.74
CA VAL C 138 -24.50 0.74 -62.20
C VAL C 138 -25.94 0.87 -61.70
N SER C 139 -26.12 1.55 -60.55
CA SER C 139 -27.36 1.55 -59.77
C SER C 139 -28.58 2.09 -60.53
N ASP C 140 -28.38 2.82 -61.61
CA ASP C 140 -29.49 3.33 -62.41
C ASP C 140 -29.29 3.20 -63.91
N ASN C 141 -28.72 2.09 -64.39
CA ASN C 141 -28.79 1.77 -65.80
C ASN C 141 -30.18 1.20 -66.07
N LYS C 142 -31.07 2.01 -66.65
CA LYS C 142 -32.48 1.64 -66.77
C LYS C 142 -32.69 0.61 -67.89
N ASP C 143 -32.24 -0.61 -67.61
CA ASP C 143 -32.27 -1.71 -68.55
C ASP C 143 -32.81 -2.96 -67.88
N SER C 144 -33.75 -3.65 -68.54
CA SER C 144 -33.99 -5.06 -68.25
C SER C 144 -34.32 -5.78 -69.57
N PHE C 145 -33.26 -6.17 -70.28
CA PHE C 145 -33.28 -7.00 -71.49
C PHE C 145 -32.14 -7.99 -71.41
N TYR C 146 -31.67 -8.26 -70.20
CA TYR C 146 -30.43 -9.00 -70.02
C TYR C 146 -30.58 -9.86 -68.77
N VAL C 147 -30.04 -11.05 -68.81
CA VAL C 147 -29.85 -11.85 -67.61
C VAL C 147 -28.35 -12.00 -67.39
N SER C 148 -27.98 -12.54 -66.24
CA SER C 148 -26.59 -12.80 -65.91
C SER C 148 -26.57 -14.08 -65.08
N LEU C 149 -26.24 -15.19 -65.72
CA LEU C 149 -26.27 -16.49 -65.06
C LEU C 149 -24.99 -16.78 -64.30
N TYR C 150 -24.56 -15.84 -63.46
CA TYR C 150 -23.44 -16.03 -62.59
C TYR C 150 -23.95 -15.83 -61.17
N PRO C 151 -23.46 -16.59 -60.19
CA PRO C 151 -23.92 -16.39 -58.80
C PRO C 151 -23.46 -15.05 -58.27
N ASP C 152 -24.41 -14.20 -57.88
CA ASP C 152 -24.10 -12.80 -57.58
C ASP C 152 -23.26 -12.69 -56.32
N PHE C 153 -22.30 -11.77 -56.36
CA PHE C 153 -21.49 -11.47 -55.19
C PHE C 153 -22.25 -10.68 -54.13
N SER C 154 -23.49 -10.29 -54.41
CA SER C 154 -24.40 -9.94 -53.32
C SER C 154 -24.62 -11.12 -52.41
N SER C 155 -25.21 -12.19 -52.94
CA SER C 155 -25.55 -13.35 -52.11
C SER C 155 -24.31 -14.14 -51.72
N LEU C 156 -23.27 -14.11 -52.56
CA LEU C 156 -22.04 -14.82 -52.25
C LEU C 156 -21.33 -14.18 -51.06
N SER C 157 -21.51 -12.89 -50.85
CA SER C 157 -20.98 -12.21 -49.68
C SER C 157 -21.79 -12.47 -48.42
N ARG C 158 -23.09 -12.79 -48.55
CA ARG C 158 -23.80 -13.35 -47.39
C ARG C 158 -23.21 -14.68 -47.00
N ALA C 159 -22.86 -15.52 -47.99
CA ALA C 159 -22.31 -16.83 -47.72
C ALA C 159 -20.95 -16.75 -47.05
N ILE C 160 -20.14 -15.75 -47.39
CA ILE C 160 -18.86 -15.59 -46.73
C ILE C 160 -19.06 -15.06 -45.32
N LEU C 161 -19.98 -14.10 -45.16
CA LEU C 161 -20.17 -13.46 -43.85
C LEU C 161 -20.85 -14.41 -42.87
N ASP C 162 -21.73 -15.28 -43.36
CA ASP C 162 -22.27 -16.33 -42.49
C ASP C 162 -21.19 -17.33 -42.11
N LEU C 163 -20.23 -17.55 -43.00
CA LEU C 163 -19.19 -18.55 -42.75
C LEU C 163 -18.15 -18.06 -41.76
N VAL C 164 -17.72 -16.79 -41.88
CA VAL C 164 -16.66 -16.28 -41.01
C VAL C 164 -17.13 -16.04 -39.59
N GLN C 165 -18.43 -15.88 -39.35
CA GLN C 165 -18.92 -15.81 -37.99
C GLN C 165 -19.38 -17.16 -37.46
N PHE C 166 -19.49 -18.17 -38.32
CA PHE C 166 -19.59 -19.54 -37.83
C PHE C 166 -18.27 -19.97 -37.20
N PHE C 167 -17.15 -19.55 -37.78
CA PHE C 167 -15.81 -19.85 -37.30
C PHE C 167 -15.33 -18.86 -36.25
N LYS C 168 -16.14 -17.85 -35.97
CA LYS C 168 -15.95 -16.87 -34.89
C LYS C 168 -14.63 -16.11 -35.02
N TRP C 169 -14.27 -15.73 -36.23
CA TRP C 169 -13.02 -15.02 -36.45
C TRP C 169 -13.16 -13.56 -36.01
N LYS C 170 -12.06 -13.00 -35.53
CA LYS C 170 -12.06 -11.63 -35.07
C LYS C 170 -11.08 -10.78 -35.86
N THR C 171 -10.09 -11.42 -36.51
CA THR C 171 -9.02 -10.69 -37.18
C THR C 171 -8.89 -11.10 -38.64
N VAL C 172 -10.00 -11.08 -39.37
CA VAL C 172 -10.03 -11.37 -40.80
C VAL C 172 -9.19 -10.36 -41.56
N THR C 173 -8.56 -10.82 -42.65
CA THR C 173 -7.51 -10.05 -43.34
C THR C 173 -7.78 -10.19 -44.85
N VAL C 174 -8.96 -9.76 -45.28
CA VAL C 174 -9.43 -9.79 -46.67
C VAL C 174 -8.40 -9.19 -47.63
N VAL C 175 -7.98 -9.99 -48.62
CA VAL C 175 -7.01 -9.56 -49.62
C VAL C 175 -7.58 -9.73 -51.02
N TYR C 176 -7.62 -8.63 -51.78
CA TYR C 176 -8.13 -8.69 -53.14
C TYR C 176 -6.98 -8.58 -54.15
N ASP C 177 -7.30 -8.60 -55.43
CA ASP C 177 -6.27 -8.56 -56.46
C ASP C 177 -6.49 -7.43 -57.46
N ASP C 178 -7.71 -6.91 -57.53
CA ASP C 178 -8.01 -5.80 -58.42
C ASP C 178 -9.09 -4.92 -57.81
N SER C 179 -9.09 -3.65 -58.18
CA SER C 179 -9.95 -2.62 -57.62
C SER C 179 -11.44 -2.90 -57.81
N THR C 180 -11.79 -3.72 -58.81
CA THR C 180 -13.16 -4.19 -58.95
C THR C 180 -13.58 -5.08 -57.77
N GLY C 181 -12.63 -5.82 -57.20
CA GLY C 181 -12.93 -6.78 -56.15
C GLY C 181 -13.50 -6.24 -54.85
N LEU C 182 -13.32 -4.94 -54.61
CA LEU C 182 -13.94 -4.33 -53.44
C LEU C 182 -15.45 -4.29 -53.57
N ILE C 183 -15.96 -4.09 -54.78
CA ILE C 183 -17.40 -4.17 -55.01
C ILE C 183 -17.91 -5.58 -54.83
N ARG C 184 -17.15 -6.58 -55.28
CA ARG C 184 -17.48 -7.99 -55.11
C ARG C 184 -17.57 -8.40 -53.65
N LEU C 185 -16.88 -7.69 -52.77
CA LEU C 185 -16.92 -7.99 -51.35
C LEU C 185 -17.50 -6.85 -50.52
N GLN C 186 -18.42 -6.07 -51.09
CA GLN C 186 -18.85 -4.84 -50.43
C GLN C 186 -19.70 -5.12 -49.21
N GLU C 187 -20.34 -6.28 -49.12
CA GLU C 187 -21.11 -6.59 -47.92
C GLU C 187 -20.19 -7.02 -46.80
N LEU C 188 -19.07 -7.65 -47.15
CA LEU C 188 -18.10 -8.04 -46.14
C LEU C 188 -17.27 -6.86 -45.66
N ILE C 189 -17.09 -5.83 -46.49
CA ILE C 189 -16.40 -4.63 -46.03
C ILE C 189 -17.27 -3.86 -45.05
N LYS C 190 -18.59 -3.84 -45.25
CA LYS C 190 -19.48 -3.14 -44.35
C LYS C 190 -19.75 -3.90 -43.06
N ALA C 191 -19.29 -5.14 -42.94
CA ALA C 191 -19.55 -6.01 -41.79
C ALA C 191 -19.10 -5.54 -40.40
N PRO C 192 -17.95 -4.78 -40.21
CA PRO C 192 -17.62 -4.32 -38.85
C PRO C 192 -18.57 -3.29 -38.27
N SER C 193 -19.51 -2.77 -39.07
CA SER C 193 -20.52 -1.85 -38.59
C SER C 193 -21.52 -2.52 -37.66
N ARG C 194 -21.61 -3.85 -37.68
CA ARG C 194 -22.63 -4.53 -36.88
C ARG C 194 -22.05 -5.60 -35.96
N TYR C 195 -21.01 -6.32 -36.38
CA TYR C 195 -20.41 -7.33 -35.52
C TYR C 195 -19.08 -6.86 -34.94
N ASN C 196 -18.38 -7.76 -34.27
CA ASN C 196 -17.10 -7.44 -33.65
C ASN C 196 -15.93 -7.88 -34.53
N LEU C 197 -16.13 -8.01 -35.83
CA LEU C 197 -15.04 -8.34 -36.72
C LEU C 197 -14.14 -7.13 -36.91
N ARG C 198 -12.86 -7.38 -37.15
CA ARG C 198 -11.88 -6.34 -37.40
C ARG C 198 -11.19 -6.69 -38.71
N LEU C 199 -11.60 -6.03 -39.79
CA LEU C 199 -11.00 -6.21 -41.09
C LEU C 199 -9.64 -5.54 -41.13
N LYS C 200 -8.82 -5.98 -42.08
CA LYS C 200 -7.62 -5.26 -42.47
C LYS C 200 -7.33 -5.62 -43.93
N ILE C 201 -7.55 -4.67 -44.83
CA ILE C 201 -7.62 -4.97 -46.25
C ILE C 201 -6.27 -4.68 -46.92
N ARG C 202 -5.72 -5.68 -47.60
CA ARG C 202 -4.48 -5.52 -48.35
C ARG C 202 -4.68 -5.86 -49.82
N GLN C 203 -3.97 -5.17 -50.71
CA GLN C 203 -4.03 -5.45 -52.13
C GLN C 203 -2.79 -6.24 -52.57
N LEU C 204 -3.02 -7.25 -53.42
CA LEU C 204 -1.90 -7.91 -54.09
C LEU C 204 -1.23 -6.90 -55.02
N PRO C 205 0.11 -6.88 -55.07
CA PRO C 205 0.81 -5.90 -55.89
C PRO C 205 0.53 -6.03 -57.37
N ALA C 206 0.40 -4.89 -58.05
CA ALA C 206 0.02 -4.85 -59.45
C ALA C 206 1.17 -5.39 -60.30
N ASP C 207 0.81 -5.88 -61.49
CA ASP C 207 1.60 -6.27 -62.67
C ASP C 207 2.68 -7.33 -62.39
N THR C 208 2.70 -7.89 -61.18
CA THR C 208 3.59 -8.98 -60.83
C THR C 208 2.78 -10.20 -60.42
N LYS C 209 3.44 -11.26 -60.00
CA LYS C 209 2.77 -12.43 -59.47
C LYS C 209 3.53 -12.91 -58.23
N ASP C 210 3.88 -11.96 -57.38
CA ASP C 210 4.70 -12.22 -56.20
C ASP C 210 3.95 -11.74 -54.96
N ALA C 211 3.88 -12.52 -53.87
CA ALA C 211 3.21 -12.05 -52.66
C ALA C 211 4.22 -11.98 -51.53
N LYS C 212 5.49 -12.03 -51.89
CA LYS C 212 6.61 -11.97 -50.97
C LYS C 212 6.64 -10.71 -50.09
N PRO C 213 6.28 -9.48 -50.57
CA PRO C 213 6.11 -8.38 -49.60
C PRO C 213 4.88 -8.57 -48.73
N LEU C 214 3.81 -9.09 -49.34
CA LEU C 214 2.53 -9.15 -48.65
C LEU C 214 2.50 -10.24 -47.60
N LEU C 215 2.95 -11.45 -47.96
CA LEU C 215 2.93 -12.57 -47.03
C LEU C 215 3.96 -12.38 -45.92
N LYS C 216 4.98 -11.57 -46.16
CA LYS C 216 5.88 -11.19 -45.07
C LYS C 216 5.20 -10.25 -44.09
N GLU C 217 4.32 -9.37 -44.58
CA GLU C 217 3.60 -8.49 -43.67
C GLU C 217 2.45 -9.22 -42.99
N MET C 218 2.05 -10.37 -43.51
CA MET C 218 1.16 -11.28 -42.78
C MET C 218 1.83 -11.78 -41.51
N LYS C 219 3.11 -12.14 -41.60
CA LYS C 219 3.80 -12.79 -40.49
C LYS C 219 4.11 -11.79 -39.38
N ARG C 220 4.44 -10.57 -39.75
CA ARG C 220 4.72 -9.55 -38.74
C ARG C 220 3.45 -8.84 -38.31
N GLY C 221 2.32 -9.27 -38.87
CA GLY C 221 1.04 -8.73 -38.46
C GLY C 221 0.26 -9.73 -37.63
N LYS C 222 0.78 -10.96 -37.56
CA LYS C 222 0.19 -12.11 -36.88
C LYS C 222 -1.22 -12.37 -37.43
N GLU C 223 -1.32 -12.46 -38.74
CA GLU C 223 -2.60 -12.43 -39.44
C GLU C 223 -2.86 -13.82 -39.98
N PHE C 224 -3.69 -14.59 -39.27
CA PHE C 224 -3.81 -16.03 -39.52
C PHE C 224 -5.14 -16.40 -40.18
N HIS C 225 -5.87 -15.42 -40.70
CA HIS C 225 -7.14 -15.67 -41.36
C HIS C 225 -7.25 -14.76 -42.57
N VAL C 226 -7.07 -15.32 -43.76
CA VAL C 226 -7.04 -14.51 -44.98
C VAL C 226 -8.19 -14.95 -45.87
N ILE C 227 -8.86 -13.97 -46.47
CA ILE C 227 -10.07 -14.18 -47.26
C ILE C 227 -9.78 -13.76 -48.70
N PHE C 228 -8.67 -14.28 -49.27
CA PHE C 228 -8.21 -14.03 -50.64
C PHE C 228 -9.30 -13.92 -51.70
N ASP C 229 -9.34 -12.78 -52.39
CA ASP C 229 -10.21 -12.58 -53.54
C ASP C 229 -9.43 -12.74 -54.84
N CYS C 230 -9.07 -13.96 -55.18
CA CYS C 230 -8.30 -14.21 -56.39
C CYS C 230 -9.13 -15.07 -57.34
N SER C 231 -8.61 -15.31 -58.53
CA SER C 231 -9.04 -16.44 -59.33
C SER C 231 -8.27 -17.67 -58.84
N HIS C 232 -8.76 -18.85 -59.24
CA HIS C 232 -8.05 -20.07 -58.86
C HIS C 232 -6.72 -20.19 -59.61
N GLU C 233 -6.59 -19.50 -60.73
CA GLU C 233 -5.28 -19.34 -61.37
C GLU C 233 -4.38 -18.45 -60.52
N MET C 234 -4.89 -17.28 -60.11
CA MET C 234 -4.09 -16.33 -59.35
C MET C 234 -3.76 -16.83 -57.96
N ALA C 235 -4.68 -17.57 -57.33
CA ALA C 235 -4.43 -18.06 -55.99
C ALA C 235 -3.42 -19.22 -56.01
N ALA C 236 -3.28 -19.89 -57.15
CA ALA C 236 -2.43 -21.07 -57.24
C ALA C 236 -0.96 -20.71 -57.04
N GLY C 237 -0.54 -19.55 -57.54
CA GLY C 237 0.81 -19.09 -57.28
C GLY C 237 1.00 -18.65 -55.85
N ILE C 238 -0.09 -18.24 -55.20
CA ILE C 238 0.01 -17.76 -53.83
C ILE C 238 0.23 -18.92 -52.87
N LEU C 239 -0.44 -20.05 -53.13
CA LEU C 239 -0.28 -21.23 -52.28
C LEU C 239 1.12 -21.82 -52.39
N LYS C 240 1.70 -21.78 -53.59
CA LYS C 240 3.08 -22.21 -53.76
C LYS C 240 4.04 -21.27 -53.05
N GLN C 241 3.71 -19.98 -53.03
CA GLN C 241 4.49 -19.05 -52.23
C GLN C 241 4.16 -19.16 -50.75
N ALA C 242 2.96 -19.67 -50.42
CA ALA C 242 2.61 -19.89 -49.03
C ALA C 242 3.37 -21.08 -48.45
N LEU C 243 3.68 -22.07 -49.28
CA LEU C 243 4.54 -23.15 -48.84
C LEU C 243 5.99 -22.70 -48.74
N ALA C 244 6.41 -21.77 -49.59
CA ALA C 244 7.79 -21.29 -49.60
C ALA C 244 8.15 -20.52 -48.33
N MET C 245 7.22 -19.74 -47.79
CA MET C 245 7.41 -19.21 -46.45
C MET C 245 6.90 -20.21 -45.43
N GLY C 246 7.25 -19.98 -44.17
CA GLY C 246 6.76 -20.83 -43.10
C GLY C 246 5.37 -20.42 -42.66
N MET C 247 4.40 -20.57 -43.56
CA MET C 247 3.07 -20.02 -43.34
C MET C 247 1.95 -20.99 -43.62
N MET C 248 2.18 -22.29 -43.54
CA MET C 248 1.12 -23.25 -43.81
C MET C 248 1.11 -24.33 -42.72
N THR C 249 1.09 -23.86 -41.48
CA THR C 249 0.99 -24.80 -40.35
C THR C 249 -0.46 -25.23 -40.16
N GLU C 250 -0.74 -25.92 -39.06
CA GLU C 250 -2.08 -26.44 -38.87
C GLU C 250 -3.03 -25.45 -38.21
N TYR C 251 -2.67 -24.17 -38.10
CA TYR C 251 -3.57 -23.17 -37.56
C TYR C 251 -3.69 -21.94 -38.47
N TYR C 252 -3.21 -22.06 -39.70
CA TYR C 252 -3.59 -21.14 -40.78
C TYR C 252 -4.90 -21.64 -41.36
N HIS C 253 -5.79 -20.72 -41.69
CA HIS C 253 -7.11 -21.07 -42.20
C HIS C 253 -7.54 -20.01 -43.21
N TYR C 254 -7.81 -20.48 -44.43
CA TYR C 254 -8.02 -19.61 -45.59
C TYR C 254 -9.44 -19.86 -46.11
N ILE C 255 -10.16 -18.78 -46.39
CA ILE C 255 -11.40 -18.89 -47.16
C ILE C 255 -11.23 -18.23 -48.51
N PHE C 256 -11.42 -18.98 -49.58
CA PHE C 256 -11.20 -18.42 -50.91
C PHE C 256 -12.50 -17.99 -51.56
N THR C 257 -12.40 -17.03 -52.46
CA THR C 257 -13.55 -16.42 -53.11
C THR C 257 -14.02 -17.20 -54.31
N THR C 258 -13.09 -17.70 -55.12
CA THR C 258 -13.40 -18.39 -56.37
C THR C 258 -14.19 -19.67 -56.16
N LEU C 259 -14.92 -20.09 -57.19
CA LEU C 259 -15.83 -21.21 -57.08
C LEU C 259 -15.18 -22.47 -57.63
N ASP C 260 -13.93 -22.34 -58.09
CA ASP C 260 -13.18 -23.43 -58.70
C ASP C 260 -12.01 -23.82 -57.81
N LEU C 261 -12.26 -23.87 -56.50
CA LEU C 261 -11.20 -24.11 -55.53
C LEU C 261 -10.75 -25.57 -55.53
N PHE C 262 -11.60 -26.49 -55.97
CA PHE C 262 -11.30 -27.92 -55.95
C PHE C 262 -10.18 -28.28 -56.92
N ALA C 263 -10.03 -27.50 -57.99
CA ALA C 263 -8.98 -27.73 -58.97
C ALA C 263 -7.76 -26.87 -58.65
N LEU C 264 -6.99 -27.23 -57.62
CA LEU C 264 -5.89 -26.39 -57.18
C LEU C 264 -4.70 -27.27 -56.78
N ASP C 265 -4.77 -28.56 -57.15
CA ASP C 265 -3.71 -29.56 -56.97
C ASP C 265 -3.30 -29.68 -55.50
N VAL C 266 -4.20 -30.18 -54.67
CA VAL C 266 -4.10 -29.97 -53.23
C VAL C 266 -3.17 -30.99 -52.57
N GLU C 267 -2.84 -32.07 -53.26
CA GLU C 267 -2.05 -33.19 -52.73
C GLU C 267 -0.65 -32.85 -52.20
N PRO C 268 0.09 -31.83 -52.71
CA PRO C 268 1.30 -31.40 -51.98
C PRO C 268 1.03 -30.60 -50.71
N TYR C 269 -0.22 -30.44 -50.30
CA TYR C 269 -0.51 -29.55 -49.18
C TYR C 269 -1.44 -30.22 -48.18
N ARG C 270 -1.80 -31.48 -48.44
CA ARG C 270 -2.85 -32.17 -47.70
C ARG C 270 -2.40 -32.52 -46.29
N TYR C 271 -1.11 -32.66 -46.07
CA TYR C 271 -0.58 -33.08 -44.78
C TYR C 271 0.09 -31.94 -44.03
N SER C 272 -0.12 -30.71 -44.47
CA SER C 272 0.41 -29.55 -43.76
C SER C 272 -0.49 -29.20 -42.58
N GLY C 273 -1.68 -29.79 -42.52
CA GLY C 273 -2.64 -29.50 -41.48
C GLY C 273 -3.44 -28.24 -41.69
N VAL C 274 -3.22 -27.53 -42.79
CA VAL C 274 -3.87 -26.24 -43.01
C VAL C 274 -5.35 -26.47 -43.34
N ASN C 275 -6.12 -25.39 -43.29
CA ASN C 275 -7.57 -25.43 -43.37
C ASN C 275 -7.97 -24.54 -44.55
N MET C 276 -8.46 -25.13 -45.63
CA MET C 276 -8.83 -24.33 -46.81
C MET C 276 -10.29 -24.60 -47.16
N THR C 277 -11.15 -23.66 -46.80
CA THR C 277 -12.59 -23.78 -47.00
C THR C 277 -13.01 -22.89 -48.16
N GLY C 278 -13.94 -23.33 -48.97
CA GLY C 278 -14.43 -22.52 -50.07
C GLY C 278 -15.79 -23.01 -50.54
N PHE C 279 -16.35 -22.26 -51.49
CA PHE C 279 -17.68 -22.57 -52.02
C PHE C 279 -17.54 -23.21 -53.40
N ARG C 280 -18.50 -24.05 -53.74
CA ARG C 280 -18.42 -24.82 -54.98
C ARG C 280 -19.86 -25.12 -55.42
N ILE C 281 -20.29 -24.47 -56.50
CA ILE C 281 -21.69 -24.58 -56.91
C ILE C 281 -21.91 -25.88 -57.69
N LEU C 282 -20.83 -26.45 -58.22
CA LEU C 282 -20.96 -27.48 -59.25
C LEU C 282 -21.35 -28.82 -58.63
N ASN C 283 -22.19 -29.57 -59.36
CA ASN C 283 -22.75 -30.81 -58.83
C ASN C 283 -21.80 -31.97 -59.12
N THR C 284 -20.65 -31.95 -58.46
CA THR C 284 -19.70 -33.03 -58.68
C THR C 284 -19.97 -34.20 -57.72
N GLU C 285 -21.23 -34.60 -57.59
CA GLU C 285 -21.63 -35.83 -56.94
C GLU C 285 -22.73 -36.47 -57.77
N ASN C 286 -23.38 -35.67 -58.61
CA ASN C 286 -24.44 -36.18 -59.46
C ASN C 286 -23.83 -36.93 -60.64
N THR C 287 -24.45 -38.05 -61.00
CA THR C 287 -23.90 -38.91 -62.05
C THR C 287 -24.03 -38.28 -63.42
N GLN C 288 -25.21 -37.71 -63.71
CA GLN C 288 -25.45 -37.10 -65.01
C GLN C 288 -24.62 -35.84 -65.20
N VAL C 289 -24.36 -35.12 -64.11
CA VAL C 289 -23.52 -33.92 -64.18
C VAL C 289 -22.06 -34.31 -64.39
N SER C 290 -21.61 -35.36 -63.69
CA SER C 290 -20.21 -35.79 -63.79
C SER C 290 -19.91 -36.41 -65.15
N SER C 291 -20.93 -36.91 -65.84
CA SER C 291 -20.75 -37.41 -67.19
C SER C 291 -20.43 -36.27 -68.15
N ILE C 292 -21.07 -35.11 -67.95
CA ILE C 292 -20.85 -33.97 -68.83
C ILE C 292 -19.45 -33.39 -68.61
N ILE C 293 -18.95 -33.48 -67.37
CA ILE C 293 -17.60 -33.02 -67.05
C ILE C 293 -16.58 -33.88 -67.77
N GLU C 294 -16.81 -35.19 -67.82
CA GLU C 294 -15.92 -36.08 -68.53
C GLU C 294 -16.06 -35.92 -70.04
N LYS C 295 -17.27 -35.62 -70.50
CA LYS C 295 -17.48 -35.36 -71.92
C LYS C 295 -16.90 -34.02 -72.34
N TRP C 296 -16.87 -33.04 -71.43
CA TRP C 296 -16.19 -31.78 -71.74
C TRP C 296 -14.68 -31.97 -71.76
N SER C 297 -14.18 -32.91 -70.94
CA SER C 297 -12.74 -33.10 -70.79
C SER C 297 -12.11 -33.65 -72.05
N MET C 298 -12.92 -34.27 -72.91
CA MET C 298 -12.43 -34.90 -74.13
C MET C 298 -11.90 -33.88 -75.12
N GLU C 299 -12.56 -32.74 -75.24
CA GLU C 299 -12.13 -31.69 -76.17
C GLU C 299 -11.21 -30.69 -75.49
N ARG C 300 -10.89 -30.95 -74.23
CA ARG C 300 -9.95 -30.09 -73.51
C ARG C 300 -8.64 -30.84 -73.35
N LEU C 301 -8.68 -32.18 -73.44
CA LEU C 301 -7.45 -32.95 -73.43
C LEU C 301 -6.73 -32.94 -74.77
N GLN C 302 -7.24 -32.21 -75.76
CA GLN C 302 -6.53 -32.00 -77.01
C GLN C 302 -5.40 -31.02 -76.74
N ALA C 303 -4.25 -31.56 -76.34
CA ALA C 303 -3.01 -30.89 -75.92
C ALA C 303 -3.23 -29.76 -74.92
N PRO C 304 -3.57 -30.03 -73.66
CA PRO C 304 -3.67 -28.95 -72.68
C PRO C 304 -2.30 -28.55 -72.17
N PRO C 305 -1.99 -27.25 -72.18
CA PRO C 305 -0.71 -26.80 -71.61
C PRO C 305 -0.73 -26.91 -70.09
N LYS C 306 -0.07 -27.94 -69.56
CA LYS C 306 -0.09 -28.21 -68.12
C LYS C 306 1.31 -28.20 -67.53
N PRO C 307 1.84 -27.04 -67.15
CA PRO C 307 3.09 -27.02 -66.39
C PRO C 307 2.82 -27.31 -64.92
N ASP C 308 3.89 -27.20 -64.13
CA ASP C 308 3.72 -27.27 -62.69
C ASP C 308 3.17 -25.92 -62.23
N SER C 309 1.85 -25.77 -62.31
CA SER C 309 1.19 -24.50 -62.06
C SER C 309 0.28 -24.52 -60.85
N GLY C 310 0.33 -25.58 -60.05
CA GLY C 310 -0.58 -25.73 -58.94
C GLY C 310 -2.02 -25.92 -59.33
N LEU C 311 -2.28 -26.50 -60.49
CA LEU C 311 -3.64 -26.71 -60.97
C LEU C 311 -3.84 -28.18 -61.33
N LEU C 312 -5.10 -28.56 -61.54
CA LEU C 312 -5.47 -29.89 -61.95
C LEU C 312 -5.99 -29.84 -63.38
N ASP C 313 -6.41 -30.99 -63.91
CA ASP C 313 -6.82 -31.08 -65.30
C ASP C 313 -8.01 -32.03 -65.38
N GLY C 314 -8.80 -31.86 -66.44
CA GLY C 314 -9.98 -32.68 -66.64
C GLY C 314 -11.16 -32.22 -65.82
N PHE C 315 -11.07 -31.01 -65.27
CA PHE C 315 -12.12 -30.41 -64.47
C PHE C 315 -12.67 -29.20 -65.22
N MET C 316 -13.96 -28.94 -65.04
CA MET C 316 -14.59 -27.78 -65.66
C MET C 316 -14.44 -26.57 -64.77
N THR C 317 -13.93 -25.48 -65.32
CA THR C 317 -13.99 -24.20 -64.64
C THR C 317 -15.43 -23.70 -64.66
N THR C 318 -15.76 -22.87 -63.68
CA THR C 318 -17.14 -22.39 -63.58
C THR C 318 -17.46 -21.34 -64.63
N ASP C 319 -16.44 -20.80 -65.30
CA ASP C 319 -16.69 -19.91 -66.42
C ASP C 319 -17.30 -20.66 -67.59
N ALA C 320 -16.81 -21.87 -67.85
CA ALA C 320 -17.30 -22.65 -68.98
C ALA C 320 -18.58 -23.40 -68.62
N ALA C 321 -18.74 -23.77 -67.34
CA ALA C 321 -19.90 -24.56 -66.95
C ALA C 321 -21.18 -23.74 -67.01
N LEU C 322 -21.08 -22.45 -66.72
CA LEU C 322 -22.27 -21.59 -66.78
C LEU C 322 -22.64 -21.27 -68.21
N MET C 323 -21.66 -21.23 -69.12
CA MET C 323 -21.98 -21.04 -70.53
C MET C 323 -22.67 -22.26 -71.10
N TYR C 324 -22.35 -23.44 -70.56
CA TYR C 324 -23.05 -24.67 -70.94
C TYR C 324 -24.51 -24.60 -70.51
N ASP C 325 -24.77 -24.17 -69.28
CA ASP C 325 -26.12 -24.17 -68.76
C ASP C 325 -26.93 -23.03 -69.34
N ALA C 326 -26.26 -22.00 -69.86
CA ALA C 326 -26.95 -20.79 -70.32
C ALA C 326 -27.78 -21.07 -71.57
N VAL C 327 -27.23 -21.86 -72.49
CA VAL C 327 -27.98 -22.25 -73.68
C VAL C 327 -29.13 -23.17 -73.28
N HIS C 328 -28.90 -23.99 -72.26
CA HIS C 328 -29.96 -24.86 -71.74
C HIS C 328 -31.07 -24.05 -71.08
N VAL C 329 -30.75 -22.87 -70.56
CA VAL C 329 -31.80 -21.95 -70.13
C VAL C 329 -32.53 -21.39 -71.33
N VAL C 330 -31.78 -21.00 -72.37
CA VAL C 330 -32.37 -20.47 -73.59
C VAL C 330 -33.16 -21.54 -74.33
N SER C 331 -32.74 -22.80 -74.22
CA SER C 331 -33.40 -23.89 -74.94
C SER C 331 -34.81 -24.15 -74.41
N VAL C 332 -35.05 -23.81 -73.14
CA VAL C 332 -36.39 -23.99 -72.58
C VAL C 332 -37.31 -22.89 -73.09
N ALA C 333 -36.80 -21.67 -73.18
CA ALA C 333 -37.62 -20.53 -73.60
C ALA C 333 -37.99 -20.60 -75.08
N VAL C 334 -37.11 -21.17 -75.90
CA VAL C 334 -37.42 -21.29 -77.32
C VAL C 334 -38.32 -22.49 -77.57
N GLN C 335 -38.36 -23.42 -76.60
CA GLN C 335 -39.16 -24.64 -76.72
C GLN C 335 -40.65 -24.31 -76.57
N GLN C 336 -40.97 -23.50 -75.58
CA GLN C 336 -42.34 -23.09 -75.29
C GLN C 336 -42.86 -22.07 -76.31
N PHE C 337 -41.98 -21.23 -76.86
CA PHE C 337 -42.40 -20.07 -77.63
C PHE C 337 -42.71 -20.51 -79.06
N PRO C 338 -43.73 -19.91 -79.70
CA PRO C 338 -44.02 -20.21 -81.11
C PRO C 338 -43.01 -19.67 -82.10
N GLN C 339 -43.38 -19.62 -83.39
CA GLN C 339 -42.56 -19.60 -84.61
C GLN C 339 -41.21 -18.88 -84.53
N MET C 340 -41.21 -17.63 -84.07
CA MET C 340 -40.01 -16.86 -83.70
C MET C 340 -39.03 -16.70 -84.88
N THR C 341 -39.44 -15.92 -85.87
CA THR C 341 -38.60 -15.64 -87.03
C THR C 341 -37.51 -14.66 -86.62
N VAL C 342 -36.25 -15.09 -86.74
CA VAL C 342 -35.10 -14.24 -86.46
C VAL C 342 -34.91 -13.27 -87.61
N SER C 343 -35.07 -11.98 -87.35
CA SER C 343 -34.95 -10.97 -88.39
C SER C 343 -33.54 -10.37 -88.42
N SER C 344 -33.30 -9.46 -89.37
CA SER C 344 -32.00 -8.80 -89.53
C SER C 344 -32.13 -7.38 -88.99
N LEU C 345 -31.37 -7.08 -87.94
CA LEU C 345 -31.50 -5.81 -87.24
C LEU C 345 -30.40 -4.85 -87.67
N GLN C 346 -30.68 -3.56 -87.57
CA GLN C 346 -29.76 -2.51 -88.02
C GLN C 346 -29.45 -1.56 -86.86
N CYS C 347 -28.17 -1.30 -86.65
CA CYS C 347 -27.72 -0.37 -85.61
C CYS C 347 -27.74 1.07 -86.09
N ASN C 348 -28.02 1.28 -87.37
CA ASN C 348 -28.08 2.63 -87.93
C ASN C 348 -29.32 3.32 -87.38
N ARG C 349 -30.49 2.76 -87.66
CA ARG C 349 -31.72 3.17 -86.97
C ARG C 349 -31.90 2.29 -85.75
N HIS C 350 -33.09 2.32 -85.16
CA HIS C 350 -33.43 1.31 -84.16
C HIS C 350 -34.92 0.97 -84.27
N LYS C 351 -35.21 -0.32 -84.40
CA LYS C 351 -36.57 -0.84 -84.47
C LYS C 351 -36.54 -2.16 -83.71
N PRO C 352 -37.12 -2.22 -82.50
CA PRO C 352 -37.03 -3.42 -81.66
C PRO C 352 -37.69 -4.64 -82.28
N TRP C 353 -37.08 -5.79 -82.09
CA TRP C 353 -37.57 -7.05 -82.64
C TRP C 353 -38.90 -7.43 -81.99
N ARG C 354 -39.82 -7.93 -82.82
CA ARG C 354 -41.23 -8.07 -82.51
C ARG C 354 -41.52 -8.97 -81.31
N PHE C 355 -40.66 -9.98 -81.13
CA PHE C 355 -40.87 -10.98 -80.10
C PHE C 355 -39.97 -10.77 -78.89
N GLY C 356 -39.04 -9.81 -78.96
CA GLY C 356 -38.05 -9.57 -77.93
C GLY C 356 -38.61 -9.16 -76.57
N THR C 357 -39.79 -8.55 -76.56
CA THR C 357 -40.44 -8.21 -75.31
C THR C 357 -40.97 -9.47 -74.63
N ARG C 358 -41.70 -10.29 -75.38
CA ARG C 358 -42.30 -11.50 -74.82
C ARG C 358 -41.23 -12.56 -74.54
N PHE C 359 -40.22 -12.65 -75.41
CA PHE C 359 -39.21 -13.69 -75.27
C PHE C 359 -38.30 -13.44 -74.08
N MET C 360 -38.09 -12.17 -73.73
CA MET C 360 -37.21 -11.84 -72.61
C MET C 360 -37.84 -12.25 -71.28
N SER C 361 -39.17 -12.13 -71.20
CA SER C 361 -39.87 -12.58 -70.00
C SER C 361 -39.83 -14.10 -69.88
N LEU C 362 -39.82 -14.79 -71.01
CA LEU C 362 -39.77 -16.26 -70.98
C LEU C 362 -38.38 -16.74 -70.60
N ILE C 363 -37.36 -15.91 -70.84
CA ILE C 363 -36.04 -16.21 -70.31
C ILE C 363 -36.04 -16.10 -68.79
N LYS C 364 -36.62 -15.02 -68.27
CA LYS C 364 -36.58 -14.75 -66.84
C LYS C 364 -37.47 -15.69 -66.03
N GLU C 365 -38.40 -16.38 -66.68
CA GLU C 365 -39.27 -17.33 -66.02
C GLU C 365 -38.76 -18.77 -66.12
N ALA C 366 -37.51 -18.96 -66.53
CA ALA C 366 -36.99 -20.30 -66.72
C ALA C 366 -36.64 -20.93 -65.37
N HIS C 367 -36.82 -22.25 -65.30
CA HIS C 367 -36.51 -23.00 -64.09
C HIS C 367 -35.72 -24.24 -64.50
N TRP C 368 -34.68 -24.05 -65.30
CA TRP C 368 -33.86 -25.19 -65.72
C TRP C 368 -32.90 -25.59 -64.61
N GLU C 369 -32.60 -26.88 -64.52
CA GLU C 369 -31.58 -27.37 -63.60
C GLU C 369 -30.42 -27.94 -64.41
N GLY C 370 -29.28 -27.26 -64.40
CA GLY C 370 -28.13 -27.64 -65.18
C GLY C 370 -27.03 -28.25 -64.35
N LEU C 371 -25.78 -27.90 -64.71
CA LEU C 371 -24.60 -28.42 -64.03
C LEU C 371 -24.48 -27.87 -62.62
N THR C 372 -24.73 -26.56 -62.48
CA THR C 372 -24.53 -25.87 -61.22
C THR C 372 -25.80 -25.91 -60.37
N GLY C 373 -26.77 -26.71 -60.78
CA GLY C 373 -27.96 -26.89 -59.99
C GLY C 373 -29.15 -26.11 -60.50
N ARG C 374 -30.02 -25.73 -59.59
CA ARG C 374 -31.24 -25.00 -59.89
C ARG C 374 -30.91 -23.60 -60.39
N ILE C 375 -31.64 -23.16 -61.41
CA ILE C 375 -31.49 -21.84 -61.99
C ILE C 375 -32.88 -21.22 -62.04
N THR C 376 -33.09 -20.17 -61.24
CA THR C 376 -34.33 -19.41 -61.21
C THR C 376 -33.98 -17.99 -60.82
N PHE C 377 -34.57 -17.02 -61.51
CA PHE C 377 -34.07 -15.66 -61.52
C PHE C 377 -34.58 -14.76 -60.39
N ASN C 378 -34.32 -13.47 -60.58
CA ASN C 378 -34.49 -12.43 -59.58
C ASN C 378 -35.30 -11.31 -60.24
N LYS C 379 -36.48 -11.68 -60.76
CA LYS C 379 -37.32 -11.03 -61.76
C LYS C 379 -37.28 -9.50 -61.78
N THR C 380 -37.27 -8.89 -60.58
CA THR C 380 -36.94 -7.48 -60.42
C THR C 380 -35.63 -7.10 -61.09
N ASN C 381 -34.55 -7.80 -60.75
CA ASN C 381 -33.26 -7.52 -61.36
C ASN C 381 -33.04 -8.34 -62.63
N GLY C 382 -33.10 -9.67 -62.48
CA GLY C 382 -32.74 -10.56 -63.56
C GLY C 382 -31.48 -11.31 -63.25
N LEU C 383 -30.97 -11.11 -62.04
CA LEU C 383 -29.71 -11.72 -61.62
C LEU C 383 -29.99 -13.12 -61.07
N ARG C 384 -28.96 -13.73 -60.49
CA ARG C 384 -29.10 -14.96 -59.70
C ARG C 384 -28.66 -14.63 -58.28
N THR C 385 -29.65 -14.36 -57.42
CA THR C 385 -29.43 -14.31 -55.99
C THR C 385 -30.11 -15.48 -55.29
N ASP C 386 -30.58 -16.46 -56.06
CA ASP C 386 -31.29 -17.63 -55.54
C ASP C 386 -30.64 -18.86 -56.17
N PHE C 387 -29.59 -19.36 -55.54
CA PHE C 387 -28.82 -20.50 -56.04
C PHE C 387 -28.42 -21.39 -54.87
N ASP C 388 -27.60 -22.39 -55.15
CA ASP C 388 -27.31 -23.44 -54.18
C ASP C 388 -25.80 -23.64 -54.14
N LEU C 389 -25.22 -23.60 -52.94
CA LEU C 389 -23.78 -23.83 -52.81
C LEU C 389 -23.44 -25.08 -52.01
N ASP C 390 -22.19 -25.52 -52.13
CA ASP C 390 -21.67 -26.62 -51.33
C ASP C 390 -20.40 -26.17 -50.64
N VAL C 391 -20.42 -26.11 -49.31
CA VAL C 391 -19.27 -25.60 -48.56
C VAL C 391 -18.20 -26.70 -48.51
N ILE C 392 -17.21 -26.61 -49.38
CA ILE C 392 -16.15 -27.60 -49.39
C ILE C 392 -14.99 -27.09 -48.55
N SER C 393 -14.27 -27.99 -47.90
CA SER C 393 -13.13 -27.59 -47.09
C SER C 393 -12.06 -28.65 -47.17
N LEU C 394 -10.85 -28.28 -46.74
CA LEU C 394 -9.70 -29.18 -46.79
C LEU C 394 -9.74 -30.11 -45.59
N LYS C 395 -9.82 -31.40 -45.88
CA LYS C 395 -9.60 -32.45 -44.89
C LYS C 395 -8.40 -33.28 -45.31
N GLU C 396 -8.08 -34.32 -44.55
CA GLU C 396 -6.87 -35.05 -44.82
C GLU C 396 -7.19 -36.28 -45.70
N GLU C 397 -8.02 -36.06 -46.72
CA GLU C 397 -8.13 -36.98 -47.83
C GLU C 397 -8.29 -36.15 -49.10
N GLY C 398 -8.26 -34.84 -48.93
CA GLY C 398 -8.59 -33.91 -50.01
C GLY C 398 -9.63 -32.90 -49.57
N LEU C 399 -10.54 -32.60 -50.50
CA LEU C 399 -11.57 -31.60 -50.30
C LEU C 399 -12.90 -32.28 -50.00
N GLU C 400 -13.47 -31.99 -48.83
CA GLU C 400 -14.73 -32.56 -48.42
C GLU C 400 -15.81 -31.48 -48.38
N LYS C 401 -16.92 -31.77 -49.04
CA LYS C 401 -18.17 -31.02 -48.90
C LYS C 401 -18.67 -31.23 -47.48
N ILE C 402 -18.57 -30.19 -46.66
CA ILE C 402 -18.96 -30.31 -45.26
C ILE C 402 -20.15 -29.42 -44.96
N GLY C 403 -20.71 -28.77 -45.98
CA GLY C 403 -21.83 -27.89 -45.74
C GLY C 403 -22.60 -27.46 -46.96
N THR C 404 -23.82 -26.97 -46.74
CA THR C 404 -24.72 -26.56 -47.80
C THR C 404 -25.24 -25.17 -47.45
N TRP C 405 -25.20 -24.27 -48.43
CA TRP C 405 -25.64 -22.89 -48.20
C TRP C 405 -26.93 -22.65 -48.98
N ASP C 406 -27.71 -21.65 -48.57
CA ASP C 406 -28.99 -21.33 -49.16
C ASP C 406 -29.25 -19.87 -48.82
N PRO C 407 -29.65 -19.02 -49.78
CA PRO C 407 -30.04 -17.64 -49.43
C PRO C 407 -31.22 -17.58 -48.48
N ALA C 408 -32.27 -18.35 -48.74
CA ALA C 408 -33.43 -18.37 -47.85
C ALA C 408 -33.32 -19.49 -46.82
N SER C 409 -32.13 -19.57 -46.21
CA SER C 409 -31.80 -20.41 -45.07
C SER C 409 -30.45 -19.97 -44.53
N GLY C 410 -29.88 -20.75 -43.62
CA GLY C 410 -28.55 -20.44 -43.13
C GLY C 410 -27.55 -21.42 -43.69
N LEU C 411 -26.40 -21.49 -43.03
CA LEU C 411 -25.41 -22.50 -43.35
C LEU C 411 -25.86 -23.87 -42.86
N ASN C 412 -26.45 -24.66 -43.74
CA ASN C 412 -26.85 -26.01 -43.34
C ASN C 412 -25.69 -26.99 -43.44
N MET C 413 -24.75 -26.93 -42.51
CA MET C 413 -23.68 -27.92 -42.48
C MET C 413 -24.21 -29.25 -41.94
N THR C 414 -24.12 -30.28 -42.77
CA THR C 414 -24.40 -31.64 -42.31
C THR C 414 -23.34 -32.16 -41.36
N GLU C 415 -22.14 -31.58 -41.37
CA GLU C 415 -21.18 -31.79 -40.30
C GLU C 415 -21.49 -30.77 -39.20
N SER C 416 -22.47 -31.09 -38.37
CA SER C 416 -22.82 -30.23 -37.24
C SER C 416 -22.14 -30.76 -35.99
N GLN C 417 -21.45 -31.89 -36.14
CA GLN C 417 -20.90 -32.72 -35.07
C GLN C 417 -22.03 -33.07 -34.11
N LYS C 418 -23.02 -33.82 -34.61
CA LYS C 418 -24.06 -34.37 -33.75
C LYS C 418 -23.53 -35.65 -33.11
N GLY C 419 -22.40 -36.13 -33.63
CA GLY C 419 -21.65 -37.19 -32.99
C GLY C 419 -21.10 -36.75 -31.64
N LYS C 420 -21.62 -37.37 -30.59
CA LYS C 420 -21.29 -37.18 -29.18
C LYS C 420 -19.81 -37.40 -28.89
N PRO C 421 -19.26 -36.89 -27.74
CA PRO C 421 -17.88 -37.25 -27.35
C PRO C 421 -17.72 -38.69 -26.89
N ALA C 422 -18.86 -39.36 -26.73
CA ALA C 422 -19.07 -40.80 -26.86
C ALA C 422 -18.63 -41.62 -25.65
N ASN C 423 -17.90 -41.04 -24.69
CA ASN C 423 -18.14 -41.02 -23.23
C ASN C 423 -16.85 -40.67 -22.50
N ILE C 424 -16.90 -40.59 -21.17
CA ILE C 424 -15.71 -40.72 -20.32
C ILE C 424 -15.43 -42.20 -20.11
N THR C 425 -16.44 -43.01 -20.44
CA THR C 425 -16.49 -44.44 -20.76
C THR C 425 -16.41 -45.36 -19.55
N ASP C 426 -15.84 -44.88 -18.42
CA ASP C 426 -16.15 -45.17 -17.01
C ASP C 426 -16.65 -46.57 -16.63
N SER C 427 -16.34 -47.61 -17.43
CA SER C 427 -17.02 -48.89 -17.29
C SER C 427 -16.43 -49.81 -16.24
N LEU C 428 -15.18 -50.25 -16.46
CA LEU C 428 -14.55 -51.21 -15.58
C LEU C 428 -14.11 -50.53 -14.29
N SER C 429 -13.61 -49.31 -14.45
CA SER C 429 -13.30 -48.45 -13.32
C SER C 429 -13.54 -47.01 -13.77
N ASN C 430 -13.07 -46.05 -13.00
CA ASN C 430 -13.15 -44.64 -13.36
C ASN C 430 -11.98 -44.26 -14.26
N ARG C 431 -12.01 -44.83 -15.48
CA ARG C 431 -11.05 -44.70 -16.58
C ARG C 431 -9.60 -44.84 -16.10
N SER C 432 -9.28 -46.04 -15.59
CA SER C 432 -8.32 -46.35 -14.52
C SER C 432 -7.11 -45.43 -14.42
N LEU C 433 -6.90 -44.85 -13.24
CA LEU C 433 -6.10 -43.64 -13.07
C LEU C 433 -4.62 -43.81 -13.32
N ILE C 434 -4.03 -42.82 -14.01
CA ILE C 434 -2.59 -42.71 -14.08
C ILE C 434 -2.13 -41.72 -13.03
N VAL C 435 -1.03 -42.02 -12.36
CA VAL C 435 -0.50 -41.18 -11.29
C VAL C 435 0.90 -40.72 -11.69
N THR C 436 1.18 -39.42 -11.54
CA THR C 436 2.53 -38.92 -11.71
C THR C 436 3.33 -39.20 -10.44
N THR C 437 4.60 -39.57 -10.59
CA THR C 437 5.35 -40.09 -9.45
C THR C 437 6.84 -39.83 -9.54
N ILE C 438 7.39 -39.07 -8.59
CA ILE C 438 8.82 -38.82 -8.47
C ILE C 438 9.43 -39.99 -7.70
N LEU C 439 10.75 -40.07 -7.61
CA LEU C 439 11.40 -41.28 -7.12
C LEU C 439 12.28 -40.97 -5.91
N GLU C 440 11.71 -40.31 -4.91
CA GLU C 440 12.43 -39.91 -3.70
C GLU C 440 12.48 -41.09 -2.72
N GLU C 441 13.34 -41.02 -1.68
CA GLU C 441 13.41 -42.01 -0.62
C GLU C 441 13.05 -41.34 0.71
N PRO C 442 12.30 -41.99 1.63
CA PRO C 442 11.65 -43.30 1.71
C PRO C 442 10.26 -43.30 1.15
N TYR C 443 10.06 -42.41 0.19
CA TYR C 443 8.88 -42.29 -0.65
C TYR C 443 9.01 -43.32 -1.77
N VAL C 444 8.39 -43.08 -2.93
CA VAL C 444 8.36 -44.11 -3.98
C VAL C 444 9.76 -44.48 -4.47
N LEU C 445 10.07 -45.77 -4.36
CA LEU C 445 11.40 -46.29 -4.64
C LEU C 445 11.31 -47.26 -5.81
N PHE C 446 12.43 -47.91 -6.11
CA PHE C 446 12.46 -49.14 -6.91
C PHE C 446 12.55 -50.33 -5.98
N LYS C 447 11.69 -51.32 -6.20
CA LYS C 447 11.79 -52.56 -5.46
C LYS C 447 12.94 -53.40 -6.00
N LYS C 448 13.83 -53.85 -5.12
CA LYS C 448 14.96 -54.66 -5.51
C LYS C 448 14.46 -56.07 -5.80
N SER C 449 14.10 -56.31 -7.06
CA SER C 449 13.59 -57.60 -7.50
C SER C 449 14.47 -58.14 -8.62
N ASP C 450 14.86 -59.41 -8.51
CA ASP C 450 15.65 -60.04 -9.57
C ASP C 450 14.80 -60.30 -10.79
N LYS C 451 13.58 -60.77 -10.57
CA LYS C 451 12.59 -60.86 -11.63
C LYS C 451 12.11 -59.44 -11.97
N PRO C 452 11.61 -59.20 -13.20
CA PRO C 452 11.24 -57.83 -13.60
C PRO C 452 10.07 -57.21 -12.82
N LEU C 453 8.95 -57.92 -12.70
CA LEU C 453 7.73 -57.47 -12.02
C LEU C 453 7.20 -56.14 -12.55
N TYR C 454 6.74 -56.10 -13.79
CA TYR C 454 6.28 -54.86 -14.42
C TYR C 454 4.97 -54.39 -13.78
N GLY C 455 4.52 -53.21 -14.19
CA GLY C 455 3.28 -52.70 -13.66
C GLY C 455 3.48 -51.91 -12.37
N ASN C 456 2.58 -52.18 -11.41
CA ASN C 456 2.57 -51.44 -10.16
C ASN C 456 3.41 -52.11 -9.09
N ASP C 457 4.25 -53.09 -9.49
CA ASP C 457 4.98 -53.88 -8.52
C ASP C 457 6.47 -53.54 -8.55
N ARG C 458 6.89 -52.65 -9.46
CA ARG C 458 8.24 -52.13 -9.44
C ARG C 458 8.51 -51.22 -8.26
N PHE C 459 7.49 -50.69 -7.63
CA PHE C 459 7.62 -49.56 -6.72
C PHE C 459 7.24 -49.96 -5.30
N GLU C 460 7.93 -49.37 -4.34
CA GLU C 460 7.52 -49.47 -2.95
C GLU C 460 7.88 -48.18 -2.22
N GLY C 461 7.20 -47.91 -1.11
CA GLY C 461 7.51 -46.71 -0.36
C GLY C 461 6.33 -46.29 0.48
N TYR C 462 6.49 -45.12 1.11
CA TYR C 462 5.37 -44.52 1.82
C TYR C 462 4.25 -44.16 0.88
N CYS C 463 4.55 -43.43 -0.19
CA CYS C 463 3.54 -43.02 -1.14
C CYS C 463 3.21 -44.10 -2.17
N ILE C 464 3.63 -45.34 -1.94
CA ILE C 464 2.98 -46.47 -2.60
C ILE C 464 2.07 -47.19 -1.62
N ASP C 465 2.45 -47.21 -0.34
CA ASP C 465 1.54 -47.67 0.70
C ASP C 465 0.34 -46.75 0.83
N LEU C 466 0.54 -45.44 0.66
CA LEU C 466 -0.58 -44.50 0.71
C LEU C 466 -1.52 -44.72 -0.47
N LEU C 467 -0.96 -45.01 -1.64
CA LEU C 467 -1.80 -45.13 -2.83
C LEU C 467 -2.56 -46.46 -2.83
N ARG C 468 -2.02 -47.48 -2.14
CA ARG C 468 -2.80 -48.70 -1.96
C ARG C 468 -3.91 -48.50 -0.93
N GLU C 469 -3.65 -47.70 0.11
CA GLU C 469 -4.66 -47.51 1.14
C GLU C 469 -5.75 -46.56 0.67
N LEU C 470 -5.44 -45.65 -0.25
CA LEU C 470 -6.50 -44.85 -0.85
C LEU C 470 -7.29 -45.67 -1.86
N SER C 471 -6.72 -46.79 -2.32
CA SER C 471 -7.41 -47.62 -3.30
CA SER C 471 -7.41 -47.62 -3.30
C SER C 471 -8.46 -48.50 -2.64
N THR C 472 -8.14 -49.08 -1.48
CA THR C 472 -9.10 -49.94 -0.80
C THR C 472 -10.26 -49.16 -0.22
N ILE C 473 -10.09 -47.85 0.01
CA ILE C 473 -11.21 -47.03 0.43
C ILE C 473 -12.09 -46.61 -0.74
N LEU C 474 -11.51 -46.04 -1.80
CA LEU C 474 -12.28 -45.61 -2.95
C LEU C 474 -12.52 -46.71 -3.97
N GLY C 475 -11.47 -47.22 -4.59
CA GLY C 475 -11.54 -48.16 -5.69
C GLY C 475 -11.37 -47.40 -6.97
N PHE C 476 -10.14 -47.28 -7.45
CA PHE C 476 -9.90 -46.51 -8.66
C PHE C 476 -8.76 -47.08 -9.50
N THR C 477 -8.57 -48.42 -9.44
CA THR C 477 -7.29 -49.13 -9.55
C THR C 477 -6.29 -48.55 -10.54
N TYR C 478 -5.11 -48.22 -10.03
CA TYR C 478 -4.21 -47.24 -10.60
C TYR C 478 -3.16 -47.89 -11.49
N GLU C 479 -2.34 -47.05 -12.11
CA GLU C 479 -1.19 -47.49 -12.88
C GLU C 479 -0.10 -46.44 -12.74
N ILE C 480 1.08 -46.84 -12.30
CA ILE C 480 2.18 -45.90 -12.09
C ILE C 480 2.81 -45.57 -13.43
N ARG C 481 2.75 -44.29 -13.84
CA ARG C 481 3.65 -43.78 -14.87
C ARG C 481 4.40 -42.62 -14.23
N LEU C 482 5.63 -42.91 -13.81
CA LEU C 482 6.50 -41.92 -13.17
C LEU C 482 6.81 -40.77 -14.12
N VAL C 483 7.07 -39.59 -13.55
CA VAL C 483 7.33 -38.42 -14.36
C VAL C 483 8.69 -38.56 -15.04
N GLU C 484 8.75 -38.17 -16.30
CA GLU C 484 9.88 -38.50 -17.15
C GLU C 484 11.01 -37.49 -17.02
N ASP C 485 10.70 -36.21 -17.13
CA ASP C 485 11.70 -35.15 -17.03
C ASP C 485 11.95 -34.73 -15.59
N GLY C 486 12.27 -35.71 -14.72
CA GLY C 486 12.02 -35.71 -13.28
C GLY C 486 12.18 -34.42 -12.51
N LYS C 487 11.07 -33.96 -11.95
CA LYS C 487 10.92 -32.56 -11.58
C LYS C 487 9.61 -32.44 -10.81
N TYR C 488 9.41 -31.34 -10.09
CA TYR C 488 8.18 -31.17 -9.33
C TYR C 488 7.31 -30.06 -9.92
N GLY C 489 7.83 -28.84 -9.94
CA GLY C 489 7.08 -27.74 -10.50
C GLY C 489 7.75 -26.42 -10.22
N ALA C 490 7.88 -25.61 -11.27
CA ALA C 490 8.48 -24.29 -11.19
C ALA C 490 8.14 -23.49 -12.44
N GLN C 491 7.81 -22.21 -12.26
CA GLN C 491 7.70 -21.30 -13.38
C GLN C 491 9.10 -20.88 -13.80
N ASP C 492 9.36 -20.90 -15.11
CA ASP C 492 10.71 -20.67 -15.62
C ASP C 492 11.06 -19.19 -15.74
N ASP C 493 10.16 -18.32 -15.24
CA ASP C 493 10.37 -16.91 -14.90
C ASP C 493 10.46 -16.03 -16.15
N VAL C 494 10.55 -16.63 -17.33
CA VAL C 494 10.52 -15.91 -18.60
C VAL C 494 9.34 -16.40 -19.43
N ASN C 495 9.05 -17.69 -19.36
CA ASN C 495 7.97 -18.29 -20.12
C ASN C 495 6.71 -18.33 -19.26
N GLY C 496 6.84 -18.84 -18.03
CA GLY C 496 5.71 -19.06 -17.17
C GLY C 496 5.16 -20.47 -17.20
N GLN C 497 5.84 -21.39 -17.87
CA GLN C 497 5.38 -22.77 -18.00
C GLN C 497 5.88 -23.59 -16.82
N TRP C 498 5.08 -24.57 -16.42
CA TRP C 498 5.44 -25.44 -15.31
C TRP C 498 6.19 -26.66 -15.83
N ASN C 499 6.79 -27.41 -14.92
CA ASN C 499 7.67 -28.51 -15.27
C ASN C 499 7.39 -29.71 -14.38
N GLY C 500 7.29 -30.89 -14.99
CA GLY C 500 7.22 -32.11 -14.20
C GLY C 500 5.82 -32.43 -13.77
N MET C 501 5.64 -32.72 -12.47
CA MET C 501 4.35 -33.25 -12.02
C MET C 501 3.30 -32.16 -11.87
N VAL C 502 3.72 -30.90 -11.70
CA VAL C 502 2.73 -29.83 -11.79
C VAL C 502 2.29 -29.67 -13.25
N ARG C 503 3.22 -29.88 -14.18
CA ARG C 503 2.93 -29.70 -15.59
C ARG C 503 2.03 -30.80 -16.13
N GLU C 504 2.26 -32.06 -15.74
CA GLU C 504 1.49 -33.15 -16.31
C GLU C 504 0.09 -33.24 -15.72
N LEU C 505 -0.20 -32.45 -14.68
CA LEU C 505 -1.56 -32.37 -14.18
C LEU C 505 -2.33 -31.25 -14.87
N ILE C 506 -1.63 -30.24 -15.38
CA ILE C 506 -2.26 -29.15 -16.10
C ILE C 506 -2.88 -29.65 -17.39
N ASP C 507 -2.06 -30.27 -18.26
CA ASP C 507 -2.60 -30.81 -19.50
C ASP C 507 -3.03 -32.26 -19.35
N HIS C 508 -3.73 -32.55 -18.25
CA HIS C 508 -4.54 -33.74 -17.93
C HIS C 508 -3.97 -35.08 -18.43
N LYS C 509 -2.65 -35.23 -18.33
CA LYS C 509 -2.01 -36.45 -18.80
C LYS C 509 -2.13 -37.57 -17.77
N ALA C 510 -2.08 -37.21 -16.49
CA ALA C 510 -2.37 -38.13 -15.41
C ALA C 510 -3.28 -37.43 -14.40
N ASP C 511 -3.79 -38.21 -13.45
CA ASP C 511 -4.85 -37.71 -12.58
C ASP C 511 -4.38 -37.38 -11.17
N LEU C 512 -3.35 -38.03 -10.66
CA LEU C 512 -2.93 -37.76 -9.30
C LEU C 512 -1.46 -37.40 -9.22
N ALA C 513 -0.99 -37.07 -8.03
CA ALA C 513 0.40 -36.65 -7.86
C ALA C 513 0.97 -37.25 -6.59
N VAL C 514 0.79 -38.54 -6.37
CA VAL C 514 1.10 -39.15 -5.08
C VAL C 514 2.61 -39.23 -4.96
N ALA C 515 3.19 -38.23 -4.29
CA ALA C 515 4.60 -37.91 -4.27
C ALA C 515 4.81 -36.77 -3.29
N PRO C 516 6.05 -36.48 -2.84
CA PRO C 516 6.25 -35.35 -1.93
C PRO C 516 6.04 -33.97 -2.54
N LEU C 517 4.84 -33.68 -3.01
CA LEU C 517 4.60 -32.45 -3.74
C LEU C 517 4.05 -31.45 -2.75
N ALA C 518 4.95 -30.64 -2.19
CA ALA C 518 4.66 -29.72 -1.09
C ALA C 518 3.60 -28.68 -1.45
N ILE C 519 2.88 -28.17 -0.46
CA ILE C 519 1.84 -27.19 -0.68
C ILE C 519 2.51 -25.83 -0.74
N THR C 520 2.66 -25.32 -1.96
CA THR C 520 3.30 -24.04 -2.21
C THR C 520 2.23 -23.09 -2.71
N TYR C 521 2.38 -21.81 -2.37
CA TYR C 521 1.43 -20.76 -2.75
C TYR C 521 1.28 -20.63 -4.27
N VAL C 522 2.34 -20.93 -5.02
CA VAL C 522 2.28 -20.80 -6.46
C VAL C 522 1.81 -22.09 -7.10
N ARG C 523 1.88 -23.21 -6.36
CA ARG C 523 1.37 -24.47 -6.88
C ARG C 523 -0.12 -24.62 -6.67
N GLU C 524 -0.69 -23.87 -5.73
CA GLU C 524 -2.09 -24.02 -5.38
C GLU C 524 -2.99 -23.26 -6.34
N LYS C 525 -2.49 -22.17 -6.90
CA LYS C 525 -3.25 -21.37 -7.86
C LYS C 525 -3.49 -22.14 -9.15
N VAL C 526 -2.59 -23.06 -9.48
CA VAL C 526 -2.65 -23.78 -10.74
C VAL C 526 -3.37 -25.11 -10.60
N ILE C 527 -2.93 -25.97 -9.70
CA ILE C 527 -3.57 -27.26 -9.53
C ILE C 527 -4.23 -27.35 -8.16
N ASP C 528 -5.02 -28.40 -7.97
CA ASP C 528 -5.78 -28.60 -6.74
C ASP C 528 -5.09 -29.65 -5.88
N PHE C 529 -4.56 -29.21 -4.75
CA PHE C 529 -4.02 -30.09 -3.72
C PHE C 529 -5.14 -30.60 -2.83
N SER C 530 -4.97 -31.81 -2.30
CA SER C 530 -5.83 -32.29 -1.24
C SER C 530 -5.34 -31.74 0.09
N LYS C 531 -6.01 -32.09 1.17
CA LYS C 531 -5.56 -31.73 2.50
C LYS C 531 -4.36 -32.60 2.84
N PRO C 532 -3.38 -32.12 3.65
CA PRO C 532 -2.08 -32.76 3.75
C PRO C 532 -2.07 -34.20 4.25
N PHE C 533 -1.00 -34.93 4.00
CA PHE C 533 -0.83 -36.21 4.66
C PHE C 533 0.48 -36.30 5.43
N MET C 534 1.36 -35.33 5.31
CA MET C 534 2.46 -35.18 6.26
C MET C 534 2.54 -33.71 6.62
N THR C 535 3.54 -33.37 7.41
CA THR C 535 3.79 -31.98 7.78
C THR C 535 5.30 -31.72 7.69
N LEU C 536 5.67 -30.87 6.72
CA LEU C 536 7.05 -30.52 6.43
C LEU C 536 7.59 -29.41 7.31
N GLY C 537 8.71 -28.88 6.87
CA GLY C 537 9.35 -27.71 7.43
C GLY C 537 10.72 -27.63 6.80
N ILE C 538 11.17 -26.44 6.50
CA ILE C 538 12.52 -26.29 5.97
C ILE C 538 13.47 -26.24 7.14
N SER C 539 14.51 -27.09 7.11
CA SER C 539 15.46 -27.11 8.21
C SER C 539 16.81 -27.57 7.67
N ILE C 540 17.84 -27.42 8.50
CA ILE C 540 19.22 -27.44 8.05
C ILE C 540 19.86 -28.77 8.39
N LEU C 541 20.46 -29.42 7.39
CA LEU C 541 21.17 -30.69 7.57
C LEU C 541 22.67 -30.39 7.57
N TYR C 542 23.28 -30.43 8.75
CA TYR C 542 24.71 -30.21 8.88
C TYR C 542 25.32 -31.42 9.59
N ARG C 543 26.64 -31.54 9.59
CA ARG C 543 27.30 -32.68 10.21
C ARG C 543 27.27 -32.57 11.73
N LYS C 544 27.13 -33.72 12.37
CA LYS C 544 27.31 -33.81 13.80
C LYS C 544 28.79 -33.61 14.10
N PRO C 545 29.15 -32.84 15.13
CA PRO C 545 30.57 -32.61 15.43
C PRO C 545 31.33 -33.87 15.86
N ASN C 546 32.66 -33.78 15.89
CA ASN C 546 33.53 -34.91 16.21
C ASN C 546 33.31 -35.46 17.60
N GLY C 547 33.61 -36.75 17.78
CA GLY C 547 33.75 -37.27 19.12
C GLY C 547 35.00 -36.75 19.79
N THR C 548 34.81 -36.00 20.87
CA THR C 548 35.89 -35.29 21.54
C THR C 548 36.90 -36.22 22.19
N ASN C 549 36.46 -37.43 22.60
CA ASN C 549 37.23 -38.55 23.13
C ASN C 549 38.17 -38.13 24.25
N PRO C 550 37.68 -37.87 25.47
CA PRO C 550 38.60 -37.66 26.59
C PRO C 550 39.34 -38.95 26.91
N GLY C 551 40.67 -38.90 26.84
CA GLY C 551 41.50 -40.08 26.99
C GLY C 551 41.48 -40.69 28.37
N VAL C 552 42.11 -41.84 28.54
CA VAL C 552 42.19 -42.45 29.86
C VAL C 552 43.15 -41.66 30.72
N PHE C 553 44.14 -41.02 30.12
CA PHE C 553 45.04 -40.15 30.86
C PHE C 553 44.57 -38.71 30.79
N SER C 554 43.31 -38.46 31.14
CA SER C 554 42.75 -37.11 31.01
C SER C 554 43.07 -36.26 32.22
N PHE C 555 43.49 -36.89 33.32
CA PHE C 555 43.79 -36.16 34.54
C PHE C 555 45.18 -35.53 34.49
N LEU C 556 45.99 -35.87 33.48
CA LEU C 556 47.31 -35.28 33.35
C LEU C 556 47.21 -33.89 32.75
N ASN C 557 46.06 -33.58 32.17
CA ASN C 557 45.80 -32.34 31.42
C ASN C 557 45.91 -31.03 32.21
N PRO C 558 45.33 -30.84 33.45
CA PRO C 558 45.27 -29.48 34.02
C PRO C 558 46.59 -28.80 34.37
N LEU C 559 47.71 -29.49 34.19
CA LEU C 559 49.02 -28.86 34.16
C LEU C 559 49.71 -29.28 32.87
N SER C 560 50.31 -28.31 32.19
CA SER C 560 50.96 -28.54 30.90
C SER C 560 52.16 -29.45 31.06
N PRO C 561 52.58 -30.17 30.01
CA PRO C 561 53.62 -31.19 30.19
C PRO C 561 55.01 -30.64 30.48
N ASP C 562 55.21 -29.33 30.52
CA ASP C 562 56.45 -28.81 31.06
C ASP C 562 56.39 -28.69 32.58
N ILE C 563 55.23 -28.33 33.13
CA ILE C 563 55.08 -28.16 34.57
C ILE C 563 55.17 -29.49 35.29
N TRP C 564 54.71 -30.57 34.66
CA TRP C 564 54.94 -31.89 35.25
C TRP C 564 56.41 -32.28 35.21
N MET C 565 57.21 -31.61 34.38
CA MET C 565 58.64 -31.85 34.40
C MET C 565 59.36 -30.79 35.24
N TYR C 566 58.65 -29.77 35.71
CA TYR C 566 59.28 -28.88 36.69
C TYR C 566 58.93 -29.29 38.11
N VAL C 567 57.83 -30.02 38.29
CA VAL C 567 57.52 -30.56 39.63
C VAL C 567 58.49 -31.68 39.96
N LEU C 568 58.75 -32.56 38.99
CA LEU C 568 59.65 -33.69 39.24
C LEU C 568 61.10 -33.23 39.34
N LEU C 569 61.44 -32.10 38.73
CA LEU C 569 62.79 -31.58 38.91
C LEU C 569 62.88 -30.69 40.14
N ALA C 570 61.74 -30.35 40.74
CA ALA C 570 61.79 -29.71 42.05
C ALA C 570 61.70 -30.75 43.16
N CYS C 571 61.03 -31.87 42.89
CA CYS C 571 60.89 -32.92 43.89
C CYS C 571 62.18 -33.71 44.03
N LEU C 572 63.00 -33.73 42.98
CA LEU C 572 64.36 -34.25 43.10
C LEU C 572 65.35 -33.13 43.38
N GLY C 573 64.89 -31.88 43.28
CA GLY C 573 65.78 -30.78 43.58
C GLY C 573 65.77 -30.40 45.04
N VAL C 574 64.58 -30.20 45.60
CA VAL C 574 64.44 -29.83 47.02
C VAL C 574 64.85 -30.98 47.92
N SER C 575 64.60 -32.21 47.48
CA SER C 575 64.90 -33.36 48.33
C SER C 575 66.38 -33.68 48.36
N CYS C 576 67.16 -33.08 47.46
CA CYS C 576 68.61 -33.19 47.59
C CYS C 576 69.20 -31.99 48.32
N VAL C 577 68.54 -30.83 48.24
CA VAL C 577 68.97 -29.67 49.02
C VAL C 577 68.67 -29.90 50.50
N LEU C 578 67.58 -30.60 50.80
CA LEU C 578 67.28 -30.94 52.18
C LEU C 578 68.29 -31.94 52.75
N PHE C 579 68.80 -32.83 51.89
CA PHE C 579 69.77 -33.82 52.35
C PHE C 579 71.13 -33.20 52.65
N VAL C 580 71.54 -32.21 51.84
CA VAL C 580 72.85 -31.59 52.03
C VAL C 580 72.84 -30.72 53.29
N ILE C 581 71.77 -29.95 53.48
CA ILE C 581 71.67 -29.05 54.63
C ILE C 581 71.52 -29.84 55.93
N ALA C 582 70.85 -30.98 55.91
CA ALA C 582 70.59 -31.72 57.14
C ALA C 582 71.85 -32.38 57.69
N ARG C 583 72.78 -32.75 56.81
CA ARG C 583 74.04 -33.29 57.32
C ARG C 583 75.09 -32.21 57.49
N PHE C 584 74.82 -30.99 57.02
CA PHE C 584 75.69 -29.85 57.24
C PHE C 584 75.30 -29.06 58.48
N SER C 585 74.06 -29.12 58.89
CA SER C 585 73.59 -28.44 60.08
C SER C 585 74.00 -29.22 61.33
N PRO C 586 74.46 -28.52 62.37
CA PRO C 586 74.85 -29.23 63.59
C PRO C 586 73.71 -29.43 64.57
N TYR C 587 72.64 -28.65 64.43
CA TYR C 587 71.46 -28.80 65.28
C TYR C 587 70.62 -30.01 64.91
N GLU C 588 70.77 -30.54 63.69
CA GLU C 588 70.03 -31.73 63.32
C GLU C 588 70.58 -32.97 64.01
N TRP C 589 71.90 -33.01 64.20
CA TRP C 589 72.56 -34.10 64.91
C TRP C 589 72.18 -34.09 66.38
N TYR C 590 71.48 -35.12 66.83
CA TYR C 590 71.06 -35.25 68.22
C TYR C 590 71.58 -36.55 68.78
N ASN C 591 71.39 -36.74 70.09
CA ASN C 591 71.78 -37.96 70.76
C ASN C 591 70.59 -38.90 70.78
N PRO C 592 70.63 -40.06 70.10
CA PRO C 592 69.43 -40.92 70.01
C PRO C 592 69.26 -41.84 71.21
N HIS C 593 69.49 -41.30 72.40
CA HIS C 593 69.34 -42.01 73.66
C HIS C 593 68.89 -41.02 74.73
N PRO C 594 67.59 -40.72 74.82
CA PRO C 594 67.12 -39.79 75.87
C PRO C 594 67.27 -40.40 77.26
N CYS C 595 66.77 -41.63 77.42
CA CYS C 595 66.81 -42.29 78.71
C CYS C 595 68.13 -42.96 79.00
N ASN C 596 69.06 -42.97 78.04
CA ASN C 596 70.37 -43.62 78.20
C ASN C 596 71.43 -42.52 78.12
N PRO C 597 72.10 -42.22 79.24
CA PRO C 597 73.18 -41.22 79.24
C PRO C 597 74.53 -41.74 78.76
N ASP C 598 74.52 -42.86 78.01
CA ASP C 598 75.65 -43.73 77.68
C ASP C 598 76.90 -43.00 77.19
N SER C 599 76.83 -42.35 76.03
CA SER C 599 77.98 -41.67 75.46
C SER C 599 77.52 -40.61 74.46
N ASP C 600 78.48 -40.09 73.69
CA ASP C 600 78.21 -39.02 72.72
C ASP C 600 77.93 -39.61 71.34
N VAL C 601 76.92 -40.46 71.29
CA VAL C 601 76.44 -41.02 70.03
C VAL C 601 75.57 -39.97 69.35
N VAL C 602 75.83 -39.71 68.07
CA VAL C 602 75.01 -38.81 67.28
C VAL C 602 74.41 -39.59 66.11
N GLU C 603 73.19 -39.19 65.74
CA GLU C 603 72.48 -39.86 64.65
C GLU C 603 71.70 -38.82 63.86
N ASN C 604 71.78 -38.89 62.54
CA ASN C 604 71.03 -38.05 61.63
C ASN C 604 69.99 -38.94 60.95
N ASN C 605 68.73 -38.53 60.99
CA ASN C 605 67.63 -39.27 60.37
C ASN C 605 67.60 -39.10 58.86
N PHE C 606 68.27 -38.09 58.33
CA PHE C 606 68.18 -37.75 56.92
C PHE C 606 69.25 -38.48 56.12
N THR C 607 68.96 -39.73 55.78
CA THR C 607 69.66 -40.33 54.66
C THR C 607 69.03 -39.86 53.36
N LEU C 608 69.63 -40.24 52.24
CA LEU C 608 69.14 -39.75 50.95
C LEU C 608 67.79 -40.36 50.62
N LEU C 609 67.53 -41.56 51.09
CA LEU C 609 66.26 -42.21 50.81
C LEU C 609 65.15 -41.69 51.74
N ASN C 610 65.53 -41.16 52.90
CA ASN C 610 64.54 -40.46 53.73
C ASN C 610 64.32 -39.04 53.24
N SER C 611 65.29 -38.48 52.52
CA SER C 611 65.15 -37.11 52.06
C SER C 611 64.24 -37.02 50.86
N PHE C 612 64.29 -38.03 49.99
CA PHE C 612 63.32 -38.11 48.90
C PHE C 612 61.91 -38.35 49.43
N TRP C 613 61.80 -39.11 50.52
CA TRP C 613 60.50 -39.50 51.05
C TRP C 613 59.80 -38.33 51.73
N PHE C 614 60.55 -37.30 52.11
CA PHE C 614 59.91 -36.10 52.61
C PHE C 614 59.40 -35.27 51.45
N GLY C 615 60.14 -35.23 50.35
CA GLY C 615 59.72 -34.44 49.21
C GLY C 615 58.61 -35.10 48.43
N VAL C 616 58.55 -36.42 48.48
CA VAL C 616 57.47 -37.15 47.83
C VAL C 616 56.26 -37.26 48.75
N GLY C 617 56.50 -37.39 50.06
CA GLY C 617 55.41 -37.52 51.00
C GLY C 617 54.63 -36.23 51.18
N ALA C 618 55.32 -35.10 51.10
CA ALA C 618 54.65 -33.81 51.25
C ALA C 618 54.09 -33.29 49.93
N LEU C 619 54.48 -33.88 48.81
CA LEU C 619 53.93 -33.49 47.53
C LEU C 619 52.53 -34.04 47.34
N MET C 620 52.22 -35.16 47.96
CA MET C 620 50.94 -35.80 47.79
C MET C 620 50.10 -35.81 49.06
N GLN C 621 50.27 -34.80 49.91
CA GLN C 621 49.45 -34.41 51.04
C GLN C 621 49.48 -35.40 52.20
N GLN C 622 50.26 -36.47 52.13
CA GLN C 622 50.18 -37.54 53.12
C GLN C 622 51.15 -37.40 54.28
N GLY C 623 52.25 -36.67 54.10
CA GLY C 623 53.19 -36.51 55.20
C GLY C 623 54.09 -37.71 55.44
N SER C 624 55.25 -37.47 56.02
CA SER C 624 56.24 -38.53 56.16
C SER C 624 56.53 -38.87 57.60
N GLU C 625 57.40 -39.86 57.82
CA GLU C 625 57.70 -40.35 59.15
C GLU C 625 58.63 -39.36 59.82
N LEU C 626 59.54 -38.72 59.08
CA LEU C 626 60.51 -37.82 59.70
C LEU C 626 60.11 -36.37 59.55
N MET C 627 60.54 -35.53 60.48
CA MET C 627 60.17 -34.14 60.48
C MET C 627 61.42 -33.34 60.80
N PRO C 628 61.70 -32.22 60.12
CA PRO C 628 62.93 -31.47 60.37
C PRO C 628 63.02 -30.89 61.76
N LYS C 629 64.23 -30.82 62.31
CA LYS C 629 64.39 -30.29 63.66
C LYS C 629 65.24 -29.03 63.73
N ALA C 630 66.27 -28.89 62.93
CA ALA C 630 67.06 -27.68 62.88
C ALA C 630 66.33 -26.63 62.06
N LEU C 631 66.57 -25.35 62.39
CA LEU C 631 65.92 -24.25 61.68
C LEU C 631 66.34 -24.15 60.22
N SER C 632 67.53 -24.66 59.90
CA SER C 632 67.99 -24.62 58.51
C SER C 632 67.26 -25.64 57.64
N THR C 633 66.67 -26.66 58.27
CA THR C 633 65.92 -27.65 57.50
C THR C 633 64.41 -27.48 57.68
N ARG C 634 63.98 -26.61 58.61
CA ARG C 634 62.55 -26.32 58.70
C ARG C 634 62.15 -25.27 57.67
N ILE C 635 63.13 -24.65 57.01
CA ILE C 635 62.80 -23.64 55.99
C ILE C 635 62.76 -24.28 54.62
N VAL C 636 63.56 -25.34 54.41
CA VAL C 636 63.36 -26.19 53.24
C VAL C 636 62.03 -26.92 53.35
N GLY C 637 61.76 -27.50 54.50
CA GLY C 637 60.53 -28.22 54.72
C GLY C 637 59.33 -27.29 54.81
N GLY C 638 59.55 -26.06 55.23
CA GLY C 638 58.44 -25.14 55.36
C GLY C 638 58.03 -24.50 54.04
N ILE C 639 58.95 -24.49 53.07
CA ILE C 639 58.64 -23.84 51.79
C ILE C 639 58.30 -24.89 50.75
N TRP C 640 58.62 -26.16 51.02
CA TRP C 640 58.15 -27.22 50.16
C TRP C 640 56.69 -27.54 50.47
N TRP C 641 56.26 -27.26 51.69
CA TRP C 641 54.84 -27.40 52.00
C TRP C 641 54.02 -26.31 51.32
N PHE C 642 54.55 -25.09 51.22
CA PHE C 642 53.82 -24.02 50.56
C PHE C 642 53.86 -24.18 49.05
N PHE C 643 54.93 -24.77 48.54
CA PHE C 643 54.97 -25.14 47.13
C PHE C 643 53.86 -26.15 46.79
N THR C 644 53.80 -27.24 47.54
CA THR C 644 52.87 -28.30 47.21
C THR C 644 51.48 -28.03 47.75
N LEU C 645 51.29 -26.91 48.44
CA LEU C 645 49.94 -26.50 48.76
C LEU C 645 49.29 -25.83 47.57
N ILE C 646 50.09 -25.09 46.81
CA ILE C 646 49.54 -24.29 45.72
C ILE C 646 49.48 -25.11 44.43
N ILE C 647 50.42 -26.04 44.26
CA ILE C 647 50.38 -26.96 43.11
C ILE C 647 49.16 -27.86 43.18
N ILE C 648 48.85 -28.39 44.37
CA ILE C 648 47.67 -29.23 44.52
C ILE C 648 46.40 -28.38 44.42
N SER C 649 46.44 -27.15 44.92
CA SER C 649 45.25 -26.30 44.84
C SER C 649 45.04 -25.77 43.42
N SER C 650 46.10 -25.70 42.61
CA SER C 650 45.93 -25.25 41.23
C SER C 650 45.52 -26.41 40.34
N TYR C 651 45.97 -27.62 40.68
CA TYR C 651 45.52 -28.81 39.96
C TYR C 651 44.03 -29.08 40.17
N THR C 652 43.58 -29.18 41.41
CA THR C 652 42.20 -29.55 41.68
C THR C 652 41.21 -28.43 41.42
N ALA C 653 41.66 -27.20 41.17
CA ALA C 653 40.75 -26.14 40.78
C ALA C 653 40.64 -26.00 39.28
N ASN C 654 41.65 -26.44 38.53
CA ASN C 654 41.53 -26.48 37.08
C ASN C 654 41.04 -27.83 36.57
N LEU C 655 41.13 -28.88 37.40
CA LEU C 655 40.52 -30.15 37.01
C LEU C 655 39.01 -30.07 37.04
N ALA C 656 38.45 -29.14 37.81
CA ALA C 656 37.02 -28.88 37.77
C ALA C 656 36.60 -28.31 36.43
N ALA C 657 37.50 -27.57 35.77
CA ALA C 657 37.17 -26.91 34.52
C ALA C 657 37.20 -27.89 33.35
N PHE C 658 38.09 -28.88 33.40
CA PHE C 658 38.19 -29.81 32.28
C PHE C 658 37.09 -30.87 32.32
N LEU C 659 36.47 -31.09 33.47
CA LEU C 659 35.44 -32.13 33.56
C LEU C 659 34.06 -31.60 33.24
N THR C 660 33.89 -30.28 33.16
CA THR C 660 32.58 -29.67 32.95
C THR C 660 32.56 -28.65 31.82
N VAL C 661 33.09 -28.99 30.65
CA VAL C 661 33.13 -27.96 29.60
C VAL C 661 31.87 -27.97 28.72
N GLU C 662 31.76 -28.93 27.77
CA GLU C 662 30.62 -29.23 26.88
C GLU C 662 31.07 -30.33 25.91
N ARG C 663 30.13 -30.95 25.18
CA ARG C 663 30.51 -32.02 24.25
C ARG C 663 31.33 -31.48 23.08
N MET C 664 30.66 -30.82 22.13
CA MET C 664 31.13 -29.94 21.06
C MET C 664 29.89 -29.25 20.52
N GLU C 665 29.86 -27.93 20.54
CA GLU C 665 28.71 -27.18 20.04
C GLU C 665 29.00 -26.76 18.60
N SER C 666 27.97 -26.84 17.77
CA SER C 666 28.05 -26.43 16.38
C SER C 666 28.18 -24.91 16.35
N PRO C 667 28.86 -24.34 15.35
CA PRO C 667 28.95 -22.87 15.28
C PRO C 667 27.65 -22.20 14.89
N ILE C 668 26.66 -22.97 14.43
CA ILE C 668 25.32 -22.47 14.15
C ILE C 668 24.32 -23.25 14.99
N ASP C 669 23.25 -22.56 15.36
CA ASP C 669 22.20 -23.18 16.16
C ASP C 669 20.86 -22.69 15.64
N SER C 670 20.90 -21.87 14.60
CA SER C 670 19.69 -21.27 14.04
C SER C 670 19.91 -20.88 12.59
N ALA C 671 18.98 -20.10 12.02
CA ALA C 671 19.18 -19.61 10.67
C ALA C 671 19.92 -18.28 10.66
N ASP C 672 19.69 -17.43 11.67
CA ASP C 672 20.40 -16.16 11.73
C ASP C 672 21.84 -16.35 12.20
N ASP C 673 22.14 -17.48 12.84
CA ASP C 673 23.53 -17.82 13.14
C ASP C 673 24.28 -18.15 11.87
N LEU C 674 23.60 -18.74 10.90
CA LEU C 674 24.22 -19.04 9.62
C LEU C 674 24.02 -17.90 8.64
N ALA C 675 23.20 -16.90 8.99
CA ALA C 675 23.11 -15.67 8.22
C ALA C 675 24.29 -14.75 8.48
N LYS C 676 24.81 -14.74 9.70
CA LYS C 676 25.98 -13.92 10.01
C LYS C 676 27.26 -14.63 9.60
N GLN C 677 27.42 -15.88 10.02
CA GLN C 677 28.62 -16.65 9.74
C GLN C 677 28.68 -17.08 8.28
N THR C 678 29.41 -16.32 7.47
CA THR C 678 29.57 -16.63 6.05
C THR C 678 30.75 -17.56 5.78
N LYS C 679 31.20 -18.29 6.78
CA LYS C 679 32.23 -19.31 6.59
C LYS C 679 31.64 -20.63 6.13
N ILE C 680 30.51 -21.04 6.70
CA ILE C 680 29.80 -22.24 6.26
C ILE C 680 28.79 -21.81 5.22
N GLU C 681 28.83 -22.45 4.06
CA GLU C 681 28.03 -22.02 2.92
C GLU C 681 26.65 -22.67 2.93
N TYR C 682 25.66 -21.93 2.43
CA TYR C 682 24.27 -22.32 2.28
C TYR C 682 24.05 -23.47 1.32
N GLY C 683 22.81 -23.93 1.21
CA GLY C 683 22.44 -24.87 0.17
C GLY C 683 20.93 -24.99 0.03
N ALA C 684 20.46 -25.51 -1.10
CA ALA C 684 19.07 -25.84 -1.36
C ALA C 684 19.03 -26.73 -2.58
N VAL C 685 17.85 -26.95 -3.16
CA VAL C 685 17.74 -27.68 -4.41
C VAL C 685 17.25 -26.69 -5.46
N GLU C 686 17.81 -26.78 -6.67
CA GLU C 686 17.40 -25.94 -7.79
C GLU C 686 15.96 -26.24 -8.18
N ASP C 687 15.13 -25.19 -8.17
CA ASP C 687 13.68 -25.24 -8.43
C ASP C 687 12.95 -26.21 -7.51
N GLY C 688 13.07 -25.99 -6.21
CA GLY C 688 12.22 -26.66 -5.24
C GLY C 688 11.37 -25.62 -4.57
N ALA C 689 10.70 -26.02 -3.48
CA ALA C 689 9.95 -25.03 -2.71
C ALA C 689 10.79 -24.46 -1.58
N THR C 690 12.07 -24.86 -1.47
CA THR C 690 12.95 -24.27 -0.47
C THR C 690 13.51 -22.94 -0.96
N MET C 691 14.12 -22.94 -2.15
CA MET C 691 14.64 -21.71 -2.72
C MET C 691 13.52 -20.75 -3.09
N THR C 692 12.33 -21.27 -3.39
CA THR C 692 11.20 -20.42 -3.72
C THR C 692 10.68 -19.71 -2.48
N PHE C 693 10.95 -20.28 -1.30
CA PHE C 693 10.60 -19.60 -0.05
C PHE C 693 11.49 -18.39 0.18
N PHE C 694 12.79 -18.51 -0.11
CA PHE C 694 13.70 -17.40 0.13
C PHE C 694 13.60 -16.35 -0.98
N LYS C 695 13.18 -16.78 -2.17
CA LYS C 695 13.08 -15.86 -3.30
C LYS C 695 11.92 -14.88 -3.10
N LYS C 696 10.92 -15.28 -2.32
CA LYS C 696 9.79 -14.40 -2.09
C LYS C 696 9.78 -13.80 -0.69
N SER C 697 10.76 -14.13 0.15
CA SER C 697 10.76 -13.63 1.52
C SER C 697 11.40 -12.25 1.61
N LYS C 698 11.01 -11.46 2.61
CA LYS C 698 11.58 -10.14 2.82
C LYS C 698 11.77 -9.86 4.31
N ILE C 699 11.94 -10.92 5.11
CA ILE C 699 11.88 -10.84 6.56
C ILE C 699 13.20 -10.32 7.11
N SER C 700 14.19 -10.15 6.21
CA SER C 700 15.52 -9.55 6.40
C SER C 700 16.47 -10.43 7.19
N THR C 701 16.00 -11.57 7.69
CA THR C 701 16.91 -12.65 8.04
C THR C 701 17.02 -13.62 6.86
N TYR C 702 15.90 -13.89 6.21
CA TYR C 702 15.88 -14.84 5.10
C TYR C 702 16.21 -14.13 3.80
N ASP C 703 16.16 -12.79 3.82
CA ASP C 703 16.55 -12.01 2.65
C ASP C 703 18.06 -12.07 2.46
N LYS C 704 18.81 -12.02 3.56
CA LYS C 704 20.25 -12.22 3.49
C LYS C 704 20.59 -13.66 3.11
N MET C 705 19.72 -14.60 3.46
CA MET C 705 19.99 -16.00 3.15
C MET C 705 19.78 -16.29 1.66
N TRP C 706 19.07 -15.40 0.96
CA TRP C 706 18.99 -15.51 -0.49
C TRP C 706 19.99 -14.56 -1.15
N ALA C 707 20.47 -13.57 -0.39
CA ALA C 707 21.48 -12.65 -0.91
C ALA C 707 22.81 -13.36 -1.12
N PHE C 708 23.08 -14.39 -0.31
CA PHE C 708 24.24 -15.24 -0.57
C PHE C 708 23.97 -16.14 -1.76
N MET C 709 22.76 -16.71 -1.83
CA MET C 709 22.47 -17.75 -2.81
C MET C 709 22.34 -17.17 -4.20
N SER C 710 21.89 -15.91 -4.32
CA SER C 710 21.77 -15.29 -5.63
C SER C 710 23.14 -14.96 -6.22
N SER C 711 24.14 -14.79 -5.36
CA SER C 711 25.50 -14.55 -5.82
C SER C 711 26.13 -15.82 -6.37
N ARG C 712 26.08 -16.90 -5.60
CA ARG C 712 26.76 -18.15 -5.93
C ARG C 712 25.82 -19.23 -6.45
N ARG C 713 24.88 -18.86 -7.33
CA ARG C 713 23.79 -19.74 -7.74
C ARG C 713 24.27 -20.72 -8.81
N GLN C 714 25.40 -21.38 -8.59
CA GLN C 714 25.76 -22.53 -9.41
C GLN C 714 26.38 -23.61 -8.53
N SER C 715 26.94 -23.19 -7.40
CA SER C 715 27.77 -24.07 -6.58
C SER C 715 27.08 -24.47 -5.28
N VAL C 716 26.38 -23.56 -4.63
CA VAL C 716 25.73 -23.88 -3.37
C VAL C 716 24.44 -24.64 -3.63
N LEU C 717 23.87 -24.50 -4.83
CA LEU C 717 22.57 -25.13 -5.08
C LEU C 717 22.74 -26.44 -5.86
N VAL C 718 22.58 -27.56 -5.18
CA VAL C 718 22.63 -28.87 -5.81
C VAL C 718 21.29 -29.12 -6.48
N LYS C 719 21.20 -30.19 -7.27
CA LYS C 719 19.88 -30.56 -7.77
C LYS C 719 19.54 -32.03 -7.50
N SER C 720 19.24 -32.30 -6.22
CA SER C 720 18.70 -33.53 -5.64
C SER C 720 18.58 -33.32 -4.13
N ASN C 721 17.92 -34.25 -3.42
CA ASN C 721 18.21 -34.35 -1.99
C ASN C 721 19.44 -35.21 -1.75
N GLU C 722 19.88 -35.98 -2.74
CA GLU C 722 21.04 -36.84 -2.56
C GLU C 722 22.33 -36.04 -2.56
N GLU C 723 22.45 -35.09 -3.48
CA GLU C 723 23.66 -34.27 -3.53
C GLU C 723 23.68 -33.24 -2.42
N GLY C 724 22.54 -33.03 -1.77
CA GLY C 724 22.55 -32.26 -0.54
C GLY C 724 23.12 -33.05 0.62
N ILE C 725 22.97 -34.37 0.58
CA ILE C 725 23.52 -35.22 1.64
C ILE C 725 25.02 -35.34 1.48
N GLN C 726 25.48 -35.61 0.24
CA GLN C 726 26.88 -35.94 0.01
C GLN C 726 27.79 -34.74 0.23
N ARG C 727 27.35 -33.55 -0.18
CA ARG C 727 28.22 -32.39 -0.03
C ARG C 727 28.22 -31.86 1.39
N VAL C 728 27.27 -32.28 2.23
CA VAL C 728 27.44 -32.02 3.65
C VAL C 728 28.48 -32.98 4.23
N LEU C 729 28.39 -34.27 3.89
CA LEU C 729 29.31 -35.29 4.37
C LEU C 729 30.76 -35.05 3.97
N THR C 730 31.01 -34.41 2.83
CA THR C 730 32.36 -34.17 2.36
C THR C 730 32.82 -32.74 2.57
N SER C 731 32.06 -31.76 2.09
CA SER C 731 32.49 -30.37 2.15
C SER C 731 31.99 -29.73 3.45
N ASP C 732 32.14 -28.41 3.56
CA ASP C 732 31.68 -27.62 4.69
C ASP C 732 30.43 -26.88 4.22
N TYR C 733 29.27 -27.48 4.49
CA TYR C 733 28.06 -27.20 3.74
C TYR C 733 26.86 -27.47 4.65
N ALA C 734 25.86 -26.58 4.58
CA ALA C 734 24.79 -26.50 5.57
C ALA C 734 23.43 -26.59 4.88
N PHE C 735 23.25 -27.66 4.10
CA PHE C 735 22.12 -27.88 3.20
C PHE C 735 20.77 -27.77 3.88
N LEU C 736 19.80 -27.17 3.18
CA LEU C 736 18.47 -26.91 3.73
C LEU C 736 17.48 -27.88 3.09
N MET C 737 17.09 -28.89 3.86
CA MET C 737 16.27 -29.99 3.40
C MET C 737 14.89 -29.87 4.06
N GLU C 738 13.89 -30.52 3.48
CA GLU C 738 12.56 -30.61 4.09
C GLU C 738 12.62 -31.55 5.28
N SER C 739 11.90 -31.21 6.36
CA SER C 739 12.12 -31.84 7.65
C SER C 739 11.67 -33.30 7.70
N THR C 740 10.91 -33.78 6.72
CA THR C 740 10.51 -35.17 6.76
C THR C 740 11.53 -36.05 6.06
N THR C 741 12.55 -35.44 5.47
CA THR C 741 13.64 -36.23 4.90
C THR C 741 14.86 -36.19 5.82
N ILE C 742 15.01 -35.09 6.58
CA ILE C 742 16.03 -35.01 7.61
C ILE C 742 15.82 -36.08 8.68
N GLU C 743 14.55 -36.36 8.99
CA GLU C 743 14.25 -37.40 9.97
C GLU C 743 14.53 -38.79 9.41
N PHE C 744 14.64 -38.91 8.08
CA PHE C 744 15.04 -40.18 7.50
C PHE C 744 16.56 -40.27 7.36
N VAL C 745 17.20 -39.14 7.10
CA VAL C 745 18.65 -39.14 6.91
C VAL C 745 19.37 -39.24 8.25
N THR C 746 18.95 -38.44 9.23
CA THR C 746 19.64 -38.44 10.53
C THR C 746 19.30 -39.63 11.40
N GLN C 747 18.57 -40.62 10.89
CA GLN C 747 18.35 -41.85 11.62
C GLN C 747 18.94 -43.07 10.91
N ARG C 748 19.48 -42.88 9.71
CA ARG C 748 20.29 -43.89 9.05
C ARG C 748 21.72 -43.45 8.82
N ASN C 749 22.05 -42.21 9.17
CA ASN C 749 23.41 -41.71 9.03
C ASN C 749 23.66 -40.85 10.27
N CYS C 750 24.18 -41.47 11.33
CA CYS C 750 24.19 -40.86 12.65
C CYS C 750 25.29 -39.83 12.84
N ASN C 751 26.04 -39.55 11.79
CA ASN C 751 27.04 -38.50 11.80
C ASN C 751 26.50 -37.16 11.29
N LEU C 752 25.20 -37.07 11.02
CA LEU C 752 24.53 -35.85 10.59
C LEU C 752 23.50 -35.43 11.64
N THR C 753 23.03 -34.20 11.50
CA THR C 753 22.07 -33.68 12.48
C THR C 753 21.14 -32.64 11.90
N GLN C 754 20.21 -32.16 12.72
CA GLN C 754 19.26 -31.12 12.32
C GLN C 754 19.53 -29.92 13.21
N ILE C 755 19.97 -28.82 12.61
CA ILE C 755 20.51 -27.70 13.39
C ILE C 755 19.41 -26.91 14.09
N GLY C 756 18.57 -26.24 13.32
CA GLY C 756 17.62 -25.31 13.85
C GLY C 756 16.24 -25.92 14.03
N GLY C 757 15.29 -25.06 14.34
CA GLY C 757 13.88 -25.42 14.35
C GLY C 757 13.36 -25.40 12.93
N LEU C 758 12.07 -25.65 12.77
CA LEU C 758 11.46 -25.57 11.45
C LEU C 758 11.33 -24.10 11.05
N ILE C 759 11.86 -23.76 9.88
CA ILE C 759 11.78 -22.39 9.39
C ILE C 759 10.34 -22.01 9.06
N ASP C 760 9.67 -22.82 8.25
CA ASP C 760 8.26 -22.64 7.98
C ASP C 760 7.50 -23.93 8.28
N SER C 761 6.22 -23.93 7.95
CA SER C 761 5.40 -25.12 8.00
C SER C 761 4.70 -25.29 6.68
N LYS C 762 4.74 -26.50 6.13
CA LYS C 762 4.07 -26.82 4.89
C LYS C 762 3.53 -28.22 5.02
N GLY C 763 3.19 -28.85 3.91
CA GLY C 763 2.70 -30.20 3.97
C GLY C 763 2.56 -30.78 2.60
N TYR C 764 2.36 -32.08 2.52
CA TYR C 764 2.21 -32.75 1.24
C TYR C 764 0.78 -32.73 0.74
N GLY C 765 0.48 -33.57 -0.23
CA GLY C 765 -0.86 -33.64 -0.71
C GLY C 765 -0.93 -34.36 -2.04
N VAL C 766 -1.94 -35.21 -2.20
CA VAL C 766 -2.17 -35.88 -3.47
C VAL C 766 -2.72 -34.83 -4.42
N GLY C 767 -1.86 -34.30 -5.29
CA GLY C 767 -2.25 -33.22 -6.16
C GLY C 767 -3.15 -33.68 -7.29
N THR C 768 -4.21 -32.93 -7.54
CA THR C 768 -5.18 -33.23 -8.59
C THR C 768 -5.24 -32.04 -9.52
N PRO C 769 -5.68 -32.23 -10.80
CA PRO C 769 -5.83 -31.09 -11.71
C PRO C 769 -6.85 -30.06 -11.26
N MET C 770 -6.85 -28.91 -11.91
CA MET C 770 -7.69 -27.79 -11.48
C MET C 770 -9.15 -28.12 -11.74
N GLY C 771 -9.93 -28.21 -10.67
CA GLY C 771 -11.33 -28.56 -10.76
C GLY C 771 -11.62 -30.03 -10.86
N SER C 772 -10.69 -30.88 -10.46
CA SER C 772 -10.88 -32.33 -10.49
C SER C 772 -11.87 -32.72 -9.39
N PRO C 773 -12.67 -33.77 -9.59
CA PRO C 773 -13.59 -34.19 -8.53
C PRO C 773 -12.89 -34.88 -7.37
N TYR C 774 -11.69 -35.42 -7.61
CA TYR C 774 -10.97 -36.16 -6.58
C TYR C 774 -10.20 -35.27 -5.62
N ARG C 775 -10.47 -33.98 -5.57
CA ARG C 775 -9.95 -33.17 -4.48
C ARG C 775 -10.72 -33.50 -3.19
N ASP C 776 -11.98 -33.89 -3.34
CA ASP C 776 -12.81 -34.13 -2.16
C ASP C 776 -12.83 -35.59 -1.76
N LYS C 777 -12.81 -36.52 -2.72
CA LYS C 777 -12.92 -37.93 -2.36
C LYS C 777 -11.62 -38.48 -1.79
N ILE C 778 -10.52 -37.73 -1.92
CA ILE C 778 -9.26 -38.20 -1.35
C ILE C 778 -9.05 -37.62 0.04
N THR C 779 -9.45 -36.37 0.26
CA THR C 779 -9.32 -35.81 1.61
C THR C 779 -10.33 -36.41 2.58
N ILE C 780 -11.39 -37.05 2.07
CA ILE C 780 -12.18 -37.91 2.95
C ILE C 780 -11.39 -39.14 3.31
N ALA C 781 -10.57 -39.64 2.39
CA ALA C 781 -9.84 -40.87 2.67
C ALA C 781 -8.44 -40.59 3.19
N ILE C 782 -8.07 -39.32 3.38
CA ILE C 782 -6.88 -39.02 4.16
C ILE C 782 -7.26 -38.77 5.61
N LEU C 783 -8.34 -38.03 5.84
CA LEU C 783 -8.81 -37.80 7.20
C LEU C 783 -9.33 -39.07 7.85
N GLN C 784 -9.84 -40.00 7.04
CA GLN C 784 -10.19 -41.31 7.58
C GLN C 784 -8.96 -42.10 7.96
N LEU C 785 -7.92 -42.10 7.12
CA LEU C 785 -6.72 -42.86 7.43
C LEU C 785 -5.88 -42.20 8.52
N GLN C 786 -6.19 -40.97 8.89
CA GLN C 786 -5.40 -40.33 9.93
C GLN C 786 -5.99 -40.59 11.31
N GLU C 787 -7.30 -40.76 11.40
CA GLU C 787 -7.92 -41.04 12.70
C GLU C 787 -7.87 -42.52 13.02
N GLU C 788 -7.72 -43.35 12.01
CA GLU C 788 -7.52 -44.77 12.21
C GLU C 788 -6.09 -45.11 12.51
N GLY C 789 -5.20 -44.11 12.58
CA GLY C 789 -3.80 -44.35 12.85
C GLY C 789 -3.00 -44.90 11.70
N LYS C 790 -3.59 -45.01 10.51
CA LYS C 790 -2.88 -45.60 9.37
C LYS C 790 -1.76 -44.70 8.88
N LEU C 791 -1.95 -43.38 8.94
CA LEU C 791 -0.91 -42.48 8.46
C LEU C 791 0.21 -42.31 9.46
N HIS C 792 0.11 -42.96 10.62
CA HIS C 792 1.25 -42.97 11.54
C HIS C 792 1.90 -44.35 11.57
N MET C 793 1.15 -45.41 11.24
CA MET C 793 1.76 -46.72 11.11
C MET C 793 2.65 -46.79 9.89
N MET C 794 2.29 -46.06 8.83
CA MET C 794 3.09 -46.08 7.61
C MET C 794 4.33 -45.23 7.76
N LYS C 795 4.21 -44.08 8.43
CA LYS C 795 5.38 -43.24 8.69
C LYS C 795 6.37 -43.95 9.59
N GLU C 796 5.87 -44.72 10.55
CA GLU C 796 6.74 -45.44 11.46
C GLU C 796 7.39 -46.63 10.77
N LYS C 797 6.69 -47.22 9.80
CA LYS C 797 7.21 -48.40 9.12
C LYS C 797 8.33 -48.03 8.16
N TRP C 798 8.37 -46.79 7.68
CA TRP C 798 9.38 -46.38 6.72
C TRP C 798 10.45 -45.46 7.28
N TRP C 799 10.11 -44.57 8.21
CA TRP C 799 11.08 -43.71 8.87
C TRP C 799 11.64 -44.31 10.15
N ARG C 800 11.71 -45.64 10.27
CA ARG C 800 12.17 -46.26 11.50
C ARG C 800 13.69 -46.16 11.60
N GLY C 801 14.37 -46.12 10.46
CA GLY C 801 15.82 -46.08 10.40
C GLY C 801 16.49 -47.29 11.02
N ASN C 802 17.66 -47.07 11.61
CA ASN C 802 18.38 -48.10 12.35
C ASN C 802 18.77 -47.60 13.73
N GLY C 803 18.41 -46.38 14.07
CA GLY C 803 18.69 -45.83 15.38
C GLY C 803 20.06 -45.19 15.48
N CYS C 804 20.15 -44.11 16.25
CA CYS C 804 21.41 -43.46 16.57
C CYS C 804 21.66 -43.64 18.07
N PRO C 805 22.93 -43.82 18.50
CA PRO C 805 23.20 -44.30 19.87
C PRO C 805 22.72 -43.42 21.01
N GLU C 806 23.24 -42.20 21.11
CA GLU C 806 22.93 -41.35 22.26
C GLU C 806 22.94 -39.88 21.83
N GLU C 807 22.22 -39.06 22.58
CA GLU C 807 22.50 -37.64 22.75
C GLU C 807 22.72 -37.38 24.23
N GLU C 808 23.97 -37.52 24.69
CA GLU C 808 24.35 -38.28 25.89
C GLU C 808 23.48 -38.06 27.12
N SER C 809 23.65 -36.94 27.81
CA SER C 809 22.56 -36.29 28.53
C SER C 809 22.79 -34.79 28.50
N LYS C 810 24.07 -34.41 28.44
CA LYS C 810 24.60 -33.11 28.85
C LYS C 810 23.99 -32.63 30.18
N GLU C 811 23.88 -33.56 31.13
CA GLU C 811 23.34 -33.28 32.46
C GLU C 811 24.07 -34.12 33.51
N ALA C 812 25.14 -33.52 34.06
CA ALA C 812 25.93 -34.08 35.16
C ALA C 812 26.52 -35.45 34.83
N SER C 813 27.49 -35.50 33.92
CA SER C 813 28.16 -36.74 33.60
C SER C 813 29.05 -37.19 34.76
N ALA C 814 28.95 -38.47 35.11
CA ALA C 814 29.74 -39.04 36.20
C ALA C 814 31.02 -39.64 35.65
N LEU C 815 32.07 -39.64 36.47
CA LEU C 815 33.37 -40.12 36.02
C LEU C 815 33.42 -41.64 36.03
N GLY C 816 33.98 -42.20 34.97
CA GLY C 816 34.08 -43.65 34.89
C GLY C 816 35.48 -44.04 34.46
N VAL C 817 35.58 -45.23 33.87
CA VAL C 817 36.86 -45.78 33.45
C VAL C 817 37.31 -45.20 32.12
N GLN C 818 36.51 -44.30 31.55
CA GLN C 818 36.94 -43.61 30.34
C GLN C 818 37.47 -42.22 30.66
N ASN C 819 37.13 -41.70 31.84
CA ASN C 819 37.61 -40.38 32.25
C ASN C 819 38.85 -40.46 33.14
N ILE C 820 38.77 -41.10 34.30
CA ILE C 820 39.93 -41.22 35.15
C ILE C 820 40.77 -42.43 34.74
N GLY C 821 40.21 -43.64 34.77
CA GLY C 821 40.57 -44.70 33.86
C GLY C 821 41.97 -45.26 33.93
N GLY C 822 42.95 -44.39 33.68
CA GLY C 822 44.32 -44.82 33.60
C GLY C 822 45.11 -44.55 34.86
N ILE C 823 44.41 -44.13 35.92
CA ILE C 823 45.06 -44.10 37.22
C ILE C 823 45.18 -45.52 37.77
N PHE C 824 44.39 -46.45 37.23
CA PHE C 824 44.55 -47.86 37.56
C PHE C 824 45.71 -48.47 36.77
N ILE C 825 46.11 -47.81 35.69
CA ILE C 825 47.25 -48.29 34.92
C ILE C 825 48.55 -47.97 35.64
N VAL C 826 48.69 -46.71 36.11
CA VAL C 826 49.92 -46.32 36.79
C VAL C 826 49.96 -46.92 38.19
N LEU C 827 48.80 -47.32 38.74
CA LEU C 827 48.80 -48.10 39.96
C LEU C 827 49.30 -49.51 39.71
N ALA C 828 48.85 -50.12 38.61
CA ALA C 828 49.30 -51.48 38.30
C ALA C 828 50.74 -51.49 37.81
N ALA C 829 51.15 -50.43 37.11
CA ALA C 829 52.52 -50.38 36.63
C ALA C 829 53.48 -50.03 37.76
N GLY C 830 52.98 -49.40 38.81
CA GLY C 830 53.83 -49.08 39.94
C GLY C 830 54.14 -50.30 40.80
N LEU C 831 53.17 -51.21 40.91
CA LEU C 831 53.36 -52.38 41.75
C LEU C 831 54.23 -53.43 41.07
N VAL C 832 54.26 -53.44 39.73
CA VAL C 832 55.16 -54.32 39.00
C VAL C 832 56.59 -53.81 39.12
N LEU C 833 56.76 -52.50 39.20
CA LEU C 833 58.06 -51.91 39.48
C LEU C 833 58.56 -52.29 40.88
N SER C 834 57.65 -52.40 41.84
CA SER C 834 58.06 -52.64 43.22
C SER C 834 58.51 -54.07 43.43
N VAL C 835 57.85 -55.03 42.78
CA VAL C 835 58.20 -56.44 42.98
C VAL C 835 59.51 -56.76 42.27
N PHE C 836 59.91 -55.92 41.31
CA PHE C 836 61.24 -56.08 40.72
C PHE C 836 62.31 -55.57 41.68
N VAL C 837 61.98 -54.54 42.47
CA VAL C 837 62.93 -54.02 43.46
C VAL C 837 62.97 -54.93 44.68
N ALA C 838 61.84 -55.57 45.00
CA ALA C 838 61.81 -56.50 46.13
C ALA C 838 62.64 -57.75 45.85
N VAL C 839 62.69 -58.18 44.59
CA VAL C 839 63.63 -59.23 44.22
C VAL C 839 65.05 -58.68 44.19
N GLY C 840 65.19 -57.41 43.79
CA GLY C 840 66.51 -56.79 43.78
C GLY C 840 67.09 -56.59 45.16
N GLU C 841 66.24 -56.36 46.16
CA GLU C 841 66.72 -56.28 47.53
C GLU C 841 66.92 -57.68 48.11
N PHE C 842 66.21 -58.67 47.58
CA PHE C 842 66.34 -60.03 48.08
C PHE C 842 67.66 -60.65 47.62
N LEU C 843 68.18 -60.19 46.48
CA LEU C 843 69.42 -60.73 45.97
C LEU C 843 70.62 -59.92 46.47
N TYR C 844 70.41 -58.63 46.75
CA TYR C 844 71.50 -57.79 47.23
C TYR C 844 71.85 -58.11 48.67
N LYS C 845 70.86 -58.53 49.47
CA LYS C 845 71.15 -58.96 50.83
C LYS C 845 71.81 -60.34 50.82
N SER C 846 71.42 -61.19 49.88
CA SER C 846 72.04 -62.51 49.77
C SER C 846 73.47 -62.41 49.23
N LYS C 847 73.80 -61.30 48.57
CA LYS C 847 75.19 -61.04 48.21
C LYS C 847 75.99 -60.67 49.46
N LYS C 848 75.38 -59.92 50.37
CA LYS C 848 76.04 -59.62 51.64
C LYS C 848 76.04 -60.84 52.56
N ASN C 849 75.05 -61.72 52.40
CA ASN C 849 75.08 -63.00 53.09
C ASN C 849 76.14 -63.91 52.50
N ALA C 850 76.44 -63.73 51.21
CA ALA C 850 77.51 -64.49 50.56
C ALA C 850 78.87 -64.01 51.01
N GLN C 851 78.96 -62.75 51.44
CA GLN C 851 80.24 -62.20 51.87
C GLN C 851 80.63 -62.71 53.26
N LEU C 852 79.64 -63.01 54.10
CA LEU C 852 79.92 -63.43 55.46
C LEU C 852 80.31 -64.91 55.43
N GLU C 853 79.44 -65.77 54.90
CA GLU C 853 79.78 -67.17 54.64
C GLU C 853 79.60 -67.40 53.14
N LYS C 854 80.51 -68.16 52.54
CA LYS C 854 80.46 -68.34 51.10
C LYS C 854 79.57 -69.53 50.75
N ARG C 855 78.28 -69.26 50.59
CA ARG C 855 77.35 -70.25 50.08
C ARG C 855 76.72 -69.76 48.79
N SER C 856 76.10 -68.58 48.85
CA SER C 856 75.70 -67.70 47.74
C SER C 856 74.55 -68.22 46.89
N PHE C 857 74.17 -69.49 47.06
CA PHE C 857 73.06 -70.06 46.30
C PHE C 857 71.96 -70.53 47.23
N CYS C 858 72.33 -71.32 48.25
CA CYS C 858 71.36 -71.75 49.25
C CYS C 858 71.34 -70.80 50.43
N SER C 859 72.23 -69.81 50.44
CA SER C 859 72.16 -68.76 51.46
C SER C 859 70.95 -67.86 51.21
N ALA C 860 70.57 -67.68 49.95
CA ALA C 860 69.31 -67.03 49.65
C ALA C 860 68.14 -67.93 50.01
N MET C 861 68.35 -69.24 49.99
CA MET C 861 67.30 -70.17 50.35
C MET C 861 67.07 -70.17 51.86
N VAL C 862 68.15 -70.03 52.64
CA VAL C 862 68.03 -69.84 54.09
C VAL C 862 67.35 -68.51 54.38
N GLU C 863 67.65 -67.51 53.55
CA GLU C 863 66.93 -66.24 53.60
C GLU C 863 65.48 -66.42 53.16
N GLU C 864 65.20 -67.43 52.34
CA GLU C 864 63.85 -67.63 51.84
C GLU C 864 63.00 -68.42 52.84
N LEU C 865 63.64 -69.30 53.62
CA LEU C 865 62.91 -70.07 54.64
C LEU C 865 62.37 -69.17 55.74
N ARG C 866 63.23 -68.43 56.43
CA ARG C 866 62.83 -67.68 57.61
C ARG C 866 61.93 -66.49 57.31
N MET C 867 61.75 -66.13 56.03
CA MET C 867 60.73 -65.16 55.65
C MET C 867 59.42 -65.81 55.26
N SER C 868 59.42 -67.11 54.92
CA SER C 868 58.23 -67.84 54.46
C SER C 868 57.46 -68.53 55.58
N LEU C 869 57.65 -68.13 56.84
CA LEU C 869 56.81 -68.59 57.94
C LEU C 869 55.74 -67.59 58.30
N LYS C 870 55.09 -66.96 57.29
CA LYS C 870 54.46 -65.64 57.29
C LYS C 870 53.83 -65.18 58.60
N CYS C 871 53.09 -66.06 59.27
CA CYS C 871 52.58 -65.76 60.59
C CYS C 871 53.64 -66.03 61.66
N GLN C 872 54.76 -65.31 61.61
CA GLN C 872 55.85 -65.58 62.54
C GLN C 872 56.08 -64.41 63.50
N ARG C 873 56.44 -63.24 62.93
CA ARG C 873 56.86 -62.04 63.68
C ARG C 873 57.89 -62.37 64.76
N ARG C 874 59.07 -62.84 64.34
CA ARG C 874 60.13 -63.36 65.20
C ARG C 874 60.63 -62.39 66.28
N THR D 33 -4.07 28.61 -89.74
CA THR D 33 -5.13 27.65 -90.05
C THR D 33 -6.53 28.28 -89.91
N HIS D 34 -7.52 27.48 -89.54
CA HIS D 34 -8.91 27.86 -89.72
C HIS D 34 -9.74 27.30 -88.57
N VAL D 35 -11.05 27.18 -88.83
CA VAL D 35 -12.17 26.98 -87.91
C VAL D 35 -11.91 26.03 -86.75
N LEU D 36 -11.35 24.84 -87.04
CA LEU D 36 -10.85 23.89 -86.05
C LEU D 36 -11.95 23.44 -85.09
N ARG D 37 -12.93 22.70 -85.62
CA ARG D 37 -14.15 22.37 -84.90
C ARG D 37 -13.92 21.42 -83.73
N PHE D 38 -14.39 21.79 -82.54
CA PHE D 38 -14.35 20.91 -81.38
C PHE D 38 -15.66 20.13 -81.30
N GLY D 39 -15.69 19.14 -80.43
CA GLY D 39 -16.88 18.31 -80.29
C GLY D 39 -17.30 18.20 -78.85
N GLY D 40 -18.60 18.42 -78.63
CA GLY D 40 -19.15 18.36 -77.29
C GLY D 40 -20.24 17.32 -77.22
N ILE D 41 -20.22 16.57 -76.12
CA ILE D 41 -21.20 15.52 -75.87
C ILE D 41 -21.76 15.72 -74.47
N PHE D 42 -22.98 16.23 -74.36
CA PHE D 42 -23.48 16.61 -73.06
C PHE D 42 -24.82 15.94 -72.75
N GLU D 43 -25.38 16.28 -71.59
CA GLU D 43 -26.54 15.61 -71.03
C GLU D 43 -27.84 16.03 -71.70
N TYR D 44 -28.96 15.52 -71.18
CA TYR D 44 -30.29 15.61 -71.78
C TYR D 44 -31.32 16.18 -70.82
N VAL D 45 -31.12 17.44 -70.38
CA VAL D 45 -31.90 18.16 -69.38
C VAL D 45 -33.41 18.08 -69.61
N GLU D 46 -33.84 18.02 -70.88
CA GLU D 46 -35.22 17.77 -71.31
C GLU D 46 -36.18 18.85 -70.79
N SER D 47 -36.15 20.00 -71.46
CA SER D 47 -36.92 21.21 -71.20
C SER D 47 -36.52 21.87 -69.89
N GLY D 48 -35.22 22.16 -69.78
CA GLY D 48 -34.70 23.09 -68.82
C GLY D 48 -33.63 23.91 -69.51
N PRO D 49 -32.84 24.66 -68.75
CA PRO D 49 -31.68 25.31 -69.35
C PRO D 49 -30.61 24.28 -69.69
N MET D 50 -29.65 24.69 -70.51
CA MET D 50 -28.55 23.80 -70.89
C MET D 50 -27.67 23.53 -69.68
N GLY D 51 -26.95 22.39 -69.71
CA GLY D 51 -26.20 21.96 -68.56
C GLY D 51 -25.05 22.87 -68.19
N ALA D 52 -24.59 22.70 -66.94
CA ALA D 52 -23.55 23.56 -66.39
C ALA D 52 -22.22 23.34 -67.11
N GLU D 53 -21.97 22.11 -67.54
CA GLU D 53 -20.77 21.84 -68.32
C GLU D 53 -20.92 22.37 -69.74
N GLU D 54 -22.14 22.32 -70.28
CA GLU D 54 -22.36 22.77 -71.65
C GLU D 54 -22.28 24.29 -71.73
N LEU D 55 -22.76 25.00 -70.70
CA LEU D 55 -22.49 26.43 -70.61
C LEU D 55 -21.00 26.70 -70.45
N ALA D 56 -20.31 25.87 -69.66
CA ALA D 56 -18.89 26.07 -69.41
C ALA D 56 -18.07 25.86 -70.67
N PHE D 57 -18.47 24.89 -71.49
CA PHE D 57 -17.78 24.67 -72.76
C PHE D 57 -18.08 25.78 -73.74
N ARG D 58 -19.31 26.29 -73.74
CA ARG D 58 -19.66 27.35 -74.68
C ARG D 58 -19.24 28.72 -74.15
N PHE D 59 -18.90 28.82 -72.87
CA PHE D 59 -18.33 30.06 -72.36
C PHE D 59 -16.85 30.17 -72.71
N ALA D 60 -16.14 29.05 -72.71
CA ALA D 60 -14.71 29.07 -72.93
C ALA D 60 -14.38 29.29 -74.40
N VAL D 61 -15.18 28.69 -75.29
CA VAL D 61 -14.97 28.87 -76.73
C VAL D 61 -15.24 30.32 -77.13
N ASN D 62 -16.32 30.89 -76.59
CA ASN D 62 -16.68 32.25 -76.91
C ASN D 62 -15.71 33.26 -76.33
N THR D 63 -15.03 32.88 -75.24
CA THR D 63 -14.05 33.76 -74.63
C THR D 63 -12.77 33.81 -75.46
N ILE D 64 -12.29 32.65 -75.88
CA ILE D 64 -11.02 32.58 -76.61
C ILE D 64 -11.21 33.09 -78.04
N ASN D 65 -12.42 32.99 -78.58
CA ASN D 65 -12.71 33.62 -79.87
C ASN D 65 -12.61 35.14 -79.80
N ARG D 66 -13.18 35.75 -78.77
CA ARG D 66 -13.15 37.20 -78.66
C ARG D 66 -11.86 37.71 -78.01
N ASN D 67 -11.09 36.84 -77.38
CA ASN D 67 -9.79 37.30 -76.91
C ASN D 67 -8.74 36.92 -77.95
N ARG D 68 -8.27 37.91 -78.70
CA ARG D 68 -7.37 37.68 -79.82
C ARG D 68 -5.92 37.47 -79.37
N THR D 69 -5.65 37.64 -78.07
CA THR D 69 -4.33 37.34 -77.53
C THR D 69 -4.01 35.86 -77.59
N LEU D 70 -4.86 35.03 -77.02
CA LEU D 70 -4.74 33.58 -77.16
C LEU D 70 -5.41 33.15 -78.46
N LEU D 71 -4.65 32.38 -79.26
CA LEU D 71 -5.01 31.87 -80.59
C LEU D 71 -5.45 32.99 -81.52
N PRO D 72 -4.52 33.84 -82.01
CA PRO D 72 -4.93 35.07 -82.71
C PRO D 72 -5.63 34.89 -84.04
N ASN D 73 -4.98 34.29 -85.03
CA ASN D 73 -5.59 34.12 -86.34
C ASN D 73 -6.10 32.68 -86.50
N THR D 74 -6.92 32.27 -85.53
CA THR D 74 -7.82 31.12 -85.63
C THR D 74 -9.16 31.56 -85.09
N THR D 75 -10.20 30.75 -85.31
CA THR D 75 -11.51 31.05 -84.74
C THR D 75 -12.26 29.75 -84.44
N LEU D 76 -12.30 29.36 -83.17
CA LEU D 76 -12.83 28.07 -82.75
C LEU D 76 -14.34 27.98 -82.89
N THR D 77 -14.85 26.77 -83.17
CA THR D 77 -16.27 26.52 -83.32
C THR D 77 -16.62 25.21 -82.63
N TYR D 78 -17.69 25.23 -81.84
CA TYR D 78 -18.11 24.09 -81.05
C TYR D 78 -19.17 23.29 -81.79
N ASP D 79 -19.36 22.04 -81.35
CA ASP D 79 -20.41 21.18 -81.85
C ASP D 79 -20.88 20.30 -80.68
N THR D 80 -22.01 20.67 -80.09
CA THR D 80 -22.52 20.01 -78.89
C THR D 80 -23.75 19.17 -79.22
N GLN D 81 -23.75 17.94 -78.71
CA GLN D 81 -24.85 17.01 -78.95
C GLN D 81 -25.29 16.39 -77.63
N LYS D 82 -26.49 15.83 -77.64
CA LYS D 82 -27.22 15.47 -76.42
C LYS D 82 -27.37 13.96 -76.31
N ILE D 83 -27.08 13.44 -75.11
CA ILE D 83 -27.25 12.01 -74.82
C ILE D 83 -27.85 11.79 -73.44
N ASN D 84 -28.33 10.57 -73.21
CA ASN D 84 -29.11 10.23 -72.03
C ASN D 84 -28.24 9.99 -70.80
N LEU D 85 -26.91 10.01 -70.97
CA LEU D 85 -25.88 9.72 -69.96
C LEU D 85 -25.87 8.27 -69.48
N TYR D 86 -26.76 7.43 -69.99
CA TYR D 86 -26.86 6.05 -69.53
C TYR D 86 -27.01 5.08 -70.69
N ASP D 87 -27.11 5.57 -71.92
CA ASP D 87 -27.22 4.74 -73.10
C ASP D 87 -25.94 4.96 -73.90
N SER D 88 -25.03 4.00 -73.81
CA SER D 88 -23.75 4.12 -74.51
C SER D 88 -23.93 3.96 -76.02
N PHE D 89 -25.01 3.32 -76.44
CA PHE D 89 -25.36 3.24 -77.85
C PHE D 89 -25.66 4.61 -78.41
N GLU D 90 -26.33 5.46 -77.63
CA GLU D 90 -26.50 6.85 -78.03
C GLU D 90 -25.17 7.58 -77.98
N ALA D 91 -24.34 7.26 -76.99
CA ALA D 91 -23.04 7.91 -76.87
C ALA D 91 -22.10 7.49 -78.00
N SER D 92 -22.28 6.27 -78.50
CA SER D 92 -21.42 5.79 -79.56
C SER D 92 -21.83 6.36 -80.91
N LYS D 93 -23.13 6.52 -81.13
CA LYS D 93 -23.61 7.10 -82.38
C LYS D 93 -23.26 8.57 -82.47
N LYS D 94 -23.52 9.32 -81.40
CA LYS D 94 -23.23 10.74 -81.41
C LYS D 94 -21.73 11.01 -81.42
N ALA D 95 -20.93 10.04 -80.99
CA ALA D 95 -19.50 10.11 -81.26
C ALA D 95 -19.23 9.96 -82.74
N CYS D 96 -19.74 8.89 -83.36
CA CYS D 96 -19.48 8.65 -84.78
C CYS D 96 -20.24 9.64 -85.66
N ASP D 97 -21.27 10.29 -85.12
CA ASP D 97 -21.87 11.41 -85.84
C ASP D 97 -20.92 12.60 -85.85
N GLN D 98 -20.34 12.92 -84.69
CA GLN D 98 -19.41 14.05 -84.63
C GLN D 98 -18.10 13.75 -85.33
N LEU D 99 -17.68 12.47 -85.32
CA LEU D 99 -16.52 12.10 -86.11
C LEU D 99 -16.79 12.13 -87.61
N SER D 100 -18.05 11.99 -88.02
CA SER D 100 -18.42 11.98 -89.43
C SER D 100 -18.23 13.35 -90.09
N LEU D 101 -18.80 14.41 -89.50
CA LEU D 101 -18.59 15.73 -90.08
C LEU D 101 -17.27 16.31 -89.61
N GLY D 102 -16.60 15.65 -88.67
CA GLY D 102 -15.27 16.06 -88.30
C GLY D 102 -15.21 16.90 -87.05
N VAL D 103 -14.45 16.43 -86.06
CA VAL D 103 -14.12 17.20 -84.87
C VAL D 103 -12.62 17.17 -84.66
N ALA D 104 -12.12 17.99 -83.74
CA ALA D 104 -10.70 18.01 -83.44
C ALA D 104 -10.45 17.45 -82.04
N ALA D 105 -11.52 17.34 -81.24
CA ALA D 105 -11.45 16.82 -79.88
C ALA D 105 -12.84 16.43 -79.39
N ILE D 106 -12.89 15.55 -78.39
CA ILE D 106 -14.14 15.15 -77.76
C ILE D 106 -14.02 15.45 -76.27
N PHE D 107 -14.88 16.33 -75.77
CA PHE D 107 -14.76 16.83 -74.40
C PHE D 107 -15.70 16.08 -73.45
N GLY D 108 -15.63 14.75 -73.54
CA GLY D 108 -16.16 13.88 -72.51
C GLY D 108 -17.66 13.72 -72.50
N PRO D 109 -18.13 12.49 -72.29
CA PRO D 109 -19.57 12.28 -72.05
C PRO D 109 -19.92 12.42 -70.58
N SER D 110 -18.89 12.61 -69.73
CA SER D 110 -18.99 12.94 -68.32
C SER D 110 -19.76 11.93 -67.48
N HIS D 111 -19.76 10.66 -67.90
CA HIS D 111 -20.38 9.61 -67.11
C HIS D 111 -19.73 8.26 -67.38
N SER D 112 -19.51 7.49 -66.32
CA SER D 112 -18.65 6.30 -66.29
C SER D 112 -19.01 5.22 -67.30
N SER D 113 -20.29 4.96 -67.52
CA SER D 113 -20.67 3.94 -68.50
C SER D 113 -20.47 4.45 -69.92
N SER D 114 -20.84 5.70 -70.18
CA SER D 114 -20.79 6.23 -71.54
C SER D 114 -19.39 6.69 -71.91
N ALA D 115 -18.58 7.07 -70.92
CA ALA D 115 -17.25 7.61 -71.23
C ALA D 115 -16.32 6.51 -71.71
N ASN D 116 -16.50 5.28 -71.20
CA ASN D 116 -15.64 4.18 -71.60
C ASN D 116 -15.88 3.78 -73.05
N ALA D 117 -17.13 3.87 -73.50
CA ALA D 117 -17.44 3.54 -74.89
C ALA D 117 -16.86 4.58 -75.84
N VAL D 118 -16.96 5.85 -75.46
CA VAL D 118 -16.48 6.90 -76.34
C VAL D 118 -14.95 7.00 -76.25
N GLN D 119 -14.37 6.51 -75.15
CA GLN D 119 -12.92 6.39 -75.08
C GLN D 119 -12.38 5.38 -76.09
N SER D 120 -13.08 4.25 -76.24
CA SER D 120 -12.63 3.22 -77.16
C SER D 120 -12.78 3.65 -78.61
N ILE D 121 -13.75 4.52 -78.89
CA ILE D 121 -13.93 5.00 -80.26
C ILE D 121 -12.85 6.02 -80.60
N CYS D 122 -12.56 6.92 -79.66
CA CYS D 122 -11.59 7.97 -79.93
C CYS D 122 -10.17 7.43 -80.00
N ASN D 123 -9.89 6.35 -79.27
CA ASN D 123 -8.59 5.72 -79.42
C ASN D 123 -8.44 5.00 -80.75
N ALA D 124 -9.47 4.28 -81.19
CA ALA D 124 -9.45 3.58 -82.47
C ALA D 124 -9.55 4.51 -83.66
N LEU D 125 -9.91 5.77 -83.46
CA LEU D 125 -9.94 6.75 -84.55
C LEU D 125 -8.89 7.84 -84.40
N GLY D 126 -8.04 7.75 -83.38
CA GLY D 126 -6.93 8.68 -83.30
C GLY D 126 -7.18 9.96 -82.54
N VAL D 127 -8.42 10.43 -82.56
CA VAL D 127 -8.82 11.73 -82.02
C VAL D 127 -8.68 11.70 -80.50
N PRO D 128 -8.11 12.75 -79.88
CA PRO D 128 -8.04 12.79 -78.42
C PRO D 128 -9.42 12.88 -77.78
N HIS D 129 -9.47 12.57 -76.49
CA HIS D 129 -10.71 12.48 -75.74
C HIS D 129 -10.48 13.09 -74.37
N ILE D 130 -10.74 14.38 -74.24
CA ILE D 130 -10.46 15.13 -73.02
C ILE D 130 -11.61 14.88 -72.06
N GLN D 131 -11.30 14.32 -70.90
CA GLN D 131 -12.32 14.03 -69.91
C GLN D 131 -12.30 15.05 -68.79
N THR D 132 -13.48 15.25 -68.18
CA THR D 132 -13.60 16.14 -67.03
C THR D 132 -14.19 15.44 -65.82
N ARG D 133 -14.68 14.21 -66.00
CA ARG D 133 -15.33 13.47 -64.93
C ARG D 133 -14.47 12.25 -64.64
N TRP D 134 -14.37 11.90 -63.36
CA TRP D 134 -13.66 10.71 -62.93
C TRP D 134 -14.42 9.49 -63.43
N LYS D 135 -13.73 8.61 -64.12
CA LYS D 135 -14.29 7.33 -64.51
C LYS D 135 -13.47 6.22 -63.87
N HIS D 136 -13.98 4.99 -63.95
CA HIS D 136 -13.18 3.85 -63.53
C HIS D 136 -12.13 3.51 -64.57
N GLN D 137 -10.86 3.56 -64.19
CA GLN D 137 -9.83 3.02 -65.08
C GLN D 137 -9.68 1.53 -64.83
N VAL D 138 -9.96 0.72 -65.84
CA VAL D 138 -9.67 -0.70 -65.78
C VAL D 138 -8.16 -0.82 -65.93
N SER D 139 -7.54 -1.71 -65.14
CA SER D 139 -6.09 -1.83 -65.05
C SER D 139 -5.44 -2.20 -66.38
N ASP D 140 -6.05 -3.08 -67.16
CA ASP D 140 -5.52 -3.44 -68.47
C ASP D 140 -6.21 -2.59 -69.53
N ASN D 141 -6.07 -1.28 -69.46
CA ASN D 141 -6.76 -0.42 -70.39
C ASN D 141 -6.09 -0.38 -71.76
N LYS D 142 -4.76 -0.27 -71.78
CA LYS D 142 -3.93 -0.16 -72.98
C LYS D 142 -4.38 0.98 -73.90
N ASP D 143 -4.63 2.15 -73.33
CA ASP D 143 -5.16 3.28 -74.08
C ASP D 143 -4.32 4.53 -73.81
N SER D 144 -4.23 5.42 -74.79
CA SER D 144 -3.36 6.57 -74.68
C SER D 144 -3.98 7.87 -75.15
N PHE D 145 -5.12 7.81 -75.85
CA PHE D 145 -5.71 9.02 -76.42
C PHE D 145 -6.82 9.52 -75.50
N TYR D 146 -6.43 9.89 -74.28
CA TYR D 146 -7.35 10.49 -73.32
C TYR D 146 -6.57 11.25 -72.25
N VAL D 147 -7.05 12.43 -71.87
CA VAL D 147 -6.60 13.11 -70.67
C VAL D 147 -7.82 13.44 -69.83
N SER D 148 -7.65 13.44 -68.52
CA SER D 148 -8.73 13.73 -67.59
C SER D 148 -8.29 14.82 -66.64
N LEU D 149 -8.92 15.99 -66.75
CA LEU D 149 -8.56 17.15 -65.95
C LEU D 149 -9.16 17.09 -64.55
N TYR D 150 -9.95 16.05 -64.26
CA TYR D 150 -10.45 15.88 -62.91
C TYR D 150 -9.31 15.35 -62.08
N PRO D 151 -9.09 15.86 -60.87
CA PRO D 151 -7.97 15.40 -60.05
C PRO D 151 -8.21 13.98 -59.58
N ASP D 152 -7.27 13.07 -59.87
CA ASP D 152 -7.51 11.67 -59.61
C ASP D 152 -7.45 11.36 -58.13
N PHE D 153 -8.34 10.47 -57.70
CA PHE D 153 -8.51 10.15 -56.28
C PHE D 153 -7.31 9.47 -55.66
N SER D 154 -6.43 8.84 -56.44
CA SER D 154 -5.22 8.25 -55.87
C SER D 154 -4.28 9.34 -55.36
N SER D 155 -4.37 10.53 -55.94
CA SER D 155 -3.73 11.68 -55.31
C SER D 155 -4.59 12.24 -54.18
N LEU D 156 -5.91 12.17 -54.34
CA LEU D 156 -6.80 12.70 -53.32
C LEU D 156 -6.85 11.83 -52.07
N SER D 157 -6.91 10.51 -52.23
CA SER D 157 -7.07 9.64 -51.06
C SER D 157 -5.81 9.61 -50.20
N ARG D 158 -4.67 10.01 -50.76
CA ARG D 158 -3.52 10.27 -49.92
C ARG D 158 -3.73 11.55 -49.11
N ALA D 159 -4.41 12.54 -49.70
CA ALA D 159 -4.52 13.84 -49.05
C ALA D 159 -5.54 13.82 -47.92
N ILE D 160 -6.63 13.06 -48.08
CA ILE D 160 -7.50 12.76 -46.95
C ILE D 160 -6.75 11.99 -45.87
N LEU D 161 -5.87 11.07 -46.29
CA LEU D 161 -5.15 10.26 -45.31
C LEU D 161 -4.09 11.08 -44.59
N ASP D 162 -3.68 12.20 -45.15
CA ASP D 162 -2.73 13.05 -44.44
C ASP D 162 -3.45 13.98 -43.46
N LEU D 163 -4.73 14.26 -43.69
CA LEU D 163 -5.48 15.03 -42.70
C LEU D 163 -5.91 14.19 -41.52
N VAL D 164 -6.21 12.90 -41.73
CA VAL D 164 -6.66 12.09 -40.61
C VAL D 164 -5.50 11.69 -39.70
N GLN D 165 -4.27 11.96 -40.10
CA GLN D 165 -3.12 11.80 -39.23
C GLN D 165 -2.62 13.13 -38.69
N PHE D 166 -2.91 14.23 -39.41
CA PHE D 166 -2.64 15.55 -38.84
C PHE D 166 -3.59 15.84 -37.69
N PHE D 167 -4.81 15.36 -37.80
CA PHE D 167 -5.79 15.53 -36.72
C PHE D 167 -5.69 14.45 -35.67
N LYS D 168 -4.77 13.49 -35.86
CA LYS D 168 -4.43 12.44 -34.91
C LYS D 168 -5.62 11.57 -34.56
N TRP D 169 -6.31 11.04 -35.56
CA TRP D 169 -7.49 10.25 -35.27
C TRP D 169 -7.12 8.78 -35.18
N LYS D 170 -8.05 7.99 -34.66
CA LYS D 170 -7.87 6.54 -34.55
C LYS D 170 -9.13 5.83 -35.01
N THR D 171 -10.28 6.50 -34.94
CA THR D 171 -11.55 5.92 -35.33
C THR D 171 -12.29 6.79 -36.32
N VAL D 172 -12.30 6.40 -37.60
CA VAL D 172 -13.02 7.16 -38.61
C VAL D 172 -14.11 6.29 -39.21
N THR D 173 -15.10 6.92 -39.83
CA THR D 173 -16.32 6.24 -40.23
C THR D 173 -16.69 6.67 -41.66
N VAL D 174 -15.78 6.41 -42.60
CA VAL D 174 -15.95 6.69 -44.03
C VAL D 174 -17.30 6.26 -44.57
N VAL D 175 -18.04 7.21 -45.17
CA VAL D 175 -19.35 6.95 -45.74
C VAL D 175 -19.35 7.33 -47.21
N TYR D 176 -19.69 6.37 -48.06
CA TYR D 176 -19.76 6.59 -49.49
C TYR D 176 -21.23 6.56 -49.91
N ASP D 177 -21.48 6.70 -51.21
CA ASP D 177 -22.84 6.80 -51.71
C ASP D 177 -23.27 5.67 -52.63
N ASP D 178 -22.45 5.29 -53.60
CA ASP D 178 -22.77 4.17 -54.47
C ASP D 178 -21.53 3.27 -54.56
N SER D 179 -21.71 2.08 -55.14
CA SER D 179 -20.71 1.02 -55.15
C SER D 179 -19.38 1.41 -55.78
N THR D 180 -19.38 2.42 -56.64
CA THR D 180 -18.15 2.94 -57.22
C THR D 180 -17.29 3.66 -56.19
N GLY D 181 -17.88 4.03 -55.05
CA GLY D 181 -17.18 4.87 -54.09
C GLY D 181 -16.05 4.14 -53.37
N LEU D 182 -16.08 2.81 -53.38
CA LEU D 182 -14.99 2.07 -52.75
C LEU D 182 -13.71 2.17 -53.56
N ILE D 183 -13.85 2.19 -54.89
CA ILE D 183 -12.71 2.40 -55.77
C ILE D 183 -12.10 3.78 -55.56
N ARG D 184 -12.93 4.80 -55.31
CA ARG D 184 -12.43 6.15 -55.17
C ARG D 184 -11.65 6.34 -53.87
N LEU D 185 -11.81 5.42 -52.93
CA LEU D 185 -11.11 5.54 -51.66
C LEU D 185 -10.29 4.29 -51.35
N GLN D 186 -9.76 3.63 -52.38
CA GLN D 186 -9.00 2.40 -52.12
C GLN D 186 -7.66 2.69 -51.47
N GLU D 187 -7.15 3.91 -51.60
CA GLU D 187 -5.93 4.26 -50.89
C GLU D 187 -6.24 4.70 -49.46
N LEU D 188 -7.52 4.71 -49.11
CA LEU D 188 -7.92 4.99 -47.73
C LEU D 188 -8.40 3.72 -47.04
N ILE D 189 -8.90 2.75 -47.81
CA ILE D 189 -9.31 1.49 -47.21
C ILE D 189 -8.10 0.63 -46.89
N LYS D 190 -7.03 0.71 -47.68
CA LYS D 190 -5.81 -0.05 -47.44
C LYS D 190 -4.97 0.54 -46.31
N ALA D 191 -5.29 1.74 -45.86
CA ALA D 191 -4.54 2.51 -44.88
C ALA D 191 -4.31 1.88 -43.50
N PRO D 192 -5.28 1.14 -42.85
CA PRO D 192 -4.98 0.61 -41.51
C PRO D 192 -3.92 -0.48 -41.45
N SER D 193 -3.43 -0.96 -42.59
CA SER D 193 -2.37 -1.96 -42.65
C SER D 193 -1.02 -1.34 -42.29
N ARG D 194 -0.95 -0.02 -42.23
CA ARG D 194 0.29 0.67 -41.89
C ARG D 194 0.10 1.53 -40.64
N TYR D 195 -1.14 1.78 -40.24
CA TYR D 195 -1.39 2.76 -39.19
C TYR D 195 -2.41 2.29 -38.16
N ASN D 196 -2.84 3.21 -37.31
CA ASN D 196 -3.78 2.89 -36.24
C ASN D 196 -5.22 3.30 -36.52
N LEU D 197 -5.61 3.51 -37.77
CA LEU D 197 -7.00 3.84 -38.05
C LEU D 197 -7.86 2.59 -37.91
N ARG D 198 -9.09 2.75 -37.46
CA ARG D 198 -10.02 1.63 -37.39
C ARG D 198 -11.28 2.08 -38.15
N LEU D 199 -11.26 1.84 -39.45
CA LEU D 199 -12.34 2.19 -40.37
C LEU D 199 -13.63 1.46 -40.00
N LYS D 200 -14.75 2.12 -40.28
CA LYS D 200 -16.09 1.60 -40.06
C LYS D 200 -16.97 1.93 -41.27
N ILE D 201 -16.51 1.53 -42.46
CA ILE D 201 -17.12 1.87 -43.76
C ILE D 201 -18.61 1.61 -43.82
N ARG D 202 -19.40 2.65 -44.10
CA ARG D 202 -20.85 2.54 -44.17
C ARG D 202 -21.32 3.07 -45.52
N GLN D 203 -22.48 2.62 -45.94
CA GLN D 203 -23.09 3.08 -47.18
C GLN D 203 -24.42 3.75 -46.89
N LEU D 204 -24.64 4.89 -47.53
CA LEU D 204 -25.90 5.62 -47.53
C LEU D 204 -27.02 4.75 -48.09
N PRO D 205 -28.28 5.01 -47.73
CA PRO D 205 -29.39 4.35 -48.43
C PRO D 205 -29.43 4.74 -49.90
N ALA D 206 -30.02 3.87 -50.72
CA ALA D 206 -29.82 3.75 -52.16
C ALA D 206 -29.86 5.05 -52.96
N ASP D 207 -30.99 5.75 -52.96
CA ASP D 207 -31.06 7.02 -53.67
C ASP D 207 -31.78 8.09 -52.84
N THR D 208 -32.62 7.66 -51.91
CA THR D 208 -33.37 8.57 -51.07
C THR D 208 -32.44 9.25 -50.09
N LYS D 209 -32.70 10.52 -49.78
CA LYS D 209 -31.84 11.26 -48.87
C LYS D 209 -32.34 11.15 -47.44
N ASP D 210 -33.17 10.14 -47.16
CA ASP D 210 -33.55 9.82 -45.80
C ASP D 210 -32.49 8.94 -45.16
N ALA D 211 -31.36 9.55 -44.81
CA ALA D 211 -30.29 8.84 -44.13
C ALA D 211 -30.42 8.85 -42.63
N LYS D 212 -31.62 9.16 -42.13
CA LYS D 212 -31.85 9.08 -40.70
C LYS D 212 -31.70 7.68 -40.09
N PRO D 213 -32.11 6.56 -40.74
CA PRO D 213 -31.76 5.26 -40.14
C PRO D 213 -30.27 4.97 -40.14
N LEU D 214 -29.51 5.60 -41.02
CA LEU D 214 -28.06 5.52 -40.92
C LEU D 214 -27.53 6.30 -39.73
N LEU D 215 -27.98 7.54 -39.59
CA LEU D 215 -27.42 8.42 -38.56
C LEU D 215 -27.85 8.01 -37.16
N LYS D 216 -28.96 7.27 -37.03
CA LYS D 216 -29.29 6.66 -35.75
C LYS D 216 -28.28 5.58 -35.37
N GLU D 217 -27.76 4.88 -36.37
CA GLU D 217 -26.77 3.86 -36.10
C GLU D 217 -25.43 4.49 -35.79
N MET D 218 -25.18 5.70 -36.30
CA MET D 218 -23.87 6.32 -36.16
C MET D 218 -23.74 7.01 -34.81
N LYS D 219 -24.87 7.41 -34.21
CA LYS D 219 -24.82 7.99 -32.88
C LYS D 219 -24.46 6.95 -31.84
N ARG D 220 -24.97 5.73 -32.01
CA ARG D 220 -24.84 4.71 -30.97
C ARG D 220 -23.46 4.07 -31.01
N GLY D 221 -22.69 4.36 -32.06
CA GLY D 221 -21.32 3.89 -32.13
C GLY D 221 -20.30 4.93 -31.73
N LYS D 222 -20.79 6.12 -31.33
CA LYS D 222 -19.97 7.27 -30.93
C LYS D 222 -19.01 7.69 -32.03
N GLU D 223 -19.48 7.63 -33.27
CA GLU D 223 -18.66 7.78 -34.47
C GLU D 223 -18.53 9.28 -34.75
N PHE D 224 -17.33 9.81 -34.52
CA PHE D 224 -17.15 11.24 -34.37
C PHE D 224 -16.31 11.85 -35.49
N HIS D 225 -15.88 11.04 -36.45
CA HIS D 225 -14.92 11.57 -37.40
C HIS D 225 -15.24 11.19 -38.84
N VAL D 226 -16.47 11.46 -39.27
CA VAL D 226 -17.02 10.95 -40.52
C VAL D 226 -16.33 11.61 -41.72
N ILE D 227 -16.08 10.82 -42.76
CA ILE D 227 -15.30 11.23 -43.93
C ILE D 227 -16.14 11.05 -45.18
N PHE D 228 -17.36 11.62 -45.18
CA PHE D 228 -18.32 11.53 -46.29
C PHE D 228 -17.75 11.66 -47.70
N ASP D 229 -18.33 10.90 -48.64
CA ASP D 229 -17.87 10.87 -50.02
C ASP D 229 -19.10 11.03 -50.92
N CYS D 230 -19.90 12.04 -50.65
CA CYS D 230 -21.07 12.36 -51.45
C CYS D 230 -20.66 13.20 -52.65
N SER D 231 -21.66 13.74 -53.33
CA SER D 231 -21.45 14.92 -54.16
C SER D 231 -21.90 16.15 -53.39
N HIS D 232 -21.75 17.31 -54.01
CA HIS D 232 -22.18 18.54 -53.32
C HIS D 232 -23.69 18.63 -53.25
N GLU D 233 -24.41 17.90 -54.10
CA GLU D 233 -25.85 17.76 -53.92
C GLU D 233 -26.17 16.98 -52.65
N MET D 234 -25.63 15.77 -52.53
CA MET D 234 -25.97 14.95 -51.37
C MET D 234 -25.27 15.43 -50.11
N ALA D 235 -24.27 16.30 -50.22
CA ALA D 235 -23.68 16.89 -49.02
C ALA D 235 -24.67 17.80 -48.34
N ALA D 236 -25.47 18.52 -49.12
CA ALA D 236 -26.54 19.31 -48.54
C ALA D 236 -27.68 18.43 -48.08
N GLY D 237 -27.82 17.26 -48.72
CA GLY D 237 -28.91 16.37 -48.35
C GLY D 237 -28.69 15.70 -47.01
N ILE D 238 -27.43 15.43 -46.67
CA ILE D 238 -27.16 14.77 -45.40
C ILE D 238 -27.24 15.75 -44.25
N LEU D 239 -26.67 16.95 -44.40
CA LEU D 239 -26.54 17.82 -43.25
C LEU D 239 -27.85 18.46 -42.83
N LYS D 240 -28.89 18.40 -43.65
CA LYS D 240 -30.20 18.76 -43.13
C LYS D 240 -30.78 17.62 -42.30
N GLN D 241 -30.47 16.38 -42.65
CA GLN D 241 -30.75 15.29 -41.72
C GLN D 241 -29.75 15.25 -40.58
N ALA D 242 -28.50 15.64 -40.83
CA ALA D 242 -27.51 15.57 -39.75
C ALA D 242 -27.65 16.70 -38.75
N LEU D 243 -28.44 17.73 -39.05
CA LEU D 243 -28.74 18.75 -38.06
C LEU D 243 -30.03 18.43 -37.34
N ALA D 244 -30.99 17.82 -38.04
CA ALA D 244 -32.23 17.38 -37.43
C ALA D 244 -31.93 16.26 -36.45
N MET D 245 -31.02 15.36 -36.82
CA MET D 245 -30.44 14.48 -35.83
C MET D 245 -29.51 15.32 -34.97
N GLY D 246 -29.44 15.04 -33.67
CA GLY D 246 -28.62 15.87 -32.82
C GLY D 246 -27.15 15.57 -32.92
N MET D 247 -26.54 15.91 -34.06
CA MET D 247 -25.15 15.55 -34.31
C MET D 247 -24.28 16.70 -34.78
N MET D 248 -24.76 17.94 -34.80
CA MET D 248 -23.92 19.04 -35.22
C MET D 248 -23.44 19.81 -33.99
N THR D 249 -22.44 19.23 -33.32
CA THR D 249 -21.91 19.82 -32.09
C THR D 249 -20.44 20.15 -32.28
N GLU D 250 -19.74 20.48 -31.20
CA GLU D 250 -18.29 20.54 -31.24
C GLU D 250 -17.63 19.19 -31.00
N TYR D 251 -18.41 18.10 -31.00
CA TYR D 251 -17.86 16.76 -30.82
C TYR D 251 -17.74 15.99 -32.12
N TYR D 252 -17.99 16.63 -33.26
CA TYR D 252 -18.05 15.94 -34.54
C TYR D 252 -17.18 16.66 -35.55
N HIS D 253 -16.41 15.88 -36.31
CA HIS D 253 -15.65 16.43 -37.41
C HIS D 253 -16.24 15.86 -38.68
N TYR D 254 -16.28 16.64 -39.75
CA TYR D 254 -16.78 16.11 -41.02
C TYR D 254 -15.81 16.48 -42.13
N ILE D 255 -15.14 15.49 -42.69
CA ILE D 255 -14.32 15.72 -43.87
C ILE D 255 -15.10 15.31 -45.11
N PHE D 256 -15.16 16.18 -46.10
CA PHE D 256 -15.84 15.81 -47.32
C PHE D 256 -14.84 15.54 -48.43
N THR D 257 -15.28 14.75 -49.40
CA THR D 257 -14.45 14.36 -50.53
C THR D 257 -15.07 14.93 -51.80
N THR D 258 -15.68 16.10 -51.65
CA THR D 258 -16.18 16.87 -52.78
C THR D 258 -15.18 17.99 -52.99
N LEU D 259 -15.29 18.68 -54.12
CA LEU D 259 -14.45 19.84 -54.31
C LEU D 259 -15.32 21.08 -54.38
N ASP D 260 -16.54 20.96 -53.88
CA ASP D 260 -17.52 22.05 -53.96
C ASP D 260 -18.17 22.29 -52.61
N LEU D 261 -17.39 22.37 -51.53
CA LEU D 261 -17.93 22.83 -50.27
C LEU D 261 -18.07 24.34 -50.27
N PHE D 262 -17.33 25.02 -51.13
CA PHE D 262 -17.34 26.47 -51.13
C PHE D 262 -18.67 26.96 -51.68
N ALA D 263 -19.27 26.20 -52.59
CA ALA D 263 -20.61 26.50 -53.06
C ALA D 263 -21.64 25.71 -52.26
N LEU D 264 -21.58 25.80 -50.94
CA LEU D 264 -22.53 25.12 -50.06
C LEU D 264 -22.97 26.10 -48.98
N ASP D 265 -24.27 26.16 -48.73
CA ASP D 265 -24.81 27.08 -47.74
C ASP D 265 -24.42 26.60 -46.35
N VAL D 266 -23.81 27.47 -45.56
CA VAL D 266 -23.25 27.04 -44.29
C VAL D 266 -23.76 27.99 -43.20
N GLU D 267 -24.70 28.85 -43.58
CA GLU D 267 -25.36 29.76 -42.66
C GLU D 267 -26.12 29.06 -41.52
N PRO D 268 -26.81 27.92 -41.71
CA PRO D 268 -27.35 27.23 -40.52
C PRO D 268 -26.35 26.39 -39.77
N TYR D 269 -25.06 26.47 -40.09
CA TYR D 269 -24.08 25.57 -39.50
C TYR D 269 -22.91 26.31 -38.90
N ARG D 270 -22.74 27.60 -39.17
CA ARG D 270 -21.49 28.29 -38.89
C ARG D 270 -21.28 28.48 -37.40
N TYR D 271 -22.36 28.63 -36.64
CA TYR D 271 -22.24 28.90 -35.22
C TYR D 271 -22.25 27.64 -34.37
N SER D 272 -22.37 26.47 -34.99
CA SER D 272 -22.60 25.25 -34.25
C SER D 272 -21.35 24.78 -33.54
N GLY D 273 -20.19 25.25 -33.99
CA GLY D 273 -18.92 24.74 -33.52
C GLY D 273 -18.53 23.44 -34.17
N VAL D 274 -19.16 23.06 -35.29
CA VAL D 274 -18.78 21.86 -36.00
C VAL D 274 -17.46 22.09 -36.73
N ASN D 275 -16.91 21.01 -37.25
CA ASN D 275 -15.69 21.08 -38.03
C ASN D 275 -15.88 20.41 -39.38
N MET D 276 -16.03 21.23 -40.40
CA MET D 276 -16.23 20.81 -41.78
C MET D 276 -14.95 21.18 -42.54
N THR D 277 -14.08 20.19 -42.71
CA THR D 277 -12.82 20.44 -43.41
C THR D 277 -12.87 19.77 -44.77
N GLY D 278 -12.53 20.48 -45.83
CA GLY D 278 -12.62 19.93 -47.15
C GLY D 278 -11.63 20.60 -48.08
N PHE D 279 -11.65 20.17 -49.33
CA PHE D 279 -10.70 20.65 -50.31
C PHE D 279 -11.43 21.43 -51.39
N ARG D 280 -10.88 22.59 -51.74
CA ARG D 280 -11.34 23.30 -52.93
C ARG D 280 -10.14 23.47 -53.83
N ILE D 281 -10.36 23.34 -55.14
CA ILE D 281 -9.28 23.52 -56.09
C ILE D 281 -9.45 24.81 -56.88
N LEU D 282 -10.69 25.31 -56.95
CA LEU D 282 -10.98 26.53 -57.68
C LEU D 282 -10.41 27.74 -56.94
N ASN D 283 -9.29 28.28 -57.44
CA ASN D 283 -8.53 29.28 -56.71
C ASN D 283 -9.21 30.64 -56.73
N THR D 284 -10.21 30.84 -55.88
CA THR D 284 -10.99 32.07 -55.85
C THR D 284 -10.24 33.25 -55.22
N GLU D 285 -8.98 33.09 -54.81
CA GLU D 285 -8.23 34.18 -54.23
C GLU D 285 -7.67 35.12 -55.31
N ASN D 286 -7.24 34.55 -56.44
CA ASN D 286 -6.68 35.35 -57.52
C ASN D 286 -7.75 36.22 -58.15
N THR D 287 -7.34 37.42 -58.56
CA THR D 287 -8.28 38.39 -59.10
C THR D 287 -8.79 37.96 -60.48
N GLN D 288 -7.87 37.54 -61.35
CA GLN D 288 -8.25 37.15 -62.71
C GLN D 288 -9.08 35.86 -62.70
N VAL D 289 -8.84 34.99 -61.72
CA VAL D 289 -9.62 33.76 -61.62
C VAL D 289 -11.00 34.06 -61.06
N SER D 290 -11.08 34.96 -60.08
CA SER D 290 -12.36 35.27 -59.45
C SER D 290 -13.24 36.09 -60.38
N SER D 291 -12.63 36.97 -61.18
CA SER D 291 -13.40 37.89 -62.02
C SER D 291 -14.15 37.16 -63.13
N ILE D 292 -13.71 35.95 -63.47
CA ILE D 292 -14.46 35.12 -64.41
C ILE D 292 -15.77 34.68 -63.78
N ILE D 293 -15.77 34.46 -62.46
CA ILE D 293 -16.88 33.82 -61.78
C ILE D 293 -18.07 34.76 -61.67
N GLU D 294 -17.81 36.06 -61.47
CA GLU D 294 -18.92 37.01 -61.53
C GLU D 294 -19.39 37.17 -62.97
N LYS D 295 -18.48 37.06 -63.94
CA LYS D 295 -18.89 37.04 -65.34
C LYS D 295 -19.60 35.74 -65.68
N TRP D 296 -19.26 34.66 -64.98
CA TRP D 296 -19.98 33.39 -65.12
C TRP D 296 -21.42 33.52 -64.65
N SER D 297 -21.63 34.08 -63.45
CA SER D 297 -22.98 34.28 -62.96
C SER D 297 -23.69 35.39 -63.72
N MET D 298 -22.94 36.27 -64.37
CA MET D 298 -23.54 37.23 -65.28
C MET D 298 -24.04 36.53 -66.54
N GLU D 299 -23.27 35.56 -67.05
CA GLU D 299 -23.70 34.82 -68.23
C GLU D 299 -24.69 33.73 -67.86
N ARG D 300 -24.61 33.23 -66.62
CA ARG D 300 -25.64 32.33 -66.12
C ARG D 300 -26.97 33.06 -65.97
N LEU D 301 -27.00 34.06 -65.06
CA LEU D 301 -28.01 35.09 -64.85
C LEU D 301 -29.39 34.57 -64.42
N GLN D 302 -29.59 33.26 -64.41
CA GLN D 302 -30.84 32.68 -63.95
C GLN D 302 -30.64 31.72 -62.79
N ALA D 303 -29.70 30.76 -62.94
CA ALA D 303 -29.24 29.83 -61.91
C ALA D 303 -30.38 29.11 -61.19
N PRO D 304 -30.97 28.08 -61.81
CA PRO D 304 -32.37 27.64 -61.51
C PRO D 304 -32.61 27.37 -60.03
N PRO D 305 -33.44 28.21 -59.38
CA PRO D 305 -33.41 28.31 -57.92
C PRO D 305 -34.02 27.13 -57.20
N LYS D 306 -33.42 26.78 -56.07
CA LYS D 306 -33.91 25.72 -55.20
C LYS D 306 -33.48 26.09 -53.78
N PRO D 307 -34.23 26.95 -53.09
CA PRO D 307 -33.76 27.48 -51.80
C PRO D 307 -33.90 26.48 -50.67
N ASP D 308 -34.66 25.42 -50.88
CA ASP D 308 -34.82 24.36 -49.90
C ASP D 308 -33.82 23.23 -50.07
N SER D 309 -32.85 23.36 -50.97
CA SER D 309 -31.79 22.37 -51.14
C SER D 309 -30.69 22.53 -50.10
N GLY D 310 -30.36 23.76 -49.74
CA GLY D 310 -29.24 24.00 -48.86
C GLY D 310 -28.01 24.36 -49.67
N LEU D 311 -28.22 24.82 -50.89
CA LEU D 311 -27.15 25.25 -51.77
C LEU D 311 -27.17 26.77 -51.93
N LEU D 312 -25.98 27.32 -52.18
CA LEU D 312 -25.82 28.75 -52.44
C LEU D 312 -26.15 29.06 -53.90
N ASP D 313 -25.77 30.25 -54.36
CA ASP D 313 -25.70 30.51 -55.79
C ASP D 313 -24.66 29.59 -56.40
N GLY D 314 -24.83 29.22 -57.68
CA GLY D 314 -24.08 28.20 -58.40
C GLY D 314 -22.56 28.21 -58.25
N PHE D 315 -21.96 29.40 -58.36
CA PHE D 315 -20.56 29.67 -58.02
C PHE D 315 -19.54 28.80 -58.77
N MET D 316 -19.90 28.39 -60.00
CA MET D 316 -19.02 27.64 -60.90
C MET D 316 -18.58 26.33 -60.27
N THR D 317 -19.49 25.36 -60.18
CA THR D 317 -19.18 24.02 -59.71
C THR D 317 -18.02 23.41 -60.50
N THR D 318 -17.31 22.48 -59.86
CA THR D 318 -16.01 22.03 -60.33
C THR D 318 -16.14 21.23 -61.62
N ASP D 319 -17.30 20.61 -61.85
CA ASP D 319 -17.58 19.98 -63.13
C ASP D 319 -17.62 21.00 -64.26
N ALA D 320 -18.07 22.22 -63.96
CA ALA D 320 -18.01 23.28 -64.95
C ALA D 320 -16.69 24.03 -64.91
N ALA D 321 -16.02 24.04 -63.76
CA ALA D 321 -14.77 24.79 -63.64
C ALA D 321 -13.65 24.10 -64.41
N LEU D 322 -13.71 22.78 -64.51
CA LEU D 322 -12.67 22.06 -65.25
C LEU D 322 -12.92 22.14 -66.75
N MET D 323 -14.18 22.25 -67.16
CA MET D 323 -14.50 22.36 -68.58
C MET D 323 -14.01 23.70 -69.13
N TYR D 324 -14.04 24.75 -68.32
CA TYR D 324 -13.43 26.02 -68.72
C TYR D 324 -11.91 25.90 -68.77
N ASP D 325 -11.36 25.00 -67.95
CA ASP D 325 -9.93 24.74 -68.06
C ASP D 325 -9.64 23.70 -69.14
N ALA D 326 -10.66 22.96 -69.57
CA ALA D 326 -10.45 21.92 -70.58
C ALA D 326 -10.14 22.54 -71.92
N VAL D 327 -10.79 23.65 -72.25
CA VAL D 327 -10.60 24.26 -73.56
C VAL D 327 -9.25 24.97 -73.61
N HIS D 328 -8.84 25.55 -72.48
CA HIS D 328 -7.59 26.33 -72.46
C HIS D 328 -6.36 25.46 -72.58
N VAL D 329 -6.44 24.20 -72.13
CA VAL D 329 -5.31 23.31 -72.30
C VAL D 329 -5.21 22.87 -73.76
N VAL D 330 -6.35 22.61 -74.39
CA VAL D 330 -6.38 22.28 -75.82
C VAL D 330 -5.98 23.49 -76.65
N SER D 331 -6.27 24.70 -76.16
CA SER D 331 -5.94 25.91 -76.89
C SER D 331 -4.44 26.15 -76.92
N VAL D 332 -3.72 25.63 -75.92
CA VAL D 332 -2.26 25.73 -75.96
C VAL D 332 -1.70 24.78 -77.02
N ALA D 333 -2.26 23.57 -77.11
CA ALA D 333 -1.71 22.55 -78.00
C ALA D 333 -2.01 22.85 -79.46
N VAL D 334 -3.03 23.65 -79.75
CA VAL D 334 -3.25 24.08 -81.13
C VAL D 334 -2.48 25.35 -81.43
N GLN D 335 -2.03 26.06 -80.39
CA GLN D 335 -1.24 27.27 -80.59
C GLN D 335 0.16 26.92 -81.06
N GLN D 336 0.70 25.81 -80.57
CA GLN D 336 2.03 25.37 -80.96
C GLN D 336 1.98 24.42 -82.14
N PHE D 337 0.82 24.31 -82.79
CA PHE D 337 0.69 23.37 -83.90
C PHE D 337 -0.33 23.88 -84.90
N PRO D 338 0.05 24.78 -85.83
CA PRO D 338 -0.92 25.27 -86.81
C PRO D 338 -1.01 24.39 -88.05
N GLN D 339 -1.15 23.08 -87.87
CA GLN D 339 -1.16 22.15 -88.99
C GLN D 339 -2.44 21.32 -89.01
N MET D 340 -3.35 21.57 -88.09
CA MET D 340 -4.57 20.79 -88.00
C MET D 340 -5.60 21.22 -89.02
N THR D 341 -5.91 20.32 -89.95
CA THR D 341 -7.05 20.46 -90.84
C THR D 341 -7.95 19.28 -90.52
N VAL D 342 -9.12 19.56 -89.95
CA VAL D 342 -10.04 18.53 -89.50
C VAL D 342 -10.67 17.84 -90.70
N SER D 343 -10.48 16.53 -90.81
CA SER D 343 -10.99 15.75 -91.91
C SER D 343 -12.14 14.87 -91.46
N SER D 344 -12.87 14.35 -92.44
CA SER D 344 -14.06 13.53 -92.18
C SER D 344 -13.66 12.06 -92.04
N LEU D 345 -13.60 11.62 -90.79
CA LEU D 345 -13.28 10.23 -90.51
C LEU D 345 -14.57 9.41 -90.39
N GLN D 346 -14.49 8.14 -90.80
CA GLN D 346 -15.67 7.29 -90.77
C GLN D 346 -15.74 6.51 -89.46
N CYS D 347 -16.82 5.76 -89.26
CA CYS D 347 -16.98 4.99 -88.03
C CYS D 347 -16.81 3.51 -88.31
N ASN D 348 -17.40 3.01 -89.38
CA ASN D 348 -17.25 1.62 -89.76
C ASN D 348 -16.05 1.39 -90.67
N ARG D 349 -15.35 2.46 -91.05
CA ARG D 349 -14.21 2.41 -91.96
C ARG D 349 -13.05 3.09 -91.25
N HIS D 350 -12.79 2.64 -90.01
CA HIS D 350 -11.87 3.32 -89.10
C HIS D 350 -10.45 3.38 -89.66
N LYS D 351 -9.86 4.55 -89.53
CA LYS D 351 -8.55 4.89 -90.04
C LYS D 351 -8.02 6.00 -89.16
N PRO D 352 -6.82 5.87 -88.60
CA PRO D 352 -6.31 6.88 -87.65
C PRO D 352 -6.11 8.25 -88.26
N TRP D 353 -6.40 9.28 -87.48
CA TRP D 353 -6.29 10.66 -87.95
C TRP D 353 -4.83 11.01 -88.15
N ARG D 354 -4.56 11.97 -89.05
CA ARG D 354 -3.23 12.20 -89.59
C ARG D 354 -2.21 12.62 -88.53
N PHE D 355 -2.53 13.65 -87.76
CA PHE D 355 -1.65 14.11 -86.70
C PHE D 355 -2.16 13.71 -85.33
N GLY D 356 -2.72 12.49 -85.20
CA GLY D 356 -3.27 12.07 -83.93
C GLY D 356 -2.22 11.87 -82.86
N THR D 357 -1.14 11.18 -83.21
CA THR D 357 -0.08 10.90 -82.23
C THR D 357 0.74 12.15 -81.95
N ARG D 358 0.89 13.02 -82.96
CA ARG D 358 1.67 14.24 -82.78
C ARG D 358 0.95 15.23 -81.88
N PHE D 359 -0.35 15.43 -82.12
CA PHE D 359 -1.09 16.43 -81.36
C PHE D 359 -1.41 15.96 -79.95
N MET D 360 -1.50 14.65 -79.74
CA MET D 360 -1.79 14.11 -78.41
C MET D 360 -0.66 14.38 -77.43
N SER D 361 0.58 14.31 -77.90
CA SER D 361 1.72 14.64 -77.03
C SER D 361 1.76 16.13 -76.72
N LEU D 362 1.21 16.95 -77.61
CA LEU D 362 1.10 18.38 -77.32
C LEU D 362 0.06 18.63 -76.23
N ILE D 363 -0.94 17.75 -76.14
CA ILE D 363 -1.87 17.83 -75.02
C ILE D 363 -1.24 17.28 -73.76
N LYS D 364 -0.59 16.12 -73.85
CA LYS D 364 -0.20 15.39 -72.65
C LYS D 364 0.99 16.02 -71.94
N GLU D 365 1.94 16.59 -72.67
CA GLU D 365 2.97 17.40 -72.04
C GLU D 365 2.67 18.90 -72.10
N ALA D 366 1.41 19.30 -72.03
CA ALA D 366 1.10 20.73 -71.98
C ALA D 366 1.22 21.25 -70.56
N HIS D 367 1.01 22.56 -70.42
CA HIS D 367 1.10 23.24 -69.14
C HIS D 367 0.33 24.55 -69.24
N TRP D 368 -0.58 24.78 -68.29
CA TRP D 368 -1.42 25.97 -68.33
C TRP D 368 -1.87 26.34 -66.93
N GLU D 369 -1.66 27.61 -66.59
CA GLU D 369 -2.12 28.18 -65.33
C GLU D 369 -3.58 28.61 -65.51
N GLY D 370 -4.50 27.73 -65.15
CA GLY D 370 -5.91 28.00 -65.35
C GLY D 370 -6.58 28.37 -64.05
N LEU D 371 -7.85 27.99 -63.94
CA LEU D 371 -8.64 28.26 -62.76
C LEU D 371 -8.14 27.45 -61.58
N THR D 372 -7.86 26.17 -61.83
CA THR D 372 -7.63 25.20 -60.78
C THR D 372 -6.15 24.99 -60.52
N GLY D 373 -5.35 26.04 -60.59
CA GLY D 373 -3.92 25.90 -60.36
C GLY D 373 -3.21 25.57 -61.64
N ARG D 374 -1.98 25.06 -61.53
CA ARG D 374 -1.23 24.60 -62.68
C ARG D 374 -1.88 23.32 -63.19
N ILE D 375 -1.78 23.08 -64.50
CA ILE D 375 -2.37 21.91 -65.11
C ILE D 375 -1.25 21.14 -65.78
N THR D 376 -0.96 19.95 -65.24
CA THR D 376 -0.04 19.02 -65.87
C THR D 376 -0.74 17.67 -65.95
N PHE D 377 -0.13 16.73 -66.65
CA PHE D 377 -0.71 15.41 -66.83
C PHE D 377 0.36 14.38 -66.49
N ASN D 378 -0.05 13.14 -66.29
CA ASN D 378 0.93 12.14 -65.92
C ASN D 378 1.38 11.50 -67.23
N LYS D 379 2.67 11.60 -67.55
CA LYS D 379 3.20 11.18 -68.85
C LYS D 379 2.98 9.70 -69.13
N THR D 380 2.90 8.87 -68.10
CA THR D 380 2.39 7.52 -68.23
C THR D 380 0.88 7.49 -68.50
N ASN D 381 0.12 8.37 -67.86
CA ASN D 381 -1.33 8.23 -67.76
C ASN D 381 -2.09 9.29 -68.52
N GLY D 382 -1.85 10.56 -68.21
CA GLY D 382 -2.69 11.65 -68.66
C GLY D 382 -3.65 12.05 -67.55
N LEU D 383 -3.38 11.57 -66.34
CA LEU D 383 -4.24 11.80 -65.18
C LEU D 383 -3.54 12.82 -64.31
N ARG D 384 -4.27 13.84 -63.83
CA ARG D 384 -3.64 14.86 -63.01
C ARG D 384 -3.24 14.29 -61.66
N THR D 385 -1.96 14.07 -61.45
CA THR D 385 -1.46 13.54 -60.19
C THR D 385 -0.51 14.49 -59.48
N ASP D 386 -0.36 15.72 -59.97
CA ASP D 386 0.34 16.77 -59.25
C ASP D 386 -0.38 18.08 -59.51
N PHE D 387 -0.91 18.68 -58.45
CA PHE D 387 -1.77 19.84 -58.53
C PHE D 387 -1.79 20.55 -57.18
N ASP D 388 -2.72 21.47 -57.01
CA ASP D 388 -2.74 22.34 -55.84
C ASP D 388 -4.12 22.26 -55.19
N LEU D 389 -4.15 22.10 -53.87
CA LEU D 389 -5.40 22.07 -53.15
C LEU D 389 -5.36 23.04 -51.97
N ASP D 390 -6.47 23.73 -51.78
CA ASP D 390 -6.72 24.47 -50.56
C ASP D 390 -7.42 23.55 -49.58
N VAL D 391 -7.14 23.74 -48.29
CA VAL D 391 -7.53 22.79 -47.28
C VAL D 391 -8.53 23.52 -46.39
N ILE D 392 -9.44 24.27 -47.03
CA ILE D 392 -10.42 25.13 -46.35
C ILE D 392 -11.22 24.39 -45.29
N SER D 393 -11.52 25.08 -44.20
CA SER D 393 -12.24 24.51 -43.08
C SER D 393 -13.30 25.50 -42.63
N LEU D 394 -14.13 25.06 -41.70
CA LEU D 394 -15.26 25.86 -41.25
C LEU D 394 -14.92 26.54 -39.94
N LYS D 395 -14.94 27.87 -39.96
CA LYS D 395 -14.78 28.69 -38.77
C LYS D 395 -16.05 29.48 -38.54
N GLU D 396 -16.03 30.34 -37.53
CA GLU D 396 -17.23 31.08 -37.18
C GLU D 396 -17.30 32.35 -38.01
N GLU D 397 -16.19 32.69 -38.66
CA GLU D 397 -16.16 33.79 -39.61
C GLU D 397 -16.52 33.35 -41.02
N GLY D 398 -16.88 32.09 -41.22
CA GLY D 398 -17.19 31.57 -42.53
C GLY D 398 -16.36 30.35 -42.81
N LEU D 399 -16.11 30.11 -44.09
CA LEU D 399 -15.44 28.90 -44.54
C LEU D 399 -14.11 29.33 -45.16
N GLU D 400 -13.04 29.24 -44.38
CA GLU D 400 -11.77 29.86 -44.73
C GLU D 400 -10.63 28.84 -44.74
N LYS D 401 -9.54 29.20 -45.42
CA LYS D 401 -8.36 28.35 -45.59
C LYS D 401 -7.62 28.15 -44.28
N ILE D 402 -7.11 26.94 -44.03
CA ILE D 402 -6.21 26.72 -42.90
C ILE D 402 -4.93 26.05 -43.36
N GLY D 403 -4.80 25.78 -44.65
CA GLY D 403 -3.59 25.15 -45.13
C GLY D 403 -3.65 24.88 -46.62
N THR D 404 -2.58 24.24 -47.11
CA THR D 404 -2.41 23.98 -48.53
C THR D 404 -1.71 22.64 -48.76
N TRP D 405 -2.32 21.76 -49.54
CA TRP D 405 -1.73 20.46 -49.80
C TRP D 405 -1.01 20.45 -51.15
N ASP D 406 0.01 19.64 -51.28
CA ASP D 406 0.89 19.55 -52.42
C ASP D 406 1.37 18.11 -52.46
N PRO D 407 1.16 17.36 -53.57
CA PRO D 407 1.60 15.96 -53.65
C PRO D 407 3.08 15.75 -53.44
N ALA D 408 3.89 16.72 -53.86
CA ALA D 408 5.30 16.70 -53.54
C ALA D 408 5.53 17.01 -52.07
N SER D 409 5.05 18.16 -51.62
CA SER D 409 5.35 18.63 -50.27
C SER D 409 4.54 17.92 -49.21
N GLY D 410 3.23 18.08 -49.24
CA GLY D 410 2.37 17.60 -48.18
C GLY D 410 1.53 18.73 -47.62
N LEU D 411 1.06 18.54 -46.39
CA LEU D 411 0.34 19.60 -45.72
C LEU D 411 1.27 20.72 -45.26
N ASN D 412 1.17 21.88 -45.89
CA ASN D 412 1.76 23.09 -45.33
C ASN D 412 0.71 23.90 -44.59
N MET D 413 0.41 23.50 -43.36
CA MET D 413 -0.65 24.14 -42.58
C MET D 413 -0.27 25.57 -42.19
N THR D 414 -1.29 26.42 -42.10
CA THR D 414 -1.13 27.76 -41.56
C THR D 414 -1.56 27.83 -40.11
N GLU D 415 -1.17 26.82 -39.33
CA GLU D 415 -1.66 26.38 -38.02
C GLU D 415 -1.97 27.50 -37.02
N SER D 416 -1.32 28.65 -37.16
CA SER D 416 -1.67 29.92 -36.52
C SER D 416 -3.17 30.22 -36.58
N GLN D 417 -3.79 30.37 -35.41
CA GLN D 417 -5.22 30.54 -35.28
C GLN D 417 -5.46 31.70 -34.33
N LYS D 418 -4.87 32.86 -34.68
CA LYS D 418 -4.68 34.01 -33.80
C LYS D 418 -5.94 34.74 -33.35
N GLY D 419 -7.13 34.20 -33.64
CA GLY D 419 -8.36 34.65 -33.02
C GLY D 419 -8.27 34.52 -31.50
N LYS D 420 -7.74 33.39 -31.03
CA LYS D 420 -7.30 33.21 -29.66
C LYS D 420 -5.85 32.72 -29.72
N PRO D 421 -4.87 33.61 -29.60
CA PRO D 421 -3.47 33.20 -29.77
C PRO D 421 -2.91 32.34 -28.64
N ALA D 422 -3.17 32.71 -27.39
CA ALA D 422 -2.68 31.92 -26.26
C ALA D 422 -3.57 30.69 -26.08
N ASN D 423 -2.96 29.51 -26.16
CA ASN D 423 -3.76 28.29 -26.20
C ASN D 423 -3.59 27.37 -25.00
N ILE D 424 -2.38 26.89 -24.72
CA ILE D 424 -2.15 25.88 -23.68
C ILE D 424 -0.88 26.16 -22.89
N THR D 425 -0.70 25.44 -21.79
CA THR D 425 0.49 25.54 -20.94
C THR D 425 0.87 24.10 -20.59
N ASP D 426 2.11 23.86 -20.16
CA ASP D 426 2.52 22.50 -19.78
C ASP D 426 2.87 22.42 -18.31
N SER D 427 3.39 21.27 -17.87
CA SER D 427 3.68 21.07 -16.46
C SER D 427 5.15 20.74 -16.23
N LEU D 428 5.78 21.45 -15.30
CA LEU D 428 7.12 21.12 -14.83
C LEU D 428 7.02 19.81 -14.06
N SER D 429 8.06 18.99 -14.14
CA SER D 429 7.90 17.58 -13.77
C SER D 429 9.13 17.02 -13.09
N ASN D 430 9.22 15.68 -13.08
CA ASN D 430 10.08 14.82 -12.27
C ASN D 430 11.52 15.28 -12.08
N ARG D 431 12.24 15.53 -13.19
CA ARG D 431 13.58 16.13 -13.28
C ARG D 431 14.68 15.17 -12.80
N SER D 432 14.27 14.04 -12.21
CA SER D 432 15.03 12.86 -11.79
C SER D 432 15.99 13.07 -10.62
N LEU D 433 16.19 14.33 -10.20
CA LEU D 433 16.93 14.69 -8.98
C LEU D 433 18.31 14.05 -8.87
N ILE D 434 19.25 14.47 -9.70
CA ILE D 434 20.61 13.94 -9.75
C ILE D 434 21.22 14.05 -8.35
N VAL D 435 21.58 12.90 -7.79
CA VAL D 435 22.14 12.84 -6.43
C VAL D 435 23.64 12.58 -6.57
N THR D 436 24.42 13.53 -6.08
CA THR D 436 25.87 13.33 -6.05
C THR D 436 26.21 12.36 -4.93
N THR D 437 26.72 11.19 -5.28
CA THR D 437 26.82 10.11 -4.31
C THR D 437 28.04 9.22 -4.54
N ILE D 438 29.03 9.30 -3.65
CA ILE D 438 30.24 8.51 -3.77
C ILE D 438 29.97 7.14 -3.14
N LEU D 439 30.84 6.18 -3.43
CA LEU D 439 30.74 4.85 -2.85
C LEU D 439 31.58 4.78 -1.58
N GLU D 440 30.94 4.37 -0.49
CA GLU D 440 31.59 4.05 0.78
C GLU D 440 30.88 2.85 1.35
N GLU D 441 31.62 1.90 1.88
CA GLU D 441 30.97 0.77 2.51
C GLU D 441 30.64 1.15 3.95
N PRO D 442 29.48 0.73 4.51
CA PRO D 442 28.31 0.00 4.02
C PRO D 442 27.24 0.88 3.45
N TYR D 443 27.59 2.00 2.86
CA TYR D 443 26.59 2.95 2.43
C TYR D 443 26.19 2.75 0.98
N VAL D 444 27.12 2.93 0.03
CA VAL D 444 26.79 2.95 -1.39
C VAL D 444 27.68 1.90 -2.07
N LEU D 445 27.90 0.77 -1.39
CA LEU D 445 28.82 -0.25 -1.92
C LEU D 445 28.19 -0.96 -3.11
N PHE D 446 29.03 -1.42 -4.05
CA PHE D 446 28.57 -2.08 -5.27
C PHE D 446 27.98 -3.46 -5.00
N LYS D 447 27.24 -3.95 -5.99
CA LYS D 447 26.59 -5.25 -5.95
C LYS D 447 27.47 -6.31 -6.57
N LYS D 448 27.37 -7.57 -6.13
CA LYS D 448 28.11 -8.68 -6.71
C LYS D 448 27.20 -9.46 -7.65
N SER D 449 26.40 -8.72 -8.44
CA SER D 449 25.52 -9.35 -9.41
C SER D 449 26.30 -9.75 -10.66
N ASP D 450 26.00 -10.94 -11.17
CA ASP D 450 26.79 -11.56 -12.23
C ASP D 450 26.23 -11.25 -13.62
N LYS D 451 26.06 -9.96 -13.90
CA LYS D 451 25.58 -9.41 -15.17
C LYS D 451 25.86 -7.92 -15.18
N PRO D 452 25.81 -7.24 -16.34
CA PRO D 452 25.82 -5.78 -16.32
C PRO D 452 24.50 -5.20 -15.86
N LEU D 453 24.54 -4.12 -15.09
CA LEU D 453 23.34 -3.46 -14.57
C LEU D 453 23.29 -2.02 -15.06
N TYR D 454 22.11 -1.44 -15.04
CA TYR D 454 21.82 -0.17 -15.71
C TYR D 454 21.57 0.91 -14.67
N GLY D 455 22.61 1.70 -14.36
CA GLY D 455 22.44 2.88 -13.55
C GLY D 455 22.04 2.64 -12.11
N ASN D 456 20.77 2.92 -11.81
CA ASN D 456 20.25 2.84 -10.45
C ASN D 456 19.87 1.42 -10.07
N ASP D 457 20.78 0.45 -10.26
CA ASP D 457 20.39 -0.94 -10.09
C ASP D 457 21.45 -1.69 -9.29
N ARG D 458 22.70 -1.27 -9.40
CA ARG D 458 23.81 -1.99 -8.78
C ARG D 458 24.25 -1.39 -7.45
N PHE D 459 23.53 -0.38 -6.95
CA PHE D 459 23.89 0.24 -5.68
C PHE D 459 23.07 -0.34 -4.54
N GLU D 460 23.75 -0.82 -3.51
CA GLU D 460 23.07 -1.30 -2.32
C GLU D 460 23.63 -0.61 -1.09
N GLY D 461 23.24 -1.07 0.10
CA GLY D 461 23.74 -0.50 1.33
C GLY D 461 22.70 0.29 2.08
N TYR D 462 23.16 0.99 3.12
CA TYR D 462 22.29 1.83 3.92
C TYR D 462 21.83 3.05 3.13
N CYS D 463 22.78 3.73 2.49
CA CYS D 463 22.51 5.06 1.97
C CYS D 463 21.64 5.00 0.72
N ILE D 464 21.63 3.86 0.04
CA ILE D 464 20.75 3.70 -1.11
C ILE D 464 19.36 3.24 -0.66
N ASP D 465 19.28 2.43 0.39
CA ASP D 465 17.98 2.03 0.93
C ASP D 465 17.28 3.22 1.57
N LEU D 466 18.04 4.20 2.06
CA LEU D 466 17.42 5.47 2.47
C LEU D 466 16.87 6.22 1.25
N LEU D 467 17.64 6.26 0.17
CA LEU D 467 17.24 7.03 -1.00
C LEU D 467 16.08 6.36 -1.72
N ARG D 468 16.00 5.03 -1.62
CA ARG D 468 14.82 4.32 -2.11
C ARG D 468 13.58 4.68 -1.31
N GLU D 469 13.70 4.73 0.02
CA GLU D 469 12.55 5.03 0.86
C GLU D 469 12.17 6.51 0.81
N LEU D 470 13.10 7.38 0.40
CA LEU D 470 12.71 8.76 0.17
C LEU D 470 11.95 8.91 -1.15
N SER D 471 12.18 8.00 -2.09
CA SER D 471 11.47 8.06 -3.36
CA SER D 471 11.47 8.06 -3.36
C SER D 471 10.05 7.54 -3.22
N THR D 472 9.86 6.50 -2.42
CA THR D 472 8.53 5.93 -2.19
C THR D 472 7.63 6.90 -1.45
N ILE D 473 8.17 7.67 -0.52
CA ILE D 473 7.37 8.50 0.37
C ILE D 473 7.20 9.94 -0.13
N LEU D 474 8.23 10.53 -0.75
CA LEU D 474 8.05 11.86 -1.32
C LEU D 474 7.57 11.79 -2.76
N GLY D 475 8.28 11.04 -3.60
CA GLY D 475 7.87 10.87 -4.97
C GLY D 475 8.79 11.52 -5.98
N PHE D 476 9.70 10.71 -6.53
CA PHE D 476 10.63 11.07 -7.60
C PHE D 476 11.30 9.80 -8.09
N THR D 477 12.19 9.91 -9.08
CA THR D 477 12.93 8.78 -9.62
C THR D 477 14.41 9.15 -9.62
N TYR D 478 15.12 8.69 -8.59
CA TYR D 478 16.50 9.09 -8.29
C TYR D 478 17.48 8.67 -9.37
N GLU D 479 18.63 9.35 -9.41
CA GLU D 479 19.70 9.12 -10.39
C GLU D 479 21.05 9.38 -9.74
N ILE D 480 21.76 8.30 -9.37
CA ILE D 480 23.08 8.39 -8.79
C ILE D 480 24.11 8.84 -9.81
N ARG D 481 24.77 9.97 -9.52
CA ARG D 481 25.97 10.38 -10.23
C ARG D 481 27.11 10.43 -9.22
N LEU D 482 28.07 9.50 -9.32
CA LEU D 482 29.25 9.56 -8.47
C LEU D 482 30.06 10.81 -8.79
N VAL D 483 30.58 11.48 -7.76
CA VAL D 483 31.37 12.69 -7.96
C VAL D 483 32.70 12.30 -8.60
N GLU D 484 33.14 13.08 -9.58
CA GLU D 484 34.30 12.72 -10.38
C GLU D 484 35.60 13.03 -9.67
N ASP D 485 35.55 13.91 -8.67
CA ASP D 485 36.77 14.31 -7.97
C ASP D 485 36.98 13.39 -6.78
N GLY D 486 35.91 12.73 -6.33
CA GLY D 486 36.02 11.75 -5.28
C GLY D 486 36.18 12.32 -3.88
N LYS D 487 35.88 13.60 -3.69
CA LYS D 487 35.98 14.24 -2.40
C LYS D 487 34.60 14.63 -1.90
N TYR D 488 34.56 15.29 -0.74
CA TYR D 488 33.32 15.75 -0.16
C TYR D 488 33.21 17.27 -0.14
N GLY D 489 34.15 17.93 0.51
CA GLY D 489 34.16 19.37 0.53
C GLY D 489 35.39 19.85 1.25
N ALA D 490 36.14 20.74 0.61
CA ALA D 490 37.37 21.24 1.20
C ALA D 490 37.68 22.60 0.64
N GLN D 491 37.38 23.64 1.40
CA GLN D 491 37.65 25.00 0.97
C GLN D 491 39.16 25.22 1.04
N ASP D 492 39.77 25.52 -0.10
CA ASP D 492 41.22 25.64 -0.18
C ASP D 492 41.69 26.88 0.58
N ASP D 493 42.91 26.81 1.10
CA ASP D 493 43.48 27.87 1.91
C ASP D 493 44.29 28.85 1.06
N VAL D 494 44.03 28.85 -0.25
CA VAL D 494 44.70 29.77 -1.17
C VAL D 494 43.67 30.64 -1.86
N ASN D 495 42.76 30.00 -2.60
CA ASN D 495 41.74 30.70 -3.38
C ASN D 495 40.34 30.58 -2.80
N GLY D 496 40.12 29.63 -1.89
CA GLY D 496 38.81 29.44 -1.30
C GLY D 496 37.79 28.88 -2.27
N GLN D 497 38.18 27.87 -3.04
CA GLN D 497 37.29 27.22 -3.99
C GLN D 497 37.01 25.81 -3.50
N TRP D 498 35.73 25.45 -3.43
CA TRP D 498 35.30 24.19 -2.88
C TRP D 498 35.63 23.01 -3.77
N ASN D 499 35.49 21.80 -3.25
CA ASN D 499 35.80 20.58 -3.98
C ASN D 499 34.62 19.65 -3.84
N GLY D 500 34.78 18.42 -4.34
CA GLY D 500 33.91 17.28 -4.10
C GLY D 500 32.42 17.47 -4.26
N MET D 501 31.66 17.06 -3.25
CA MET D 501 30.21 17.15 -3.32
C MET D 501 29.72 18.57 -3.13
N VAL D 502 30.45 19.38 -2.37
CA VAL D 502 29.95 20.71 -2.04
C VAL D 502 29.98 21.62 -3.26
N ARG D 503 31.02 21.50 -4.10
CA ARG D 503 31.03 22.27 -5.33
C ARG D 503 30.01 21.71 -6.35
N GLU D 504 29.69 20.42 -6.26
CA GLU D 504 28.55 19.89 -7.01
C GLU D 504 27.24 20.50 -6.53
N LEU D 505 27.16 20.84 -5.24
CA LEU D 505 25.91 21.31 -4.67
C LEU D 505 25.84 22.84 -4.54
N ILE D 506 26.96 23.55 -4.60
CA ILE D 506 26.89 25.01 -4.70
C ILE D 506 26.49 25.43 -6.11
N ASP D 507 27.17 24.90 -7.12
CA ASP D 507 26.96 25.36 -8.50
C ASP D 507 25.83 24.61 -9.18
N HIS D 508 24.95 23.99 -8.40
CA HIS D 508 23.67 23.43 -8.82
C HIS D 508 23.78 22.36 -9.89
N LYS D 509 24.92 21.65 -9.93
CA LYS D 509 25.07 20.56 -10.87
C LYS D 509 24.38 19.30 -10.39
N ALA D 510 23.83 19.35 -9.18
CA ALA D 510 23.01 18.27 -8.65
C ALA D 510 21.94 18.88 -7.75
N ASP D 511 21.06 18.02 -7.24
CA ASP D 511 19.95 18.48 -6.43
C ASP D 511 20.10 18.02 -4.99
N LEU D 512 20.62 16.81 -4.79
CA LEU D 512 20.82 16.31 -3.44
C LEU D 512 22.25 15.82 -3.25
N ALA D 513 22.57 15.42 -2.02
CA ALA D 513 23.91 14.95 -1.68
C ALA D 513 23.83 13.75 -0.77
N VAL D 514 22.98 12.77 -1.10
CA VAL D 514 22.66 11.68 -0.19
C VAL D 514 23.88 10.78 -0.05
N ALA D 515 24.59 10.94 1.05
CA ALA D 515 25.93 10.38 1.22
C ALA D 515 26.31 10.55 2.68
N PRO D 516 27.39 9.87 3.14
CA PRO D 516 27.95 10.22 4.45
C PRO D 516 28.62 11.57 4.45
N LEU D 517 27.82 12.63 4.49
CA LEU D 517 28.34 13.98 4.46
C LEU D 517 28.06 14.66 5.80
N ALA D 518 29.07 14.68 6.66
CA ALA D 518 28.92 15.05 8.06
C ALA D 518 28.74 16.55 8.18
N ILE D 519 27.82 16.97 9.05
CA ILE D 519 27.45 18.37 9.19
C ILE D 519 28.56 19.13 9.88
N THR D 520 29.18 20.06 9.16
CA THR D 520 30.29 20.83 9.66
C THR D 520 29.87 22.29 9.60
N TYR D 521 30.50 23.13 10.41
CA TYR D 521 30.19 24.56 10.44
C TYR D 521 30.41 25.23 9.11
N VAL D 522 31.46 24.86 8.39
CA VAL D 522 31.78 25.55 7.14
C VAL D 522 31.02 24.97 5.97
N ARG D 523 30.51 23.74 6.11
CA ARG D 523 29.65 23.19 5.05
C ARG D 523 28.24 23.74 5.15
N GLU D 524 27.81 24.10 6.34
CA GLU D 524 26.46 24.63 6.53
C GLU D 524 26.37 26.07 6.01
N LYS D 525 27.50 26.77 5.91
CA LYS D 525 27.46 28.14 5.46
C LYS D 525 27.45 28.26 3.94
N VAL D 526 27.57 27.15 3.21
CA VAL D 526 27.54 27.20 1.75
C VAL D 526 26.42 26.33 1.18
N ILE D 527 26.20 25.14 1.72
CA ILE D 527 25.02 24.37 1.35
C ILE D 527 24.17 24.24 2.59
N ASP D 528 22.96 23.73 2.45
CA ASP D 528 22.07 23.56 3.59
C ASP D 528 21.70 22.11 3.70
N PHE D 529 21.93 21.53 4.88
CA PHE D 529 21.72 20.12 5.14
C PHE D 529 20.30 19.88 5.62
N SER D 530 19.89 18.62 5.56
CA SER D 530 18.66 18.19 6.20
C SER D 530 18.97 17.89 7.67
N LYS D 531 18.03 17.29 8.37
CA LYS D 531 18.28 16.98 9.76
C LYS D 531 18.78 15.55 9.84
N PRO D 532 19.73 15.24 10.77
CA PRO D 532 20.54 14.02 10.66
C PRO D 532 19.81 12.70 10.63
N PHE D 533 20.17 11.85 9.68
CA PHE D 533 19.64 10.49 9.63
C PHE D 533 20.52 9.49 10.35
N MET D 534 21.62 9.94 10.95
CA MET D 534 22.55 9.09 11.68
C MET D 534 23.47 9.96 12.51
N THR D 535 23.74 9.51 13.73
CA THR D 535 24.56 10.24 14.69
C THR D 535 25.93 9.60 14.79
N LEU D 536 26.95 10.44 15.03
CA LEU D 536 28.30 9.96 15.26
C LEU D 536 29.17 10.92 16.05
N GLY D 537 30.47 10.69 16.00
CA GLY D 537 31.47 11.59 16.55
C GLY D 537 32.82 11.05 16.16
N ILE D 538 33.86 11.87 16.21
CA ILE D 538 35.20 11.40 15.91
C ILE D 538 35.67 10.44 17.00
N SER D 539 36.23 9.31 16.61
CA SER D 539 36.67 8.34 17.61
C SER D 539 37.88 7.56 17.09
N ILE D 540 38.70 7.04 17.99
CA ILE D 540 39.99 6.48 17.62
C ILE D 540 39.89 4.98 17.36
N LEU D 541 40.32 4.55 16.19
CA LEU D 541 40.43 3.15 15.85
C LEU D 541 41.85 2.67 16.09
N TYR D 542 41.99 1.49 16.65
CA TYR D 542 43.30 0.96 17.00
C TYR D 542 43.21 -0.55 17.11
N ARG D 543 44.33 -1.23 16.87
CA ARG D 543 44.40 -2.69 16.95
C ARG D 543 44.08 -3.19 18.34
N LYS D 544 43.21 -4.19 18.41
CA LYS D 544 42.94 -4.88 19.66
C LYS D 544 44.21 -5.57 20.14
N PRO D 545 44.63 -5.37 21.39
CA PRO D 545 45.92 -5.90 21.84
C PRO D 545 45.88 -7.41 22.00
N ASN D 546 46.92 -8.06 21.50
CA ASN D 546 47.03 -9.52 21.50
C ASN D 546 48.00 -9.96 22.59
N GLY D 547 47.78 -11.17 23.11
CA GLY D 547 48.56 -11.64 24.23
C GLY D 547 47.95 -11.21 25.54
N THR D 548 48.46 -11.72 26.65
CA THR D 548 47.89 -11.46 27.97
C THR D 548 48.96 -10.88 28.89
N ASN D 549 48.51 -10.49 30.09
CA ASN D 549 49.37 -9.94 31.13
C ASN D 549 50.42 -10.97 31.55
N PRO D 550 51.58 -10.51 32.14
CA PRO D 550 52.60 -11.46 32.60
C PRO D 550 52.07 -12.44 33.65
N GLY D 551 51.63 -11.93 34.79
CA GLY D 551 50.96 -12.71 35.82
C GLY D 551 51.65 -13.97 36.27
N VAL D 552 52.93 -13.89 36.66
CA VAL D 552 53.59 -15.07 37.21
C VAL D 552 53.08 -15.37 38.61
N PHE D 553 52.46 -14.39 39.25
CA PHE D 553 51.65 -14.60 40.43
C PHE D 553 50.21 -14.84 39.96
N SER D 554 49.23 -14.49 40.80
CA SER D 554 47.78 -14.67 40.66
C SER D 554 47.43 -16.10 41.04
N PHE D 555 48.33 -16.74 41.76
CA PHE D 555 47.93 -17.75 42.73
C PHE D 555 47.71 -17.03 44.06
N LEU D 556 48.01 -15.74 44.06
CA LEU D 556 48.14 -14.96 45.28
C LEU D 556 47.03 -13.92 45.39
N ASN D 557 46.26 -13.73 44.33
CA ASN D 557 45.07 -12.88 44.27
C ASN D 557 43.77 -13.33 44.94
N PRO D 558 43.37 -14.67 45.03
CA PRO D 558 42.05 -14.98 45.58
C PRO D 558 41.79 -14.61 47.04
N LEU D 559 42.79 -14.10 47.73
CA LEU D 559 42.58 -13.38 48.98
C LEU D 559 43.18 -12.00 48.80
N SER D 560 42.51 -11.00 49.37
CA SER D 560 42.94 -9.61 49.23
C SER D 560 44.24 -9.39 50.00
N PRO D 561 45.03 -8.37 49.63
CA PRO D 561 46.35 -8.20 50.28
C PRO D 561 46.32 -7.74 51.72
N ASP D 562 45.14 -7.56 52.32
CA ASP D 562 45.09 -7.43 53.78
C ASP D 562 44.83 -8.78 54.44
N ILE D 563 44.17 -9.69 53.72
CA ILE D 563 43.98 -11.05 54.23
C ILE D 563 45.31 -11.79 54.28
N TRP D 564 46.17 -11.60 53.28
CA TRP D 564 47.48 -12.24 53.30
C TRP D 564 48.38 -11.63 54.36
N MET D 565 48.02 -10.45 54.87
CA MET D 565 48.75 -9.89 55.99
C MET D 565 48.11 -10.30 57.31
N TYR D 566 46.79 -10.48 57.32
CA TYR D 566 46.12 -10.82 58.57
C TYR D 566 46.29 -12.29 58.93
N VAL D 567 46.52 -13.15 57.94
CA VAL D 567 46.81 -14.55 58.26
C VAL D 567 48.29 -14.72 58.59
N LEU D 568 49.12 -13.76 58.21
CA LEU D 568 50.54 -13.84 58.53
C LEU D 568 50.81 -13.20 59.89
N LEU D 569 49.95 -12.28 60.32
CA LEU D 569 50.00 -11.82 61.70
C LEU D 569 49.29 -12.78 62.63
N ALA D 570 48.37 -13.60 62.10
CA ALA D 570 47.70 -14.57 62.95
C ALA D 570 48.63 -15.73 63.30
N CYS D 571 49.54 -16.09 62.39
CA CYS D 571 50.55 -17.09 62.71
C CYS D 571 51.52 -16.58 63.75
N LEU D 572 51.86 -15.30 63.68
CA LEU D 572 52.72 -14.70 64.70
C LEU D 572 51.94 -14.42 65.97
N GLY D 573 50.61 -14.38 65.87
CA GLY D 573 49.80 -14.12 67.05
C GLY D 573 49.45 -15.38 67.81
N VAL D 574 49.08 -16.44 67.08
CA VAL D 574 48.70 -17.69 67.72
C VAL D 574 49.92 -18.45 68.24
N SER D 575 51.03 -18.43 67.51
CA SER D 575 52.24 -19.08 67.99
C SER D 575 52.85 -18.34 69.17
N CYS D 576 52.55 -17.05 69.30
CA CYS D 576 52.90 -16.35 70.52
C CYS D 576 52.03 -16.83 71.69
N VAL D 577 50.71 -16.90 71.48
CA VAL D 577 49.82 -17.21 72.59
C VAL D 577 49.80 -18.71 72.86
N LEU D 578 50.29 -19.51 71.92
CA LEU D 578 50.49 -20.92 72.23
C LEU D 578 51.74 -21.11 73.08
N PHE D 579 52.78 -20.33 72.80
CA PHE D 579 54.01 -20.38 73.58
C PHE D 579 53.80 -19.86 75.01
N VAL D 580 52.92 -18.87 75.17
CA VAL D 580 52.65 -18.31 76.49
C VAL D 580 51.89 -19.31 77.34
N ILE D 581 50.82 -19.89 76.79
CA ILE D 581 49.95 -20.78 77.56
C ILE D 581 50.66 -22.08 77.91
N ALA D 582 51.51 -22.58 77.00
CA ALA D 582 52.17 -23.85 77.22
C ALA D 582 53.22 -23.78 78.33
N ARG D 583 53.68 -22.58 78.68
CA ARG D 583 54.65 -22.47 79.76
C ARG D 583 54.00 -22.53 81.14
N PHE D 584 52.91 -21.79 81.38
CA PHE D 584 52.33 -21.81 82.71
C PHE D 584 51.10 -22.69 82.83
N SER D 585 50.82 -23.53 81.83
CA SER D 585 49.86 -24.61 82.03
C SER D 585 50.59 -25.75 82.68
N PRO D 586 50.23 -26.15 83.90
CA PRO D 586 51.04 -27.14 84.62
C PRO D 586 50.80 -28.58 84.16
N TYR D 587 49.93 -28.78 83.19
CA TYR D 587 49.67 -30.11 82.64
C TYR D 587 50.44 -30.38 81.36
N GLU D 588 51.10 -29.38 80.78
CA GLU D 588 51.92 -29.59 79.60
C GLU D 588 53.34 -30.04 79.98
N TRP D 589 53.82 -29.64 81.15
CA TRP D 589 55.15 -30.01 81.60
C TRP D 589 55.20 -31.50 81.93
N TYR D 590 55.59 -32.29 80.95
CA TYR D 590 55.49 -33.75 81.03
C TYR D 590 56.80 -34.35 81.51
N ASN D 591 56.86 -35.66 81.42
CA ASN D 591 58.01 -36.40 81.90
C ASN D 591 58.86 -36.86 80.73
N PRO D 592 60.14 -36.47 80.68
CA PRO D 592 61.07 -37.11 79.75
C PRO D 592 61.53 -38.47 80.27
N HIS D 593 62.56 -39.05 79.62
CA HIS D 593 63.18 -40.33 79.99
C HIS D 593 62.17 -41.47 80.02
N PRO D 594 61.82 -42.08 78.88
CA PRO D 594 60.87 -43.21 78.91
C PRO D 594 61.32 -44.47 79.68
N CYS D 595 62.55 -44.48 80.23
CA CYS D 595 62.95 -45.54 81.15
C CYS D 595 63.42 -44.97 82.48
N ASN D 596 62.66 -44.04 83.06
CA ASN D 596 63.09 -43.17 84.16
C ASN D 596 63.03 -43.88 85.51
N PRO D 597 63.90 -43.53 86.48
CA PRO D 597 63.55 -43.71 87.90
C PRO D 597 62.63 -42.61 88.45
N ASP D 598 61.60 -42.31 87.67
CA ASP D 598 60.24 -41.78 87.86
C ASP D 598 60.06 -40.31 88.20
N SER D 599 61.08 -39.58 88.64
CA SER D 599 61.66 -38.32 88.05
C SER D 599 62.38 -37.55 89.16
N ASP D 600 63.22 -36.57 88.82
CA ASP D 600 62.91 -35.20 89.19
C ASP D 600 63.37 -34.30 88.05
N VAL D 601 62.63 -34.31 86.93
CA VAL D 601 62.93 -33.54 85.72
C VAL D 601 61.60 -33.33 84.99
N VAL D 602 61.27 -32.07 84.72
CA VAL D 602 60.14 -31.75 83.85
C VAL D 602 60.66 -30.95 82.66
N GLU D 603 60.31 -31.41 81.45
CA GLU D 603 60.78 -30.76 80.23
C GLU D 603 59.65 -30.48 79.27
N ASN D 604 59.46 -29.21 78.93
CA ASN D 604 58.44 -28.78 77.99
C ASN D 604 58.96 -28.91 76.57
N ASN D 605 58.10 -29.33 75.64
CA ASN D 605 58.47 -29.41 74.23
C ASN D 605 57.95 -28.25 73.39
N PHE D 606 57.35 -27.24 74.01
CA PHE D 606 56.98 -26.00 73.34
C PHE D 606 58.05 -24.95 73.61
N THR D 607 59.02 -24.86 72.71
CA THR D 607 59.90 -23.71 72.66
C THR D 607 59.24 -22.65 71.77
N LEU D 608 59.95 -21.56 71.51
CA LEU D 608 59.42 -20.58 70.58
C LEU D 608 59.67 -21.03 69.14
N LEU D 609 60.66 -21.90 68.94
CA LEU D 609 60.90 -22.49 67.64
C LEU D 609 59.84 -23.53 67.31
N ASN D 610 59.35 -24.25 68.33
CA ASN D 610 58.38 -25.30 68.09
C ASN D 610 56.95 -24.76 68.13
N SER D 611 56.73 -23.63 68.78
CA SER D 611 55.40 -23.04 68.77
C SER D 611 55.11 -22.39 67.43
N PHE D 612 56.13 -21.86 66.77
CA PHE D 612 55.92 -21.26 65.45
C PHE D 612 55.95 -22.32 64.37
N TRP D 613 56.54 -23.47 64.64
CA TRP D 613 56.45 -24.58 63.70
C TRP D 613 55.08 -25.24 63.76
N PHE D 614 54.35 -25.06 64.88
CA PHE D 614 52.99 -25.56 64.92
C PHE D 614 52.06 -24.64 64.16
N GLY D 615 52.32 -23.34 64.19
CA GLY D 615 51.51 -22.40 63.45
C GLY D 615 51.72 -22.48 61.95
N VAL D 616 52.94 -22.81 61.53
CA VAL D 616 53.22 -22.96 60.10
C VAL D 616 52.89 -24.37 59.64
N GLY D 617 53.08 -25.36 60.50
CA GLY D 617 52.70 -26.73 60.21
C GLY D 617 51.21 -26.89 60.01
N ALA D 618 50.42 -26.38 60.94
CA ALA D 618 48.97 -26.51 60.83
C ALA D 618 48.34 -25.50 59.88
N LEU D 619 49.14 -24.77 59.11
CA LEU D 619 48.60 -23.85 58.13
C LEU D 619 48.59 -24.45 56.73
N MET D 620 49.59 -25.27 56.42
CA MET D 620 49.68 -25.92 55.12
C MET D 620 49.12 -27.33 55.12
N GLN D 621 48.36 -27.70 56.16
CA GLN D 621 47.60 -28.95 56.30
C GLN D 621 48.48 -30.18 56.51
N GLN D 622 49.80 -30.04 56.37
CA GLN D 622 50.70 -31.11 56.76
C GLN D 622 51.05 -30.94 58.23
N GLY D 623 50.52 -31.81 59.07
CA GLY D 623 50.65 -31.65 60.51
C GLY D 623 52.08 -31.82 60.99
N SER D 624 52.35 -31.26 62.16
CA SER D 624 53.70 -31.17 62.69
C SER D 624 54.01 -32.41 63.53
N GLU D 625 55.22 -32.50 64.06
CA GLU D 625 55.63 -33.67 64.83
C GLU D 625 55.06 -33.66 66.24
N LEU D 626 54.57 -32.51 66.70
CA LEU D 626 54.08 -32.39 68.06
C LEU D 626 52.63 -31.96 68.08
N MET D 627 51.82 -32.65 68.90
CA MET D 627 50.45 -32.24 69.14
C MET D 627 50.35 -31.86 70.61
N PRO D 628 49.57 -30.83 70.96
CA PRO D 628 49.55 -30.37 72.34
C PRO D 628 48.87 -31.35 73.29
N LYS D 629 49.36 -31.43 74.52
CA LYS D 629 48.62 -32.02 75.62
C LYS D 629 47.97 -30.82 76.32
N ALA D 630 47.41 -31.03 77.53
CA ALA D 630 47.05 -29.93 78.43
C ALA D 630 45.98 -28.99 77.88
N LEU D 631 44.70 -29.38 78.02
CA LEU D 631 43.51 -28.87 77.31
C LEU D 631 43.53 -27.39 76.97
N SER D 632 44.12 -26.55 77.82
CA SER D 632 44.28 -25.12 77.52
C SER D 632 45.12 -24.90 76.27
N THR D 633 46.06 -25.80 75.98
CA THR D 633 46.82 -25.66 74.74
C THR D 633 46.21 -26.47 73.61
N ARG D 634 45.15 -27.23 73.88
CA ARG D 634 44.46 -27.93 72.81
C ARG D 634 43.37 -27.07 72.20
N ILE D 635 42.81 -26.15 72.98
CA ILE D 635 41.81 -25.23 72.45
C ILE D 635 42.47 -24.21 71.51
N VAL D 636 43.72 -23.86 71.79
CA VAL D 636 44.49 -23.02 70.86
C VAL D 636 44.75 -23.76 69.56
N GLY D 637 45.15 -25.01 69.67
CA GLY D 637 45.33 -25.84 68.50
C GLY D 637 44.02 -26.23 67.86
N GLY D 638 42.95 -26.24 68.64
CA GLY D 638 41.66 -26.65 68.09
C GLY D 638 40.96 -25.52 67.38
N ILE D 639 41.33 -24.27 67.68
CA ILE D 639 40.67 -23.14 67.04
C ILE D 639 41.58 -22.54 65.98
N TRP D 640 42.86 -22.90 65.99
CA TRP D 640 43.72 -22.57 64.87
C TRP D 640 43.47 -23.51 63.71
N TRP D 641 43.07 -24.74 63.98
CA TRP D 641 42.73 -25.67 62.92
C TRP D 641 41.46 -25.25 62.19
N PHE D 642 40.50 -24.70 62.92
CA PHE D 642 39.29 -24.24 62.25
C PHE D 642 39.55 -22.95 61.48
N PHE D 643 40.54 -22.18 61.91
CA PHE D 643 40.94 -21.01 61.13
C PHE D 643 41.55 -21.44 59.79
N THR D 644 42.54 -22.33 59.82
CA THR D 644 43.25 -22.70 58.60
C THR D 644 42.40 -23.59 57.70
N LEU D 645 41.32 -24.14 58.23
CA LEU D 645 40.38 -24.87 57.38
C LEU D 645 39.58 -23.90 56.54
N ILE D 646 39.15 -22.79 57.13
CA ILE D 646 38.27 -21.86 56.43
C ILE D 646 39.07 -20.96 55.50
N ILE D 647 40.31 -20.65 55.86
CA ILE D 647 41.15 -19.83 54.98
C ILE D 647 41.51 -20.58 53.71
N ILE D 648 41.80 -21.88 53.82
CA ILE D 648 42.15 -22.65 52.63
C ILE D 648 40.91 -23.00 51.82
N SER D 649 39.80 -23.33 52.48
CA SER D 649 38.58 -23.66 51.76
C SER D 649 37.96 -22.44 51.11
N SER D 650 38.34 -21.24 51.55
CA SER D 650 37.94 -20.04 50.85
C SER D 650 38.93 -19.70 49.74
N TYR D 651 40.19 -20.06 49.93
CA TYR D 651 41.20 -19.87 48.91
C TYR D 651 40.97 -20.77 47.71
N THR D 652 40.88 -22.07 47.94
CA THR D 652 40.80 -23.02 46.83
C THR D 652 39.43 -23.07 46.17
N ALA D 653 38.43 -22.39 46.74
CA ALA D 653 37.14 -22.27 46.10
C ALA D 653 36.99 -20.97 45.33
N ASN D 654 37.82 -19.99 45.60
CA ASN D 654 37.87 -18.75 44.83
C ASN D 654 38.90 -18.81 43.72
N LEU D 655 39.83 -19.77 43.77
CA LEU D 655 40.95 -19.82 42.83
C LEU D 655 40.52 -20.21 41.43
N ALA D 656 39.29 -20.69 41.24
CA ALA D 656 38.83 -21.11 39.92
C ALA D 656 38.69 -19.93 38.98
N ALA D 657 38.37 -18.75 39.52
CA ALA D 657 38.16 -17.58 38.68
C ALA D 657 39.46 -16.86 38.38
N PHE D 658 40.35 -16.76 39.37
CA PHE D 658 41.59 -16.02 39.28
C PHE D 658 42.70 -16.76 38.58
N LEU D 659 42.40 -17.87 37.92
CA LEU D 659 43.45 -18.72 37.37
C LEU D 659 43.47 -18.64 35.85
N THR D 660 42.93 -17.54 35.33
CA THR D 660 42.87 -17.27 33.89
C THR D 660 43.59 -15.96 33.63
N VAL D 661 44.59 -15.98 32.73
CA VAL D 661 45.17 -14.73 32.28
C VAL D 661 44.17 -13.96 31.42
N GLU D 662 44.33 -12.64 31.41
CA GLU D 662 43.44 -11.76 30.70
C GLU D 662 44.27 -10.76 29.91
N ARG D 663 43.66 -10.24 28.85
CA ARG D 663 44.34 -9.45 27.82
C ARG D 663 44.83 -8.13 28.40
N MET D 664 45.77 -7.49 27.70
CA MET D 664 46.23 -6.20 28.19
C MET D 664 45.18 -5.14 27.91
N GLU D 665 45.28 -4.04 28.65
CA GLU D 665 44.69 -2.78 28.26
C GLU D 665 45.59 -2.17 27.21
N SER D 666 45.02 -1.37 26.31
CA SER D 666 45.81 -0.75 25.27
C SER D 666 46.67 0.36 25.89
N PRO D 667 47.83 0.69 25.29
CA PRO D 667 48.65 1.79 25.82
C PRO D 667 47.94 3.13 25.81
N ILE D 668 47.09 3.33 24.81
CA ILE D 668 46.21 4.49 24.81
C ILE D 668 44.81 4.07 25.24
N ASP D 669 44.08 5.01 25.85
CA ASP D 669 42.70 4.68 26.22
C ASP D 669 41.77 5.85 25.94
N SER D 670 42.30 6.97 25.45
CA SER D 670 41.50 8.13 25.05
C SER D 670 42.28 8.96 24.05
N ALA D 671 41.82 10.19 23.79
CA ALA D 671 42.65 11.11 23.03
C ALA D 671 43.62 11.86 23.95
N ASP D 672 43.49 11.66 25.25
CA ASP D 672 44.45 12.24 26.19
C ASP D 672 45.72 11.40 26.25
N ASP D 673 45.56 10.08 26.29
CA ASP D 673 46.71 9.19 26.37
C ASP D 673 47.45 9.15 25.04
N LEU D 674 46.74 9.41 23.95
CA LEU D 674 47.31 9.32 22.61
C LEU D 674 47.92 10.64 22.17
N ALA D 675 47.67 11.73 22.89
CA ALA D 675 48.29 13.01 22.60
C ALA D 675 49.65 13.14 23.26
N LYS D 676 49.86 12.38 24.34
CA LYS D 676 51.06 12.52 25.16
C LYS D 676 52.18 11.59 24.69
N GLN D 677 51.93 10.81 23.65
CA GLN D 677 52.86 9.80 23.19
C GLN D 677 53.39 10.14 21.80
N THR D 678 54.45 9.44 21.40
CA THR D 678 55.13 9.70 20.14
C THR D 678 55.36 8.36 19.45
N LYS D 679 55.26 7.27 20.22
CA LYS D 679 55.43 5.92 19.71
C LYS D 679 54.32 5.52 18.74
N ILE D 680 53.06 5.72 19.11
CA ILE D 680 51.93 5.46 18.22
C ILE D 680 51.73 6.71 17.37
N GLU D 681 52.00 6.58 16.07
CA GLU D 681 51.65 7.65 15.14
C GLU D 681 50.14 7.64 14.93
N TYR D 682 49.60 8.80 14.54
CA TYR D 682 48.17 8.96 14.42
C TYR D 682 47.80 10.05 13.43
N GLY D 683 46.71 9.83 12.72
CA GLY D 683 46.26 10.76 11.70
C GLY D 683 44.85 10.48 11.24
N ALA D 684 44.32 11.31 10.35
CA ALA D 684 42.97 11.13 9.86
C ALA D 684 42.97 11.27 8.35
N VAL D 685 41.78 11.12 7.74
CA VAL D 685 41.64 11.31 6.30
C VAL D 685 41.84 12.77 5.96
N GLU D 686 42.72 13.07 5.02
CA GLU D 686 43.03 14.43 4.64
C GLU D 686 41.85 15.03 3.90
N ASP D 687 41.49 16.26 4.29
CA ASP D 687 40.38 17.10 3.81
C ASP D 687 39.01 16.51 4.14
N GLY D 688 38.86 15.81 5.25
CA GLY D 688 37.54 15.40 5.69
C GLY D 688 36.96 16.36 6.71
N ALA D 689 35.96 15.89 7.43
CA ALA D 689 35.43 16.66 8.55
C ALA D 689 36.18 16.34 9.83
N THR D 690 37.13 15.41 9.76
CA THR D 690 37.87 14.99 10.95
C THR D 690 39.21 15.72 11.02
N MET D 691 39.87 15.87 9.87
CA MET D 691 41.07 16.71 9.83
C MET D 691 40.71 18.17 10.10
N THR D 692 39.57 18.61 9.56
CA THR D 692 39.18 20.02 9.68
C THR D 692 38.75 20.34 11.10
N PHE D 693 38.28 19.34 11.84
CA PHE D 693 37.98 19.53 13.26
C PHE D 693 39.23 19.84 14.07
N PHE D 694 40.35 19.17 13.78
CA PHE D 694 41.57 19.48 14.50
C PHE D 694 42.28 20.70 13.93
N LYS D 695 42.03 21.03 12.68
CA LYS D 695 42.64 22.21 12.07
C LYS D 695 42.07 23.49 12.67
N LYS D 696 40.79 23.49 13.03
CA LYS D 696 40.13 24.67 13.56
C LYS D 696 39.95 24.64 15.07
N SER D 697 40.39 23.59 15.74
CA SER D 697 40.20 23.52 17.18
C SER D 697 41.20 24.40 17.90
N LYS D 698 40.90 24.70 19.16
CA LYS D 698 41.74 25.58 19.97
C LYS D 698 41.91 25.04 21.37
N ILE D 699 41.15 23.99 21.71
CA ILE D 699 41.22 23.37 23.02
C ILE D 699 42.55 22.63 23.12
N SER D 700 43.07 22.47 24.34
CA SER D 700 44.44 22.08 24.63
C SER D 700 44.86 20.73 24.05
N THR D 701 44.05 19.69 24.28
CA THR D 701 44.42 18.35 23.85
C THR D 701 44.34 18.21 22.34
N TYR D 702 43.38 18.88 21.72
CA TYR D 702 43.09 18.61 20.32
C TYR D 702 43.88 19.57 19.43
N ASP D 703 44.65 20.47 20.05
CA ASP D 703 45.59 21.28 19.30
C ASP D 703 46.97 20.62 19.30
N LYS D 704 47.28 19.88 20.37
CA LYS D 704 48.47 19.05 20.40
C LYS D 704 48.40 17.97 19.33
N MET D 705 47.20 17.45 19.08
CA MET D 705 47.03 16.39 18.09
C MET D 705 46.98 16.94 16.67
N TRP D 706 47.05 18.27 16.51
CA TRP D 706 47.20 18.81 15.17
C TRP D 706 48.59 19.41 14.97
N ALA D 707 49.28 19.76 16.06
CA ALA D 707 50.70 20.07 15.97
C ALA D 707 51.49 18.85 15.54
N PHE D 708 51.02 17.66 15.90
CA PHE D 708 51.65 16.43 15.46
C PHE D 708 51.36 16.15 13.99
N MET D 709 50.10 16.28 13.57
CA MET D 709 49.71 15.89 12.22
C MET D 709 50.22 16.88 11.18
N SER D 710 50.41 18.15 11.55
CA SER D 710 50.85 19.13 10.57
C SER D 710 52.35 19.05 10.35
N SER D 711 53.08 18.49 11.31
CA SER D 711 54.50 18.26 11.14
C SER D 711 54.76 17.08 10.22
N ARG D 712 53.81 16.13 10.18
CA ARG D 712 53.98 14.90 9.43
C ARG D 712 52.84 14.64 8.47
N ARG D 713 52.37 15.65 7.72
CA ARG D 713 51.15 15.52 6.95
C ARG D 713 51.30 14.69 5.67
N GLN D 714 52.46 14.08 5.46
CA GLN D 714 52.63 13.20 4.31
C GLN D 714 52.60 11.75 4.79
N SER D 715 52.93 11.54 6.05
CA SER D 715 53.11 10.19 6.57
C SER D 715 51.98 9.70 7.45
N VAL D 716 51.25 10.57 8.13
CA VAL D 716 50.24 10.08 9.07
C VAL D 716 48.83 10.36 8.54
N LEU D 717 48.70 11.26 7.58
CA LEU D 717 47.39 11.60 7.04
C LEU D 717 47.14 10.78 5.78
N VAL D 718 46.41 9.67 5.92
CA VAL D 718 46.02 8.84 4.79
C VAL D 718 44.96 9.56 3.98
N LYS D 719 44.64 9.04 2.79
CA LYS D 719 43.71 9.76 1.92
C LYS D 719 42.42 9.01 1.67
N SER D 720 42.17 7.94 2.43
CA SER D 720 40.89 7.25 2.44
C SER D 720 40.76 6.45 3.72
N ASN D 721 39.56 5.97 4.04
CA ASN D 721 39.43 5.11 5.21
C ASN D 721 40.07 3.75 4.99
N GLU D 722 40.11 3.26 3.75
CA GLU D 722 40.69 1.95 3.53
C GLU D 722 42.21 1.99 3.61
N GLU D 723 42.82 3.14 3.30
CA GLU D 723 44.25 3.29 3.55
C GLU D 723 44.52 3.50 5.03
N GLY D 724 43.50 3.88 5.78
CA GLY D 724 43.67 4.02 7.22
C GLY D 724 43.55 2.69 7.93
N ILE D 725 42.59 1.86 7.53
CA ILE D 725 42.33 0.61 8.22
C ILE D 725 43.43 -0.40 7.92
N GLN D 726 44.07 -0.29 6.75
CA GLN D 726 45.18 -1.18 6.48
C GLN D 726 46.44 -0.75 7.23
N ARG D 727 46.53 0.54 7.59
CA ARG D 727 47.75 1.00 8.23
C ARG D 727 47.67 0.82 9.74
N VAL D 728 46.44 0.76 10.29
CA VAL D 728 46.25 0.26 11.66
C VAL D 728 46.71 -1.19 11.75
N LEU D 729 46.34 -2.00 10.76
CA LEU D 729 46.77 -3.39 10.65
C LEU D 729 48.28 -3.52 10.41
N THR D 730 48.75 -3.00 9.28
CA THR D 730 50.11 -3.30 8.84
C THR D 730 51.16 -2.40 9.45
N SER D 731 50.84 -1.67 10.53
CA SER D 731 51.84 -0.82 11.18
C SER D 731 51.42 -0.64 12.64
N ASP D 732 52.03 0.33 13.32
CA ASP D 732 51.62 0.75 14.66
C ASP D 732 51.06 2.15 14.53
N TYR D 733 49.74 2.28 14.67
CA TYR D 733 49.04 3.45 14.16
C TYR D 733 47.65 3.47 14.79
N ALA D 734 47.16 4.67 15.08
CA ALA D 734 45.82 4.86 15.64
C ALA D 734 45.08 5.86 14.78
N PHE D 735 44.03 5.39 14.11
CA PHE D 735 43.37 6.18 13.09
C PHE D 735 42.04 6.70 13.61
N LEU D 736 41.75 7.96 13.34
CA LEU D 736 40.67 8.71 13.98
C LEU D 736 39.50 8.82 13.04
N MET D 737 38.56 7.89 13.15
CA MET D 737 37.49 7.83 12.16
C MET D 737 36.27 8.57 12.67
N GLU D 738 35.15 8.37 11.99
CA GLU D 738 33.84 8.75 12.49
C GLU D 738 33.37 7.59 13.35
N SER D 739 32.32 7.79 14.15
CA SER D 739 31.93 6.74 15.08
C SER D 739 31.19 5.61 14.40
N THR D 740 30.55 5.89 13.26
CA THR D 740 29.67 4.90 12.65
C THR D 740 30.44 3.89 11.82
N THR D 741 31.56 4.32 11.23
CA THR D 741 32.33 3.38 10.41
C THR D 741 33.08 2.40 11.31
N ILE D 742 33.45 2.84 12.51
CA ILE D 742 34.13 1.96 13.47
C ILE D 742 33.16 0.90 13.98
N GLU D 743 31.87 1.23 14.04
CA GLU D 743 30.87 0.25 14.46
C GLU D 743 30.65 -0.83 13.41
N PHE D 744 31.12 -0.62 12.19
CA PHE D 744 31.07 -1.66 11.17
C PHE D 744 32.34 -2.47 11.11
N VAL D 745 33.48 -1.78 11.04
CA VAL D 745 34.79 -2.39 10.86
C VAL D 745 35.14 -3.31 12.02
N THR D 746 34.86 -2.86 13.24
CA THR D 746 35.18 -3.66 14.42
C THR D 746 34.21 -4.83 14.62
N GLN D 747 33.14 -4.91 13.85
CA GLN D 747 32.35 -6.12 13.84
C GLN D 747 32.97 -7.17 12.94
N ARG D 748 33.05 -6.87 11.64
CA ARG D 748 33.46 -7.88 10.65
C ARG D 748 34.94 -8.23 10.80
N ASN D 749 35.76 -7.27 11.20
CA ASN D 749 37.15 -7.54 11.54
C ASN D 749 37.23 -7.67 13.06
N CYS D 750 38.14 -8.51 13.54
CA CYS D 750 38.06 -8.98 14.92
C CYS D 750 39.38 -8.67 15.63
N ASN D 751 40.27 -7.93 14.97
CA ASN D 751 41.50 -7.45 15.58
C ASN D 751 41.48 -5.95 15.82
N LEU D 752 40.36 -5.29 15.57
CA LEU D 752 40.27 -3.85 15.68
C LEU D 752 39.18 -3.49 16.69
N THR D 753 39.41 -2.42 17.44
CA THR D 753 38.51 -2.00 18.50
C THR D 753 38.48 -0.48 18.56
N GLN D 754 37.48 0.04 19.25
CA GLN D 754 37.28 1.50 19.37
C GLN D 754 37.91 1.99 20.66
N ILE D 755 39.16 2.43 20.55
CA ILE D 755 39.87 2.93 21.72
C ILE D 755 39.41 4.34 22.05
N GLY D 756 38.61 4.46 23.09
CA GLY D 756 38.21 5.78 23.56
C GLY D 756 36.72 5.97 23.40
N GLY D 757 36.28 7.16 23.77
CA GLY D 757 34.89 7.55 23.58
C GLY D 757 34.80 8.55 22.45
N LEU D 758 33.61 9.07 22.20
CA LEU D 758 33.42 10.02 21.10
C LEU D 758 34.04 11.36 21.46
N ILE D 759 34.87 11.88 20.56
CA ILE D 759 35.49 13.19 20.77
C ILE D 759 34.49 14.33 20.62
N ASP D 760 33.82 14.44 19.48
CA ASP D 760 32.72 15.38 19.37
C ASP D 760 31.44 14.61 19.12
N SER D 761 30.40 15.33 18.77
CA SER D 761 29.15 14.73 18.32
C SER D 761 28.61 15.54 17.17
N LYS D 762 28.42 14.89 16.02
CA LYS D 762 27.91 15.51 14.82
C LYS D 762 27.29 14.40 13.98
N GLY D 763 26.54 14.79 12.96
CA GLY D 763 25.69 13.84 12.29
C GLY D 763 25.74 14.01 10.79
N TYR D 764 25.14 13.03 10.10
CA TYR D 764 25.03 13.03 8.66
C TYR D 764 23.90 13.93 8.17
N GLY D 765 23.57 13.85 6.89
CA GLY D 765 22.50 14.66 6.38
C GLY D 765 22.49 14.79 4.88
N VAL D 766 21.29 14.73 4.30
CA VAL D 766 21.12 14.95 2.87
C VAL D 766 21.38 16.41 2.55
N GLY D 767 22.44 16.67 1.79
CA GLY D 767 22.81 18.03 1.49
C GLY D 767 22.02 18.57 0.32
N THR D 768 21.53 19.78 0.50
CA THR D 768 20.75 20.48 -0.50
C THR D 768 21.45 21.80 -0.83
N PRO D 769 21.25 22.38 -2.02
CA PRO D 769 21.84 23.69 -2.30
C PRO D 769 21.21 24.78 -1.45
N MET D 770 21.90 25.89 -1.28
CA MET D 770 21.46 26.91 -0.33
C MET D 770 20.24 27.66 -0.87
N GLY D 771 19.06 27.19 -0.50
CA GLY D 771 17.82 27.78 -0.98
C GLY D 771 16.86 26.77 -1.56
N SER D 772 17.30 25.51 -1.68
CA SER D 772 16.48 24.47 -2.28
C SER D 772 15.35 24.05 -1.35
N PRO D 773 14.14 23.88 -1.87
CA PRO D 773 13.02 23.44 -1.02
C PRO D 773 13.02 21.97 -0.69
N TYR D 774 13.96 21.19 -1.24
CA TYR D 774 14.05 19.77 -0.87
C TYR D 774 14.72 19.58 0.48
N ARG D 775 15.26 20.65 1.07
CA ARG D 775 15.69 20.69 2.46
C ARG D 775 14.55 20.29 3.38
N ASP D 776 13.44 21.01 3.29
CA ASP D 776 12.36 20.84 4.26
C ASP D 776 11.50 19.63 3.95
N LYS D 777 11.50 19.16 2.70
CA LYS D 777 10.66 18.00 2.39
C LYS D 777 11.35 16.70 2.76
N ILE D 778 12.66 16.73 2.96
CA ILE D 778 13.36 15.54 3.44
C ILE D 778 13.54 15.61 4.95
N THR D 779 13.58 16.83 5.50
CA THR D 779 13.55 17.08 6.94
C THR D 779 12.40 16.36 7.63
N ILE D 780 11.18 16.52 7.11
CA ILE D 780 10.04 15.77 7.62
C ILE D 780 10.12 14.30 7.23
N ALA D 781 10.70 14.01 6.07
CA ALA D 781 10.73 12.63 5.58
C ALA D 781 11.70 11.76 6.37
N ILE D 782 12.83 12.32 6.81
CA ILE D 782 13.77 11.57 7.64
C ILE D 782 13.16 11.30 9.00
N LEU D 783 12.38 12.25 9.52
CA LEU D 783 11.65 12.03 10.78
C LEU D 783 10.56 10.97 10.62
N GLN D 784 10.09 10.77 9.39
CA GLN D 784 8.99 9.85 9.14
C GLN D 784 9.47 8.40 9.23
N LEU D 785 10.68 8.12 8.75
CA LEU D 785 11.21 6.77 8.81
C LEU D 785 11.70 6.43 10.21
N GLN D 786 11.93 7.45 11.04
CA GLN D 786 12.57 7.21 12.33
C GLN D 786 11.56 6.73 13.35
N GLU D 787 10.41 7.40 13.45
CA GLU D 787 9.41 6.99 14.43
C GLU D 787 8.69 5.71 14.02
N GLU D 788 8.72 5.37 12.73
CA GLU D 788 8.27 4.06 12.29
C GLU D 788 9.31 2.98 12.56
N GLY D 789 10.56 3.36 12.74
CA GLY D 789 11.63 2.42 12.99
C GLY D 789 12.32 1.90 11.75
N LYS D 790 12.30 2.64 10.64
CA LYS D 790 12.96 2.17 9.43
C LYS D 790 14.43 2.55 9.41
N LEU D 791 14.78 3.71 10.01
CA LEU D 791 16.18 4.10 10.09
C LEU D 791 16.95 3.18 11.03
N HIS D 792 16.28 2.63 12.03
CA HIS D 792 16.91 1.63 12.88
C HIS D 792 16.96 0.28 12.19
N MET D 793 16.00 0.02 11.29
CA MET D 793 15.94 -1.28 10.64
C MET D 793 16.98 -1.40 9.54
N MET D 794 17.24 -0.30 8.83
CA MET D 794 18.25 -0.34 7.77
C MET D 794 19.65 -0.37 8.35
N LYS D 795 19.87 0.33 9.45
CA LYS D 795 21.18 0.35 10.10
C LYS D 795 21.49 -1.00 10.73
N GLU D 796 20.46 -1.68 11.23
CA GLU D 796 20.61 -3.02 11.79
C GLU D 796 21.04 -4.01 10.71
N LYS D 797 20.57 -3.80 9.49
CA LYS D 797 20.77 -4.76 8.41
C LYS D 797 22.20 -4.71 7.88
N TRP D 798 22.87 -3.55 8.00
CA TRP D 798 24.19 -3.42 7.41
C TRP D 798 25.32 -3.39 8.43
N TRP D 799 25.19 -2.66 9.53
CA TRP D 799 26.23 -2.63 10.55
C TRP D 799 26.28 -3.88 11.42
N ARG D 800 25.35 -4.80 11.28
CA ARG D 800 25.49 -6.07 11.98
C ARG D 800 25.99 -7.16 11.05
N GLY D 801 27.01 -7.87 11.50
CA GLY D 801 27.57 -8.98 10.76
C GLY D 801 28.09 -10.03 11.71
N ASN D 802 29.19 -10.67 11.31
CA ASN D 802 29.87 -11.63 12.17
C ASN D 802 30.42 -10.87 13.37
N GLY D 803 29.84 -11.10 14.54
CA GLY D 803 30.01 -10.21 15.67
C GLY D 803 31.34 -10.16 16.40
N CYS D 804 32.34 -10.94 15.96
CA CYS D 804 33.56 -11.26 16.70
C CYS D 804 33.22 -11.72 18.12
N PRO D 805 32.64 -12.93 18.28
CA PRO D 805 32.04 -13.30 19.57
C PRO D 805 33.02 -13.99 20.51
N GLU D 806 34.31 -13.93 20.18
CA GLU D 806 35.32 -14.81 20.77
C GLU D 806 35.73 -14.44 22.20
N GLU D 807 34.98 -13.54 22.85
CA GLU D 807 35.29 -13.07 24.19
C GLU D 807 35.20 -14.17 25.25
N GLU D 808 34.18 -15.04 25.17
CA GLU D 808 33.96 -16.07 26.17
C GLU D 808 35.10 -17.09 26.16
N SER D 809 35.19 -17.90 25.10
CA SER D 809 36.29 -18.79 24.73
C SER D 809 36.95 -19.58 25.86
N LYS D 810 36.14 -20.22 26.72
CA LYS D 810 36.70 -20.91 27.88
C LYS D 810 37.54 -22.10 27.44
N GLU D 811 36.90 -23.22 27.05
CA GLU D 811 37.32 -24.28 26.12
C GLU D 811 38.74 -24.86 26.26
N ALA D 812 39.50 -24.44 27.27
CA ALA D 812 40.96 -24.47 27.16
C ALA D 812 41.67 -24.22 28.49
N SER D 813 42.92 -23.77 28.38
CA SER D 813 43.79 -23.26 29.44
C SER D 813 44.20 -24.31 30.46
N ALA D 814 44.96 -25.30 29.99
CA ALA D 814 45.88 -26.05 30.83
C ALA D 814 46.87 -25.07 31.43
N LEU D 815 47.17 -25.21 32.71
CA LEU D 815 48.04 -24.26 33.38
C LEU D 815 49.49 -24.44 32.95
N GLY D 816 50.22 -23.34 32.82
CA GLY D 816 51.59 -23.44 32.37
C GLY D 816 52.50 -22.67 33.30
N VAL D 817 53.61 -22.19 32.73
CA VAL D 817 54.60 -21.44 33.49
C VAL D 817 54.23 -19.97 33.35
N GLN D 818 53.16 -19.69 32.61
CA GLN D 818 52.53 -18.38 32.61
C GLN D 818 51.58 -18.20 33.79
N ASN D 819 50.67 -19.15 33.99
CA ASN D 819 49.66 -19.04 35.03
C ASN D 819 50.25 -19.28 36.41
N ILE D 820 50.77 -20.48 36.65
CA ILE D 820 51.27 -20.84 37.97
C ILE D 820 52.59 -20.15 38.20
N GLY D 821 53.63 -20.57 37.47
CA GLY D 821 54.75 -19.74 37.08
C GLY D 821 55.65 -19.07 38.10
N GLY D 822 55.19 -18.93 39.33
CA GLY D 822 55.87 -18.03 40.23
C GLY D 822 56.07 -18.63 41.59
N ILE D 823 55.60 -19.87 41.78
CA ILE D 823 55.92 -20.57 43.01
C ILE D 823 57.36 -21.03 42.93
N PHE D 824 57.81 -21.38 41.72
CA PHE D 824 59.19 -21.78 41.49
C PHE D 824 60.16 -20.64 41.76
N ILE D 825 59.67 -19.39 41.69
CA ILE D 825 60.46 -18.27 42.19
C ILE D 825 60.48 -18.27 43.71
N VAL D 826 59.31 -18.40 44.35
CA VAL D 826 59.29 -18.33 45.81
C VAL D 826 59.68 -19.67 46.42
N LEU D 827 59.84 -20.71 45.59
CA LEU D 827 60.54 -21.91 46.07
C LEU D 827 62.03 -21.68 46.04
N ALA D 828 62.55 -21.16 44.91
CA ALA D 828 64.00 -21.00 44.79
C ALA D 828 64.49 -19.83 45.62
N ALA D 829 63.59 -18.93 46.05
CA ALA D 829 64.00 -17.89 46.98
C ALA D 829 63.89 -18.37 48.41
N GLY D 830 63.27 -19.52 48.63
CA GLY D 830 63.18 -20.05 49.98
C GLY D 830 64.33 -20.99 50.30
N LEU D 831 64.82 -21.70 49.29
CA LEU D 831 65.95 -22.59 49.50
C LEU D 831 67.26 -21.83 49.63
N VAL D 832 67.44 -20.76 48.87
CA VAL D 832 68.65 -19.95 48.98
C VAL D 832 68.69 -19.22 50.32
N LEU D 833 67.52 -18.81 50.82
CA LEU D 833 67.39 -18.36 52.21
C LEU D 833 67.82 -19.43 53.20
N SER D 834 67.53 -20.70 52.90
CA SER D 834 67.80 -21.76 53.87
C SER D 834 69.27 -22.16 53.87
N VAL D 835 69.97 -21.94 52.76
CA VAL D 835 71.40 -22.22 52.73
C VAL D 835 72.14 -21.20 53.58
N PHE D 836 71.64 -19.95 53.61
CA PHE D 836 72.27 -18.91 54.39
C PHE D 836 72.11 -19.15 55.89
N VAL D 837 70.95 -19.66 56.31
CA VAL D 837 70.78 -19.95 57.73
C VAL D 837 71.36 -21.31 58.08
N ALA D 838 71.82 -22.08 57.09
CA ALA D 838 72.63 -23.25 57.40
C ALA D 838 74.07 -22.83 57.68
N VAL D 839 74.49 -21.71 57.09
CA VAL D 839 75.78 -21.12 57.44
C VAL D 839 75.70 -20.50 58.83
N GLY D 840 74.57 -19.87 59.13
CA GLY D 840 74.32 -19.27 60.42
C GLY D 840 74.32 -20.25 61.58
N GLU D 841 73.82 -21.47 61.35
CA GLU D 841 73.88 -22.49 62.37
C GLU D 841 75.27 -23.10 62.45
N PHE D 842 75.98 -23.14 61.33
CA PHE D 842 77.34 -23.65 61.28
C PHE D 842 78.30 -22.77 62.06
N LEU D 843 78.04 -21.46 62.08
CA LEU D 843 78.95 -20.54 62.75
C LEU D 843 78.58 -20.37 64.22
N TYR D 844 77.27 -20.25 64.52
CA TYR D 844 76.84 -19.97 65.89
C TYR D 844 77.07 -21.15 66.81
N LYS D 845 77.01 -22.38 66.28
CA LYS D 845 77.40 -23.53 67.08
C LYS D 845 78.91 -23.61 67.22
N SER D 846 79.65 -23.25 66.16
CA SER D 846 81.11 -23.23 66.26
C SER D 846 81.60 -22.12 67.17
N LYS D 847 80.90 -20.97 67.18
CA LYS D 847 81.20 -19.94 68.17
C LYS D 847 80.72 -20.34 69.57
N LYS D 848 79.76 -21.26 69.66
CA LYS D 848 79.43 -21.84 70.96
C LYS D 848 80.48 -22.86 71.37
N ASN D 849 81.04 -23.59 70.40
CA ASN D 849 82.20 -24.44 70.67
C ASN D 849 83.46 -23.61 70.87
N ALA D 850 83.47 -22.36 70.41
CA ALA D 850 84.58 -21.46 70.67
C ALA D 850 84.53 -20.85 72.07
N GLN D 851 83.46 -21.09 72.83
CA GLN D 851 83.43 -20.73 74.24
C GLN D 851 84.16 -21.76 75.10
N LEU D 852 84.69 -22.83 74.49
CA LEU D 852 85.38 -23.86 75.24
C LEU D 852 86.84 -23.95 74.80
N GLU D 853 87.12 -23.62 73.53
CA GLU D 853 88.45 -23.76 72.92
C GLU D 853 88.64 -22.62 71.93
N LYS D 854 89.57 -22.83 70.97
CA LYS D 854 90.15 -21.82 70.09
C LYS D 854 89.15 -21.03 69.25
N ARG D 855 89.64 -19.95 68.63
CA ARG D 855 88.84 -18.76 68.29
C ARG D 855 87.71 -18.97 67.26
N SER D 856 88.01 -19.33 66.03
CA SER D 856 86.93 -19.55 65.06
C SER D 856 87.24 -20.70 64.11
N PHE D 857 88.52 -20.98 63.89
CA PHE D 857 88.93 -21.77 62.74
C PHE D 857 89.04 -23.24 63.09
N CYS D 858 89.53 -23.54 64.29
CA CYS D 858 89.75 -24.92 64.70
C CYS D 858 88.43 -25.62 64.96
N SER D 859 87.47 -24.91 65.54
CA SER D 859 86.15 -25.50 65.80
C SER D 859 85.35 -25.66 64.52
N ALA D 860 85.63 -24.84 63.50
CA ALA D 860 84.89 -24.92 62.25
C ALA D 860 85.37 -26.06 61.38
N MET D 861 86.70 -26.28 61.34
CA MET D 861 87.25 -27.25 60.41
C MET D 861 87.01 -28.68 60.88
N VAL D 862 86.83 -28.88 62.19
CA VAL D 862 86.46 -30.20 62.71
C VAL D 862 85.03 -30.53 62.34
N GLU D 863 84.14 -29.55 62.46
CA GLU D 863 82.77 -29.73 62.00
C GLU D 863 82.69 -29.81 60.47
N GLU D 864 83.66 -29.19 59.78
CA GLU D 864 83.70 -29.28 58.32
C GLU D 864 84.15 -30.66 57.87
N LEU D 865 85.10 -31.26 58.59
CA LEU D 865 85.64 -32.54 58.14
C LEU D 865 84.69 -33.69 58.43
N ARG D 866 83.91 -33.61 59.52
CA ARG D 866 82.95 -34.66 59.81
C ARG D 866 81.78 -34.65 58.82
N MET D 867 81.48 -33.48 58.26
CA MET D 867 80.45 -33.38 57.22
C MET D 867 80.95 -34.00 55.92
N SER D 868 82.26 -34.03 55.70
CA SER D 868 82.80 -34.58 54.47
C SER D 868 82.71 -36.11 54.45
N LEU D 869 82.78 -36.74 55.63
CA LEU D 869 82.72 -38.20 55.70
C LEU D 869 81.31 -38.73 55.46
N LYS D 870 80.29 -37.91 55.76
CA LYS D 870 78.85 -38.15 55.49
C LYS D 870 78.26 -39.27 56.37
N CYS D 871 79.10 -39.94 57.15
CA CYS D 871 78.68 -41.07 57.98
C CYS D 871 79.44 -41.08 59.30
N GLN D 872 79.73 -39.91 59.87
CA GLN D 872 80.63 -39.74 61.01
C GLN D 872 80.21 -40.50 62.26
N ARG D 873 79.10 -40.09 62.88
CA ARG D 873 78.42 -40.80 63.96
C ARG D 873 79.30 -41.09 65.17
N ARG D 874 79.70 -40.06 65.90
CA ARG D 874 80.53 -40.20 67.10
C ARG D 874 79.89 -41.08 68.18
C1 NAG E . -29.15 56.62 -19.91
C2 NAG E . -27.68 56.50 -19.44
C3 NAG E . -27.01 55.29 -20.09
C4 NAG E . -27.81 54.02 -19.80
C5 NAG E . -29.24 54.20 -20.30
C6 NAG E . -30.13 53.02 -19.97
C7 NAG E . -26.15 58.38 -18.91
C8 NAG E . -26.03 57.81 -17.53
N2 NAG E . -26.96 57.72 -19.77
O3 NAG E . -25.69 55.17 -19.60
O4 NAG E . -27.22 52.90 -20.45
O5 NAG E . -29.83 55.35 -19.68
O6 NAG E . -29.85 52.53 -18.66
O7 NAG E . -25.57 59.40 -19.25
C1 NAG E . -26.61 52.00 -19.51
C2 NAG E . -26.18 50.73 -20.24
C3 NAG E . -25.43 49.80 -19.29
C4 NAG E . -24.27 50.53 -18.62
C5 NAG E . -24.81 51.78 -17.92
C6 NAG E . -23.73 52.64 -17.29
C7 NAG E . -27.76 50.29 -22.07
C8 NAG E . -28.93 49.48 -22.51
N2 NAG E . -27.31 50.05 -20.83
O3 NAG E . -24.93 48.69 -20.02
O4 NAG E . -23.63 49.68 -17.68
O5 NAG E . -25.48 52.61 -18.87
O6 NAG E . -22.61 52.77 -18.16
O7 NAG E . -27.21 51.11 -22.80
C1 BMA E . -22.28 49.39 -18.10
C2 BMA E . -21.66 48.34 -17.16
C3 BMA E . -20.19 48.12 -17.58
C4 BMA E . -20.10 47.72 -19.07
C5 BMA E . -20.88 48.73 -19.96
C6 BMA E . -21.02 48.23 -21.38
O2 BMA E . -22.33 47.11 -17.31
O3 BMA E . -19.50 47.12 -16.81
O4 BMA E . -18.74 47.69 -19.48
O5 BMA E . -22.21 48.91 -19.44
O6 BMA E . -22.31 47.64 -21.49
C1 MAN E . -19.65 47.24 -15.38
C2 MAN E . -18.28 47.57 -14.78
C3 MAN E . -17.32 46.39 -14.96
C4 MAN E . -17.97 45.03 -14.56
C5 MAN E . -19.35 44.88 -15.22
C6 MAN E . -20.10 43.64 -14.76
O2 MAN E . -18.39 47.76 -13.36
O3 MAN E . -16.10 46.58 -14.25
O4 MAN E . -17.14 43.95 -14.95
O5 MAN E . -20.16 46.04 -14.90
O6 MAN E . -19.16 42.59 -14.57
C1 MAN E . -22.15 46.25 -21.88
C2 MAN E . -23.40 45.87 -22.74
C3 MAN E . -23.50 44.33 -23.00
C4 MAN E . -22.64 43.46 -22.05
C5 MAN E . -22.60 44.10 -20.65
C6 MAN E . -21.85 43.25 -19.63
O2 MAN E . -23.35 46.48 -24.03
O3 MAN E . -23.23 44.02 -24.36
O4 MAN E . -23.17 42.15 -21.96
O5 MAN E . -21.95 45.41 -20.71
O6 MAN E . -20.66 42.76 -20.25
C1 NAG F . -35.35 12.60 -23.11
C2 NAG F . -36.43 11.73 -22.52
C3 NAG F . -36.10 10.25 -22.76
C4 NAG F . -35.81 9.98 -24.23
C5 NAG F . -34.83 11.01 -24.80
C6 NAG F . -34.71 10.95 -26.31
C7 NAG F . -37.72 12.43 -20.56
C8 NAG F . -37.70 12.65 -19.08
N2 NAG F . -36.58 11.99 -21.10
O3 NAG F . -37.20 9.46 -22.33
O4 NAG F . -35.19 8.70 -24.32
O5 NAG F . -35.25 12.34 -24.49
O6 NAG F . -35.71 11.75 -26.94
O7 NAG F . -38.71 12.63 -21.23
C1 NAG F . -35.91 7.73 -25.12
C2 NAG F . -35.68 6.37 -24.44
C3 NAG F . -36.39 5.27 -25.22
C4 NAG F . -37.87 5.61 -25.41
C5 NAG F . -38.02 7.00 -26.02
C6 NAG F . -39.45 7.45 -26.12
C7 NAG F . -33.65 5.86 -23.18
C8 NAG F . -32.18 5.60 -23.24
N2 NAG F . -34.26 6.10 -24.34
O3 NAG F . -36.26 4.03 -24.54
O4 NAG F . -38.47 4.64 -26.27
O5 NAG F . -37.34 7.98 -25.22
O6 NAG F . -39.98 7.25 -27.43
O7 NAG F . -34.27 5.86 -22.12
C1 NAG G . -54.84 30.12 -1.87
C2 NAG G . -54.39 30.90 -0.64
C3 NAG G . -53.39 30.09 0.18
C4 NAG G . -53.87 28.66 0.44
C5 NAG G . -54.39 27.99 -0.82
C6 NAG G . -55.12 26.70 -0.54
C7 NAG G . -52.77 32.50 -1.70
C8 NAG G . -52.46 33.96 -1.85
N2 NAG G . -53.87 32.22 -0.96
O3 NAG G . -53.13 30.74 1.42
O4 NAG G . -52.82 27.84 0.97
O5 NAG G . -55.34 28.84 -1.48
O6 NAG G . -56.52 26.91 -0.54
O7 NAG G . -52.06 31.63 -2.23
C1 NAG G . -51.59 27.88 0.21
C2 NAG G . -50.42 27.93 1.19
C3 NAG G . -49.22 27.18 0.63
C4 NAG G . -49.56 25.69 0.51
C5 NAG G . -50.83 25.49 -0.33
C6 NAG G . -51.91 24.71 0.38
C7 NAG G . -49.65 30.30 0.81
C8 NAG G . -49.36 31.58 1.51
N2 NAG G . -50.07 29.29 1.59
O3 NAG G . -48.10 27.39 1.49
O4 NAG G . -48.51 25.01 -0.16
O5 NAG G . -51.41 26.74 -0.76
O6 NAG G . -51.91 24.93 1.77
O7 NAG G . -49.50 30.17 -0.41
C1 BMA G . -47.68 24.26 0.74
C2 BMA G . -47.41 22.88 0.11
C3 BMA G . -46.14 22.25 0.80
C4 BMA G . -44.97 23.20 0.74
C5 BMA G . -45.39 24.35 1.65
C6 BMA G . -44.30 25.36 2.00
O2 BMA G . -47.13 23.06 -1.26
O3 BMA G . -45.77 20.82 0.56
O4 BMA G . -43.80 22.58 1.25
O5 BMA G . -46.49 25.04 0.99
O6 BMA G . -43.62 24.85 3.15
C1 MAN G . -45.77 20.17 -0.75
C2 MAN G . -44.53 19.22 -0.75
C3 MAN G . -44.46 18.44 -2.06
C4 MAN G . -44.64 19.33 -3.34
C5 MAN G . -45.77 20.38 -3.17
C6 MAN G . -47.18 19.81 -3.35
O2 MAN G . -44.62 18.24 0.28
O3 MAN G . -45.39 17.34 -2.07
O4 MAN G . -43.42 19.98 -3.64
O5 MAN G . -45.67 21.04 -1.88
O6 MAN G . -48.11 20.89 -3.41
C1 MAN G . -43.48 25.88 4.16
C2 MAN G . -44.85 26.10 4.89
C3 MAN G . -45.07 27.58 5.23
C4 MAN G . -43.77 28.30 5.67
C5 MAN G . -42.71 28.19 4.55
C6 MAN G . -41.30 27.95 5.08
O2 MAN G . -44.92 25.39 6.13
O3 MAN G . -46.08 27.75 6.23
O4 MAN G . -44.02 29.66 5.96
O5 MAN G . -43.01 27.11 3.60
O6 MAN G . -40.40 28.05 3.98
C1 NAG H . 2.37 -29.42 45.27
C2 NAG H . 1.35 -28.29 45.44
C3 NAG H . 0.11 -28.81 46.18
C4 NAG H . -0.44 -30.07 45.51
C5 NAG H . 0.67 -31.11 45.34
C6 NAG H . 0.23 -32.34 44.58
C7 NAG H . 2.39 -26.07 45.52
C8 NAG H . 2.95 -25.00 46.40
N2 NAG H . 1.93 -27.17 46.14
O3 NAG H . -0.87 -27.78 46.22
O4 NAG H . -1.46 -30.65 46.33
O5 NAG H . 1.76 -30.52 44.60
O6 NAG H . -0.71 -32.03 43.57
O7 NAG H . 2.33 -25.96 44.29
C1 NAG H . -2.77 -30.43 45.81
C2 NAG H . -3.71 -31.46 46.44
C3 NAG H . -5.15 -31.18 46.05
C4 NAG H . -5.54 -29.75 46.40
C5 NAG H . -4.57 -28.82 45.69
C6 NAG H . -4.82 -27.35 45.97
C7 NAG H . -2.73 -33.65 46.94
C8 NAG H . -2.40 -35.01 46.40
N2 NAG H . -3.32 -32.81 46.08
O3 NAG H . -5.98 -32.16 46.67
O4 NAG H . -6.88 -29.41 46.03
O5 NAG H . -3.23 -29.10 46.11
O6 NAG H . -3.78 -26.55 45.42
O7 NAG H . -2.47 -33.33 48.09
C1 BMA H . -7.86 -29.64 47.09
C2 BMA H . -8.28 -28.32 47.93
C3 BMA H . -9.52 -27.55 47.35
C4 BMA H . -10.24 -28.29 46.18
C5 BMA H . -10.34 -29.77 46.56
C6 BMA H . -11.26 -30.56 45.66
O2 BMA H . -7.22 -27.40 48.11
O3 BMA H . -9.28 -26.12 47.13
O4 BMA H . -11.54 -27.77 45.99
O5 BMA H . -9.01 -30.36 46.47
O6 BMA H . -11.39 -31.88 46.20
C1 BMA H . -8.89 -25.74 45.79
C2 BMA H . -9.93 -24.67 45.29
C3 BMA H . -9.53 -23.24 45.75
C4 BMA H . -7.98 -22.98 45.86
C5 BMA H . -7.17 -24.05 45.12
C6 BMA H . -5.68 -23.83 45.18
O2 BMA H . -11.21 -24.94 45.81
O3 BMA H . -10.17 -22.89 46.97
O4 BMA H . -7.67 -21.69 45.34
O5 BMA H . -7.48 -25.32 45.76
O6 BMA H . -5.07 -24.57 44.13
C1 NAG I . -34.57 -10.01 -56.09
C2 NAG I . -34.57 -10.95 -54.88
C3 NAG I . -34.70 -10.14 -53.58
C4 NAG I . -33.60 -9.08 -53.50
C5 NAG I . -33.68 -8.18 -54.73
C6 NAG I . -32.56 -7.17 -54.78
C7 NAG I . -35.52 -13.18 -54.55
C8 NAG I . -36.73 -14.05 -54.73
N2 NAG I . -35.65 -11.92 -54.97
O3 NAG I . -34.60 -11.02 -52.47
O4 NAG I . -33.78 -8.27 -52.34
O5 NAG I . -33.56 -8.98 -55.92
O6 NAG I . -31.33 -7.73 -54.35
O7 NAG I . -34.49 -13.60 -54.05
C1 NAG I . -32.75 -8.51 -51.37
C2 NAG I . -32.86 -7.46 -50.25
C3 NAG I . -31.87 -7.78 -49.12
C4 NAG I . -32.04 -9.21 -48.63
C5 NAG I . -31.90 -10.17 -49.82
C6 NAG I . -32.12 -11.62 -49.47
C7 NAG I . -33.60 -5.35 -51.26
C8 NAG I . -33.18 -4.01 -51.75
N2 NAG I . -32.63 -6.13 -50.76
O3 NAG I . -32.09 -6.87 -48.04
O4 NAG I . -31.07 -9.48 -47.62
O5 NAG I . -32.88 -9.83 -50.81
O6 NAG I . -33.26 -11.79 -48.65
O7 NAG I . -34.76 -5.73 -51.32
C1 BMA I . -31.75 -9.79 -46.37
C2 BMA I . -30.71 -10.32 -45.37
C3 BMA I . -31.57 -10.81 -44.18
C4 BMA I . -32.28 -9.61 -43.52
C5 BMA I . -33.22 -8.98 -44.59
C6 BMA I . -33.92 -7.75 -44.10
O2 BMA I . -29.91 -9.23 -44.95
O3 BMA I . -30.98 -11.77 -43.21
O4 BMA I . -33.05 -10.05 -42.41
O5 BMA I . -32.43 -8.65 -45.79
O6 BMA I . -32.99 -7.00 -43.35
C1 MAN I . -29.58 -11.71 -42.92
C2 MAN I . -28.87 -12.98 -43.61
C3 MAN I . -27.70 -13.59 -42.78
C4 MAN I . -27.65 -13.17 -41.27
C5 MAN I . -29.04 -12.79 -40.79
C6 MAN I . -29.11 -12.53 -39.30
O2 MAN I . -28.32 -12.64 -44.87
O3 MAN I . -26.43 -13.35 -43.40
O4 MAN I . -27.13 -14.23 -40.48
O5 MAN I . -29.39 -11.59 -41.50
O6 MAN I . -29.07 -13.80 -38.64
C1 MAN I . -33.28 -5.59 -43.51
C2 MAN I . -32.77 -5.15 -44.91
C3 MAN I . -31.81 -3.96 -44.77
C4 MAN I . -30.67 -4.22 -43.73
C5 MAN I . -31.20 -4.96 -42.48
C6 MAN I . -30.68 -4.40 -41.18
O2 MAN I . -33.85 -4.68 -45.72
O3 MAN I . -32.50 -2.75 -44.45
O4 MAN I . -29.62 -4.95 -44.32
O5 MAN I . -32.64 -4.88 -42.46
O6 MAN I . -29.26 -4.53 -41.18
C1 NAG J . -13.22 23.19 -35.18
C2 NAG J . -11.94 23.92 -35.52
C3 NAG J . -11.52 24.82 -34.36
C4 NAG J . -12.67 25.72 -33.92
C5 NAG J . -13.95 24.92 -33.73
C6 NAG J . -15.18 25.78 -33.53
C7 NAG J . -10.33 22.90 -37.07
C8 NAG J . -9.25 21.87 -37.24
N2 NAG J . -10.88 22.98 -35.85
O3 NAG J . -10.41 25.61 -34.77
O4 NAG J . -12.31 26.29 -32.66
O5 NAG J . -14.22 24.11 -34.88
O6 NAG J . -15.63 26.34 -34.76
O7 NAG J . -10.69 23.63 -37.99
C1 NAG J . -12.24 27.74 -32.65
C2 NAG J . -11.13 28.10 -31.66
C3 NAG J . -10.98 29.62 -31.57
C4 NAG J . -10.79 30.23 -32.96
C5 NAG J . -11.91 29.77 -33.89
C6 NAG J . -11.72 30.24 -35.31
C7 NAG J . -10.58 26.62 -29.80
C8 NAG J . -11.00 26.12 -28.45
N2 NAG J . -11.39 27.52 -30.36
O3 NAG J . -9.87 29.92 -30.74
O4 NAG J . -10.81 31.65 -32.85
O5 NAG J . -11.96 28.33 -33.93
O6 NAG J . -12.53 31.37 -35.58
O7 NAG J . -9.57 26.22 -30.34
C1 NAG K . 1.60 9.08 -61.96
C2 NAG K . 1.66 7.55 -61.78
C3 NAG K . 2.36 7.20 -60.45
C4 NAG K . 3.64 8.01 -60.20
C5 NAG K . 3.41 9.49 -60.46
C6 NAG K . 4.68 10.29 -60.41
C7 NAG K . -0.04 5.82 -62.37
C8 NAG K . 1.03 5.07 -63.12
N2 NAG K . 0.33 6.98 -61.79
O3 NAG K . 2.68 5.81 -60.43
O4 NAG K . 4.16 7.84 -58.88
O5 NAG K . 2.89 9.65 -61.78
O6 NAG K . 4.89 10.94 -61.66
O7 NAG K . -1.19 5.41 -62.31
C1 NAG K . 3.19 7.69 -57.81
C2 NAG K . 3.63 6.50 -56.95
C3 NAG K . 3.24 6.71 -55.50
C4 NAG K . 4.00 7.90 -54.93
C5 NAG K . 3.82 9.14 -55.80
C6 NAG K . 5.11 9.75 -56.30
C7 NAG K . 1.90 4.80 -57.59
C8 NAG K . 1.72 3.41 -58.14
N2 NAG K . 3.17 5.20 -57.45
O3 NAG K . 3.51 5.51 -54.77
O4 NAG K . 3.51 8.21 -53.63
O5 NAG K . 2.98 8.90 -56.94
O6 NAG K . 6.10 8.77 -56.54
O7 NAG K . 0.92 5.50 -57.29
C1 BMA K . 4.32 7.71 -52.56
C2 BMA K . 4.39 8.80 -51.49
C3 BMA K . 4.79 8.14 -50.11
C4 BMA K . 3.86 6.98 -49.78
C5 BMA K . 4.20 5.95 -50.85
C6 BMA K . 3.61 4.56 -50.61
O2 BMA K . 3.10 9.35 -51.35
O3 BMA K . 5.15 8.95 -48.92
O4 BMA K . 4.14 6.47 -48.50
O5 BMA K . 3.75 6.47 -52.13
O6 BMA K . 4.53 3.83 -49.81
C1 MAN K . 4.46 10.19 -48.54
C2 MAN K . 4.54 10.25 -46.99
C3 MAN K . 3.87 11.53 -46.47
C4 MAN K . 2.46 11.79 -47.12
C5 MAN K . 2.44 11.54 -48.64
C6 MAN K . 3.07 12.67 -49.47
O2 MAN K . 5.89 10.31 -46.53
O3 MAN K . 4.71 12.67 -46.60
O4 MAN K . 1.49 10.96 -46.49
O5 MAN K . 3.10 10.29 -48.95
O6 MAN K . 2.71 12.49 -50.83
C1 MAN K . 4.79 2.51 -50.37
C2 MAN K . 5.71 2.64 -51.63
C3 MAN K . 5.31 1.60 -52.72
C4 MAN K . 4.90 0.24 -52.11
C5 MAN K . 3.70 0.45 -51.14
C6 MAN K . 3.77 -0.43 -49.91
O2 MAN K . 7.09 2.39 -51.32
O3 MAN K . 6.36 1.41 -53.66
O4 MAN K . 4.53 -0.65 -53.14
O5 MAN K . 3.58 1.85 -50.70
O6 MAN K . 2.56 -0.27 -49.18
C1 NAG L . 50.25 -9.09 17.69
C2 NAG L . 50.22 -9.42 16.20
C3 NAG L . 51.49 -8.93 15.53
C4 NAG L . 51.74 -7.45 15.83
C5 NAG L . 51.70 -7.22 17.35
C6 NAG L . 51.83 -5.76 17.74
C7 NAG L . 48.87 -11.42 15.74
C8 NAG L . 48.88 -12.91 15.54
N2 NAG L . 50.05 -10.85 15.99
O3 NAG L . 51.39 -9.13 14.13
O4 NAG L . 53.03 -7.06 15.37
O5 NAG L . 50.43 -7.68 17.86
O6 NAG L . 51.05 -4.92 16.90
O7 NAG L . 47.83 -10.76 15.66
C1 NAG L . 52.94 -6.24 14.19
C2 NAG L . 54.25 -5.49 14.02
C3 NAG L . 54.27 -4.72 12.69
C4 NAG L . 53.99 -5.68 11.53
C5 NAG L . 52.63 -6.34 11.79
C6 NAG L . 52.22 -7.33 10.73
C7 NAG L . 55.32 -4.87 16.13
C8 NAG L . 55.44 -3.82 17.20
N2 NAG L . 54.48 -4.58 15.14
O3 NAG L . 55.52 -4.05 12.59
O4 NAG L . 53.95 -5.03 10.26
O5 NAG L . 52.68 -7.05 13.03
O6 NAG L . 51.08 -8.06 11.13
O7 NAG L . 55.95 -5.92 16.18
C1 BMA L . 55.24 -5.02 9.57
C2 BMA L . 55.40 -6.17 8.43
C3 BMA L . 54.92 -5.70 7.00
C4 BMA L . 54.57 -4.19 6.90
C5 BMA L . 55.64 -3.41 7.66
C6 BMA L . 55.60 -1.92 7.42
O2 BMA L . 54.76 -7.39 8.75
O3 BMA L . 53.96 -6.62 6.36
O4 BMA L . 54.54 -3.77 5.56
O5 BMA L . 55.49 -3.64 9.09
O6 BMA L . 56.70 -1.33 8.10
C1 BMA L . 52.56 -6.29 6.54
C2 BMA L . 51.96 -6.17 5.11
C3 BMA L . 51.60 -7.57 4.58
C4 BMA L . 50.82 -8.48 5.60
C5 BMA L . 50.62 -7.79 6.97
C6 BMA L . 50.09 -8.72 8.03
O2 BMA L . 52.90 -5.60 4.21
O3 BMA L . 52.76 -8.26 4.11
O4 BMA L . 49.56 -8.85 5.05
O5 BMA L . 51.92 -7.28 7.39
O6 BMA L . 49.43 -7.96 9.02
N KAI M . 10.97 16.60 27.30
CD KAI M . 10.35 17.04 28.58
CD1 KAI M . 8.65 17.07 30.85
CD2 KAI M . 6.69 16.20 29.62
CA KAI M . 10.01 15.74 26.56
CB KAI M . 9.05 15.27 27.67
CB1 KAI M . 9.52 14.07 28.49
CG KAI M . 8.89 16.61 28.43
CG1 KAI M . 9.04 12.69 28.06
CG2 KAI M . 8.12 16.64 29.71
C KAI M . 9.36 16.58 25.50
O KAI M . 9.27 17.80 25.71
OD1 KAI M . 8.91 11.84 28.95
OD2 KAI M . 8.84 12.48 26.85
OXT KAI M . 8.97 15.97 24.50
N POV N . 22.21 -10.66 58.08
P POV N . 24.45 -14.38 60.07
C1 POV N . 25.51 -15.31 62.35
C2 POV N . 25.56 -16.63 63.13
C3 POV N . 26.61 -16.57 64.24
C210 POV N . 30.15 -24.73 63.75
C310 POV N . 36.26 -26.20 67.23
C11 POV N . 22.53 -12.58 59.70
O11 POV N . 24.48 -15.42 61.37
C211 POV N . 30.74 -26.11 64.06
C311 POV N . 36.60 -25.92 68.72
C12 POV N . 22.49 -12.13 58.21
O12 POV N . 22.87 -13.96 59.75
C212 POV N . 31.95 -26.47 63.15
C312 POV N . 37.95 -26.56 69.15
C13 POV N . 23.33 -9.92 58.71
O13 POV N . 25.24 -13.13 60.39
C213 POV N . 32.39 -27.93 63.32
C313 POV N . 37.89 -27.28 70.53
C14 POV N . 20.96 -10.12 58.66
O14 POV N . 25.03 -15.07 58.86
C214 POV N . 33.84 -28.17 62.85
C314 POV N . 38.91 -28.44 70.63
C15 POV N . 22.16 -10.39 56.63
C215 POV N . 34.10 -27.64 61.42
C315 POV N . 38.80 -29.24 71.94
C216 POV N . 33.37 -28.46 60.34
C316 POV N . 39.82 -30.39 72.03
C217 POV N . 33.81 -28.08 58.91
C218 POV N . 32.75 -28.45 57.85
C21 POV N . 24.77 -18.51 61.92
O21 POV N . 25.87 -17.66 62.24
C22 POV N . 24.60 -19.06 60.48
O22 POV N . 23.98 -18.79 62.76
C23 POV N . 24.48 -20.59 60.48
C24 POV N . 25.61 -21.27 61.31
C25 POV N . 25.07 -21.99 62.57
C26 POV N . 26.01 -21.79 63.78
C27 POV N . 26.73 -23.10 64.19
C28 POV N . 28.24 -23.09 63.82
C29 POV N . 28.89 -24.46 64.11
C31 POV N . 28.33 -18.08 64.91
O31 POV N . 26.97 -17.89 64.58
C32 POV N . 28.90 -19.51 65.02
O32 POV N . 29.03 -17.15 65.11
C33 POV N . 30.41 -19.55 65.38
C34 POV N . 31.04 -20.93 65.03
C35 POV N . 32.37 -21.20 65.78
C36 POV N . 32.76 -22.70 65.74
C37 POV N . 34.15 -22.98 66.37
C38 POV N . 34.38 -24.47 66.70
C39 POV N . 35.86 -24.92 66.45
N POV O . 16.64 -24.68 62.83
P POV O . 19.11 -20.66 63.70
C1 POV O . 21.42 -20.15 64.89
C2 POV O . 21.80 -18.71 65.24
C3 POV O . 21.68 -18.53 66.75
C210 POV O . 29.93 -14.62 67.95
C310 POV O . 32.14 -25.82 69.97
C11 POV O . 17.76 -22.89 64.19
O11 POV O . 20.70 -20.16 63.67
C211 POV O . 30.29 -16.12 67.99
C311 POV O . 32.05 -27.36 70.07
C12 POV O . 17.81 -24.37 63.72
O12 POV O . 19.05 -22.29 64.06
C212 POV O . 31.58 -16.41 68.79
C312 POV O . 33.21 -28.05 69.33
C13 POV O . 16.47 -26.15 62.85
O13 POV O . 18.35 -19.88 64.77
C213 POV O . 31.70 -17.90 69.17
C313 POV O . 33.20 -29.59 69.54
C14 POV O . 15.31 -24.09 63.11
O14 POV O . 18.48 -20.42 62.35
C214 POV O . 33.18 -18.35 69.30
C314 POV O . 34.51 -30.08 70.21
C15 POV O . 17.02 -24.22 61.48
C215 POV O . 33.32 -19.65 70.11
C315 POV O . 34.25 -30.83 71.53
C216 POV O . 34.61 -20.42 69.73
C316 POV O . 34.81 -32.26 71.49
C217 POV O . 35.10 -21.36 70.85
C218 POV O . 33.96 -22.26 71.39
C21 POV O . 21.00 -16.46 64.90
O21 POV O . 20.96 -17.83 64.53
C22 POV O . 22.23 -15.59 64.54
O22 POV O . 20.08 -15.96 65.46
C23 POV O . 22.53 -14.52 65.62
C24 POV O . 23.98 -14.63 66.18
C25 POV O . 24.73 -13.27 66.16
C26 POV O . 26.02 -13.28 67.05
C27 POV O . 27.16 -12.46 66.42
C28 POV O . 28.53 -12.69 67.13
C29 POV O . 28.90 -14.20 67.18
C31 POV O . 23.72 -19.41 67.61
O31 POV O . 22.97 -18.27 67.27
C32 POV O . 25.24 -19.29 67.84
O32 POV O . 23.19 -20.47 67.72
C33 POV O . 25.96 -20.64 67.68
C34 POV O . 26.91 -20.97 68.86
C35 POV O . 28.38 -21.02 68.42
C36 POV O . 29.25 -21.91 69.34
C37 POV O . 29.23 -23.40 68.90
C38 POV O . 30.64 -24.04 68.93
C39 POV O . 30.75 -25.14 70.01
N POV P . 30.58 -4.44 56.03
P POV P . 34.18 -4.64 59.10
C1 POV P . 34.75 -7.01 60.14
C2 POV P . 35.07 -7.48 61.56
C3 POV P . 34.75 -6.39 62.59
C210 POV P . 43.24 -11.16 65.52
C310 POV P . 35.43 -11.24 71.31
C11 POV P . 32.87 -5.11 56.85
O11 POV P . 35.18 -5.66 59.94
C211 POV P . 44.65 -11.62 65.96
C311 POV P . 34.05 -11.78 71.75
C12 POV P . 31.71 -4.06 56.93
O12 POV P . 33.15 -5.55 58.17
C212 POV P . 44.55 -12.54 67.21
C312 POV P . 34.09 -12.46 73.14
C13 POV P . 29.70 -3.26 55.95
O13 POV P . 35.02 -3.73 58.21
C213 POV P . 45.94 -12.98 67.75
C313 POV P . 32.91 -13.43 73.36
C14 POV P . 30.84 -4.88 54.64
O14 POV P . 33.39 -3.80 60.07
C214 POV P . 46.18 -12.49 69.20
C314 POV P . 33.36 -14.91 73.49
C15 POV P . 29.89 -5.57 56.71
C215 POV P . 44.93 -12.66 70.11
C315 POV P . 34.12 -15.17 74.81
C216 POV P . 45.27 -12.50 71.62
C316 POV P . 34.33 -16.67 75.07
C217 POV P . 44.04 -12.77 72.52
C218 POV P . 42.86 -11.85 72.18
C21 POV P . 37.46 -7.05 61.97
O21 POV P . 36.41 -7.96 61.64
C22 POV P . 38.28 -7.30 63.26
O22 POV P . 37.72 -6.12 61.28
C23 POV P . 39.54 -8.19 63.09
C24 POV P . 40.20 -8.15 61.69
C25 POV P . 41.65 -7.56 61.72
C26 POV P . 42.46 -7.98 62.97
C27 POV P . 43.78 -8.72 62.62
C28 POV P . 44.26 -9.66 63.76
C29 POV P . 43.07 -10.27 64.54
C31 POV P . 32.51 -6.00 63.28
O31 POV P . 33.49 -5.82 62.29
C32 POV P . 32.81 -5.61 64.75
O32 POV P . 31.44 -6.44 63.00
C33 POV P . 32.24 -6.64 65.75
C34 POV P . 33.19 -6.89 66.94
C35 POV P . 32.74 -8.10 67.80
C36 POV P . 33.71 -8.39 68.98
C37 POV P . 35.17 -8.62 68.51
C38 POV P . 35.99 -9.37 69.60
C39 POV P . 35.45 -10.81 69.82
N POV Q . 43.16 -40.22 84.09
P POV Q . 46.48 -36.84 83.43
C1 POV Q . 45.18 -34.54 83.71
C2 POV Q . 44.30 -34.24 82.49
C3 POV Q . 44.15 -32.73 82.31
C210 POV Q . 36.50 -31.37 78.54
C310 POV Q . 37.16 -23.96 83.86
C11 POV Q . 45.45 -39.28 83.60
O11 POV Q . 45.17 -35.95 83.92
C211 POV Q . 35.70 -31.78 77.29
C311 POV Q . 36.43 -23.14 82.76
C12 POV Q . 44.11 -39.81 83.00
O12 POV Q . 45.93 -38.25 82.73
C212 POV Q . 36.22 -31.07 76.02
C312 POV Q . 37.06 -21.74 82.56
C13 POV Q . 42.74 -38.99 84.80
O13 POV Q . 47.27 -36.05 82.41
C213 POV Q . 35.97 -29.54 76.06
C313 POV Q . 36.09 -20.74 81.88
C14 POV Q . 43.61 -41.18 85.13
O14 POV Q . 47.35 -37.15 84.63
C214 POV Q . 35.77 -28.95 74.63
C314 POV Q . 35.33 -21.35 80.68
C15 POV Q . 42.00 -40.84 83.41
C215 POV Q . 34.78 -27.75 74.66
C315 POV Q . 34.23 -20.40 80.14
C216 POV Q . 35.51 -26.41 74.87
C316 POV Q . 34.78 -19.02 79.75
C217 POV Q . 36.14 -25.89 73.56
C218 POV Q . 35.09 -25.67 72.46
C21 POV Q . 42.76 -35.95 81.87
O21 POV Q . 43.03 -34.81 82.69
C22 POV Q . 41.30 -36.39 81.61
O22 POV Q . 43.66 -36.57 81.40
C23 POV Q . 40.30 -35.56 82.44
C24 POV Q . 39.85 -34.27 81.69
C25 POV Q . 38.56 -33.67 82.30
C26 POV Q . 37.25 -34.21 81.67
C27 POV Q . 37.41 -34.69 80.20
C28 POV Q . 36.63 -33.79 79.20
C29 POV Q . 36.93 -32.29 79.41
C31 POV Q . 42.19 -31.44 82.62
O31 POV Q . 42.82 -32.47 81.91
C32 POV Q . 42.02 -31.55 84.14
O32 POV Q . 41.78 -30.49 82.04
C33 POV Q . 41.06 -30.47 84.70
C34 POV Q . 41.82 -29.16 85.07
C35 POV Q . 40.86 -28.03 85.51
C36 POV Q . 40.46 -27.11 84.33
C37 POV Q . 39.04 -27.42 83.80
C38 POV Q . 38.02 -26.35 84.27
C39 POV Q . 37.92 -25.17 83.27
C1 NAG R . -32.53 82.27 -1.20
C2 NAG R . -31.63 83.31 -0.51
C3 NAG R . -30.16 83.02 -0.75
C4 NAG R . -29.87 81.54 -0.54
C5 NAG R . -30.53 80.76 -1.67
C6 NAG R . -30.95 79.37 -1.27
C7 NAG R . -32.65 85.56 -0.24
C8 NAG R . -33.11 85.12 1.13
N2 NAG R . -31.95 84.66 -0.96
O3 NAG R . -29.37 83.79 0.15
O4 NAG R . -28.47 81.31 -0.57
O5 NAG R . -31.70 81.45 -2.16
O6 NAG R . -31.72 78.75 -2.29
O7 NAG R . -32.89 86.67 -0.68
C1 NAG S . -39.34 90.15 -12.75
C2 NAG S . -39.44 91.25 -13.83
C3 NAG S . -38.16 91.29 -14.68
C4 NAG S . -36.92 91.37 -13.80
C5 NAG S . -36.92 90.21 -12.82
C6 NAG S . -35.75 90.23 -11.87
C7 NAG S . -41.77 91.66 -14.46
C8 NAG S . -42.87 91.35 -15.45
N2 NAG S . -40.60 91.06 -14.68
O3 NAG S . -38.21 92.42 -15.55
O4 NAG S . -35.75 91.30 -14.60
O5 NAG S . -38.12 90.29 -12.02
O6 NAG S . -35.37 88.91 -11.51
O7 NAG S . -41.95 92.43 -13.52
C1 NAG T . -15.81 44.38 11.50
C2 NAG T . -14.86 43.51 10.66
C3 NAG T . -13.44 43.66 11.16
C4 NAG T . -12.97 45.08 10.93
C5 NAG T . -13.90 46.07 11.65
C6 NAG T . -14.43 47.16 10.76
C7 NAG T . -15.55 41.38 9.60
C8 NAG T . -15.39 42.06 8.26
N2 NAG T . -15.28 42.12 10.69
O3 NAG T . -12.59 42.76 10.46
O4 NAG T . -11.64 45.24 11.43
O5 NAG T . -15.04 45.42 12.27
O6 NAG T . -15.36 47.99 11.44
O7 NAG T . -15.89 40.21 9.70
C1 NAG U . -11.04 59.64 -5.38
C2 NAG U . -10.85 60.62 -6.56
C3 NAG U . -9.53 61.39 -6.43
C4 NAG U . -9.42 62.03 -5.05
C5 NAG U . -9.65 60.99 -3.96
C6 NAG U . -9.64 61.58 -2.57
C7 NAG U . -10.19 58.97 -8.35
C8 NAG U . -10.56 58.49 -9.72
N2 NAG U . -10.96 59.97 -7.86
O3 NAG U . -9.45 62.38 -7.44
O4 NAG U . -8.13 62.61 -4.88
O5 NAG U . -10.93 60.36 -4.15
O6 NAG U . -8.43 62.26 -2.30
O7 NAG U . -9.25 58.48 -7.73
C1 NAG V . 15.53 -2.82 49.08
C2 NAG V . 15.59 -1.32 49.37
C3 NAG V . 14.27 -0.85 49.96
C4 NAG V . 13.09 -1.26 49.07
C5 NAG V . 13.16 -2.76 48.75
C6 NAG V . 12.11 -3.20 47.75
C7 NAG V . 17.76 -0.24 49.91
C8 NAG V . 17.77 0.29 48.50
N2 NAG V . 16.69 -0.99 50.26
O3 NAG V . 14.28 0.56 50.12
O4 NAG V . 11.86 -0.98 49.72
O5 NAG V . 14.44 -3.09 48.19
O6 NAG V . 12.70 -3.81 46.62
O7 NAG V . 18.66 0.01 50.71
C1 NAG W . 17.71 5.34 47.84
C2 NAG W . 18.66 6.25 48.64
C3 NAG W . 18.83 5.74 50.07
C4 NAG W . 17.46 5.54 50.73
C5 NAG W . 16.60 4.62 49.85
C6 NAG W . 15.20 4.45 50.40
C7 NAG W . 20.72 7.44 48.01
C8 NAG W . 22.02 7.36 47.28
N2 NAG W . 19.96 6.34 47.99
O3 NAG W . 19.57 6.68 50.83
O4 NAG W . 17.63 4.95 52.01
O5 NAG W . 16.47 5.19 48.55
O6 NAG W . 14.34 3.90 49.40
O7 NAG W . 20.35 8.47 48.59
N POV X . 15.29 -44.66 55.50
P POV X . 18.11 -47.20 53.51
C1 POV X . 20.25 -48.71 53.91
C2 POV X . 21.58 -49.02 53.22
C3 POV X . 22.70 -48.18 53.85
C210 POV X . 29.61 -51.45 50.44
C310 POV X . 35.57 -50.03 57.63
C11 POV X . 17.56 -45.74 55.63
O11 POV X . 19.73 -47.51 53.38
C211 POV X . 30.30 -51.70 51.80
C311 POV X . 36.77 -49.37 58.36
C12 POV X . 16.16 -45.60 56.29
O12 POV X . 17.71 -47.06 55.12
C212 POV X . 31.85 -51.65 51.70
C312 POV X . 38.12 -49.82 57.76
C13 POV X . 14.22 -44.21 56.40
O13 POV X . 17.34 -48.36 52.90
C213 POV X . 32.48 -51.10 53.00
C313 POV X . 39.29 -49.64 58.75
C14 POV X . 15.88 -43.43 54.91
O14 POV X . 17.75 -45.93 52.79
C214 POV X . 33.77 -51.85 53.41
C314 POV X . 40.41 -50.68 58.52
C15 POV X . 14.74 -45.44 54.38
C215 POV X . 34.94 -51.66 52.40
C315 POV X . 40.34 -51.84 59.53
C216 POV X . 36.30 -51.49 53.11
C316 POV X . 41.70 -52.54 59.67
C217 POV X . 37.44 -51.16 52.11
C218 POV X . 38.03 -49.76 52.33
C21 POV X . 20.78 -49.71 51.11
O21 POV X . 21.49 -48.72 51.85
C22 POV X . 21.42 -51.10 50.88
O22 POV X . 19.71 -49.45 50.66
C23 POV X . 21.87 -51.31 49.41
C24 POV X . 23.39 -51.62 49.29
C25 POV X . 23.85 -51.71 47.81
C26 POV X . 25.40 -51.69 47.61
C27 POV X . 26.21 -52.15 48.86
C28 POV X . 27.64 -51.58 48.88
C29 POV X . 28.34 -51.83 50.25
C31 POV X . 24.71 -48.86 54.89
O31 POV X . 23.88 -48.92 53.76
C32 POV X . 26.11 -49.49 54.86
O32 POV X . 24.33 -48.32 55.88
C33 POV X . 27.06 -48.80 55.85
C34 POV X . 28.47 -49.44 55.84
C35 POV X . 29.16 -49.32 57.22
C36 POV X . 30.44 -50.19 57.30
C37 POV X . 31.72 -49.32 57.42
C38 POV X . 33.01 -50.17 57.51
C39 POV X . 34.23 -49.31 57.94
N POV Y . 49.59 -58.70 70.03
P POV Y . 46.47 -60.44 66.63
C1 POV Y . 45.17 -60.41 64.31
C2 POV Y . 43.67 -60.68 64.49
C3 POV Y . 42.86 -60.08 63.31
C210 POV Y . 34.41 -60.30 64.96
C310 POV Y . 35.79 -54.20 57.97
C11 POV Y . 47.50 -59.43 68.87
O11 POV Y . 45.62 -59.67 65.44
C211 POV Y . 32.97 -60.83 65.14
C311 POV Y . 34.98 -53.58 56.81
C12 POV Y . 48.34 -58.22 69.36
O12 POV Y . 47.33 -59.28 67.46
C212 POV Y . 32.00 -60.13 64.14
C312 POV Y . 34.15 -54.65 56.03
C13 POV Y . 50.44 -57.51 70.26
O13 POV Y . 45.51 -61.14 67.58
C213 POV Y . 30.52 -60.46 64.45
C313 POV Y . 32.62 -54.36 56.07
C14 POV Y . 50.43 -59.71 69.33
O14 POV Y . 47.41 -61.46 66.02
C214 POV Y . 29.62 -59.20 64.33
C314 POV Y . 31.78 -55.66 56.12
C15 POV Y . 49.17 -59.31 71.31
C215 POV Y . 29.49 -58.68 62.88
C315 POV Y . 30.33 -55.43 55.64
C216 POV Y . 28.45 -57.54 62.77
C316 POV Y . 29.59 -54.33 56.42
C217 POV Y . 27.71 -57.50 61.42
C218 POV Y . 26.39 -56.72 61.51
C21 POV Y . 42.61 -58.97 65.89
O21 POV Y . 43.25 -60.22 65.75
C22 POV Y . 41.10 -58.94 66.29
O22 POV Y . 43.20 -57.95 65.73
C23 POV Y . 40.65 -60.33 66.77
C24 POV Y . 40.06 -61.19 65.63
C25 POV Y . 38.69 -61.80 66.03
C26 POV Y . 37.68 -60.73 66.52
C27 POV Y . 37.27 -59.77 65.36
C28 POV Y . 36.75 -60.54 64.12
C29 POV Y . 35.31 -61.06 64.30
C31 POV Y . 43.05 -59.85 60.99
O31 POV Y . 43.72 -59.82 62.23
C32 POV Y . 42.11 -58.69 60.61
O32 POV Y . 43.23 -60.76 60.23
C33 POV Y . 41.16 -59.07 59.45
C34 POV Y . 41.30 -58.11 58.25
C35 POV Y . 41.08 -56.63 58.65
C36 POV Y . 40.06 -55.93 57.73
C37 POV Y . 38.66 -56.58 57.83
C38 POV Y . 37.58 -55.81 57.03
C39 POV Y . 37.30 -54.41 57.61
CAG 2J9 Z . 18.13 9.03 13.12
CAH 2J9 Z . 18.67 8.89 14.50
CAN 2J9 Z . 18.78 10.19 13.78
NAO 2J9 Z . 17.95 11.30 14.20
CAI 2J9 Z . 16.62 11.45 13.64
NAJ 2J9 Z . 16.54 12.78 13.06
SAP 2J9 Z . 16.49 13.92 14.21
OAA 2J9 Z . 15.29 13.71 14.96
OAB 2J9 Z . 16.70 15.20 13.63
CAM 2J9 Z . 17.86 13.52 15.21
CAL 2J9 Z . 18.45 12.24 15.11
CAE 2J9 Z . 19.55 11.95 15.92
CAD 2J9 Z . 20.04 12.87 16.81
CAK 2J9 Z . 19.44 14.09 16.87
FAC 2J9 Z . 19.92 15.03 17.74
CAF 2J9 Z . 18.37 14.44 16.09
CAG 2J9 AA . 0.26 -22.40 8.63
CAH 2J9 AA . 1.25 -23.39 9.16
CAN 2J9 AA . 0.00 -23.86 8.51
NAO 2J9 AA . 0.07 -24.46 7.18
CAI 2J9 AA . -0.01 -23.62 6.00
NAJ 2J9 AA . -1.11 -24.10 5.19
SAP 2J9 AA . -0.77 -25.52 4.51
OAA 2J9 AA . 0.28 -25.33 3.57
OAB 2J9 AA . -1.98 -26.12 4.02
CAM 2J9 AA . -0.19 -26.47 5.84
CAL 2J9 AA . 0.18 -25.84 7.05
CAE 2J9 AA . 0.65 -26.63 8.11
CAD 2J9 AA . 0.76 -27.99 7.98
CAK 2J9 AA . 0.39 -28.56 6.79
FAC 2J9 AA . 0.50 -29.91 6.64
CAF 2J9 AA . -0.08 -27.84 5.73
N KAI BA . -10.92 -26.61 20.11
CD KAI BA . -11.18 -26.00 21.44
CD1 KAI BA . -12.75 -25.19 23.78
CD2 KAI BA . -14.57 -26.79 23.25
CA KAI BA . -11.54 -27.95 20.10
CB KAI BA . -12.56 -27.94 21.24
CB1 KAI BA . -12.30 -28.97 22.34
CG KAI BA . -12.63 -26.44 21.65
CG1 KAI BA . -10.94 -29.24 23.01
CG2 KAI BA . -13.27 -26.10 22.95
C KAI BA . -12.14 -28.17 18.75
O KAI BA . -11.65 -27.49 17.85
OD1 KAI BA . -10.35 -28.28 23.55
OD2 KAI BA . -10.53 -30.42 23.01
OXT KAI BA . -13.09 -28.96 18.66
N POV CA . 19.04 -40.52 43.95
P POV CA . 21.49 -44.12 44.62
C1 POV CA . 22.24 -46.09 43.03
C2 POV CA . 23.48 -46.70 43.68
C3 POV CA . 23.07 -47.52 44.90
C210 POV CA . 33.56 -47.34 48.66
C310 POV CA . 30.70 -47.15 52.53
C11 POV CA . 19.81 -42.32 45.70
O11 POV CA . 21.36 -45.68 44.08
C211 POV CA . 34.98 -47.18 49.24
C311 POV CA . 31.30 -46.35 53.71
C12 POV CA . 20.15 -41.07 44.82
O12 POV CA . 19.97 -43.51 44.92
C212 POV CA . 35.45 -45.72 49.12
C312 POV CA . 32.84 -46.40 53.68
C13 POV CA . 19.05 -41.28 42.68
O13 POV CA . 22.31 -44.11 45.89
C213 POV CA . 36.21 -45.31 50.40
C313 POV CA . 33.36 -47.68 54.36
C14 POV CA . 19.13 -39.09 43.56
O14 POV CA . 22.20 -43.29 43.56
C214 POV CA . 36.62 -43.82 50.44
C314 POV CA . 34.67 -48.17 53.73
C15 POV CA . 17.73 -40.66 44.63
C215 POV CA . 36.78 -43.14 49.06
C315 POV CA . 35.86 -47.26 54.08
C216 POV CA . 36.36 -41.66 49.14
C316 POV CA . 35.97 -46.96 55.59
C217 POV CA . 37.01 -40.81 48.03
C218 POV CA . 36.65 -41.36 46.64
C21 POV CA . 25.63 -45.71 43.47
O21 POV CA . 24.35 -45.68 44.09
C22 POV CA . 26.58 -46.90 43.72
O22 POV CA . 25.96 -44.81 42.76
C23 POV CA . 26.89 -47.15 45.21
C24 POV CA . 28.17 -48.00 45.38
C25 POV CA . 29.08 -47.46 46.51
C26 POV CA . 30.19 -48.49 46.86
C27 POV CA . 30.82 -48.21 48.25
C28 POV CA . 31.16 -46.71 48.48
C29 POV CA . 32.58 -46.54 49.08
C31 POV CA . 22.71 -47.09 47.19
O31 POV CA . 23.47 -46.80 46.05
C32 POV CA . 23.29 -48.04 48.26
O32 POV CA . 21.62 -46.63 47.32
C33 POV CA . 24.84 -48.03 48.22
C34 POV CA . 25.49 -48.53 49.53
C35 POV CA . 24.93 -47.81 50.78
C36 POV CA . 26.06 -47.40 51.75
C37 POV CA . 27.17 -46.56 51.06
C38 POV CA . 28.54 -47.26 51.18
C39 POV CA . 29.59 -46.34 51.83
N POV DA . 13.41 -35.59 51.41
P POV DA . 13.90 -34.90 56.38
C1 POV DA . 15.11 -37.01 57.42
C2 POV DA . 16.27 -37.35 58.35
C3 POV DA . 16.18 -38.84 58.71
C210 POV DA . 25.27 -40.44 65.07
C310 POV DA . 21.60 -49.13 61.36
C11 POV DA . 13.71 -35.76 53.90
O11 POV DA . 15.21 -35.63 57.08
C211 POV DA . 25.67 -40.28 66.55
C311 POV DA . 21.63 -49.73 59.94
C12 POV DA . 14.42 -35.57 52.52
O12 POV DA . 14.20 -34.74 54.76
C212 POV DA . 26.43 -41.53 67.09
C312 POV DA . 21.88 -51.26 59.95
C13 POV DA . 13.04 -37.00 51.21
O13 POV DA . 12.66 -35.75 56.59
C213 POV DA . 25.55 -42.42 67.98
C313 POV DA . 23.09 -51.65 60.83
C14 POV DA . 12.13 -34.84 51.56
O14 POV DA . 13.69 -33.53 57.00
C214 POV DA . 25.80 -43.93 67.74
C314 POV DA . 23.87 -52.86 60.25
C15 POV DA . 14.09 -35.01 50.23
C215 POV DA . 24.77 -44.85 68.45
C315 POV DA . 25.39 -52.60 60.17
C216 POV DA . 23.83 -45.55 67.44
C316 POV DA . 26.01 -53.21 58.89
C217 POV DA . 22.63 -44.66 67.02
C218 POV DA . 21.81 -45.28 65.88
C21 POV DA . 16.99 -36.86 60.60
O21 POV DA . 16.19 -36.52 59.48
C22 POV DA . 18.54 -36.71 60.56
O22 POV DA . 16.46 -37.27 61.59
C23 POV DA . 19.26 -38.05 60.87
C24 POV DA . 20.66 -37.82 61.48
C25 POV DA . 20.64 -37.85 63.03
C26 POV DA . 21.88 -38.57 63.61
C27 POV DA . 22.75 -37.61 64.48
C28 POV DA . 23.84 -38.38 65.29
C29 POV DA . 24.42 -39.57 64.49
C31 POV DA . 18.04 -40.26 58.34
O31 POV DA . 16.95 -39.57 57.78
C32 POV DA . 17.78 -41.50 59.21
O32 POV DA . 19.15 -39.90 58.14
C33 POV DA . 18.89 -41.76 60.26
C34 POV DA . 18.54 -42.92 61.22
C35 POV DA . 19.81 -43.60 61.80
C36 POV DA . 19.71 -45.15 61.81
C37 POV DA . 19.74 -45.75 60.39
C38 POV DA . 20.72 -46.95 60.27
C39 POV DA . 20.62 -47.92 61.48
C1 NAG EA . -75.18 22.58 -25.31
C2 NAG EA . -74.64 21.59 -26.33
C3 NAG EA . -75.18 20.20 -26.04
C4 NAG EA . -74.88 19.79 -24.59
C5 NAG EA . -75.33 20.88 -23.62
C6 NAG EA . -74.89 20.62 -22.20
C7 NAG EA . -74.07 22.62 -28.49
C8 NAG EA . -74.57 22.96 -29.87
N2 NAG EA . -74.95 21.99 -27.70
O3 NAG EA . -74.62 19.25 -26.94
O4 NAG EA . -75.55 18.58 -24.28
O5 NAG EA . -74.79 22.16 -23.99
O6 NAG EA . -73.96 19.54 -22.13
O7 NAG EA . -72.94 22.88 -28.13
C1 NAG FA . -88.25 30.28 -19.88
C2 NAG FA . -87.46 29.99 -18.57
C3 NAG FA . -88.40 29.79 -17.36
C4 NAG FA . -89.47 30.87 -17.29
C5 NAG FA . -90.17 31.02 -18.65
C6 NAG FA . -91.21 32.12 -18.67
C7 NAG FA . -86.37 27.64 -18.88
C8 NAG FA . -87.66 26.91 -19.20
N2 NAG FA . -86.39 28.99 -18.65
O3 NAG FA . -87.64 29.79 -16.15
O4 NAG FA . -90.45 30.50 -16.32
O5 NAG FA . -89.20 31.34 -19.66
O6 NAG FA . -90.76 33.25 -19.40
O7 NAG FA . -85.31 27.03 -18.85
C1 NAG GA . -51.91 7.95 -10.35
C2 NAG GA . -52.62 7.74 -9.02
C3 NAG GA . -53.74 6.70 -9.16
C4 NAG GA . -53.33 5.53 -10.04
C5 NAG GA . -52.81 6.01 -11.39
C6 NAG GA . -53.69 5.62 -12.54
C7 NAG GA . -51.75 7.82 -6.74
C8 NAG GA . -50.70 7.32 -5.79
N2 NAG GA . -51.69 7.34 -7.98
O3 NAG GA . -54.90 7.34 -9.71
O4 NAG GA . -52.32 4.77 -9.39
O5 NAG GA . -52.71 7.45 -11.41
O6 NAG GA . -54.97 5.21 -12.09
O7 NAG GA . -52.61 8.61 -6.38
C1 NAG HA . 2.35 -22.47 41.48
C2 NAG HA . 1.93 -21.00 41.54
C3 NAG HA . 1.98 -20.51 42.98
C4 NAG HA . 0.91 -21.22 43.79
C5 NAG HA . 1.08 -22.74 43.70
C6 NAG HA . -0.17 -23.46 43.21
C7 NAG HA . 2.29 -19.53 39.62
C8 NAG HA . 3.29 -18.73 38.84
N2 NAG HA . 2.77 -20.18 40.69
O3 NAG HA . 1.78 -19.11 43.02
O4 NAG HA . 1.00 -20.83 45.15
O5 NAG HA . 2.17 -23.13 42.82
O6 NAG HA . -0.98 -22.60 42.43
O7 NAG HA . 1.12 -19.60 39.29
CAG 2J9 IA . -1.01 -35.60 9.76
CAH 2J9 IA . -1.62 -36.48 8.72
CAN 2J9 IA . -1.51 -35.01 8.50
NAO 2J9 IA . -2.73 -34.22 8.53
CAI 2J9 IA . -3.98 -34.90 8.21
NAJ 2J9 IA . -4.77 -34.05 7.33
SAP 2J9 IA . -5.27 -32.71 8.09
OAA 2J9 IA . -6.12 -33.12 9.15
OAB 2J9 IA . -5.79 -31.80 7.13
CAM 2J9 IA . -3.80 -32.06 8.75
CAL 2J9 IA . -2.67 -32.89 8.90
CAE 2J9 IA . -1.49 -32.37 9.43
CAD 2J9 IA . -1.42 -31.05 9.80
CAK 2J9 IA . -2.54 -30.27 9.64
FAC 2J9 IA . -2.46 -28.97 10.01
CAF 2J9 IA . -3.71 -30.74 9.12
N KAI JA . 10.37 -32.16 -1.90
CD KAI JA . 11.36 -32.93 -2.72
CD1 KAI JA . 13.74 -33.48 -4.17
CD2 KAI JA . 13.74 -31.30 -5.33
CA KAI JA . 10.53 -30.71 -2.18
CB KAI JA . 11.95 -30.62 -2.75
CB1 KAI JA . 13.07 -30.57 -1.71
CG KAI JA . 11.93 -31.86 -3.66
CG1 KAI JA . 13.50 -29.20 -1.22
CG2 KAI JA . 13.18 -32.29 -4.36
C KAI JA . 9.45 -30.32 -3.15
O KAI JA . 9.03 -31.18 -3.94
OD1 KAI JA . 14.66 -29.10 -0.77
OD2 KAI JA . 12.69 -28.25 -1.26
OXT KAI JA . 9.05 -29.15 -3.07
N POV KA . 44.79 -38.51 22.30
P POV KA . 47.51 -38.37 26.23
C1 POV KA . 49.45 -39.66 27.54
C2 POV KA . 50.72 -39.30 28.33
C3 POV KA . 51.26 -40.53 29.08
C210 POV KA . 53.78 -36.84 36.68
C310 POV KA . 55.16 -40.87 42.46
C11 POV KA . 46.93 -38.37 23.64
O11 POV KA . 49.06 -38.50 26.81
C211 POV KA . 54.51 -36.36 37.96
C311 POV KA . 56.11 -42.10 42.60
C12 POV KA . 45.53 -37.75 23.37
O12 POV KA . 47.54 -37.66 24.72
C212 POV KA . 53.56 -36.28 39.18
C312 POV KA . 56.41 -42.46 44.07
C13 POV KA . 44.57 -39.88 22.79
O13 POV KA . 46.88 -39.74 26.14
C213 POV KA . 54.24 -35.63 40.41
C313 POV KA . 57.87 -42.93 44.32
C14 POV KA . 45.40 -38.64 20.95
O14 POV KA . 46.69 -37.49 27.17
C214 POV KA . 53.52 -36.01 41.72
C314 POV KA . 58.26 -42.81 45.81
C15 POV KA . 43.50 -37.81 22.12
C215 POV KA . 52.03 -35.58 41.74
C315 POV KA . 59.77 -42.98 46.05
C216 POV KA . 51.85 -34.04 41.71
C316 POV KA . 60.16 -42.89 47.54
C217 POV KA . 50.36 -33.64 41.70
C218 POV KA . 50.14 -32.22 41.14
C21 POV KA . 50.89 -37.01 28.88
O21 POV KA . 50.41 -38.29 29.25
C22 POV KA . 50.05 -35.74 29.18
O22 POV KA . 51.94 -36.91 28.32
C23 POV KA . 50.88 -34.69 29.96
C24 POV KA . 51.59 -35.29 31.21
C25 POV KA . 53.13 -35.30 31.05
C26 POV KA . 53.73 -36.62 31.60
C27 POV KA . 54.46 -36.39 32.96
C28 POV KA . 53.64 -36.92 34.17
C29 POV KA . 54.31 -36.50 35.49
C31 POV KA . 51.91 -40.80 31.35
O31 POV KA . 52.05 -40.08 30.15
C32 POV KA . 52.58 -40.28 32.64
O32 POV KA . 51.29 -41.80 31.38
C33 POV KA . 52.32 -41.16 33.89
C34 POV KA . 52.56 -40.36 35.20
C35 POV KA . 52.77 -41.27 36.44
C36 POV KA . 53.39 -40.49 37.63
C37 POV KA . 53.60 -41.39 38.88
C38 POV KA . 54.50 -40.73 39.95
C39 POV KA . 54.05 -41.08 41.40
N POV LA . 57.32 -29.55 25.95
P POV LA . 55.28 -33.87 25.53
C1 POV LA . 55.22 -36.01 27.06
C2 POV LA . 54.66 -37.33 26.49
C3 POV LA . 55.84 -38.27 26.24
C210 POV LA . 52.11 -45.52 30.52
C310 POV LA . 58.52 -40.66 38.91
C11 POV LA . 57.18 -32.04 25.71
O11 POV LA . 54.48 -34.93 26.52
C211 POV LA . 52.81 -44.77 31.67
C311 POV LA . 59.47 -39.77 39.75
C12 POV LA . 57.52 -30.85 26.66
O12 POV LA . 56.38 -32.99 26.41
C212 POV LA . 53.10 -45.67 32.89
C312 POV LA . 58.84 -39.39 41.12
C13 POV LA . 58.08 -28.53 26.69
O13 POV LA . 55.99 -34.62 24.43
C213 POV LA . 54.13 -45.04 33.85
C313 POV LA . 59.85 -38.71 42.05
C14 POV LA . 57.70 -29.41 24.52
O14 POV LA . 54.28 -32.91 24.90
C214 POV LA . 53.98 -45.60 35.29
C314 POV LA . 60.35 -39.68 43.14
C15 POV LA . 55.87 -29.26 26.01
C215 POV LA . 55.23 -45.32 36.16
C315 POV LA . 61.87 -39.61 43.38
C216 POV LA . 54.88 -45.29 37.66
C316 POV LA . 62.25 -38.69 44.55
C217 POV LA . 56.11 -45.57 38.56
C218 POV LA . 57.32 -44.69 38.19
C21 POV LA . 53.55 -38.16 24.51
O21 POV LA . 53.95 -37.04 25.32
C22 POV LA . 52.42 -39.11 24.98
O22 POV LA . 54.08 -38.34 23.47
C23 POV LA . 52.66 -40.58 24.55
C24 POV LA . 52.72 -41.55 25.74
C25 POV LA . 51.80 -42.80 25.54
C26 POV LA . 52.12 -43.95 26.52
C27 POV LA . 50.84 -44.69 27.00
C28 POV LA . 51.09 -45.63 28.22
C29 POV LA . 51.80 -44.88 29.38
C31 POV LA . 56.31 -39.23 28.38
O31 POV LA . 55.71 -39.38 27.10
C32 POV LA . 55.95 -40.18 29.52
O32 POV LA . 57.09 -38.35 28.56
C33 POV LA . 56.24 -39.58 30.92
C34 POV LA . 57.05 -40.53 31.82
C35 POV LA . 56.23 -41.01 33.05
C36 POV LA . 57.12 -41.40 34.25
C37 POV LA . 57.47 -40.18 35.15
C38 POV LA . 57.33 -40.52 36.65
C39 POV LA . 58.70 -40.45 37.39
N POV MA . 37.41 -45.40 25.32
P POV MA . 38.70 -48.83 28.33
C1 POV MA . 40.50 -48.20 30.14
C2 POV MA . 41.80 -48.87 30.65
C3 POV MA . 42.21 -50.02 29.70
C210 POV MA . 44.15 -52.86 39.32
C310 POV MA . 51.40 -52.45 32.90
C11 POV MA . 37.64 -46.52 27.56
O11 POV MA . 39.57 -49.17 29.70
C211 POV MA . 44.27 -53.53 40.71
C311 POV MA . 52.48 -51.67 32.11
C12 POV MA . 37.56 -46.72 26.01
O12 POV MA . 38.80 -47.20 28.01
C212 POV MA . 45.74 -53.63 41.14
C312 POV MA . 53.92 -52.08 32.50
C13 POV MA . 37.09 -45.71 23.91
O13 POV MA . 37.25 -49.24 28.52
C213 POV MA . 45.94 -54.38 42.49
C313 POV MA . 54.97 -51.01 32.12
C14 POV MA . 36.40 -44.42 25.78
O14 POV MA . 39.28 -49.61 27.16
C214 POV MA . 46.78 -55.66 42.33
C314 POV MA . 55.68 -50.39 33.36
C15 POV MA . 38.73 -44.73 25.41
C215 POV MA . 48.01 -55.48 41.40
C315 POV MA . 56.59 -51.40 34.09
C216 POV MA . 49.03 -56.65 41.51
C316 POV MA . 57.46 -50.73 35.16
C217 POV MA . 50.30 -56.40 40.67
C218 POV MA . 49.98 -56.19 39.18
C21 POV MA . 41.15 -50.57 32.29
O21 POV MA . 41.65 -49.27 31.99
C22 POV MA . 42.06 -51.58 33.07
O22 POV MA . 40.06 -50.90 31.97
C23 POV MA . 41.95 -51.51 34.62
C24 POV MA . 40.58 -51.04 35.17
C25 POV MA . 39.86 -52.13 36.00
C26 POV MA . 40.81 -52.99 36.86
C27 POV MA . 40.43 -52.98 38.37
C28 POV MA . 41.65 -53.30 39.29
C29 POV MA . 42.98 -52.76 38.68
C31 POV MA . 43.33 -49.57 27.65
O31 POV MA . 42.11 -49.58 28.36
C32 POV MA . 44.23 -50.82 27.63
O32 POV MA . 43.66 -48.59 27.06
C33 POV MA . 45.72 -50.47 27.76
C34 POV MA . 46.51 -51.50 28.60
C35 POV MA . 47.95 -51.03 28.91
C36 POV MA . 48.72 -52.02 29.82
C37 POV MA . 47.98 -52.30 31.15
C38 POV MA . 48.95 -52.90 32.21
C39 POV MA . 49.98 -51.85 32.70
N POV NA . 73.42 -45.27 55.80
P POV NA . 70.13 -48.66 56.49
C1 POV NA . 69.61 -49.63 54.08
C2 POV NA . 68.80 -48.66 53.20
C3 POV NA . 67.97 -49.44 52.18
C210 POV NA . 66.81 -44.60 45.35
C310 POV NA . 67.19 -52.57 41.32
C11 POV NA . 71.81 -46.70 57.10
O11 POV NA . 70.48 -48.85 54.88
C211 POV NA . 66.15 -43.26 44.96
C311 POV NA . 66.11 -52.11 40.32
C12 POV NA . 72.03 -45.36 56.35
O12 POV NA . 70.45 -47.08 56.92
C212 POV NA . 64.62 -43.29 45.17
C312 POV NA . 65.06 -53.22 40.05
C13 POV NA . 73.53 -46.28 54.73
O13 POV NA . 68.65 -48.95 56.71
C213 POV NA . 63.88 -44.04 44.03
C313 POV NA . 64.34 -53.03 38.69
C14 POV NA . 74.58 -45.47 56.71
O14 POV NA . 70.96 -49.61 57.32
C214 POV NA . 62.66 -43.26 43.52
C314 POV NA . 63.88 -51.58 38.43
C15 POV NA . 73.57 -43.90 55.24
C215 POV NA . 62.39 -43.54 42.02
C315 POV NA . 63.44 -51.34 36.97
C216 POV NA . 61.67 -44.89 41.79
C316 POV NA . 62.37 -52.36 36.51
C217 POV NA . 60.15 -44.76 41.99
C218 POV NA . 59.53 -43.72 41.06
C21 POV NA . 69.66 -46.46 52.97
O21 POV NA . 69.67 -47.80 52.51
C22 POV NA . 70.13 -45.31 52.04
O22 POV NA . 69.31 -46.20 54.08
C23 POV NA . 70.80 -45.86 50.76
C24 POV NA . 69.79 -46.06 49.61
C25 POV NA . 70.48 -46.01 48.21
C26 POV NA . 70.49 -44.60 47.54
C27 POV NA . 69.36 -43.66 48.04
C28 POV NA . 68.31 -43.34 46.93
C29 POV NA . 67.79 -44.64 46.26
C31 POV NA . 68.29 -49.55 49.84
O31 POV NA . 68.03 -48.75 50.96
C32 POV NA . 69.60 -50.36 49.75
O32 POV NA . 67.50 -49.62 48.96
C33 POV NA . 69.87 -50.87 48.31
C34 POV NA . 69.27 -52.27 48.07
C35 POV NA . 69.47 -52.75 46.61
C36 POV NA . 68.20 -52.57 45.75
C37 POV NA . 68.25 -51.28 44.89
C38 POV NA . 68.41 -51.61 43.39
C39 POV NA . 67.04 -51.87 42.70
C1 NAG OA . -31.14 -35.77 -74.64
C2 NAG OA . -31.35 -37.30 -74.59
C3 NAG OA . -31.86 -37.74 -73.23
C4 NAG OA . -31.06 -37.06 -72.12
C5 NAG OA . -31.40 -35.58 -72.11
C6 NAG OA . -30.25 -34.71 -71.64
C7 NAG OA . -31.88 -38.34 -76.77
C8 NAG OA . -30.40 -38.58 -76.95
N2 NAG OA . -32.26 -37.74 -75.63
O3 NAG OA . -31.75 -39.15 -73.11
O4 NAG OA . -31.40 -37.62 -70.86
O5 NAG OA . -31.78 -35.12 -73.43
O6 NAG OA . -30.43 -33.36 -72.03
O7 NAG OA . -32.69 -38.68 -77.62
C1 NAG PA . -42.15 -30.57 -84.39
C2 NAG PA . -43.51 -30.64 -85.12
C3 NAG PA . -44.67 -30.82 -84.13
C4 NAG PA . -44.40 -32.00 -83.18
C5 NAG PA . -43.06 -31.78 -82.49
C6 NAG PA . -42.69 -32.92 -81.57
C7 NAG PA . -43.41 -29.37 -87.23
C8 NAG PA . -43.71 -28.07 -87.91
N2 NAG PA . -43.73 -29.45 -85.94
O3 NAG PA . -45.88 -31.03 -84.84
O4 NAG PA . -45.43 -32.09 -82.22
O5 NAG PA . -42.03 -31.68 -83.48
O6 NAG PA . -41.71 -32.51 -80.62
O7 NAG PA . -42.87 -30.31 -87.81
C1 NAG QA . -7.57 -27.38 -39.29
C2 NAG QA . -8.12 -26.80 -37.97
C3 NAG QA . -8.23 -27.89 -36.93
C4 NAG QA . -9.26 -28.90 -37.37
C5 NAG QA . -8.89 -29.49 -38.73
C6 NAG QA . -10.00 -29.40 -39.75
C7 NAG QA . -7.72 -24.47 -37.24
C8 NAG QA . -9.19 -24.20 -37.45
N2 NAG QA . -7.28 -25.71 -37.50
O3 NAG QA . -8.60 -27.31 -35.67
O4 NAG QA . -9.35 -29.96 -36.40
O5 NAG QA . -7.72 -28.88 -39.30
O6 NAG QA . -9.60 -29.96 -40.99
O7 NAG QA . -6.96 -23.59 -36.84
C1 NAG RA . -30.30 -29.46 -43.82
C2 NAG RA . -31.77 -29.51 -44.25
C3 NAG RA . -32.47 -30.73 -43.66
C4 NAG RA . -31.69 -32.00 -43.99
C5 NAG RA . -30.23 -31.86 -43.57
C6 NAG RA . -29.38 -33.03 -43.96
C7 NAG RA . -32.68 -27.74 -42.70
C8 NAG RA . -33.45 -26.45 -42.67
N2 NAG RA . -32.49 -28.27 -43.92
O3 NAG RA . -33.79 -30.83 -44.19
O4 NAG RA . -32.26 -33.12 -43.32
O5 NAG RA . -29.65 -30.70 -44.19
O6 NAG RA . -29.89 -34.24 -43.41
O7 NAG RA . -32.27 -28.25 -41.66
C1 NAG SA . 35.89 -35.03 12.44
C2 NAG SA . 35.35 -36.16 11.58
C3 NAG SA . 36.04 -36.14 10.22
C4 NAG SA . 35.92 -34.78 9.56
C5 NAG SA . 36.38 -33.68 10.51
C6 NAG SA . 36.16 -32.29 9.97
C7 NAG SA . 34.52 -38.20 12.71
C8 NAG SA . 33.13 -37.66 12.55
N2 NAG SA . 35.53 -37.45 12.23
O3 NAG SA . 35.47 -37.14 9.38
O4 NAG SA . 36.70 -34.73 8.37
O5 NAG SA . 35.68 -33.76 11.76
O6 NAG SA . 35.50 -31.45 10.93
O7 NAG SA . 34.74 -39.28 13.26
C1 NAG TA . 30.11 -40.58 9.44
C2 NAG TA . 30.14 -42.12 9.28
C3 NAG TA . 31.48 -42.73 9.72
C4 NAG TA . 32.63 -42.00 9.05
C5 NAG TA . 32.53 -40.50 9.27
C6 NAG TA . 33.60 -39.72 8.55
C7 NAG TA . 28.43 -43.05 11.03
C8 NAG TA . 29.07 -42.41 12.24
N2 NAG TA . 28.96 -42.87 9.79
O3 NAG TA . 31.50 -44.12 9.38
O4 NAG TA . 33.87 -42.47 9.57
O5 NAG TA . 31.26 -40.01 8.79
O6 NAG TA . 33.03 -38.72 7.72
O7 NAG TA . 27.42 -43.74 11.17
CAG 2J9 UA . 25.77 17.40 19.82
CAH 2J9 UA . 25.56 18.87 19.91
CAN 2J9 UA . 24.65 18.04 19.10
NAO 2J9 UA . 24.71 18.13 17.65
CAI 2J9 UA . 25.20 19.36 17.08
NAJ 2J9 UA . 24.34 19.75 15.96
SAP 2J9 UA . 24.46 18.71 14.73
OAA 2J9 UA . 25.81 18.76 14.28
OAB 2J9 UA . 23.42 18.96 13.80
CAM 2J9 UA . 24.18 17.17 15.50
CAL 2J9 UA . 24.32 17.04 16.89
CAE 2J9 UA . 24.09 15.81 17.50
CAD 2J9 UA . 23.72 14.72 16.76
CAK 2J9 UA . 23.58 14.87 15.41
FAC 2J9 UA . 23.21 13.79 14.67
CAF 2J9 UA . 23.79 16.06 14.76
N KAI VA . 32.96 10.52 6.20
CD KAI VA . 33.79 9.44 5.60
CD1 KAI VA . 35.74 8.29 3.70
CD2 KAI VA . 36.77 10.49 3.27
CA KAI VA . 33.83 11.67 6.49
CB KAI VA . 35.08 11.45 5.62
CB1 KAI VA . 36.41 11.29 6.40
CG KAI VA . 34.66 10.31 4.67
CG1 KAI VA . 36.61 10.45 7.66
CG2 KAI VA . 35.73 9.61 3.88
C KAI VA . 33.10 12.92 6.15
O KAI VA . 31.87 12.81 6.13
OD1 KAI VA . 36.40 9.22 7.59
OD2 KAI VA . 37.05 11.04 8.67
OXT KAI VA . 33.76 13.94 5.90
N POV WA . 49.10 -9.46 37.85
P POV WA . 50.65 -8.80 41.97
C1 POV WA . 50.13 -6.97 43.78
C2 POV WA . 50.53 -7.57 45.13
C3 POV WA . 52.05 -7.56 45.24
C210 POV WA . 51.42 -15.13 53.41
C310 POV WA . 55.45 -16.07 51.02
C11 POV WA . 51.12 -9.75 39.50
O11 POV WA . 51.04 -7.42 42.80
C211 POV WA . 51.36 -16.27 54.44
C311 POV WA . 55.78 -17.57 51.06
C12 POV WA . 49.67 -10.15 39.06
O12 POV WA . 51.06 -8.62 40.36
C212 POV WA . 50.41 -17.40 53.97
C312 POV WA . 55.20 -18.24 52.33
C13 POV WA . 48.52 -8.17 38.31
O13 POV WA . 51.42 -9.97 42.55
C213 POV WA . 51.08 -18.77 54.13
C313 POV WA . 56.25 -18.26 53.45
C14 POV WA . 48.01 -10.14 37.11
O14 POV WA . 49.16 -9.07 42.11
C214 POV WA . 50.31 -19.94 53.47
C314 POV WA . 55.60 -18.36 54.86
C15 POV WA . 50.16 -9.22 36.84
C215 POV WA . 48.78 -19.76 53.47
C315 POV WA . 55.39 -19.80 55.36
C216 POV WA . 48.13 -20.64 52.37
C316 POV WA . 56.30 -20.87 54.70
C217 POV WA . 46.59 -20.60 52.42
C218 POV WA . 46.07 -19.16 52.34
C21 POV WA . 49.17 -9.15 46.25
O21 POV WA . 50.09 -8.90 45.19
C22 POV WA . 49.65 -9.11 47.73
O22 POV WA . 48.04 -9.41 46.00
C23 POV WA . 50.91 -9.95 48.00
C24 POV WA . 51.16 -10.09 49.52
C25 POV WA . 51.36 -11.56 49.96
C26 POV WA . 51.80 -11.65 51.44
C27 POV WA . 52.55 -12.97 51.76
C28 POV WA . 51.85 -14.23 51.14
C29 POV WA . 51.81 -15.39 52.15
C31 POV WA . 53.80 -8.99 44.56
O31 POV WA . 52.50 -8.89 45.09
C32 POV WA . 54.95 -9.39 45.50
O32 POV WA . 54.00 -8.78 43.42
C33 POV WA . 54.41 -10.13 46.75
C34 POV WA . 55.50 -10.92 47.51
C35 POV WA . 56.27 -11.90 46.60
C36 POV WA . 56.51 -13.26 47.28
C37 POV WA . 55.18 -13.89 47.78
C38 POV WA . 55.24 -14.18 49.30
C39 POV WA . 54.94 -15.66 49.61
N POV XA . 61.71 -11.82 36.90
P POV XA . 60.46 -10.38 40.77
C1 POV XA . 60.81 -10.68 43.37
C2 POV XA . 59.95 -10.77 44.64
C3 POV XA . 59.70 -12.23 45.01
C210 POV XA . 56.32 -11.61 52.66
C310 POV XA . 59.35 -19.61 56.35
C11 POV XA . 61.59 -12.31 39.36
O11 POV XA . 59.97 -10.93 42.25
C211 POV XA . 57.35 -12.57 53.31
C311 POV XA . 59.33 -21.05 56.91
C12 POV XA . 62.52 -12.12 38.13
O12 POV XA . 61.81 -11.24 40.28
C212 POV XA . 56.77 -13.28 54.56
C312 POV XA . 58.54 -21.15 58.23
C13 POV XA . 62.56 -12.10 35.74
O13 POV XA . 60.79 -8.90 40.87
C213 POV XA . 57.21 -14.76 54.65
C313 POV XA . 58.84 -22.45 59.00
C14 POV XA . 60.43 -12.54 36.67
O14 POV XA . 59.35 -10.57 39.76
C214 POV XA . 57.48 -15.23 56.10
C314 POV XA . 58.89 -22.23 60.53
C15 POV XA . 61.37 -10.39 36.98
C215 POV XA . 56.21 -15.25 56.96
C315 POV XA . 60.30 -21.80 60.99
C216 POV XA . 56.19 -16.41 57.98
C316 POV XA . 60.46 -22.05 62.50
C217 POV XA . 54.83 -16.56 58.68
C218 POV XA . 54.12 -17.88 58.31
C21 POV XA . 58.82 -8.70 44.45
O21 POV XA . 58.73 -10.11 44.42
C22 POV XA . 59.12 -7.97 45.79
O22 POV XA . 58.68 -8.08 43.45
C23 POV XA . 57.87 -7.22 46.34
C24 POV XA . 57.43 -7.72 47.74
C25 POV XA . 56.09 -7.07 48.21
C26 POV XA . 55.44 -7.77 49.45
C27 POV XA . 56.44 -8.59 50.32
C28 POV XA . 55.74 -9.68 51.17
C29 POV XA . 56.75 -10.63 51.83
C31 POV XA . 60.22 -13.40 47.00
O31 POV XA . 59.58 -12.30 46.41
C32 POV XA . 60.02 -13.68 48.49
O32 POV XA . 60.92 -14.11 46.35
C33 POV XA . 60.26 -15.17 48.83
C34 POV XA . 59.99 -15.48 50.32
C35 POV XA . 60.86 -16.64 50.82
C36 POV XA . 60.86 -16.73 52.37
C37 POV XA . 60.14 -18.01 52.87
C38 POV XA . 60.19 -18.14 54.41
C39 POV XA . 59.80 -19.56 54.87
N POV YA . 54.64 -14.31 30.09
P POV YA . 58.12 -17.92 29.95
C1 POV YA . 59.49 -17.72 32.20
C2 POV YA . 60.08 -18.61 33.30
C3 POV YA . 61.13 -17.80 34.06
C210 POV YA . 64.16 -25.13 42.07
C310 POV YA . 66.59 -15.54 44.44
C11 POV YA . 56.61 -15.81 30.45
O11 POV YA . 58.63 -18.52 31.40
C211 POV YA . 65.15 -26.30 42.20
C311 POV YA . 65.74 -14.31 44.86
C12 POV YA . 55.16 -15.45 30.90
O12 POV YA . 56.63 -17.21 30.17
C212 POV YA . 65.95 -26.23 43.53
C312 POV YA . 66.41 -13.46 45.95
C13 POV YA . 55.30 -13.10 30.62
O13 POV YA . 59.11 -16.89 29.44
C213 POV YA . 67.40 -25.72 43.33
C313 POV YA . 66.88 -14.30 47.16
C14 POV YA . 54.85 -14.29 28.62
O14 POV YA . 58.00 -19.05 28.95
C214 POV YA . 67.82 -24.69 44.40
C314 POV YA . 66.72 -13.54 48.50
C15 POV YA . 53.18 -14.29 30.29
C215 POV YA . 69.19 -24.03 44.11
C315 POV YA . 66.13 -14.43 49.62
C216 POV YA . 69.06 -22.51 43.85
C316 POV YA . 65.15 -13.65 50.51
C217 POV YA . 68.59 -22.20 42.41
C218 POV YA . 68.23 -20.70 42.21
C21 POV YA . 61.44 -20.58 33.50
O21 POV YA . 60.61 -19.75 32.69
C22 POV YA . 60.85 -21.41 34.67
O22 POV YA . 62.62 -20.65 33.27
C23 POV YA . 61.59 -21.16 35.99
C24 POV YA . 61.47 -22.35 36.97
C25 POV YA . 62.72 -23.26 36.92
C26 POV YA . 63.12 -23.78 38.33
C27 POV YA . 63.00 -25.33 38.43
C28 POV YA . 63.67 -25.87 39.72
C29 POV YA . 63.47 -24.93 40.93
C31 POV YA . 60.93 -17.64 36.42
O31 POV YA . 60.50 -17.17 35.16
C32 POV YA . 62.31 -17.20 36.96
O32 POV YA . 60.23 -18.35 37.07
C33 POV YA . 62.93 -18.22 37.94
C34 POV YA . 64.40 -17.85 38.31
C35 POV YA . 64.81 -18.43 39.68
C36 POV YA . 65.61 -17.41 40.54
C37 POV YA . 64.76 -16.20 40.98
C38 POV YA . 64.93 -15.87 42.49
C39 POV YA . 66.41 -15.92 42.95
N POV ZA . 69.12 -28.32 72.36
P POV ZA . 68.22 -23.68 71.03
C1 POV ZA . 66.81 -21.67 70.01
C2 POV ZA . 67.59 -20.89 68.93
C3 POV ZA . 66.63 -20.17 67.97
C210 POV ZA . 70.66 -16.74 61.30
C310 POV ZA . 61.68 -17.29 59.03
C11 POV ZA . 69.17 -26.16 71.14
O11 POV ZA . 67.17 -23.04 69.91
C211 POV ZA . 71.55 -15.84 60.43
C311 POV ZA . 60.74 -16.59 58.00
C12 POV ZA . 68.69 -27.64 71.12
O12 POV ZA . 68.03 -25.34 71.02
C212 POV ZA . 70.77 -15.29 59.20
C312 POV ZA . 60.89 -15.05 58.00
C13 POV ZA . 68.43 -29.64 72.38
O13 POV ZA . 69.64 -23.33 70.67
C213 POV ZA . 71.71 -14.67 58.14
C313 POV ZA . 61.24 -14.48 56.60
C14 POV ZA . 68.83 -27.69 73.67
O14 POV ZA . 67.91 -23.12 72.41
C214 POV ZA . 71.26 -15.01 56.70
C314 POV ZA . 62.18 -13.25 56.67
C15 POV ZA . 70.58 -28.50 72.29
C215 POV ZA . 69.93 -14.33 56.31
C315 POV ZA . 62.13 -12.39 55.38
C216 POV ZA . 69.69 -14.39 54.78
C316 POV ZA . 62.55 -13.17 54.11
C217 POV ZA . 68.76 -13.28 54.26
C218 POV ZA . 68.85 -13.09 52.73
C21 POV ZA . 68.17 -22.35 67.03
O21 POV ZA . 68.50 -21.77 68.29
C22 POV ZA . 68.97 -21.93 65.77
O22 POV ZA . 67.32 -23.18 66.94
C23 POV ZA . 70.26 -21.16 66.17
C24 POV ZA . 70.02 -19.63 66.28
C25 POV ZA . 71.12 -18.82 65.56
C26 POV ZA . 71.20 -19.13 64.04
C27 POV ZA . 69.87 -18.79 63.31
C28 POV ZA . 69.49 -17.30 63.44
C29 POV ZA . 70.40 -16.40 62.57
C31 POV ZA . 64.53 -19.09 68.06
O31 POV ZA . 65.32 -20.18 68.50
C32 POV ZA . 63.88 -19.14 66.67
O32 POV ZA . 64.40 -18.14 68.77
C33 POV ZA . 63.56 -17.72 66.13
C34 POV ZA . 62.09 -17.59 65.68
C35 POV ZA . 61.68 -18.70 64.68
C36 POV ZA . 60.93 -18.13 63.46
C37 POV ZA . 61.78 -17.08 62.71
C38 POV ZA . 61.09 -16.55 61.43
C39 POV ZA . 60.94 -17.65 60.34
C1 NAG AB . -6.85 37.83 -73.08
C2 NAG AB . -7.37 38.78 -72.00
C3 NAG AB . -6.28 39.78 -71.63
C4 NAG AB . -5.01 39.05 -71.21
C5 NAG AB . -4.60 38.00 -72.27
C6 NAG AB . -3.46 37.12 -71.81
C7 NAG AB . -9.80 39.09 -72.05
C8 NAG AB . -10.94 39.91 -72.59
N2 NAG AB . -8.57 39.47 -72.43
O3 NAG AB . -6.73 40.62 -70.58
O4 NAG AB . -3.95 39.97 -71.04
O5 NAG AB . -5.69 37.14 -72.59
O6 NAG AB . -3.29 37.18 -70.39
O7 NAG AB . -9.98 38.12 -71.32
C1 NAG BB . -2.00 36.12 -88.31
C2 NAG BB . -0.97 35.74 -87.24
C3 NAG BB . 0.42 35.60 -87.88
C4 NAG BB . 0.38 34.68 -89.10
C5 NAG BB . -0.74 35.10 -90.05
C6 NAG BB . -0.90 34.17 -91.23
C7 NAG BB . -0.58 36.49 -84.93
C8 NAG BB . -0.59 37.66 -83.99
N2 NAG BB . -0.94 36.75 -86.19
O3 NAG BB . 1.34 35.09 -86.92
O4 NAG BB . 1.62 34.74 -89.78
O5 NAG BB . -1.99 35.13 -89.35
O6 NAG BB . -0.79 34.87 -92.46
O7 NAG BB . -0.24 35.37 -84.57
C1 NAG CB . 4.79 26.80 -46.20
C2 NAG CB . 6.22 26.51 -46.65
C3 NAG CB . 6.99 27.80 -46.88
C4 NAG CB . 6.68 28.86 -45.83
C5 NAG CB . 5.18 29.09 -45.70
C6 NAG CB . 4.75 30.47 -46.14
C7 NAG CB . 7.77 24.72 -46.03
C8 NAG CB . 8.38 23.95 -44.90
N2 NAG CB . 6.89 25.66 -45.67
O3 NAG CB . 6.66 28.31 -48.18
O4 NAG CB . 7.21 28.45 -44.58
O5 NAG CB . 4.46 28.16 -46.51
O6 NAG CB . 5.75 31.08 -46.95
O7 NAG CB . 8.06 24.50 -47.19
C1 NAG DB . 43.76 -11.27 13.71
C2 NAG DB . 43.24 -12.08 12.51
C3 NAG DB . 44.14 -13.26 12.26
C4 NAG DB . 45.51 -12.78 11.78
C5 NAG DB . 46.12 -11.81 12.81
C6 NAG DB . 46.49 -10.46 12.22
C7 NAG DB . 40.84 -12.07 12.02
C8 NAG DB . 39.50 -12.62 12.37
N2 NAG DB . 41.87 -12.52 12.74
O3 NAG DB . 43.56 -14.12 11.28
O4 NAG DB . 46.38 -13.89 11.60
O5 NAG DB . 45.22 -11.57 13.92
O6 NAG DB . 45.71 -10.17 11.07
O7 NAG DB . 41.00 -11.27 11.10
#